data_1JVR
#
_entry.id   1JVR
#
_cell.length_a   1.000
_cell.length_b   1.000
_cell.length_c   1.000
_cell.angle_alpha   90.00
_cell.angle_beta   90.00
_cell.angle_gamma   90.00
#
_symmetry.space_group_name_H-M   'P 1'
#
_entity_poly.entity_id   1
_entity_poly.type   'polypeptide(L)'
_entity_poly.pdbx_seq_one_letter_code
;HMGQIHGLSPTPIPKAPRGLSTHHWLNFLQAAYRLQPGPSDFDFQQLRRFLKLALKTPIWLNPIDYSLLASLIPKGYPGR
VVEIINILVKNQVSPSAPAAPVPTPICPTTTPPPPPPPSPEAHVPPPYVEPTTTQCF
;
_entity_poly.pdbx_strand_id   A
#
# COMPACT_ATOMS: atom_id res chain seq x y z
N HIS A 1 -27.31 -14.56 5.61
CA HIS A 1 -27.35 -15.88 5.00
C HIS A 1 -25.96 -16.23 4.45
N MET A 2 -25.36 -17.24 5.07
CA MET A 2 -24.04 -17.69 4.66
C MET A 2 -23.03 -16.55 4.74
N GLY A 3 -22.65 -16.21 5.95
CA GLY A 3 -21.70 -15.14 6.18
C GLY A 3 -22.18 -14.20 7.29
N GLN A 4 -22.78 -13.09 6.85
CA GLN A 4 -23.28 -12.11 7.79
C GLN A 4 -24.46 -11.36 7.19
N ILE A 5 -25.58 -12.07 7.07
CA ILE A 5 -26.79 -11.49 6.51
C ILE A 5 -26.52 -11.09 5.06
N HIS A 6 -27.46 -11.47 4.20
CA HIS A 6 -27.35 -11.16 2.78
C HIS A 6 -26.35 -12.12 2.13
N GLY A 7 -25.15 -12.14 2.67
CA GLY A 7 -24.09 -13.00 2.16
C GLY A 7 -22.74 -12.28 2.15
N LEU A 8 -22.34 -11.82 3.33
CA LEU A 8 -21.08 -11.12 3.47
C LEU A 8 -20.89 -10.18 2.28
N SER A 9 -21.94 -9.43 1.98
CA SER A 9 -21.90 -8.48 0.88
C SER A 9 -21.13 -7.23 1.29
N PRO A 10 -21.58 -6.62 2.43
CA PRO A 10 -20.94 -5.42 2.94
C PRO A 10 -19.60 -5.75 3.60
N THR A 11 -19.37 -7.04 3.80
CA THR A 11 -18.14 -7.49 4.42
C THR A 11 -17.78 -6.62 5.62
N PRO A 12 -18.63 -6.73 6.68
CA PRO A 12 -18.40 -5.95 7.89
C PRO A 12 -17.24 -6.52 8.70
N ILE A 13 -17.19 -7.85 8.76
CA ILE A 13 -16.13 -8.52 9.50
C ILE A 13 -14.90 -8.65 8.61
N PRO A 14 -13.71 -8.48 9.25
CA PRO A 14 -12.45 -8.58 8.53
C PRO A 14 -12.11 -10.03 8.20
N LYS A 15 -13.05 -10.68 7.52
CA LYS A 15 -12.85 -12.08 7.15
C LYS A 15 -12.36 -12.86 8.36
N ALA A 16 -12.00 -14.11 8.11
CA ALA A 16 -11.51 -14.98 9.16
C ALA A 16 -10.05 -14.62 9.46
N PRO A 17 -9.21 -14.67 8.39
CA PRO A 17 -7.79 -14.36 8.54
C PRO A 17 -7.59 -12.84 8.69
N ARG A 18 -7.55 -12.41 9.94
CA ARG A 18 -7.36 -11.00 10.24
C ARG A 18 -5.87 -10.67 10.28
N GLY A 19 -5.37 -10.20 9.13
CA GLY A 19 -3.97 -9.85 9.01
C GLY A 19 -3.77 -8.78 7.94
N LEU A 20 -3.95 -7.53 8.35
CA LEU A 20 -3.79 -6.41 7.42
C LEU A 20 -4.41 -6.77 6.08
N SER A 21 -5.61 -7.31 6.14
CA SER A 21 -6.32 -7.70 4.93
C SER A 21 -5.44 -8.63 4.08
N THR A 22 -6.04 -9.19 3.04
CA THR A 22 -5.32 -10.08 2.16
C THR A 22 -4.50 -9.29 1.14
N HIS A 23 -5.13 -9.02 0.01
CA HIS A 23 -4.46 -8.26 -1.05
C HIS A 23 -3.71 -7.08 -0.44
N HIS A 24 -4.21 -6.62 0.70
CA HIS A 24 -3.58 -5.51 1.39
C HIS A 24 -2.23 -5.93 1.95
N TRP A 25 -2.27 -6.97 2.77
CA TRP A 25 -1.06 -7.49 3.38
C TRP A 25 -0.20 -8.11 2.28
N LEU A 26 -0.85 -8.85 1.41
CA LEU A 26 -0.17 -9.49 0.30
C LEU A 26 0.67 -8.45 -0.44
N ASN A 27 0.11 -7.24 -0.53
CA ASN A 27 0.80 -6.16 -1.22
C ASN A 27 2.13 -5.87 -0.51
N PHE A 28 2.19 -6.26 0.75
CA PHE A 28 3.39 -6.05 1.54
C PHE A 28 4.25 -7.32 1.57
N LEU A 29 3.57 -8.46 1.54
CA LEU A 29 4.25 -9.74 1.56
C LEU A 29 4.85 -10.02 0.18
N GLN A 30 4.15 -9.55 -0.84
CA GLN A 30 4.59 -9.75 -2.21
C GLN A 30 5.97 -9.09 -2.42
N ALA A 31 6.04 -7.84 -2.02
CA ALA A 31 7.28 -7.08 -2.15
C ALA A 31 8.38 -7.77 -1.34
N ALA A 32 8.01 -8.18 -0.14
CA ALA A 32 8.94 -8.84 0.76
C ALA A 32 9.47 -10.11 0.08
N TYR A 33 8.56 -10.79 -0.61
CA TYR A 33 8.91 -12.02 -1.30
C TYR A 33 9.70 -11.72 -2.58
N ARG A 34 9.57 -10.49 -3.05
CA ARG A 34 10.25 -10.06 -4.25
C ARG A 34 11.72 -9.76 -3.95
N LEU A 35 11.97 -9.33 -2.72
CA LEU A 35 13.32 -9.01 -2.28
C LEU A 35 14.06 -10.30 -1.93
N GLN A 36 14.75 -10.26 -0.80
CA GLN A 36 15.51 -11.42 -0.35
C GLN A 36 14.61 -12.66 -0.32
N PRO A 37 15.20 -13.81 -0.71
CA PRO A 37 14.48 -15.06 -0.74
C PRO A 37 14.29 -15.62 0.68
N GLY A 38 13.32 -15.06 1.38
CA GLY A 38 13.04 -15.48 2.73
C GLY A 38 11.62 -16.07 2.85
N PRO A 39 11.55 -17.40 2.61
CA PRO A 39 10.28 -18.10 2.67
C PRO A 39 9.83 -18.30 4.13
N SER A 40 8.83 -17.54 4.52
CA SER A 40 8.30 -17.62 5.87
C SER A 40 9.35 -17.11 6.87
N ASP A 41 10.30 -17.98 7.18
CA ASP A 41 11.35 -17.62 8.11
C ASP A 41 10.76 -16.82 9.27
N PHE A 42 11.62 -16.02 9.88
CA PHE A 42 11.20 -15.19 11.00
C PHE A 42 11.56 -13.72 10.76
N ASP A 43 11.52 -13.33 9.50
CA ASP A 43 11.83 -11.96 9.12
C ASP A 43 10.58 -11.09 9.29
N PHE A 44 9.44 -11.76 9.36
CA PHE A 44 8.18 -11.06 9.52
C PHE A 44 8.13 -10.30 10.86
N GLN A 45 9.11 -10.61 11.70
CA GLN A 45 9.19 -9.97 13.01
C GLN A 45 9.43 -8.46 12.85
N GLN A 46 10.46 -8.15 12.07
CA GLN A 46 10.81 -6.76 11.83
C GLN A 46 9.66 -6.03 11.13
N LEU A 47 8.76 -6.83 10.57
CA LEU A 47 7.60 -6.28 9.87
C LEU A 47 6.49 -5.99 10.87
N ARG A 48 6.12 -7.03 11.61
CA ARG A 48 5.06 -6.90 12.60
C ARG A 48 5.36 -5.73 13.54
N ARG A 49 6.63 -5.36 13.57
CA ARG A 49 7.05 -4.26 14.43
C ARG A 49 6.52 -2.93 13.89
N PHE A 50 6.46 -2.85 12.57
CA PHE A 50 5.96 -1.64 11.92
C PHE A 50 4.44 -1.66 11.82
N LEU A 51 3.91 -2.84 11.56
CA LEU A 51 2.47 -3.01 11.43
C LEU A 51 1.81 -2.73 12.79
N LYS A 52 2.35 -3.37 13.81
CA LYS A 52 1.83 -3.20 15.16
C LYS A 52 1.91 -1.73 15.56
N LEU A 53 2.91 -1.06 15.01
CA LEU A 53 3.11 0.35 15.29
C LEU A 53 1.92 1.15 14.77
N ALA A 54 1.61 0.91 13.50
CA ALA A 54 0.49 1.60 12.87
C ALA A 54 -0.81 1.24 13.60
N LEU A 55 -0.83 0.03 14.14
CA LEU A 55 -1.99 -0.44 14.86
C LEU A 55 -2.37 0.56 15.94
N LYS A 56 -1.34 1.26 16.43
CA LYS A 56 -1.55 2.26 17.46
C LYS A 56 -2.30 3.46 16.88
N THR A 57 -2.41 3.46 15.56
CA THR A 57 -3.10 4.53 14.86
C THR A 57 -4.26 3.98 14.04
N PRO A 58 -5.42 3.79 14.73
CA PRO A 58 -6.61 3.27 14.08
C PRO A 58 -7.27 4.34 13.21
N ILE A 59 -6.47 4.90 12.32
CA ILE A 59 -6.96 5.94 11.43
C ILE A 59 -6.83 5.46 9.98
N TRP A 60 -5.93 4.49 9.80
CA TRP A 60 -5.70 3.94 8.47
C TRP A 60 -6.54 2.68 8.33
N LEU A 61 -6.91 2.11 9.47
CA LEU A 61 -7.71 0.90 9.48
C LEU A 61 -9.13 1.23 8.99
N ASN A 62 -9.73 2.22 9.63
CA ASN A 62 -11.07 2.64 9.26
C ASN A 62 -11.16 2.80 7.75
N PRO A 63 -10.30 3.71 7.21
CA PRO A 63 -10.26 3.97 5.78
C PRO A 63 -9.57 2.82 5.04
N ILE A 64 -8.96 1.94 5.82
CA ILE A 64 -8.26 0.80 5.24
C ILE A 64 -7.58 1.22 3.93
N ASP A 65 -6.35 1.70 4.07
CA ASP A 65 -5.59 2.15 2.92
C ASP A 65 -4.11 2.24 3.29
N TYR A 66 -3.31 1.39 2.65
CA TYR A 66 -1.89 1.36 2.91
C TYR A 66 -1.24 2.72 2.56
N SER A 67 -2.01 3.54 1.87
CA SER A 67 -1.53 4.85 1.46
C SER A 67 -1.18 5.68 2.70
N LEU A 68 -1.81 5.32 3.81
CA LEU A 68 -1.57 6.02 5.07
C LEU A 68 -0.46 5.31 5.84
N LEU A 69 -0.22 4.06 5.46
CA LEU A 69 0.81 3.26 6.09
C LEU A 69 2.18 3.89 5.82
N ALA A 70 2.52 3.96 4.54
CA ALA A 70 3.79 4.52 4.13
C ALA A 70 3.94 5.92 4.76
N SER A 71 2.81 6.49 5.13
CA SER A 71 2.81 7.81 5.73
C SER A 71 3.34 7.74 7.16
N LEU A 72 2.84 6.74 7.89
CA LEU A 72 3.26 6.55 9.26
C LEU A 72 4.78 6.48 9.34
N ILE A 73 5.37 5.98 8.26
CA ILE A 73 6.81 5.85 8.19
C ILE A 73 7.45 7.24 8.35
N PRO A 74 8.29 7.36 9.42
CA PRO A 74 8.96 8.62 9.70
C PRO A 74 10.11 8.84 8.71
N LYS A 75 9.80 8.67 7.44
CA LYS A 75 10.80 8.85 6.40
C LYS A 75 12.19 8.64 6.99
N GLY A 76 12.65 7.40 6.96
CA GLY A 76 13.96 7.06 7.49
C GLY A 76 13.88 5.82 8.38
N TYR A 77 12.65 5.35 8.59
CA TYR A 77 12.42 4.19 9.42
C TYR A 77 13.54 3.15 9.24
N PRO A 78 13.83 2.41 10.33
CA PRO A 78 14.86 1.39 10.31
C PRO A 78 14.39 0.15 9.55
N GLY A 79 15.17 -0.91 9.67
CA GLY A 79 14.85 -2.16 9.00
C GLY A 79 14.65 -1.94 7.49
N ARG A 80 14.43 -3.04 6.80
CA ARG A 80 14.21 -2.99 5.36
C ARG A 80 12.72 -3.04 5.04
N VAL A 81 11.91 -2.75 6.06
CA VAL A 81 10.47 -2.76 5.90
C VAL A 81 10.07 -1.74 4.82
N VAL A 82 10.65 -0.56 4.93
CA VAL A 82 10.37 0.50 3.98
C VAL A 82 10.84 0.07 2.58
N GLU A 83 11.99 -0.59 2.56
CA GLU A 83 12.56 -1.06 1.31
C GLU A 83 11.55 -1.94 0.57
N ILE A 84 10.68 -2.56 1.34
CA ILE A 84 9.66 -3.43 0.78
C ILE A 84 8.45 -2.60 0.37
N ILE A 85 8.13 -1.62 1.21
CA ILE A 85 6.99 -0.75 0.95
C ILE A 85 7.32 0.15 -0.24
N ASN A 86 8.58 0.58 -0.30
CA ASN A 86 9.03 1.45 -1.37
C ASN A 86 8.67 0.81 -2.71
N ILE A 87 8.64 -0.51 -2.71
CA ILE A 87 8.32 -1.25 -3.92
C ILE A 87 6.84 -1.07 -4.25
N LEU A 88 6.07 -0.71 -3.23
CA LEU A 88 4.65 -0.50 -3.40
C LEU A 88 4.40 0.95 -3.83
N VAL A 89 5.12 1.86 -3.18
CA VAL A 89 4.98 3.27 -3.48
C VAL A 89 5.43 3.52 -4.92
N LYS A 90 6.60 2.98 -5.24
CA LYS A 90 7.15 3.13 -6.58
C LYS A 90 6.13 2.66 -7.61
N ASN A 91 5.21 1.83 -7.15
CA ASN A 91 4.17 1.30 -8.02
C ASN A 91 2.95 2.21 -7.96
N GLN A 92 3.19 3.43 -7.50
CA GLN A 92 2.12 4.41 -7.40
C GLN A 92 2.00 5.22 -8.69
N VAL A 93 3.08 5.95 -8.99
CA VAL A 93 3.11 6.78 -10.18
C VAL A 93 1.85 7.63 -10.24
N SER A 94 1.28 7.86 -9.08
CA SER A 94 0.07 8.67 -8.98
C SER A 94 0.34 9.95 -8.18
N PRO A 95 0.70 11.03 -8.93
CA PRO A 95 1.00 12.30 -8.30
C PRO A 95 -0.29 13.00 -7.83
N SER A 96 -0.36 13.23 -6.53
CA SER A 96 -1.52 13.87 -5.95
C SER A 96 -1.31 15.39 -5.93
N ALA A 97 -2.41 16.11 -5.71
CA ALA A 97 -2.36 17.56 -5.66
C ALA A 97 -1.09 18.00 -4.93
N PRO A 98 -0.07 18.38 -5.74
CA PRO A 98 1.20 18.82 -5.18
C PRO A 98 1.09 20.24 -4.60
N ALA A 99 0.15 20.38 -3.68
CA ALA A 99 -0.06 21.67 -3.04
C ALA A 99 -1.15 21.52 -1.96
N ALA A 100 -0.72 21.65 -0.72
CA ALA A 100 -1.63 21.54 0.41
C ALA A 100 -0.84 21.44 1.70
N PRO A 101 0.09 20.46 1.74
CA PRO A 101 0.93 20.25 2.91
C PRO A 101 2.02 21.32 3.01
N VAL A 102 1.58 22.57 3.00
CA VAL A 102 2.49 23.69 3.09
C VAL A 102 1.92 24.74 4.05
N PRO A 103 2.84 25.54 4.63
CA PRO A 103 2.45 26.59 5.56
C PRO A 103 1.84 27.78 4.81
N THR A 104 2.28 27.96 3.58
CA THR A 104 1.79 29.04 2.75
C THR A 104 2.66 29.21 1.51
N PRO A 105 3.99 29.35 1.76
CA PRO A 105 4.94 29.52 0.67
C PRO A 105 5.18 28.20 -0.05
N ILE A 106 5.31 28.29 -1.36
CA ILE A 106 5.54 27.12 -2.18
C ILE A 106 5.99 27.55 -3.58
N CYS A 107 5.31 28.55 -4.10
CA CYS A 107 5.62 29.07 -5.43
C CYS A 107 4.76 30.32 -5.67
N PRO A 108 5.28 31.19 -6.57
CA PRO A 108 4.57 32.42 -6.90
C PRO A 108 3.38 32.14 -7.81
N THR A 109 2.27 32.78 -7.49
CA THR A 109 1.05 32.62 -8.26
C THR A 109 0.95 33.69 -9.35
N THR A 110 1.89 33.62 -10.28
CA THR A 110 1.93 34.58 -11.37
C THR A 110 1.49 33.91 -12.67
N THR A 111 0.23 33.47 -12.69
CA THR A 111 -0.31 32.82 -13.86
C THR A 111 -0.61 33.84 -14.95
N PRO A 112 -1.36 34.91 -14.54
CA PRO A 112 -1.73 35.97 -15.47
C PRO A 112 -0.53 36.87 -15.77
N PRO A 113 -0.62 37.59 -16.92
CA PRO A 113 0.44 38.48 -17.34
C PRO A 113 0.44 39.77 -16.50
N PRO A 114 1.57 40.51 -16.57
CA PRO A 114 1.70 41.75 -15.83
C PRO A 114 0.89 42.87 -16.48
N PRO A 115 0.50 43.87 -15.63
CA PRO A 115 -0.28 44.99 -16.12
C PRO A 115 0.60 45.96 -16.92
N PRO A 116 -0.09 46.78 -17.77
CA PRO A 116 0.61 47.75 -18.59
C PRO A 116 1.09 48.94 -17.76
N PRO A 117 1.90 49.81 -18.41
CA PRO A 117 2.43 50.99 -17.75
C PRO A 117 1.36 52.07 -17.59
N PRO A 118 1.70 53.11 -16.80
CA PRO A 118 0.76 54.21 -16.57
C PRO A 118 0.69 55.12 -17.79
N SER A 119 0.34 54.51 -18.92
CA SER A 119 0.23 55.26 -20.16
C SER A 119 -0.44 54.39 -21.24
N PRO A 120 -1.15 55.08 -22.17
CA PRO A 120 -1.84 54.38 -23.24
C PRO A 120 -0.85 53.90 -24.30
N GLU A 121 0.15 54.73 -24.56
CA GLU A 121 1.16 54.41 -25.54
C GLU A 121 2.20 53.45 -24.94
N ALA A 122 2.50 52.40 -25.70
CA ALA A 122 3.46 51.41 -25.25
C ALA A 122 4.10 50.75 -26.48
N HIS A 123 3.25 50.18 -27.32
CA HIS A 123 3.72 49.51 -28.52
C HIS A 123 4.26 50.56 -29.51
N VAL A 124 5.44 50.27 -30.03
CA VAL A 124 6.08 51.17 -30.97
C VAL A 124 5.03 51.73 -31.93
N PRO A 125 4.60 52.99 -31.63
CA PRO A 125 3.60 53.65 -32.44
C PRO A 125 4.21 54.13 -33.76
N PRO A 126 3.31 54.28 -34.78
CA PRO A 126 3.74 54.73 -36.09
C PRO A 126 4.03 56.24 -36.08
N PRO A 127 4.91 56.65 -37.04
CA PRO A 127 5.27 58.06 -37.15
C PRO A 127 4.15 58.87 -37.78
N TYR A 128 3.91 58.62 -39.07
CA TYR A 128 2.88 59.32 -39.80
C TYR A 128 2.85 60.80 -39.42
N VAL A 129 1.77 61.45 -39.81
CA VAL A 129 1.60 62.87 -39.53
C VAL A 129 0.17 63.13 -39.05
N GLU A 130 -0.78 62.87 -39.93
CA GLU A 130 -2.18 63.06 -39.60
C GLU A 130 -2.48 64.56 -39.47
N PRO A 131 -3.81 64.88 -39.57
CA PRO A 131 -4.24 66.27 -39.46
C PRO A 131 -4.20 66.74 -38.01
N THR A 132 -4.34 65.79 -37.11
CA THR A 132 -4.33 66.10 -35.68
C THR A 132 -2.89 66.31 -35.20
N THR A 133 -2.10 65.26 -35.36
CA THR A 133 -0.69 65.32 -34.94
C THR A 133 0.11 66.17 -35.91
N THR A 134 0.88 67.09 -35.35
CA THR A 134 1.70 67.98 -36.15
C THR A 134 3.16 67.95 -35.66
N GLN A 135 3.30 67.99 -34.34
CA GLN A 135 4.62 67.97 -33.73
C GLN A 135 5.37 69.26 -34.06
N CYS A 136 5.75 69.39 -35.32
CA CYS A 136 6.47 70.56 -35.77
C CYS A 136 7.90 70.50 -35.21
N PHE A 137 7.97 70.57 -33.89
CA PHE A 137 9.26 70.53 -33.21
C PHE A 137 10.03 69.25 -33.60
N HIS A 1 -6.24 -28.82 3.41
CA HIS A 1 -7.21 -27.88 2.91
C HIS A 1 -8.55 -28.09 3.61
N MET A 2 -9.10 -29.28 3.42
CA MET A 2 -10.38 -29.62 4.03
C MET A 2 -10.17 -30.25 5.41
N GLY A 3 -10.55 -29.50 6.43
CA GLY A 3 -10.42 -29.98 7.79
C GLY A 3 -10.82 -28.88 8.79
N GLN A 4 -9.85 -28.05 9.13
CA GLN A 4 -10.08 -26.97 10.07
C GLN A 4 -10.43 -27.52 11.46
N ILE A 5 -10.49 -26.62 12.42
CA ILE A 5 -10.81 -27.02 13.79
C ILE A 5 -11.31 -25.78 14.56
N HIS A 6 -12.38 -25.99 15.30
CA HIS A 6 -12.97 -24.92 16.08
C HIS A 6 -11.85 -24.09 16.73
N GLY A 7 -11.06 -24.78 17.56
CA GLY A 7 -9.96 -24.12 18.24
C GLY A 7 -8.72 -24.05 17.35
N LEU A 8 -8.56 -22.91 16.71
CA LEU A 8 -7.42 -22.70 15.82
C LEU A 8 -7.23 -21.21 15.59
N SER A 9 -5.97 -20.83 15.41
CA SER A 9 -5.63 -19.43 15.18
C SER A 9 -4.12 -19.28 14.99
N PRO A 10 -3.67 -19.63 13.75
CA PRO A 10 -2.25 -19.54 13.42
C PRO A 10 -1.84 -18.09 13.20
N THR A 11 -2.56 -17.43 12.31
CA THR A 11 -2.27 -16.03 12.00
C THR A 11 -3.01 -15.61 10.73
N PRO A 12 -2.80 -16.40 9.65
CA PRO A 12 -3.45 -16.11 8.37
C PRO A 12 -4.93 -16.50 8.41
N ILE A 13 -5.52 -16.57 7.22
CA ILE A 13 -6.92 -16.92 7.10
C ILE A 13 -7.77 -15.66 7.22
N PRO A 14 -8.96 -15.70 6.56
CA PRO A 14 -9.87 -14.56 6.58
C PRO A 14 -10.59 -14.47 7.93
N LYS A 15 -11.68 -13.71 7.93
CA LYS A 15 -12.47 -13.53 9.13
C LYS A 15 -11.53 -13.19 10.30
N ALA A 16 -11.98 -13.54 11.50
CA ALA A 16 -11.20 -13.27 12.69
C ALA A 16 -11.18 -11.77 12.96
N PRO A 17 -10.99 -11.42 14.26
CA PRO A 17 -10.94 -10.02 14.67
C PRO A 17 -9.63 -9.37 14.25
N ARG A 18 -9.35 -9.45 12.96
CA ARG A 18 -8.13 -8.87 12.43
C ARG A 18 -7.99 -9.19 10.94
N GLY A 19 -7.77 -8.16 10.15
CA GLY A 19 -7.63 -8.32 8.72
C GLY A 19 -7.71 -6.97 7.99
N LEU A 20 -6.61 -6.23 8.08
CA LEU A 20 -6.54 -4.93 7.45
C LEU A 20 -6.50 -5.10 5.92
N SER A 21 -7.57 -5.70 5.40
CA SER A 21 -7.66 -5.94 3.98
C SER A 21 -6.51 -6.82 3.51
N THR A 22 -6.87 -7.96 2.93
CA THR A 22 -5.88 -8.91 2.45
C THR A 22 -5.04 -8.28 1.33
N HIS A 23 -5.70 -7.98 0.22
CA HIS A 23 -5.04 -7.37 -0.91
C HIS A 23 -4.06 -6.30 -0.43
N HIS A 24 -4.50 -5.56 0.57
CA HIS A 24 -3.68 -4.50 1.14
C HIS A 24 -2.41 -5.10 1.75
N TRP A 25 -2.62 -6.16 2.53
CA TRP A 25 -1.51 -6.83 3.18
C TRP A 25 -0.68 -7.53 2.09
N LEU A 26 -1.39 -8.15 1.16
CA LEU A 26 -0.74 -8.86 0.07
C LEU A 26 0.24 -7.91 -0.62
N ASN A 27 -0.15 -6.65 -0.70
CA ASN A 27 0.69 -5.64 -1.33
C ASN A 27 1.98 -5.49 -0.53
N PHE A 28 1.94 -5.96 0.71
CA PHE A 28 3.10 -5.88 1.58
C PHE A 28 3.82 -7.23 1.66
N LEU A 29 3.03 -8.29 1.61
CA LEU A 29 3.57 -9.63 1.68
C LEU A 29 4.27 -9.96 0.36
N GLN A 30 3.86 -9.26 -0.70
CA GLN A 30 4.43 -9.48 -2.01
C GLN A 30 5.85 -8.92 -2.06
N ALA A 31 5.95 -7.63 -1.80
CA ALA A 31 7.25 -6.96 -1.81
C ALA A 31 8.20 -7.68 -0.84
N ALA A 32 7.61 -8.20 0.22
CA ALA A 32 8.38 -8.91 1.23
C ALA A 32 8.90 -10.22 0.63
N TYR A 33 8.04 -10.87 -0.14
CA TYR A 33 8.40 -12.13 -0.76
C TYR A 33 9.50 -11.92 -1.81
N ARG A 34 9.77 -10.66 -2.10
CA ARG A 34 10.80 -10.31 -3.08
C ARG A 34 12.12 -10.00 -2.37
N LEU A 35 12.06 -10.03 -1.05
CA LEU A 35 13.25 -9.76 -0.25
C LEU A 35 13.54 -10.97 0.65
N GLN A 36 12.47 -11.50 1.24
CA GLN A 36 12.59 -12.64 2.13
C GLN A 36 13.64 -13.62 1.59
N PRO A 37 13.45 -14.00 0.29
CA PRO A 37 14.37 -14.93 -0.35
C PRO A 37 15.68 -14.24 -0.71
N GLY A 38 16.65 -14.41 0.17
CA GLY A 38 17.96 -13.81 -0.03
C GLY A 38 18.90 -14.11 1.13
N PRO A 39 20.11 -13.51 1.07
CA PRO A 39 21.11 -13.72 2.10
C PRO A 39 20.74 -12.94 3.38
N SER A 40 19.59 -13.28 3.92
CA SER A 40 19.11 -12.62 5.13
C SER A 40 17.62 -12.91 5.34
N ASP A 41 17.34 -14.10 5.84
CA ASP A 41 15.98 -14.51 6.10
C ASP A 41 15.47 -13.82 7.35
N PHE A 42 14.24 -14.17 7.73
CA PHE A 42 13.62 -13.60 8.91
C PHE A 42 13.25 -12.13 8.68
N ASP A 43 12.48 -11.91 7.64
CA ASP A 43 12.05 -10.56 7.29
C ASP A 43 10.55 -10.42 7.59
N PHE A 44 10.10 -11.19 8.55
CA PHE A 44 8.69 -11.16 8.95
C PHE A 44 8.54 -10.66 10.39
N GLN A 45 9.53 -10.98 11.20
CA GLN A 45 9.52 -10.57 12.59
C GLN A 45 9.64 -9.05 12.70
N GLN A 46 10.65 -8.51 12.03
CA GLN A 46 10.88 -7.08 12.04
C GLN A 46 9.80 -6.36 11.22
N LEU A 47 8.95 -7.16 10.60
CA LEU A 47 7.88 -6.62 9.78
C LEU A 47 6.58 -6.62 10.59
N ARG A 48 6.39 -7.69 11.34
CA ARG A 48 5.20 -7.83 12.17
C ARG A 48 5.20 -6.79 13.29
N ARG A 49 6.34 -6.14 13.44
CA ARG A 49 6.48 -5.12 14.46
C ARG A 49 5.93 -3.78 13.96
N PHE A 50 6.24 -3.48 12.71
CA PHE A 50 5.78 -2.24 12.10
C PHE A 50 4.26 -2.24 11.95
N LEU A 51 3.71 -3.42 11.69
CA LEU A 51 2.27 -3.57 11.51
C LEU A 51 1.58 -3.37 12.86
N LYS A 52 2.00 -4.18 13.83
CA LYS A 52 1.44 -4.10 15.16
C LYS A 52 1.56 -2.67 15.69
N LEU A 53 2.56 -1.97 15.18
CA LEU A 53 2.80 -0.60 15.58
C LEU A 53 1.65 0.28 15.10
N ALA A 54 1.40 0.21 13.80
CA ALA A 54 0.34 0.99 13.18
C ALA A 54 -0.98 0.70 13.91
N LEU A 55 -1.08 -0.53 14.41
CA LEU A 55 -2.28 -0.95 15.12
C LEU A 55 -2.45 -0.09 16.37
N LYS A 56 -1.39 0.63 16.71
CA LYS A 56 -1.41 1.50 17.88
C LYS A 56 -2.25 2.74 17.56
N THR A 57 -2.70 2.81 16.32
CA THR A 57 -3.50 3.94 15.88
C THR A 57 -4.48 3.51 14.78
N PRO A 58 -5.73 3.18 15.21
CA PRO A 58 -6.75 2.75 14.27
C PRO A 58 -7.29 3.94 13.47
N ILE A 59 -6.42 4.50 12.63
CA ILE A 59 -6.81 5.63 11.81
C ILE A 59 -6.67 5.25 10.33
N TRP A 60 -5.85 4.24 10.09
CA TRP A 60 -5.62 3.78 8.74
C TRP A 60 -6.57 2.61 8.47
N LEU A 61 -7.04 2.01 9.56
CA LEU A 61 -7.95 0.88 9.45
C LEU A 61 -9.31 1.38 8.93
N ASN A 62 -9.87 2.33 9.66
CA ASN A 62 -11.16 2.90 9.29
C ASN A 62 -11.18 3.17 7.78
N PRO A 63 -10.22 4.03 7.35
CA PRO A 63 -10.11 4.37 5.94
C PRO A 63 -9.51 3.23 5.13
N ILE A 64 -8.92 2.28 5.86
CA ILE A 64 -8.30 1.12 5.22
C ILE A 64 -7.61 1.57 3.93
N ASP A 65 -6.35 1.95 4.08
CA ASP A 65 -5.56 2.39 2.94
C ASP A 65 -4.08 2.39 3.31
N TYR A 66 -3.32 1.54 2.63
CA TYR A 66 -1.89 1.43 2.88
C TYR A 66 -1.19 2.75 2.60
N SER A 67 -1.93 3.66 1.96
CA SER A 67 -1.38 4.97 1.63
C SER A 67 -1.06 5.74 2.91
N LEU A 68 -1.64 5.28 4.01
CA LEU A 68 -1.42 5.91 5.30
C LEU A 68 -0.28 5.19 6.02
N LEU A 69 0.02 3.99 5.55
CA LEU A 69 1.08 3.19 6.15
C LEU A 69 2.43 3.88 5.88
N ALA A 70 2.75 4.00 4.61
CA ALA A 70 4.00 4.63 4.21
C ALA A 70 4.13 5.99 4.91
N SER A 71 2.99 6.52 5.30
CA SER A 71 2.96 7.81 5.98
C SER A 71 3.64 7.70 7.35
N LEU A 72 3.39 6.57 8.01
CA LEU A 72 3.97 6.34 9.32
C LEU A 72 5.51 6.35 9.19
N ILE A 73 5.98 6.25 7.96
CA ILE A 73 7.40 6.24 7.70
C ILE A 73 7.76 7.47 6.85
N PRO A 74 7.88 8.63 7.54
CA PRO A 74 8.22 9.87 6.86
C PRO A 74 9.70 9.90 6.48
N LYS A 75 10.11 8.87 5.75
CA LYS A 75 11.50 8.78 5.32
C LYS A 75 12.42 9.17 6.47
N GLY A 76 12.05 8.72 7.67
CA GLY A 76 12.83 9.02 8.85
C GLY A 76 13.09 7.75 9.67
N TYR A 77 12.58 6.64 9.16
CA TYR A 77 12.75 5.36 9.83
C TYR A 77 12.74 4.20 8.83
N PRO A 78 13.84 4.13 8.02
CA PRO A 78 13.96 3.09 7.03
C PRO A 78 14.30 1.74 7.67
N GLY A 79 14.26 0.70 6.86
CA GLY A 79 14.56 -0.64 7.33
C GLY A 79 13.98 -1.69 6.40
N ARG A 80 14.04 -2.94 6.86
CA ARG A 80 13.53 -4.05 6.07
C ARG A 80 12.05 -3.83 5.73
N VAL A 81 11.37 -3.16 6.65
CA VAL A 81 9.95 -2.88 6.46
C VAL A 81 9.79 -1.83 5.35
N VAL A 82 10.42 -0.69 5.57
CA VAL A 82 10.35 0.39 4.61
C VAL A 82 10.84 -0.11 3.25
N GLU A 83 11.88 -0.93 3.29
CA GLU A 83 12.44 -1.49 2.07
C GLU A 83 11.37 -2.27 1.30
N ILE A 84 10.56 -2.98 2.05
CA ILE A 84 9.49 -3.78 1.44
C ILE A 84 8.41 -2.84 0.90
N ILE A 85 8.26 -1.71 1.56
CA ILE A 85 7.28 -0.72 1.15
C ILE A 85 7.84 0.10 -0.01
N ASN A 86 9.15 0.23 -0.02
CA ASN A 86 9.84 0.98 -1.05
C ASN A 86 9.58 0.33 -2.41
N ILE A 87 9.56 -0.99 -2.39
CA ILE A 87 9.32 -1.76 -3.61
C ILE A 87 7.96 -1.39 -4.18
N LEU A 88 7.01 -1.17 -3.29
CA LEU A 88 5.67 -0.81 -3.69
C LEU A 88 5.70 0.54 -4.40
N VAL A 89 6.45 1.47 -3.83
CA VAL A 89 6.58 2.80 -4.39
C VAL A 89 7.38 2.72 -5.69
N LYS A 90 8.53 2.07 -5.61
CA LYS A 90 9.39 1.92 -6.77
C LYS A 90 8.60 1.26 -7.89
N ASN A 91 7.68 0.39 -7.50
CA ASN A 91 6.85 -0.32 -8.47
C ASN A 91 6.01 0.70 -9.24
N GLN A 92 5.90 1.90 -8.68
CA GLN A 92 5.12 2.95 -9.30
C GLN A 92 6.03 3.82 -10.18
N VAL A 93 7.31 3.49 -10.17
CA VAL A 93 8.28 4.23 -10.96
C VAL A 93 8.34 5.67 -10.45
N SER A 94 8.49 5.80 -9.15
CA SER A 94 8.57 7.11 -8.53
C SER A 94 9.99 7.68 -8.67
N PRO A 95 10.06 9.04 -8.69
CA PRO A 95 11.34 9.72 -8.83
C PRO A 95 12.13 9.66 -7.52
N SER A 96 13.12 10.53 -7.42
CA SER A 96 13.96 10.58 -6.24
C SER A 96 14.77 9.29 -6.12
N ALA A 97 14.09 8.24 -5.70
CA ALA A 97 14.73 6.94 -5.53
C ALA A 97 15.91 7.09 -4.57
N PRO A 98 15.60 6.93 -3.25
CA PRO A 98 16.62 7.04 -2.23
C PRO A 98 17.50 5.79 -2.20
N ALA A 99 18.42 5.78 -1.24
CA ALA A 99 19.34 4.65 -1.10
C ALA A 99 20.21 4.55 -2.35
N ALA A 100 21.48 4.26 -2.13
CA ALA A 100 22.42 4.13 -3.23
C ALA A 100 23.75 3.60 -2.69
N PRO A 101 23.74 2.30 -2.29
CA PRO A 101 24.94 1.67 -1.76
C PRO A 101 25.93 1.36 -2.87
N VAL A 102 27.18 1.16 -2.47
CA VAL A 102 28.23 0.86 -3.42
C VAL A 102 28.06 -0.59 -3.92
N PRO A 103 27.94 -1.52 -2.94
CA PRO A 103 27.77 -2.93 -3.28
C PRO A 103 26.34 -3.21 -3.77
N THR A 104 26.18 -3.12 -5.09
CA THR A 104 24.89 -3.36 -5.69
C THR A 104 24.93 -4.58 -6.60
N PRO A 105 24.72 -5.77 -5.98
CA PRO A 105 24.74 -7.01 -6.73
C PRO A 105 23.47 -7.18 -7.56
N ILE A 106 23.35 -8.35 -8.17
CA ILE A 106 22.18 -8.64 -8.99
C ILE A 106 22.20 -7.74 -10.22
N CYS A 107 21.94 -8.35 -11.37
CA CYS A 107 21.92 -7.60 -12.62
C CYS A 107 23.33 -7.10 -12.91
N PRO A 108 23.62 -6.92 -14.23
CA PRO A 108 24.93 -6.45 -14.65
C PRO A 108 25.09 -4.95 -14.36
N THR A 109 24.01 -4.22 -14.60
CA THR A 109 24.02 -2.78 -14.37
C THR A 109 25.31 -2.17 -14.93
N THR A 110 25.52 -0.91 -14.57
CA THR A 110 26.71 -0.19 -15.02
C THR A 110 26.74 -0.15 -16.56
N THR A 111 25.75 0.52 -17.12
CA THR A 111 25.66 0.66 -18.56
C THR A 111 26.50 1.83 -19.04
N PRO A 112 26.83 1.80 -20.37
CA PRO A 112 27.62 2.85 -20.97
C PRO A 112 26.79 4.12 -21.18
N PRO A 113 27.17 5.18 -20.41
CA PRO A 113 26.46 6.46 -20.50
C PRO A 113 26.83 7.19 -21.78
N PRO A 114 25.82 7.34 -22.68
CA PRO A 114 26.03 8.02 -23.94
C PRO A 114 26.10 9.53 -23.75
N PRO A 115 27.32 10.09 -24.01
CA PRO A 115 27.54 11.52 -23.86
C PRO A 115 26.89 12.29 -25.01
N PRO A 116 26.90 13.64 -24.87
CA PRO A 116 26.32 14.51 -25.89
C PRO A 116 27.23 14.59 -27.12
N PRO A 117 26.67 15.19 -28.21
CA PRO A 117 27.42 15.34 -29.45
C PRO A 117 28.46 16.45 -29.33
N PRO A 118 29.46 16.40 -30.25
CA PRO A 118 30.52 17.40 -30.26
C PRO A 118 30.01 18.72 -30.83
N SER A 119 30.92 19.68 -30.91
CA SER A 119 30.59 21.00 -31.43
C SER A 119 29.72 20.85 -32.69
N PRO A 120 28.87 21.88 -32.91
CA PRO A 120 27.98 21.88 -34.07
C PRO A 120 28.77 22.19 -35.35
N GLU A 121 28.36 21.55 -36.43
CA GLU A 121 29.00 21.74 -37.72
C GLU A 121 28.47 20.74 -38.74
N ALA A 122 28.47 19.48 -38.35
CA ALA A 122 27.98 18.43 -39.23
C ALA A 122 26.73 18.91 -39.95
N HIS A 123 25.64 19.02 -39.19
CA HIS A 123 24.38 19.48 -39.73
C HIS A 123 23.47 19.96 -38.60
N VAL A 124 23.40 19.14 -37.56
CA VAL A 124 22.57 19.46 -36.41
C VAL A 124 21.13 19.71 -36.87
N PRO A 125 20.19 19.61 -35.90
CA PRO A 125 18.79 19.81 -36.20
C PRO A 125 18.48 21.31 -36.38
N PRO A 126 18.11 21.67 -37.63
CA PRO A 126 17.78 23.04 -37.95
C PRO A 126 16.41 23.43 -37.41
N PRO A 127 16.43 24.36 -36.41
CA PRO A 127 15.20 24.82 -35.80
C PRO A 127 14.44 25.77 -36.73
N TYR A 128 13.52 26.52 -36.13
CA TYR A 128 12.72 27.46 -36.90
C TYR A 128 12.03 26.78 -38.08
N VAL A 129 11.09 27.50 -38.67
CA VAL A 129 10.35 26.97 -39.80
C VAL A 129 10.00 25.51 -39.55
N GLU A 130 9.73 25.21 -38.28
CA GLU A 130 9.37 23.85 -37.90
C GLU A 130 8.24 23.33 -38.77
N PRO A 131 7.14 24.11 -38.83
CA PRO A 131 5.98 23.74 -39.62
C PRO A 131 6.25 23.95 -41.12
N THR A 132 5.19 23.81 -41.89
CA THR A 132 5.30 23.97 -43.33
C THR A 132 3.91 24.23 -43.94
N THR A 133 3.91 25.03 -45.00
CA THR A 133 2.67 25.37 -45.68
C THR A 133 1.98 24.10 -46.19
N THR A 134 0.96 23.67 -45.45
CA THR A 134 0.22 22.48 -45.82
C THR A 134 -0.02 22.44 -47.33
N GLN A 135 -0.13 21.22 -47.84
CA GLN A 135 -0.36 21.03 -49.27
C GLN A 135 -0.52 19.54 -49.57
N CYS A 136 -1.63 18.99 -49.12
CA CYS A 136 -1.92 17.59 -49.35
C CYS A 136 -2.38 17.41 -50.80
N PHE A 137 -2.09 16.24 -51.34
CA PHE A 137 -2.46 15.93 -52.71
C PHE A 137 -2.87 14.47 -52.86
N HIS A 1 -14.73 -8.11 38.39
CA HIS A 1 -15.37 -8.92 37.36
C HIS A 1 -14.35 -9.25 36.27
N MET A 2 -14.66 -10.30 35.52
CA MET A 2 -13.78 -10.74 34.44
C MET A 2 -14.59 -11.12 33.20
N GLY A 3 -13.89 -11.16 32.07
CA GLY A 3 -14.52 -11.52 30.81
C GLY A 3 -15.57 -10.47 30.41
N GLN A 4 -15.09 -9.26 30.21
CA GLN A 4 -15.97 -8.16 29.83
C GLN A 4 -15.17 -6.89 29.58
N ILE A 5 -15.76 -5.99 28.82
CA ILE A 5 -15.10 -4.73 28.50
C ILE A 5 -13.90 -4.99 27.59
N HIS A 6 -12.88 -5.60 28.19
CA HIS A 6 -11.67 -5.92 27.44
C HIS A 6 -11.17 -4.67 26.71
N GLY A 7 -11.49 -4.63 25.42
CA GLY A 7 -11.08 -3.51 24.59
C GLY A 7 -9.57 -3.51 24.36
N LEU A 8 -8.86 -2.95 25.33
CA LEU A 8 -7.41 -2.88 25.25
C LEU A 8 -6.83 -4.29 25.33
N SER A 9 -5.51 -4.36 25.30
CA SER A 9 -4.82 -5.63 25.35
C SER A 9 -5.17 -6.46 24.12
N PRO A 10 -4.43 -6.18 23.01
CA PRO A 10 -4.67 -6.89 21.76
C PRO A 10 -4.08 -8.30 21.83
N THR A 11 -4.57 -9.08 22.78
CA THR A 11 -4.10 -10.44 22.96
C THR A 11 -4.66 -11.34 21.86
N PRO A 12 -6.02 -11.27 21.70
CA PRO A 12 -6.69 -12.07 20.69
C PRO A 12 -6.46 -11.51 19.29
N ILE A 13 -6.49 -12.40 18.31
CA ILE A 13 -6.28 -12.01 16.93
C ILE A 13 -7.54 -11.33 16.41
N PRO A 14 -8.70 -11.98 16.67
CA PRO A 14 -9.98 -11.45 16.23
C PRO A 14 -10.41 -10.26 17.09
N LYS A 15 -10.52 -9.11 16.45
CA LYS A 15 -10.92 -7.89 17.14
C LYS A 15 -12.20 -7.35 16.51
N ALA A 16 -12.57 -6.15 16.93
CA ALA A 16 -13.76 -5.50 16.42
C ALA A 16 -13.86 -5.74 14.91
N PRO A 17 -12.75 -5.40 14.20
CA PRO A 17 -12.70 -5.58 12.77
C PRO A 17 -12.52 -7.05 12.39
N ARG A 18 -11.51 -7.66 13.00
CA ARG A 18 -11.21 -9.06 12.75
C ARG A 18 -10.71 -9.25 11.32
N GLY A 19 -9.46 -8.85 11.11
CA GLY A 19 -8.86 -8.97 9.80
C GLY A 19 -8.19 -7.65 9.38
N LEU A 20 -7.06 -7.78 8.72
CA LEU A 20 -6.33 -6.61 8.26
C LEU A 20 -6.23 -6.64 6.74
N SER A 21 -7.39 -6.84 6.10
CA SER A 21 -7.45 -6.89 4.65
C SER A 21 -6.32 -7.77 4.12
N THR A 22 -6.64 -9.03 3.90
CA THR A 22 -5.67 -9.98 3.38
C THR A 22 -4.93 -9.39 2.18
N HIS A 23 -5.71 -8.79 1.29
CA HIS A 23 -5.14 -8.18 0.10
C HIS A 23 -4.17 -7.07 0.50
N HIS A 24 -4.56 -6.32 1.51
CA HIS A 24 -3.73 -5.23 2.00
C HIS A 24 -2.40 -5.78 2.50
N TRP A 25 -2.49 -6.86 3.26
CA TRP A 25 -1.31 -7.50 3.80
C TRP A 25 -0.56 -8.17 2.65
N LEU A 26 -1.32 -8.84 1.80
CA LEU A 26 -0.75 -9.53 0.66
C LEU A 26 0.13 -8.55 -0.13
N ASN A 27 -0.26 -7.28 -0.09
CA ASN A 27 0.48 -6.26 -0.80
C ASN A 27 1.84 -6.07 -0.13
N PHE A 28 1.90 -6.42 1.15
CA PHE A 28 3.12 -6.29 1.90
C PHE A 28 3.92 -7.60 1.89
N LEU A 29 3.18 -8.70 1.88
CA LEU A 29 3.79 -10.02 1.87
C LEU A 29 4.34 -10.31 0.47
N GLN A 30 3.91 -9.48 -0.47
CA GLN A 30 4.34 -9.64 -1.85
C GLN A 30 5.71 -8.96 -2.06
N ALA A 31 5.71 -7.65 -1.91
CA ALA A 31 6.93 -6.89 -2.07
C ALA A 31 8.03 -7.50 -1.21
N ALA A 32 7.62 -8.05 -0.09
CA ALA A 32 8.55 -8.67 0.84
C ALA A 32 9.10 -9.96 0.21
N TYR A 33 8.25 -10.59 -0.59
CA TYR A 33 8.62 -11.83 -1.24
C TYR A 33 9.45 -11.55 -2.50
N ARG A 34 9.36 -10.32 -2.98
CA ARG A 34 10.09 -9.90 -4.16
C ARG A 34 11.52 -9.53 -3.80
N LEU A 35 11.78 -9.48 -2.50
CA LEU A 35 13.10 -9.14 -2.00
C LEU A 35 13.88 -10.42 -1.70
N GLN A 36 13.21 -11.34 -1.04
CA GLN A 36 13.82 -12.61 -0.68
C GLN A 36 14.55 -12.50 0.66
N PRO A 37 14.63 -13.66 1.37
CA PRO A 37 15.29 -13.69 2.66
C PRO A 37 16.82 -13.64 2.51
N GLY A 38 17.48 -13.29 3.59
CA GLY A 38 18.93 -13.19 3.59
C GLY A 38 19.52 -13.86 4.83
N PRO A 39 19.58 -13.07 5.94
CA PRO A 39 20.13 -13.57 7.18
C PRO A 39 19.14 -14.51 7.88
N SER A 40 19.49 -14.91 9.09
CA SER A 40 18.64 -15.80 9.87
C SER A 40 17.27 -15.15 10.10
N ASP A 41 17.30 -13.84 10.27
CA ASP A 41 16.07 -13.10 10.50
C ASP A 41 15.02 -13.52 9.48
N PHE A 42 13.78 -13.64 9.95
CA PHE A 42 12.68 -14.03 9.09
C PHE A 42 12.19 -12.85 8.24
N ASP A 43 12.88 -11.74 8.40
CA ASP A 43 12.53 -10.53 7.66
C ASP A 43 11.06 -10.20 7.90
N PHE A 44 10.53 -10.76 8.97
CA PHE A 44 9.13 -10.54 9.32
C PHE A 44 9.01 -9.76 10.63
N GLN A 45 10.13 -9.69 11.35
CA GLN A 45 10.16 -8.98 12.62
C GLN A 45 9.98 -7.48 12.39
N GLN A 46 10.86 -6.93 11.56
CA GLN A 46 10.81 -5.51 11.26
C GLN A 46 9.46 -5.15 10.64
N LEU A 47 8.76 -6.17 10.15
CA LEU A 47 7.46 -5.97 9.54
C LEU A 47 6.39 -5.99 10.62
N ARG A 48 6.34 -7.09 11.35
CA ARG A 48 5.37 -7.25 12.41
C ARG A 48 5.47 -6.09 13.40
N ARG A 49 6.60 -5.41 13.36
CA ARG A 49 6.84 -4.28 14.24
C ARG A 49 6.16 -3.03 13.69
N PHE A 50 6.43 -2.76 12.41
CA PHE A 50 5.86 -1.60 11.75
C PHE A 50 4.33 -1.68 11.73
N LEU A 51 3.84 -2.89 11.51
CA LEU A 51 2.40 -3.12 11.46
C LEU A 51 1.80 -2.85 12.84
N LYS A 52 2.37 -3.51 13.84
CA LYS A 52 1.90 -3.34 15.21
C LYS A 52 1.99 -1.87 15.60
N LEU A 53 2.91 -1.18 14.96
CA LEU A 53 3.11 0.24 15.23
C LEU A 53 1.91 1.03 14.70
N ALA A 54 1.63 0.83 13.41
CA ALA A 54 0.52 1.51 12.78
C ALA A 54 -0.78 1.12 13.47
N LEU A 55 -0.80 -0.10 13.99
CA LEU A 55 -1.97 -0.61 14.68
C LEU A 55 -2.38 0.38 15.77
N LYS A 56 -1.38 1.06 16.30
CA LYS A 56 -1.62 2.03 17.36
C LYS A 56 -2.36 3.23 16.78
N THR A 57 -2.48 3.24 15.46
CA THR A 57 -3.17 4.32 14.78
C THR A 57 -4.31 3.76 13.91
N PRO A 58 -5.47 3.54 14.57
CA PRO A 58 -6.64 3.02 13.88
C PRO A 58 -7.30 4.10 13.02
N ILE A 59 -6.49 4.70 12.17
CA ILE A 59 -6.97 5.75 11.29
C ILE A 59 -6.81 5.31 9.83
N TRP A 60 -5.90 4.35 9.64
CA TRP A 60 -5.64 3.84 8.30
C TRP A 60 -6.46 2.56 8.12
N LEU A 61 -6.81 1.95 9.25
CA LEU A 61 -7.60 0.72 9.22
C LEU A 61 -9.01 1.05 8.72
N ASN A 62 -9.65 2.00 9.38
CA ASN A 62 -10.98 2.41 9.01
C ASN A 62 -11.05 2.61 7.49
N PRO A 63 -10.21 3.57 7.00
CA PRO A 63 -10.16 3.86 5.57
C PRO A 63 -9.43 2.76 4.82
N ILE A 64 -8.79 1.88 5.57
CA ILE A 64 -8.05 0.78 4.98
C ILE A 64 -7.37 1.27 3.69
N ASP A 65 -6.16 1.79 3.87
CA ASP A 65 -5.39 2.30 2.74
C ASP A 65 -3.91 2.30 3.10
N TYR A 66 -3.14 1.52 2.35
CA TYR A 66 -1.71 1.41 2.58
C TYR A 66 -1.03 2.76 2.31
N SER A 67 -1.79 3.68 1.74
CA SER A 67 -1.26 5.00 1.42
C SER A 67 -0.91 5.74 2.71
N LEU A 68 -1.68 5.47 3.75
CA LEU A 68 -1.47 6.09 5.04
C LEU A 68 -0.39 5.32 5.80
N LEU A 69 -0.17 4.09 5.35
CA LEU A 69 0.83 3.23 5.99
C LEU A 69 2.22 3.84 5.78
N ALA A 70 2.60 3.96 4.52
CA ALA A 70 3.90 4.52 4.17
C ALA A 70 4.04 5.89 4.82
N SER A 71 2.90 6.47 5.18
CA SER A 71 2.89 7.78 5.80
C SER A 71 3.39 7.68 7.24
N LEU A 72 2.87 6.68 7.94
CA LEU A 72 3.25 6.46 9.33
C LEU A 72 4.78 6.39 9.42
N ILE A 73 5.38 5.81 8.38
CA ILE A 73 6.82 5.67 8.34
C ILE A 73 7.48 7.03 8.61
N PRO A 74 8.26 7.09 9.72
CA PRO A 74 8.94 8.32 10.09
C PRO A 74 10.15 8.57 9.18
N LYS A 75 9.91 8.46 7.89
CA LYS A 75 10.96 8.68 6.91
C LYS A 75 12.31 8.35 7.54
N GLY A 76 12.69 7.09 7.43
CA GLY A 76 13.96 6.64 7.98
C GLY A 76 13.77 5.37 8.81
N TYR A 77 12.51 4.95 8.91
CA TYR A 77 12.18 3.75 9.68
C TYR A 77 13.28 2.69 9.54
N PRO A 78 13.46 1.90 10.63
CA PRO A 78 14.46 0.86 10.64
C PRO A 78 14.02 -0.34 9.79
N GLY A 79 14.75 -1.43 9.93
CA GLY A 79 14.44 -2.65 9.19
C GLY A 79 14.30 -2.35 7.70
N ARG A 80 13.89 -3.38 6.97
CA ARG A 80 13.72 -3.26 5.53
C ARG A 80 12.23 -3.08 5.19
N VAL A 81 11.47 -2.64 6.19
CA VAL A 81 10.05 -2.43 6.01
C VAL A 81 9.83 -1.42 4.88
N VAL A 82 10.64 -0.38 4.89
CA VAL A 82 10.54 0.66 3.87
C VAL A 82 11.00 0.10 2.53
N GLU A 83 12.04 -0.71 2.59
CA GLU A 83 12.59 -1.32 1.39
C GLU A 83 11.51 -2.14 0.66
N ILE A 84 10.58 -2.66 1.45
CA ILE A 84 9.50 -3.45 0.90
C ILE A 84 8.40 -2.52 0.39
N ILE A 85 7.98 -1.62 1.27
CA ILE A 85 6.94 -0.67 0.92
C ILE A 85 7.42 0.21 -0.23
N ASN A 86 8.73 0.38 -0.30
CA ASN A 86 9.32 1.20 -1.34
C ASN A 86 8.98 0.59 -2.71
N ILE A 87 8.90 -0.73 -2.72
CA ILE A 87 8.58 -1.45 -3.95
C ILE A 87 7.17 -1.06 -4.40
N LEU A 88 6.31 -0.84 -3.42
CA LEU A 88 4.93 -0.46 -3.71
C LEU A 88 4.89 0.97 -4.23
N VAL A 89 5.65 1.83 -3.58
CA VAL A 89 5.72 3.23 -3.96
C VAL A 89 6.45 3.35 -5.30
N LYS A 90 7.61 2.71 -5.37
CA LYS A 90 8.40 2.73 -6.58
C LYS A 90 7.56 2.27 -7.76
N ASN A 91 6.49 1.56 -7.44
CA ASN A 91 5.59 1.06 -8.46
C ASN A 91 4.64 2.18 -8.91
N GLN A 92 3.78 2.58 -7.98
CA GLN A 92 2.83 3.64 -8.26
C GLN A 92 1.67 3.60 -7.26
N VAL A 93 2.04 3.40 -6.00
CA VAL A 93 1.04 3.33 -4.94
C VAL A 93 -0.05 2.35 -5.33
N SER A 94 0.31 1.42 -6.21
CA SER A 94 -0.63 0.42 -6.68
C SER A 94 -1.51 -0.05 -5.51
N PRO A 95 -2.77 -0.44 -5.87
CA PRO A 95 -3.71 -0.90 -4.87
C PRO A 95 -3.37 -2.33 -4.42
N SER A 96 -4.22 -2.85 -3.54
CA SER A 96 -4.02 -4.19 -3.02
C SER A 96 -4.87 -5.19 -3.81
N ALA A 97 -4.47 -5.42 -5.04
CA ALA A 97 -5.19 -6.34 -5.91
C ALA A 97 -4.41 -6.53 -7.21
N PRO A 98 -3.49 -7.53 -7.19
CA PRO A 98 -2.69 -7.82 -8.36
C PRO A 98 -3.50 -8.54 -9.43
N ALA A 99 -2.93 -8.61 -10.62
CA ALA A 99 -3.60 -9.28 -11.74
C ALA A 99 -4.88 -8.53 -12.07
N ALA A 100 -5.51 -8.96 -13.15
CA ALA A 100 -6.76 -8.34 -13.59
C ALA A 100 -6.48 -6.88 -13.96
N PRO A 101 -7.38 -6.33 -14.83
CA PRO A 101 -7.25 -4.96 -15.27
C PRO A 101 -7.68 -3.99 -14.16
N VAL A 102 -8.92 -4.14 -13.74
CA VAL A 102 -9.46 -3.29 -12.68
C VAL A 102 -10.48 -4.08 -11.86
N PRO A 103 -9.94 -4.94 -10.96
CA PRO A 103 -10.80 -5.76 -10.12
C PRO A 103 -11.43 -4.92 -9.00
N THR A 104 -12.12 -3.86 -9.41
CA THR A 104 -12.77 -2.97 -8.46
C THR A 104 -14.00 -2.33 -9.09
N PRO A 105 -15.11 -3.10 -9.11
CA PRO A 105 -16.35 -2.62 -9.67
C PRO A 105 -17.03 -1.61 -8.74
N ILE A 106 -18.13 -1.04 -9.22
CA ILE A 106 -18.87 -0.07 -8.44
C ILE A 106 -20.36 -0.37 -8.55
N CYS A 107 -21.03 -0.30 -7.40
CA CYS A 107 -22.46 -0.57 -7.35
C CYS A 107 -23.19 0.77 -7.25
N PRO A 108 -24.44 0.78 -7.78
CA PRO A 108 -25.25 1.98 -7.76
C PRO A 108 -25.82 2.24 -6.35
N THR A 109 -26.75 1.39 -5.97
CA THR A 109 -27.37 1.51 -4.66
C THR A 109 -28.05 0.20 -4.26
N THR A 110 -28.94 -0.25 -5.14
CA THR A 110 -29.67 -1.49 -4.90
C THR A 110 -28.74 -2.54 -4.28
N THR A 111 -27.52 -2.59 -4.81
CA THR A 111 -26.54 -3.55 -4.33
C THR A 111 -27.23 -4.82 -3.83
N PRO A 112 -27.90 -5.52 -4.79
CA PRO A 112 -28.61 -6.74 -4.47
C PRO A 112 -27.62 -7.90 -4.28
N PRO A 113 -28.07 -8.91 -3.49
CA PRO A 113 -27.24 -10.08 -3.22
C PRO A 113 -27.19 -11.00 -4.43
N PRO A 114 -25.97 -11.10 -5.02
CA PRO A 114 -25.76 -11.95 -6.18
C PRO A 114 -25.73 -13.43 -5.80
N PRO A 115 -25.76 -14.30 -6.84
CA PRO A 115 -25.74 -15.73 -6.61
C PRO A 115 -24.33 -16.20 -6.21
N PRO A 116 -24.29 -17.35 -5.50
CA PRO A 116 -23.04 -17.91 -5.05
C PRO A 116 -22.29 -18.58 -6.21
N PRO A 117 -20.97 -18.81 -5.99
CA PRO A 117 -20.14 -19.43 -7.01
C PRO A 117 -20.42 -20.93 -7.09
N PRO A 118 -19.89 -21.56 -8.18
CA PRO A 118 -20.08 -22.98 -8.39
C PRO A 118 -19.19 -23.80 -7.45
N SER A 119 -19.82 -24.76 -6.79
CA SER A 119 -19.12 -25.61 -5.84
C SER A 119 -18.63 -26.87 -6.56
N PRO A 120 -17.54 -27.47 -6.00
CA PRO A 120 -16.97 -28.68 -6.57
C PRO A 120 -17.84 -29.90 -6.27
N GLU A 121 -17.37 -31.06 -6.71
CA GLU A 121 -18.10 -32.29 -6.48
C GLU A 121 -17.24 -33.48 -6.90
N ALA A 122 -16.07 -33.57 -6.29
CA ALA A 122 -15.14 -34.66 -6.60
C ALA A 122 -14.54 -34.44 -7.98
N HIS A 123 -15.41 -34.41 -8.97
CA HIS A 123 -14.97 -34.22 -10.35
C HIS A 123 -15.52 -32.88 -10.87
N VAL A 124 -14.60 -31.96 -11.12
CA VAL A 124 -14.98 -30.65 -11.62
C VAL A 124 -14.16 -30.33 -12.87
N PRO A 125 -14.82 -29.60 -13.82
CA PRO A 125 -14.16 -29.23 -15.05
C PRO A 125 -13.15 -28.10 -14.83
N PRO A 126 -11.85 -28.44 -15.03
CA PRO A 126 -10.78 -27.47 -14.85
C PRO A 126 -10.74 -26.48 -16.03
N PRO A 127 -10.04 -25.34 -15.79
CA PRO A 127 -9.91 -24.33 -16.81
C PRO A 127 -8.91 -24.75 -17.89
N TYR A 128 -9.23 -24.36 -19.12
CA TYR A 128 -8.38 -24.70 -20.25
C TYR A 128 -8.38 -23.57 -21.29
N VAL A 129 -7.63 -22.52 -20.98
CA VAL A 129 -7.54 -21.38 -21.87
C VAL A 129 -6.10 -20.86 -21.88
N GLU A 130 -5.85 -19.92 -22.77
CA GLU A 130 -4.52 -19.33 -22.88
C GLU A 130 -4.41 -18.53 -24.19
N PRO A 131 -4.71 -19.23 -25.31
CA PRO A 131 -4.64 -18.60 -26.63
C PRO A 131 -5.84 -17.67 -26.84
N THR A 132 -5.72 -16.83 -27.86
CA THR A 132 -6.77 -15.89 -28.19
C THR A 132 -6.96 -14.88 -27.05
N THR A 133 -7.61 -15.35 -25.99
CA THR A 133 -7.87 -14.51 -24.83
C THR A 133 -6.77 -14.71 -23.78
N THR A 134 -5.73 -13.89 -23.88
CA THR A 134 -4.63 -13.97 -22.94
C THR A 134 -4.99 -13.31 -21.63
N GLN A 135 -4.17 -13.55 -20.61
CA GLN A 135 -4.40 -12.99 -19.30
C GLN A 135 -5.86 -13.17 -18.89
N CYS A 136 -6.21 -12.54 -17.78
CA CYS A 136 -7.56 -12.62 -17.27
C CYS A 136 -8.51 -11.95 -18.28
N PHE A 137 -9.79 -12.20 -18.11
CA PHE A 137 -10.79 -11.64 -18.99
C PHE A 137 -10.33 -11.69 -20.45
N HIS A 1 -26.88 -22.35 15.95
CA HIS A 1 -27.95 -22.01 15.04
C HIS A 1 -28.47 -23.28 14.36
N MET A 2 -27.57 -23.96 13.68
CA MET A 2 -27.93 -25.18 12.98
C MET A 2 -26.68 -26.03 12.70
N GLY A 3 -26.27 -26.78 13.71
CA GLY A 3 -25.10 -27.65 13.57
C GLY A 3 -23.83 -26.88 13.94
N GLN A 4 -23.93 -26.09 15.00
CA GLN A 4 -22.80 -25.32 15.47
C GLN A 4 -22.00 -24.76 14.27
N ILE A 5 -22.74 -24.33 13.26
CA ILE A 5 -22.12 -23.78 12.07
C ILE A 5 -22.91 -22.57 11.60
N HIS A 6 -22.33 -21.85 10.66
CA HIS A 6 -22.97 -20.66 10.11
C HIS A 6 -23.04 -19.58 11.19
N GLY A 7 -23.89 -19.82 12.18
CA GLY A 7 -24.05 -18.88 13.27
C GLY A 7 -22.93 -19.03 14.30
N LEU A 8 -21.72 -18.75 13.86
CA LEU A 8 -20.56 -18.85 14.73
C LEU A 8 -20.39 -17.53 15.50
N SER A 9 -21.03 -16.50 14.99
CA SER A 9 -20.97 -15.19 15.62
C SER A 9 -20.98 -15.34 17.14
N PRO A 10 -19.76 -15.26 17.74
CA PRO A 10 -19.63 -15.39 19.18
C PRO A 10 -20.09 -14.11 19.88
N THR A 11 -20.85 -14.30 20.94
CA THR A 11 -21.36 -13.18 21.72
C THR A 11 -20.20 -12.31 22.22
N PRO A 12 -19.21 -12.98 22.86
CA PRO A 12 -18.06 -12.27 23.38
C PRO A 12 -17.09 -11.87 22.26
N ILE A 13 -17.26 -10.65 21.80
CA ILE A 13 -16.40 -10.12 20.73
C ILE A 13 -16.21 -8.62 20.93
N PRO A 14 -14.94 -8.18 20.73
CA PRO A 14 -14.61 -6.78 20.88
C PRO A 14 -15.11 -5.96 19.67
N LYS A 15 -15.00 -4.65 19.80
CA LYS A 15 -15.44 -3.76 18.75
C LYS A 15 -14.70 -4.10 17.45
N ALA A 16 -13.39 -3.91 17.49
CA ALA A 16 -12.55 -4.21 16.33
C ALA A 16 -11.49 -5.23 16.72
N PRO A 17 -11.84 -6.53 16.51
CA PRO A 17 -10.92 -7.60 16.82
C PRO A 17 -9.80 -7.70 15.78
N ARG A 18 -10.17 -7.44 14.54
CA ARG A 18 -9.20 -7.49 13.45
C ARG A 18 -9.81 -6.90 12.18
N GLY A 19 -8.97 -6.21 11.42
CA GLY A 19 -9.42 -5.59 10.18
C GLY A 19 -8.25 -5.39 9.22
N LEU A 20 -7.21 -6.18 9.43
CA LEU A 20 -6.02 -6.09 8.60
C LEU A 20 -6.26 -6.86 7.30
N SER A 21 -7.02 -6.23 6.41
CA SER A 21 -7.33 -6.83 5.13
C SER A 21 -6.11 -7.58 4.59
N THR A 22 -6.29 -8.86 4.36
CA THR A 22 -5.21 -9.69 3.85
C THR A 22 -4.64 -9.10 2.55
N HIS A 23 -5.53 -8.50 1.78
CA HIS A 23 -5.14 -7.89 0.53
C HIS A 23 -4.10 -6.80 0.78
N HIS A 24 -4.42 -5.93 1.74
CA HIS A 24 -3.52 -4.85 2.11
C HIS A 24 -2.19 -5.42 2.57
N TRP A 25 -2.27 -6.47 3.38
CA TRP A 25 -1.08 -7.11 3.91
C TRP A 25 -0.35 -7.78 2.74
N LEU A 26 -1.13 -8.44 1.90
CA LEU A 26 -0.58 -9.13 0.74
C LEU A 26 0.30 -8.15 -0.05
N ASN A 27 -0.14 -6.90 -0.06
CA ASN A 27 0.59 -5.86 -0.78
C ASN A 27 1.96 -5.67 -0.12
N PHE A 28 2.05 -6.10 1.13
CA PHE A 28 3.29 -5.98 1.87
C PHE A 28 4.09 -7.28 1.82
N LEU A 29 3.36 -8.39 1.81
CA LEU A 29 3.99 -9.70 1.77
C LEU A 29 4.53 -9.95 0.35
N GLN A 30 3.90 -9.30 -0.61
CA GLN A 30 4.31 -9.45 -1.99
C GLN A 30 5.69 -8.83 -2.22
N ALA A 31 5.79 -7.56 -1.85
CA ALA A 31 7.05 -6.84 -2.01
C ALA A 31 8.16 -7.60 -1.25
N ALA A 32 7.81 -8.06 -0.07
CA ALA A 32 8.75 -8.80 0.76
C ALA A 32 9.21 -10.05 0.01
N TYR A 33 8.28 -10.64 -0.72
CA TYR A 33 8.57 -11.83 -1.49
C TYR A 33 9.36 -11.50 -2.76
N ARG A 34 9.34 -10.22 -3.11
CA ARG A 34 10.04 -9.75 -4.29
C ARG A 34 11.51 -9.49 -3.95
N LEU A 35 11.79 -9.37 -2.67
CA LEU A 35 13.14 -9.12 -2.21
C LEU A 35 13.82 -10.45 -1.90
N GLN A 36 14.86 -10.37 -1.08
CA GLN A 36 15.61 -11.55 -0.69
C GLN A 36 14.66 -12.75 -0.56
N PRO A 37 14.60 -13.56 -1.65
CA PRO A 37 13.74 -14.73 -1.66
C PRO A 37 14.35 -15.85 -0.82
N GLY A 38 13.51 -16.42 0.04
CA GLY A 38 13.95 -17.51 0.90
C GLY A 38 12.76 -18.23 1.53
N PRO A 39 13.07 -19.15 2.48
CA PRO A 39 12.04 -19.91 3.16
C PRO A 39 11.31 -19.04 4.19
N SER A 40 10.62 -19.71 5.10
CA SER A 40 9.88 -19.03 6.14
C SER A 40 10.68 -17.82 6.65
N ASP A 41 11.98 -18.03 6.79
CA ASP A 41 12.86 -16.98 7.26
C ASP A 41 12.23 -16.29 8.46
N PHE A 42 12.75 -15.11 8.77
CA PHE A 42 12.25 -14.34 9.89
C PHE A 42 12.31 -12.84 9.60
N ASP A 43 11.86 -12.49 8.42
CA ASP A 43 11.86 -11.10 8.00
C ASP A 43 10.50 -10.47 8.33
N PHE A 44 9.70 -11.23 9.07
CA PHE A 44 8.38 -10.76 9.47
C PHE A 44 8.43 -10.09 10.85
N GLN A 45 9.51 -10.38 11.57
CA GLN A 45 9.68 -9.82 12.90
C GLN A 45 9.79 -8.29 12.83
N GLN A 46 10.63 -7.84 11.91
CA GLN A 46 10.84 -6.41 11.73
C GLN A 46 9.58 -5.76 11.16
N LEU A 47 8.78 -6.58 10.49
CA LEU A 47 7.54 -6.11 9.89
C LEU A 47 6.47 -5.99 10.99
N ARG A 48 6.26 -7.09 11.69
CA ARG A 48 5.28 -7.12 12.75
C ARG A 48 5.52 -5.98 13.74
N ARG A 49 6.74 -5.47 13.71
CA ARG A 49 7.12 -4.37 14.59
C ARG A 49 6.59 -3.04 14.04
N PHE A 50 6.60 -2.95 12.72
CA PHE A 50 6.13 -1.74 12.06
C PHE A 50 4.61 -1.74 11.91
N LEU A 51 4.07 -2.94 11.72
CA LEU A 51 2.63 -3.10 11.57
C LEU A 51 1.95 -2.81 12.90
N LYS A 52 2.43 -3.48 13.94
CA LYS A 52 1.87 -3.30 15.28
C LYS A 52 1.92 -1.82 15.64
N LEU A 53 2.88 -1.12 15.05
CA LEU A 53 3.05 0.30 15.30
C LEU A 53 1.86 1.06 14.73
N ALA A 54 1.61 0.82 13.45
CA ALA A 54 0.50 1.47 12.77
C ALA A 54 -0.82 1.09 13.45
N LEU A 55 -0.84 -0.13 13.97
CA LEU A 55 -2.02 -0.63 14.65
C LEU A 55 -2.45 0.38 15.73
N LYS A 56 -1.46 1.05 16.29
CA LYS A 56 -1.72 2.04 17.32
C LYS A 56 -2.47 3.23 16.71
N THR A 57 -2.53 3.22 15.39
CA THR A 57 -3.21 4.30 14.67
C THR A 57 -4.35 3.72 13.82
N PRO A 58 -5.51 3.50 14.48
CA PRO A 58 -6.67 2.96 13.79
C PRO A 58 -7.33 4.02 12.92
N ILE A 59 -6.52 4.63 12.05
CA ILE A 59 -7.01 5.67 11.16
C ILE A 59 -6.83 5.21 9.72
N TRP A 60 -5.90 4.28 9.53
CA TRP A 60 -5.62 3.75 8.21
C TRP A 60 -6.44 2.46 8.03
N LEU A 61 -6.79 1.87 9.15
CA LEU A 61 -7.57 0.63 9.13
C LEU A 61 -8.97 0.94 8.60
N ASN A 62 -9.62 1.90 9.26
CA ASN A 62 -10.96 2.28 8.88
C ASN A 62 -11.02 2.47 7.36
N PRO A 63 -10.18 3.42 6.86
CA PRO A 63 -10.13 3.71 5.43
C PRO A 63 -9.39 2.61 4.69
N ILE A 64 -8.76 1.73 5.46
CA ILE A 64 -8.00 0.62 4.88
C ILE A 64 -7.32 1.10 3.60
N ASP A 65 -6.12 1.64 3.77
CA ASP A 65 -5.35 2.13 2.64
C ASP A 65 -3.88 2.23 3.04
N TYR A 66 -3.06 1.42 2.38
CA TYR A 66 -1.63 1.40 2.65
C TYR A 66 -1.00 2.77 2.34
N SER A 67 -1.78 3.60 1.67
CA SER A 67 -1.31 4.93 1.31
C SER A 67 -1.01 5.74 2.57
N LEU A 68 -1.65 5.35 3.65
CA LEU A 68 -1.47 6.02 4.93
C LEU A 68 -0.36 5.32 5.71
N LEU A 69 -0.08 4.10 5.30
CA LEU A 69 0.95 3.31 5.96
C LEU A 69 2.32 3.97 5.75
N ALA A 70 2.68 4.09 4.48
CA ALA A 70 3.95 4.70 4.13
C ALA A 70 4.04 6.09 4.77
N SER A 71 2.88 6.61 5.13
CA SER A 71 2.82 7.92 5.76
C SER A 71 3.30 7.84 7.21
N LEU A 72 2.85 6.78 7.89
CA LEU A 72 3.22 6.57 9.28
C LEU A 72 4.75 6.57 9.39
N ILE A 73 5.38 5.93 8.42
CA ILE A 73 6.83 5.85 8.39
C ILE A 73 7.42 7.24 8.61
N PRO A 74 7.96 7.46 9.84
CA PRO A 74 8.55 8.75 10.18
C PRO A 74 9.92 8.90 9.52
N LYS A 75 9.96 9.77 8.52
CA LYS A 75 11.20 10.02 7.80
C LYS A 75 11.97 8.71 7.63
N GLY A 76 11.34 7.78 6.92
CA GLY A 76 11.95 6.48 6.68
C GLY A 76 12.16 5.73 8.00
N TYR A 77 12.22 4.41 7.87
CA TYR A 77 12.42 3.56 9.04
C TYR A 77 13.62 2.63 8.85
N PRO A 78 13.99 1.94 9.95
CA PRO A 78 15.11 1.02 9.91
C PRO A 78 14.74 -0.27 9.18
N GLY A 79 15.62 -1.26 9.32
CA GLY A 79 15.39 -2.55 8.69
C GLY A 79 15.02 -2.38 7.22
N ARG A 80 14.60 -3.48 6.61
CA ARG A 80 14.21 -3.47 5.21
C ARG A 80 12.68 -3.42 5.08
N VAL A 81 12.04 -3.04 6.17
CA VAL A 81 10.59 -2.95 6.19
C VAL A 81 10.13 -1.93 5.16
N VAL A 82 10.77 -0.77 5.19
CA VAL A 82 10.43 0.31 4.27
C VAL A 82 10.81 -0.12 2.85
N GLU A 83 11.95 -0.80 2.75
CA GLU A 83 12.43 -1.26 1.46
C GLU A 83 11.36 -2.10 0.77
N ILE A 84 10.59 -2.82 1.58
CA ILE A 84 9.53 -3.66 1.05
C ILE A 84 8.33 -2.80 0.69
N ILE A 85 8.31 -1.59 1.25
CA ILE A 85 7.22 -0.66 0.98
C ILE A 85 7.58 0.19 -0.24
N ASN A 86 8.86 0.52 -0.34
CA ASN A 86 9.33 1.33 -1.45
C ASN A 86 8.92 0.67 -2.76
N ILE A 87 8.81 -0.65 -2.72
CA ILE A 87 8.42 -1.40 -3.90
C ILE A 87 6.95 -1.11 -4.23
N LEU A 88 6.19 -0.82 -3.19
CA LEU A 88 4.78 -0.52 -3.36
C LEU A 88 4.63 0.89 -3.92
N VAL A 89 5.40 1.81 -3.37
CA VAL A 89 5.37 3.19 -3.82
C VAL A 89 5.85 3.27 -5.28
N LYS A 90 6.99 2.65 -5.53
CA LYS A 90 7.56 2.64 -6.86
C LYS A 90 6.53 2.08 -7.85
N ASN A 91 5.62 1.27 -7.31
CA ASN A 91 4.59 0.67 -8.13
C ASN A 91 3.58 1.74 -8.55
N GLN A 92 3.42 2.74 -7.68
CA GLN A 92 2.51 3.82 -7.95
C GLN A 92 3.08 4.75 -9.03
N VAL A 93 4.24 5.30 -8.73
CA VAL A 93 4.91 6.20 -9.66
C VAL A 93 3.92 7.27 -10.12
N SER A 94 2.92 7.50 -9.28
CA SER A 94 1.91 8.50 -9.58
C SER A 94 2.57 9.84 -9.90
N PRO A 95 1.88 10.64 -10.77
CA PRO A 95 2.39 11.94 -11.15
C PRO A 95 2.21 12.96 -10.02
N SER A 96 3.23 13.78 -9.84
CA SER A 96 3.19 14.80 -8.80
C SER A 96 3.09 14.14 -7.42
N ALA A 97 3.17 14.97 -6.40
CA ALA A 97 3.09 14.48 -5.02
C ALA A 97 1.90 15.15 -4.32
N PRO A 98 0.74 14.46 -4.39
CA PRO A 98 -0.48 14.98 -3.77
C PRO A 98 -0.42 14.81 -2.25
N ALA A 99 -0.21 15.93 -1.57
CA ALA A 99 -0.14 15.90 -0.12
C ALA A 99 1.12 15.17 0.32
N ALA A 100 1.34 15.15 1.63
CA ALA A 100 2.50 14.49 2.18
C ALA A 100 3.77 15.24 1.77
N PRO A 101 4.18 16.20 2.66
CA PRO A 101 5.37 16.99 2.40
C PRO A 101 6.64 16.17 2.63
N VAL A 102 7.75 16.74 2.19
CA VAL A 102 9.04 16.08 2.34
C VAL A 102 8.84 14.56 2.27
N PRO A 103 8.86 14.03 1.01
CA PRO A 103 8.69 12.61 0.79
C PRO A 103 9.94 11.83 1.18
N THR A 104 11.03 12.14 0.49
CA THR A 104 12.30 11.47 0.75
C THR A 104 13.29 11.76 -0.38
N PRO A 105 12.85 11.47 -1.63
CA PRO A 105 13.69 11.69 -2.79
C PRO A 105 13.76 13.18 -3.13
N ILE A 106 14.96 13.60 -3.51
CA ILE A 106 15.19 14.99 -3.88
C ILE A 106 15.86 15.06 -5.25
N CYS A 107 17.07 14.51 -5.31
CA CYS A 107 17.83 14.50 -6.55
C CYS A 107 19.23 14.00 -6.24
N PRO A 108 19.90 14.71 -5.29
CA PRO A 108 21.25 14.34 -4.89
C PRO A 108 21.25 13.09 -4.01
N THR A 109 21.96 12.07 -4.49
CA THR A 109 22.05 10.82 -3.76
C THR A 109 23.40 10.14 -4.03
N THR A 110 23.87 9.42 -3.02
CA THR A 110 25.14 8.72 -3.13
C THR A 110 25.24 7.63 -2.06
N THR A 111 25.85 6.52 -2.45
CA THR A 111 26.03 5.41 -1.54
C THR A 111 27.13 4.47 -2.04
N PRO A 112 28.39 4.89 -1.76
CA PRO A 112 29.55 4.10 -2.16
C PRO A 112 29.72 2.87 -1.28
N PRO A 113 30.43 1.85 -1.83
CA PRO A 113 30.68 0.62 -1.11
C PRO A 113 31.74 0.82 -0.03
N PRO A 114 31.75 -0.12 0.95
CA PRO A 114 32.70 -0.06 2.04
C PRO A 114 34.10 -0.49 1.57
N PRO A 115 35.12 -0.07 2.37
CA PRO A 115 36.50 -0.40 2.05
C PRO A 115 36.80 -1.87 2.37
N PRO A 116 37.07 -2.64 1.26
CA PRO A 116 37.37 -4.06 1.41
C PRO A 116 38.79 -4.26 1.94
N PRO A 117 38.86 -4.80 3.19
CA PRO A 117 40.14 -5.05 3.83
C PRO A 117 40.83 -6.27 3.22
N PRO A 118 41.97 -6.01 2.52
CA PRO A 118 42.73 -7.08 1.89
C PRO A 118 43.50 -7.90 2.93
N SER A 119 44.19 -8.92 2.44
CA SER A 119 44.97 -9.78 3.31
C SER A 119 45.69 -8.94 4.37
N PRO A 120 46.05 -9.61 5.49
CA PRO A 120 46.74 -8.95 6.58
C PRO A 120 48.21 -8.69 6.22
N GLU A 121 48.40 -7.91 5.17
CA GLU A 121 49.74 -7.60 4.72
C GLU A 121 50.07 -6.13 5.02
N ALA A 122 51.34 -5.79 4.87
CA ALA A 122 51.79 -4.43 5.13
C ALA A 122 51.72 -4.15 6.63
N HIS A 123 50.51 -4.15 7.14
CA HIS A 123 50.29 -3.91 8.56
C HIS A 123 50.62 -2.44 8.88
N VAL A 124 51.89 -2.10 8.72
CA VAL A 124 52.33 -0.75 8.97
C VAL A 124 53.51 -0.41 8.06
N PRO A 125 53.16 0.05 6.82
CA PRO A 125 54.16 0.41 5.83
C PRO A 125 54.82 1.74 6.18
N PRO A 126 56.07 1.91 5.68
CA PRO A 126 56.82 3.13 5.93
C PRO A 126 56.28 4.29 5.08
N PRO A 127 55.69 5.29 5.77
CA PRO A 127 55.14 6.45 5.10
C PRO A 127 56.26 7.39 4.62
N TYR A 128 56.64 7.20 3.37
CA TYR A 128 57.69 8.02 2.77
C TYR A 128 57.09 9.07 1.84
N VAL A 129 55.80 9.32 2.01
CA VAL A 129 55.11 10.29 1.19
C VAL A 129 54.27 11.20 2.09
N GLU A 130 54.43 12.50 1.88
CA GLU A 130 53.69 13.48 2.67
C GLU A 130 53.45 14.74 1.84
N PRO A 131 52.19 15.25 1.93
CA PRO A 131 51.82 16.45 1.20
C PRO A 131 52.40 17.70 1.86
N THR A 132 53.39 18.27 1.18
CA THR A 132 54.03 19.47 1.69
C THR A 132 54.21 19.38 3.21
N THR A 133 55.30 18.76 3.62
CA THR A 133 55.60 18.60 5.03
C THR A 133 57.10 18.56 5.26
N THR A 134 57.74 17.58 4.64
CA THR A 134 59.19 17.43 4.77
C THR A 134 59.72 16.48 3.71
N GLN A 135 60.70 16.96 2.96
CA GLN A 135 61.29 16.16 1.90
C GLN A 135 62.67 16.72 1.53
N CYS A 136 63.61 16.54 2.45
CA CYS A 136 64.97 17.02 2.24
C CYS A 136 65.77 15.90 1.58
N PHE A 137 65.44 15.65 0.32
CA PHE A 137 66.12 14.61 -0.43
C PHE A 137 66.38 13.37 0.44
N HIS A 1 -18.45 2.25 -18.55
CA HIS A 1 -18.01 3.02 -17.40
C HIS A 1 -18.67 2.49 -16.14
N MET A 2 -17.84 1.96 -15.25
CA MET A 2 -18.34 1.40 -14.00
C MET A 2 -17.21 1.28 -12.97
N GLY A 3 -17.57 1.49 -11.71
CA GLY A 3 -16.61 1.40 -10.63
C GLY A 3 -17.02 2.27 -9.44
N GLN A 4 -18.20 1.97 -8.92
CA GLN A 4 -18.73 2.71 -7.79
C GLN A 4 -19.40 1.76 -6.79
N ILE A 5 -18.68 1.50 -5.70
CA ILE A 5 -19.20 0.61 -4.67
C ILE A 5 -18.96 1.25 -3.31
N HIS A 6 -19.48 2.46 -3.15
CA HIS A 6 -19.34 3.17 -1.89
C HIS A 6 -20.59 4.01 -1.63
N GLY A 7 -20.92 4.14 -0.35
CA GLY A 7 -22.08 4.91 0.04
C GLY A 7 -23.05 4.06 0.88
N LEU A 8 -23.70 3.13 0.20
CA LEU A 8 -24.64 2.24 0.85
C LEU A 8 -25.07 1.14 -0.13
N SER A 9 -24.09 0.62 -0.85
CA SER A 9 -24.36 -0.43 -1.80
C SER A 9 -24.81 -1.70 -1.10
N PRO A 10 -23.98 -2.13 -0.11
CA PRO A 10 -24.29 -3.33 0.66
C PRO A 10 -25.41 -3.06 1.67
N THR A 11 -26.07 -4.13 2.08
CA THR A 11 -27.16 -4.02 3.04
C THR A 11 -26.60 -3.85 4.46
N PRO A 12 -25.61 -4.71 4.79
CA PRO A 12 -24.99 -4.65 6.11
C PRO A 12 -24.04 -3.45 6.22
N ILE A 13 -22.81 -3.68 5.78
CA ILE A 13 -21.81 -2.63 5.81
C ILE A 13 -20.60 -3.05 4.96
N PRO A 14 -19.94 -2.03 4.35
CA PRO A 14 -18.78 -2.29 3.51
C PRO A 14 -17.56 -2.61 4.37
N LYS A 15 -16.45 -2.89 3.68
CA LYS A 15 -15.21 -3.21 4.35
C LYS A 15 -15.51 -4.10 5.56
N ALA A 16 -15.98 -5.31 5.26
CA ALA A 16 -16.30 -6.27 6.30
C ALA A 16 -15.07 -6.49 7.19
N PRO A 17 -15.35 -6.87 8.46
CA PRO A 17 -14.28 -7.12 9.41
C PRO A 17 -13.59 -8.45 9.12
N ARG A 18 -12.85 -8.93 10.12
CA ARG A 18 -12.13 -10.19 9.98
C ARG A 18 -10.78 -9.95 9.29
N GLY A 19 -9.72 -10.16 10.05
CA GLY A 19 -8.38 -9.98 9.53
C GLY A 19 -8.02 -8.49 9.46
N LEU A 20 -7.11 -8.19 8.55
CA LEU A 20 -6.67 -6.81 8.37
C LEU A 20 -6.31 -6.58 6.90
N SER A 21 -7.31 -6.79 6.05
CA SER A 21 -7.12 -6.61 4.62
C SER A 21 -5.92 -7.42 4.14
N THR A 22 -6.19 -8.69 3.84
CA THR A 22 -5.13 -9.57 3.37
C THR A 22 -4.51 -9.03 2.08
N HIS A 23 -5.36 -8.49 1.24
CA HIS A 23 -4.92 -7.93 -0.03
C HIS A 23 -3.92 -6.81 0.23
N HIS A 24 -4.31 -5.89 1.12
CA HIS A 24 -3.46 -4.76 1.46
C HIS A 24 -2.13 -5.28 2.00
N TRP A 25 -2.22 -6.32 2.82
CA TRP A 25 -1.03 -6.90 3.42
C TRP A 25 -0.25 -7.62 2.31
N LEU A 26 -1.00 -8.36 1.49
CA LEU A 26 -0.40 -9.10 0.39
C LEU A 26 0.46 -8.15 -0.45
N ASN A 27 0.06 -6.89 -0.46
CA ASN A 27 0.79 -5.88 -1.21
C ASN A 27 2.16 -5.66 -0.57
N PHE A 28 2.23 -5.97 0.72
CA PHE A 28 3.47 -5.81 1.46
C PHE A 28 4.26 -7.12 1.50
N LEU A 29 3.52 -8.22 1.61
CA LEU A 29 4.12 -9.53 1.67
C LEU A 29 4.72 -9.87 0.31
N GLN A 30 4.17 -9.25 -0.72
CA GLN A 30 4.64 -9.47 -2.08
C GLN A 30 6.03 -8.86 -2.26
N ALA A 31 6.10 -7.56 -2.02
CA ALA A 31 7.37 -6.85 -2.15
C ALA A 31 8.42 -7.51 -1.26
N ALA A 32 7.97 -7.96 -0.10
CA ALA A 32 8.86 -8.61 0.84
C ALA A 32 9.39 -9.90 0.24
N TYR A 33 8.52 -10.57 -0.52
CA TYR A 33 8.88 -11.82 -1.16
C TYR A 33 9.81 -11.57 -2.36
N ARG A 34 9.82 -10.32 -2.79
CA ARG A 34 10.66 -9.93 -3.93
C ARG A 34 12.06 -9.58 -3.46
N LEU A 35 12.20 -9.45 -2.14
CA LEU A 35 13.48 -9.12 -1.55
C LEU A 35 14.16 -10.39 -1.05
N GLN A 36 13.71 -10.84 0.11
CA GLN A 36 14.26 -12.04 0.71
C GLN A 36 13.93 -12.10 2.20
N PRO A 37 14.19 -13.28 2.81
CA PRO A 37 13.91 -13.47 4.23
C PRO A 37 14.96 -12.76 5.08
N GLY A 38 15.10 -11.47 4.85
CA GLY A 38 16.05 -10.67 5.59
C GLY A 38 17.32 -11.46 5.87
N PRO A 39 18.06 -11.02 6.93
CA PRO A 39 19.29 -11.68 7.32
C PRO A 39 19.01 -13.00 8.02
N SER A 40 18.28 -12.92 9.11
CA SER A 40 17.94 -14.11 9.88
C SER A 40 16.44 -14.39 9.78
N ASP A 41 16.08 -15.65 9.96
CA ASP A 41 14.69 -16.05 9.89
C ASP A 41 13.84 -15.09 10.74
N PHE A 42 12.54 -15.16 10.52
CA PHE A 42 11.61 -14.31 11.25
C PHE A 42 11.79 -12.84 10.86
N ASP A 43 12.04 -12.63 9.58
CA ASP A 43 12.24 -11.29 9.06
C ASP A 43 10.94 -10.49 9.22
N PHE A 44 9.86 -11.21 9.50
CA PHE A 44 8.56 -10.59 9.69
C PHE A 44 8.50 -9.86 11.03
N GLN A 45 9.58 -9.96 11.78
CA GLN A 45 9.67 -9.31 13.08
C GLN A 45 9.71 -7.79 12.91
N GLN A 46 10.70 -7.35 12.15
CA GLN A 46 10.87 -5.92 11.91
C GLN A 46 9.63 -5.34 11.23
N LEU A 47 8.84 -6.24 10.67
CA LEU A 47 7.61 -5.85 9.99
C LEU A 47 6.49 -5.71 11.01
N ARG A 48 6.25 -6.79 11.73
CA ARG A 48 5.21 -6.81 12.74
C ARG A 48 5.39 -5.64 13.72
N ARG A 49 6.62 -5.15 13.77
CA ARG A 49 6.95 -4.04 14.65
C ARG A 49 6.34 -2.74 14.12
N PHE A 50 6.34 -2.62 12.80
CA PHE A 50 5.80 -1.44 12.15
C PHE A 50 4.28 -1.55 11.99
N LEU A 51 3.83 -2.78 11.74
CA LEU A 51 2.42 -3.03 11.57
C LEU A 51 1.70 -2.86 12.90
N LYS A 52 2.16 -3.61 13.89
CA LYS A 52 1.57 -3.54 15.22
C LYS A 52 1.59 -2.08 15.70
N LEU A 53 2.57 -1.34 15.22
CA LEU A 53 2.70 0.06 15.60
C LEU A 53 1.50 0.84 15.07
N ALA A 54 1.24 0.68 13.78
CA ALA A 54 0.14 1.36 13.14
C ALA A 54 -1.16 1.00 13.86
N LEU A 55 -1.19 -0.23 14.36
CA LEU A 55 -2.37 -0.71 15.07
C LEU A 55 -2.59 0.15 16.32
N LYS A 56 -1.57 0.93 16.66
CA LYS A 56 -1.64 1.81 17.82
C LYS A 56 -2.54 3.01 17.49
N THR A 57 -2.98 3.05 16.25
CA THR A 57 -3.85 4.13 15.80
C THR A 57 -4.77 3.65 14.68
N PRO A 58 -6.02 3.27 15.09
CA PRO A 58 -7.00 2.79 14.13
C PRO A 58 -7.58 3.95 13.31
N ILE A 59 -6.72 4.53 12.48
CA ILE A 59 -7.14 5.64 11.64
C ILE A 59 -6.98 5.25 10.17
N TRP A 60 -6.14 4.25 9.95
CA TRP A 60 -5.89 3.76 8.60
C TRP A 60 -6.80 2.56 8.36
N LEU A 61 -7.25 1.96 9.44
CA LEU A 61 -8.11 0.80 9.36
C LEU A 61 -9.49 1.24 8.85
N ASN A 62 -10.09 2.18 9.57
CA ASN A 62 -11.39 2.69 9.20
C ASN A 62 -11.43 2.94 7.69
N PRO A 63 -10.51 3.84 7.24
CA PRO A 63 -10.43 4.18 5.82
C PRO A 63 -9.77 3.04 5.02
N ILE A 64 -9.15 2.13 5.75
CA ILE A 64 -8.50 0.99 5.13
C ILE A 64 -7.80 1.45 3.85
N ASP A 65 -6.54 1.82 4.00
CA ASP A 65 -5.76 2.28 2.86
C ASP A 65 -4.27 2.32 3.25
N TYR A 66 -3.51 1.45 2.61
CA TYR A 66 -2.09 1.35 2.88
C TYR A 66 -1.40 2.69 2.61
N SER A 67 -2.12 3.57 1.92
CA SER A 67 -1.59 4.88 1.59
C SER A 67 -1.24 5.64 2.87
N LEU A 68 -1.88 5.24 3.96
CA LEU A 68 -1.65 5.87 5.24
C LEU A 68 -0.55 5.12 5.98
N LEU A 69 -0.31 3.90 5.52
CA LEU A 69 0.72 3.06 6.13
C LEU A 69 2.09 3.66 5.85
N ALA A 70 2.42 3.74 4.56
CA ALA A 70 3.70 4.28 4.14
C ALA A 70 3.89 5.66 4.77
N SER A 71 2.78 6.25 5.16
CA SER A 71 2.80 7.57 5.78
C SER A 71 3.29 7.47 7.22
N LEU A 72 2.86 6.40 7.88
CA LEU A 72 3.24 6.16 9.26
C LEU A 72 4.77 6.13 9.37
N ILE A 73 5.39 5.48 8.40
CA ILE A 73 6.83 5.37 8.37
C ILE A 73 7.45 6.77 8.52
N PRO A 74 8.32 6.91 9.55
CA PRO A 74 8.97 8.18 9.81
C PRO A 74 10.09 8.43 8.80
N LYS A 75 9.74 8.26 7.53
CA LYS A 75 10.70 8.48 6.46
C LYS A 75 12.12 8.39 7.02
N GLY A 76 12.67 7.18 6.97
CA GLY A 76 14.01 6.95 7.48
C GLY A 76 14.11 5.60 8.17
N TYR A 77 12.96 4.99 8.40
CA TYR A 77 12.90 3.70 9.05
C TYR A 77 13.95 2.74 8.47
N PRO A 78 14.27 1.69 9.26
CA PRO A 78 15.24 0.70 8.84
C PRO A 78 14.65 -0.24 7.78
N GLY A 79 15.52 -1.03 7.19
CA GLY A 79 15.11 -1.98 6.17
C GLY A 79 14.10 -2.98 6.73
N ARG A 80 13.62 -3.85 5.84
CA ARG A 80 12.66 -4.87 6.22
C ARG A 80 11.24 -4.28 6.23
N VAL A 81 11.18 -2.98 6.01
CA VAL A 81 9.91 -2.29 5.99
C VAL A 81 9.83 -1.41 4.74
N VAL A 82 10.42 -0.23 4.85
CA VAL A 82 10.43 0.72 3.74
C VAL A 82 11.06 0.05 2.52
N GLU A 83 12.11 -0.73 2.77
CA GLU A 83 12.80 -1.43 1.70
C GLU A 83 11.82 -2.29 0.91
N ILE A 84 10.68 -2.55 1.52
CA ILE A 84 9.65 -3.36 0.89
C ILE A 84 8.56 -2.45 0.34
N ILE A 85 8.26 -1.40 1.10
CA ILE A 85 7.23 -0.45 0.69
C ILE A 85 7.75 0.36 -0.50
N ASN A 86 9.02 0.71 -0.43
CA ASN A 86 9.64 1.50 -1.49
C ASN A 86 9.40 0.80 -2.83
N ILE A 87 9.17 -0.50 -2.75
CA ILE A 87 8.93 -1.28 -3.95
C ILE A 87 7.49 -1.06 -4.42
N LEU A 88 6.60 -0.85 -3.45
CA LEU A 88 5.21 -0.62 -3.76
C LEU A 88 5.05 0.75 -4.43
N VAL A 89 5.77 1.72 -3.89
CA VAL A 89 5.71 3.08 -4.42
C VAL A 89 6.34 3.09 -5.82
N LYS A 90 7.53 2.51 -5.91
CA LYS A 90 8.24 2.45 -7.17
C LYS A 90 7.34 1.79 -8.22
N ASN A 91 6.49 0.89 -7.75
CA ASN A 91 5.58 0.18 -8.63
C ASN A 91 4.53 1.16 -9.18
N GLN A 92 4.18 2.12 -8.34
CA GLN A 92 3.21 3.12 -8.72
C GLN A 92 1.95 2.46 -9.30
N VAL A 93 1.75 1.21 -8.89
CA VAL A 93 0.60 0.45 -9.36
C VAL A 93 -0.69 1.24 -9.08
N SER A 94 -0.59 2.10 -8.08
CA SER A 94 -1.74 2.92 -7.69
C SER A 94 -2.85 2.03 -7.13
N PRO A 95 -3.73 2.67 -6.30
CA PRO A 95 -4.83 1.96 -5.68
C PRO A 95 -5.94 1.68 -6.71
N SER A 96 -6.88 0.85 -6.29
CA SER A 96 -7.99 0.50 -7.16
C SER A 96 -7.50 -0.39 -8.31
N ALA A 97 -6.59 0.16 -9.10
CA ALA A 97 -6.04 -0.57 -10.22
C ALA A 97 -7.15 -0.89 -11.22
N PRO A 98 -7.33 0.04 -12.20
CA PRO A 98 -8.35 -0.13 -13.21
C PRO A 98 -7.94 -1.19 -14.24
N ALA A 99 -7.65 -2.37 -13.72
CA ALA A 99 -7.23 -3.47 -14.59
C ALA A 99 -5.98 -3.08 -15.36
N ALA A 100 -4.86 -3.66 -14.95
CA ALA A 100 -3.59 -3.38 -15.59
C ALA A 100 -3.77 -3.40 -17.11
N PRO A 101 -2.85 -2.69 -17.82
CA PRO A 101 -2.91 -2.62 -19.27
C PRO A 101 -2.42 -3.94 -19.88
N VAL A 102 -3.10 -5.02 -19.52
CA VAL A 102 -2.75 -6.33 -20.03
C VAL A 102 -2.90 -6.33 -21.55
N PRO A 103 -4.10 -5.88 -22.01
CA PRO A 103 -4.39 -5.83 -23.43
C PRO A 103 -3.66 -4.66 -24.09
N THR A 104 -3.19 -4.91 -25.32
CA THR A 104 -2.47 -3.89 -26.06
C THR A 104 -3.45 -2.87 -26.64
N PRO A 105 -4.49 -3.39 -27.33
CA PRO A 105 -5.50 -2.53 -27.93
C PRO A 105 -6.44 -1.97 -26.88
N ILE A 106 -7.58 -1.48 -27.34
CA ILE A 106 -8.58 -0.91 -26.44
C ILE A 106 -8.06 0.41 -25.89
N CYS A 107 -7.03 0.31 -25.06
CA CYS A 107 -6.44 1.50 -24.46
C CYS A 107 -5.79 2.32 -25.56
N PRO A 108 -5.74 3.66 -25.33
CA PRO A 108 -5.15 4.57 -26.30
C PRO A 108 -3.63 4.49 -26.27
N THR A 109 -3.05 5.22 -25.33
CA THR A 109 -1.60 5.24 -25.19
C THR A 109 -1.22 5.08 -23.71
N THR A 110 -1.77 4.04 -23.09
CA THR A 110 -1.49 3.76 -21.69
C THR A 110 -1.94 4.94 -20.82
N THR A 111 -2.43 4.59 -19.64
CA THR A 111 -2.89 5.60 -18.70
C THR A 111 -3.49 6.79 -19.46
N PRO A 112 -4.82 6.69 -19.72
CA PRO A 112 -5.54 7.74 -20.43
C PRO A 112 -5.78 8.95 -19.52
N PRO A 113 -5.94 10.13 -20.17
CA PRO A 113 -6.18 11.36 -19.43
C PRO A 113 -7.61 11.40 -18.88
N PRO A 114 -7.82 12.31 -17.89
CA PRO A 114 -9.13 12.46 -17.28
C PRO A 114 -10.08 13.21 -18.21
N PRO A 115 -11.41 12.97 -18.01
CA PRO A 115 -12.42 13.62 -18.81
C PRO A 115 -12.60 15.08 -18.41
N PRO A 116 -13.12 15.88 -19.39
CA PRO A 116 -13.34 17.30 -19.14
C PRO A 116 -14.56 17.52 -18.25
N PRO A 117 -14.55 18.69 -17.55
CA PRO A 117 -15.65 19.03 -16.66
C PRO A 117 -16.88 19.47 -17.46
N PRO A 118 -18.06 19.39 -16.78
CA PRO A 118 -19.32 19.77 -17.41
C PRO A 118 -19.44 21.29 -17.51
N SER A 119 -19.56 21.77 -18.74
CA SER A 119 -19.68 23.20 -18.99
C SER A 119 -19.52 23.47 -20.48
N PRO A 120 -18.38 23.00 -21.04
CA PRO A 120 -18.10 23.20 -22.45
C PRO A 120 -18.95 22.27 -23.31
N GLU A 121 -20.26 22.38 -23.13
CA GLU A 121 -21.19 21.56 -23.89
C GLU A 121 -20.68 20.13 -24.00
N ALA A 122 -21.27 19.38 -24.91
CA ALA A 122 -20.88 18.00 -25.13
C ALA A 122 -20.04 17.90 -26.41
N HIS A 123 -20.59 18.47 -27.48
CA HIS A 123 -19.90 18.45 -28.76
C HIS A 123 -19.42 17.03 -29.07
N VAL A 124 -20.37 16.11 -29.11
CA VAL A 124 -20.05 14.73 -29.38
C VAL A 124 -20.56 14.36 -30.78
N PRO A 125 -19.76 13.51 -31.47
CA PRO A 125 -20.12 13.08 -32.81
C PRO A 125 -21.24 12.03 -32.78
N PRO A 126 -21.73 11.67 -33.98
CA PRO A 126 -22.80 10.69 -34.10
C PRO A 126 -22.27 9.27 -33.86
N PRO A 127 -23.21 8.37 -33.47
CA PRO A 127 -22.85 6.99 -33.21
C PRO A 127 -22.60 6.23 -34.51
N TYR A 128 -23.48 6.47 -35.47
CA TYR A 128 -23.37 5.83 -36.77
C TYR A 128 -23.39 6.86 -37.91
N VAL A 129 -23.93 6.43 -39.03
CA VAL A 129 -24.02 7.30 -40.19
C VAL A 129 -22.61 7.63 -40.68
N GLU A 130 -22.17 8.84 -40.34
CA GLU A 130 -20.85 9.30 -40.73
C GLU A 130 -20.31 10.31 -39.72
N PRO A 131 -19.71 9.78 -38.63
CA PRO A 131 -19.15 10.63 -37.59
C PRO A 131 -17.85 11.28 -38.05
N THR A 132 -17.26 10.69 -39.08
CA THR A 132 -16.02 11.20 -39.63
C THR A 132 -16.23 12.57 -40.27
N THR A 133 -16.52 12.54 -41.57
CA THR A 133 -16.76 13.76 -42.31
C THR A 133 -18.07 14.42 -41.86
N THR A 134 -18.32 15.60 -42.41
CA THR A 134 -19.52 16.33 -42.09
C THR A 134 -19.75 16.34 -40.57
N GLN A 135 -20.92 16.83 -40.18
CA GLN A 135 -21.26 16.90 -38.77
C GLN A 135 -20.40 17.94 -38.05
N CYS A 136 -19.10 17.70 -38.09
CA CYS A 136 -18.15 18.61 -37.46
C CYS A 136 -17.25 19.20 -38.54
N PHE A 137 -16.50 18.31 -39.18
CA PHE A 137 -15.58 18.73 -40.24
C PHE A 137 -15.78 17.88 -41.49
N HIS A 1 -17.66 -45.69 8.88
CA HIS A 1 -18.55 -45.03 7.93
C HIS A 1 -17.71 -44.32 6.86
N MET A 2 -16.93 -43.36 7.31
CA MET A 2 -16.08 -42.60 6.40
C MET A 2 -15.26 -41.55 7.15
N GLY A 3 -15.98 -40.72 7.90
CA GLY A 3 -15.32 -39.66 8.67
C GLY A 3 -16.30 -38.54 9.00
N GLN A 4 -16.39 -37.59 8.08
CA GLN A 4 -17.29 -36.45 8.26
C GLN A 4 -16.95 -35.71 9.56
N ILE A 5 -16.16 -34.66 9.41
CA ILE A 5 -15.74 -33.86 10.55
C ILE A 5 -15.81 -32.38 10.18
N HIS A 6 -16.81 -31.71 10.72
CA HIS A 6 -17.00 -30.29 10.45
C HIS A 6 -18.06 -29.72 11.39
N GLY A 7 -17.70 -29.67 12.67
CA GLY A 7 -18.61 -29.14 13.67
C GLY A 7 -17.85 -28.40 14.77
N LEU A 8 -17.07 -29.15 15.52
CA LEU A 8 -16.28 -28.57 16.60
C LEU A 8 -15.68 -27.24 16.13
N SER A 9 -15.35 -26.41 17.10
CA SER A 9 -14.77 -25.10 16.80
C SER A 9 -15.65 -24.36 15.80
N PRO A 10 -16.64 -23.60 16.35
CA PRO A 10 -17.55 -22.84 15.50
C PRO A 10 -16.86 -21.59 14.94
N THR A 11 -15.78 -21.84 14.20
CA THR A 11 -15.02 -20.75 13.60
C THR A 11 -15.96 -19.64 13.12
N PRO A 12 -16.11 -18.60 13.99
CA PRO A 12 -16.97 -17.48 13.66
C PRO A 12 -16.32 -16.58 12.62
N ILE A 13 -16.83 -15.35 12.52
CA ILE A 13 -16.32 -14.39 11.57
C ILE A 13 -14.80 -14.52 11.49
N PRO A 14 -14.15 -14.45 12.68
CA PRO A 14 -12.70 -14.56 12.76
C PRO A 14 -12.25 -16.00 12.55
N LYS A 15 -11.08 -16.15 11.93
CA LYS A 15 -10.53 -17.46 11.68
C LYS A 15 -9.02 -17.43 11.90
N ALA A 16 -8.40 -16.42 11.33
CA ALA A 16 -6.96 -16.26 11.47
C ALA A 16 -6.47 -15.21 10.46
N PRO A 17 -6.81 -15.44 9.17
CA PRO A 17 -6.41 -14.53 8.11
C PRO A 17 -7.27 -13.25 8.14
N ARG A 18 -7.22 -12.58 9.28
CA ARG A 18 -7.98 -11.35 9.45
C ARG A 18 -7.05 -10.21 9.86
N GLY A 19 -7.51 -8.99 9.59
CA GLY A 19 -6.73 -7.81 9.92
C GLY A 19 -7.13 -6.62 9.03
N LEU A 20 -6.27 -6.32 8.08
CA LEU A 20 -6.52 -5.21 7.17
C LEU A 20 -6.52 -5.74 5.73
N SER A 21 -7.43 -6.67 5.47
CA SER A 21 -7.54 -7.25 4.14
C SER A 21 -6.23 -7.92 3.76
N THR A 22 -6.31 -9.24 3.60
CA THR A 22 -5.13 -10.02 3.23
C THR A 22 -4.52 -9.48 1.93
N HIS A 23 -5.40 -8.97 1.08
CA HIS A 23 -4.95 -8.43 -0.20
C HIS A 23 -3.97 -7.28 0.05
N HIS A 24 -4.38 -6.36 0.89
CA HIS A 24 -3.55 -5.21 1.22
C HIS A 24 -2.22 -5.70 1.81
N TRP A 25 -2.32 -6.70 2.67
CA TRP A 25 -1.15 -7.26 3.32
C TRP A 25 -0.33 -7.97 2.25
N LEU A 26 -1.02 -8.71 1.40
CA LEU A 26 -0.36 -9.45 0.33
C LEU A 26 0.52 -8.49 -0.47
N ASN A 27 0.08 -7.24 -0.53
CA ASN A 27 0.82 -6.22 -1.26
C ASN A 27 2.14 -5.95 -0.54
N PHE A 28 2.19 -6.33 0.73
CA PHE A 28 3.38 -6.13 1.53
C PHE A 28 4.23 -7.40 1.58
N LEU A 29 3.54 -8.54 1.54
CA LEU A 29 4.22 -9.82 1.58
C LEU A 29 4.81 -10.13 0.20
N GLN A 30 4.17 -9.56 -0.81
CA GLN A 30 4.61 -9.76 -2.18
C GLN A 30 5.96 -9.05 -2.41
N ALA A 31 5.95 -7.74 -2.14
CA ALA A 31 7.15 -6.94 -2.32
C ALA A 31 8.30 -7.58 -1.53
N ALA A 32 7.95 -8.11 -0.37
CA ALA A 32 8.94 -8.75 0.48
C ALA A 32 9.40 -10.06 -0.16
N TYR A 33 8.52 -10.63 -0.96
CA TYR A 33 8.83 -11.88 -1.64
C TYR A 33 9.51 -11.62 -2.98
N ARG A 34 9.38 -10.38 -3.45
CA ARG A 34 9.99 -9.99 -4.71
C ARG A 34 11.44 -9.55 -4.49
N LEU A 35 11.71 -9.10 -3.28
CA LEU A 35 13.04 -8.65 -2.92
C LEU A 35 14.04 -9.78 -3.14
N GLN A 36 13.68 -10.95 -2.61
CA GLN A 36 14.53 -12.12 -2.73
C GLN A 36 15.66 -12.07 -1.71
N PRO A 37 15.45 -12.83 -0.59
CA PRO A 37 16.44 -12.88 0.47
C PRO A 37 17.62 -13.74 0.08
N GLY A 38 18.74 -13.07 -0.21
CA GLY A 38 19.96 -13.77 -0.60
C GLY A 38 21.13 -13.39 0.31
N PRO A 39 21.80 -12.27 -0.07
CA PRO A 39 22.94 -11.78 0.69
C PRO A 39 22.48 -11.11 1.99
N SER A 40 21.16 -10.98 2.12
CA SER A 40 20.59 -10.36 3.30
C SER A 40 19.21 -10.96 3.59
N ASP A 41 18.60 -10.47 4.65
CA ASP A 41 17.29 -10.95 5.05
C ASP A 41 16.27 -9.82 4.93
N PHE A 42 15.16 -9.98 5.63
CA PHE A 42 14.11 -8.97 5.63
C PHE A 42 13.84 -8.46 7.04
N ASP A 43 13.74 -9.39 7.96
CA ASP A 43 13.48 -9.04 9.36
C ASP A 43 11.97 -8.87 9.56
N PHE A 44 11.27 -10.01 9.53
CA PHE A 44 9.83 -10.00 9.70
C PHE A 44 9.45 -9.34 11.03
N GLN A 45 10.42 -9.25 11.92
CA GLN A 45 10.20 -8.64 13.21
C GLN A 45 9.85 -7.17 13.06
N GLN A 46 10.71 -6.46 12.34
CA GLN A 46 10.50 -5.04 12.11
C GLN A 46 9.19 -4.81 11.35
N LEU A 47 8.65 -5.90 10.84
CA LEU A 47 7.39 -5.83 10.10
C LEU A 47 6.23 -6.04 11.05
N ARG A 48 6.28 -7.15 11.77
CA ARG A 48 5.23 -7.48 12.72
C ARG A 48 5.07 -6.35 13.74
N ARG A 49 6.16 -5.60 13.93
CA ARG A 49 6.14 -4.50 14.87
C ARG A 49 5.57 -3.24 14.21
N PHE A 50 5.99 -3.02 12.97
CA PHE A 50 5.53 -1.86 12.23
C PHE A 50 4.01 -1.89 12.06
N LEU A 51 3.49 -3.09 11.82
CA LEU A 51 2.06 -3.26 11.63
C LEU A 51 1.36 -3.04 12.98
N LYS A 52 1.80 -3.78 13.97
CA LYS A 52 1.21 -3.67 15.30
C LYS A 52 1.31 -2.22 15.78
N LEU A 53 2.32 -1.53 15.27
CA LEU A 53 2.54 -0.14 15.63
C LEU A 53 1.38 0.71 15.10
N ALA A 54 1.15 0.58 13.80
CA ALA A 54 0.08 1.33 13.16
C ALA A 54 -1.24 1.04 13.86
N LEU A 55 -1.34 -0.18 14.37
CA LEU A 55 -2.55 -0.59 15.08
C LEU A 55 -2.73 0.28 16.31
N LYS A 56 -1.68 1.00 16.66
CA LYS A 56 -1.72 1.88 17.82
C LYS A 56 -2.58 3.11 17.50
N THR A 57 -3.02 3.17 16.25
CA THR A 57 -3.85 4.27 15.80
C THR A 57 -4.80 3.81 14.69
N PRO A 58 -6.05 3.48 15.10
CA PRO A 58 -7.06 3.02 14.15
C PRO A 58 -7.60 4.19 13.34
N ILE A 59 -6.74 4.74 12.50
CA ILE A 59 -7.12 5.86 11.66
C ILE A 59 -6.98 5.47 10.19
N TRP A 60 -6.14 4.47 9.96
CA TRP A 60 -5.88 3.99 8.61
C TRP A 60 -6.82 2.80 8.35
N LEU A 61 -7.24 2.18 9.45
CA LEU A 61 -8.13 1.03 9.35
C LEU A 61 -9.51 1.50 8.87
N ASN A 62 -10.06 2.46 9.59
CA ASN A 62 -11.37 2.99 9.24
C ASN A 62 -11.42 3.25 7.73
N PRO A 63 -10.49 4.13 7.26
CA PRO A 63 -10.43 4.46 5.85
C PRO A 63 -9.81 3.32 5.03
N ILE A 64 -9.24 2.37 5.77
CA ILE A 64 -8.62 1.22 5.13
C ILE A 64 -7.89 1.68 3.86
N ASP A 65 -6.64 2.05 4.03
CA ASP A 65 -5.83 2.52 2.91
C ASP A 65 -4.35 2.52 3.31
N TYR A 66 -3.59 1.68 2.65
CA TYR A 66 -2.17 1.57 2.93
C TYR A 66 -1.45 2.90 2.65
N SER A 67 -2.17 3.80 1.99
CA SER A 67 -1.63 5.10 1.67
C SER A 67 -1.26 5.85 2.95
N LEU A 68 -1.88 5.44 4.05
CA LEU A 68 -1.62 6.06 5.33
C LEU A 68 -0.52 5.28 6.05
N LEU A 69 -0.28 4.07 5.57
CA LEU A 69 0.75 3.22 6.16
C LEU A 69 2.13 3.80 5.83
N ALA A 70 2.42 3.85 4.54
CA ALA A 70 3.69 4.37 4.08
C ALA A 70 3.93 5.75 4.70
N SER A 71 2.84 6.37 5.12
CA SER A 71 2.91 7.69 5.72
C SER A 71 3.54 7.59 7.12
N LEU A 72 3.18 6.52 7.82
CA LEU A 72 3.70 6.30 9.15
C LEU A 72 5.22 6.24 9.09
N ILE A 73 5.72 5.55 8.07
CA ILE A 73 7.15 5.41 7.90
C ILE A 73 7.81 6.80 7.87
N PRO A 74 8.61 7.07 8.93
CA PRO A 74 9.28 8.35 9.05
C PRO A 74 10.47 8.43 8.09
N LYS A 75 10.22 8.05 6.85
CA LYS A 75 11.26 8.07 5.83
C LYS A 75 12.62 7.83 6.49
N GLY A 76 12.98 6.57 6.58
CA GLY A 76 14.25 6.18 7.19
C GLY A 76 14.07 5.05 8.19
N TYR A 77 12.81 4.66 8.37
CA TYR A 77 12.49 3.58 9.29
C TYR A 77 13.54 2.49 9.24
N PRO A 78 13.65 1.74 10.37
CA PRO A 78 14.61 0.66 10.48
C PRO A 78 14.15 -0.56 9.67
N GLY A 79 14.85 -1.67 9.89
CA GLY A 79 14.52 -2.91 9.20
C GLY A 79 14.36 -2.67 7.69
N ARG A 80 13.92 -3.71 7.01
CA ARG A 80 13.73 -3.63 5.57
C ARG A 80 12.25 -3.42 5.25
N VAL A 81 11.52 -2.94 6.24
CA VAL A 81 10.10 -2.67 6.08
C VAL A 81 9.89 -1.71 4.91
N VAL A 82 10.74 -0.69 4.87
CA VAL A 82 10.67 0.31 3.82
C VAL A 82 11.21 -0.28 2.52
N GLU A 83 12.27 -1.06 2.66
CA GLU A 83 12.90 -1.69 1.52
C GLU A 83 11.90 -2.58 0.77
N ILE A 84 10.80 -2.85 1.46
CA ILE A 84 9.76 -3.69 0.88
C ILE A 84 8.61 -2.80 0.40
N ILE A 85 8.23 -1.86 1.25
CA ILE A 85 7.15 -0.94 0.93
C ILE A 85 7.59 -0.02 -0.22
N ASN A 86 8.88 0.29 -0.22
CA ASN A 86 9.44 1.15 -1.24
C ASN A 86 9.14 0.55 -2.62
N ILE A 87 8.96 -0.76 -2.63
CA ILE A 87 8.68 -1.47 -3.87
C ILE A 87 7.24 -1.18 -4.29
N LEU A 88 6.39 -0.95 -3.30
CA LEU A 88 5.00 -0.66 -3.55
C LEU A 88 4.86 0.76 -4.09
N VAL A 89 5.58 1.67 -3.45
CA VAL A 89 5.55 3.07 -3.84
C VAL A 89 6.12 3.20 -5.26
N LYS A 90 7.28 2.60 -5.46
CA LYS A 90 7.94 2.64 -6.75
C LYS A 90 7.10 1.87 -7.77
N ASN A 91 6.16 1.09 -7.25
CA ASN A 91 5.29 0.31 -8.10
C ASN A 91 4.22 1.22 -8.71
N GLN A 92 3.41 1.79 -7.84
CA GLN A 92 2.34 2.68 -8.28
C GLN A 92 1.52 3.15 -7.09
N VAL A 93 2.21 3.76 -6.14
CA VAL A 93 1.55 4.27 -4.94
C VAL A 93 2.23 5.56 -4.50
N SER A 94 2.38 6.47 -5.46
CA SER A 94 3.01 7.75 -5.17
C SER A 94 2.05 8.89 -5.49
N PRO A 95 1.09 9.11 -4.55
CA PRO A 95 0.10 10.17 -4.71
C PRO A 95 0.72 11.54 -4.45
N SER A 96 1.75 11.84 -5.22
CA SER A 96 2.44 13.12 -5.09
C SER A 96 3.33 13.36 -6.30
N ALA A 97 3.36 14.62 -6.74
CA ALA A 97 4.16 14.99 -7.89
C ALA A 97 3.63 14.29 -9.13
N PRO A 98 3.93 14.90 -10.31
CA PRO A 98 3.48 14.34 -11.58
C PRO A 98 4.32 13.12 -11.96
N ALA A 99 4.20 12.74 -13.22
CA ALA A 99 4.94 11.59 -13.73
C ALA A 99 4.52 10.34 -12.96
N ALA A 100 5.23 9.25 -13.23
CA ALA A 100 4.94 7.99 -12.57
C ALA A 100 3.52 7.54 -12.92
N PRO A 101 3.26 6.23 -12.70
CA PRO A 101 1.95 5.67 -13.00
C PRO A 101 0.93 6.08 -11.92
N VAL A 102 -0.33 5.73 -12.18
CA VAL A 102 -1.40 6.05 -11.26
C VAL A 102 -2.66 5.26 -11.64
N PRO A 103 -2.56 3.91 -11.47
CA PRO A 103 -3.67 3.04 -11.79
C PRO A 103 -4.77 3.14 -10.73
N THR A 104 -6.00 3.22 -11.20
CA THR A 104 -7.14 3.32 -10.31
C THR A 104 -7.52 1.93 -9.78
N PRO A 105 -8.02 1.91 -8.51
CA PRO A 105 -8.42 0.66 -7.89
C PRO A 105 -9.75 0.17 -8.46
N ILE A 106 -10.63 1.12 -8.72
CA ILE A 106 -11.94 0.80 -9.26
C ILE A 106 -11.80 0.40 -10.73
N CYS A 107 -11.33 1.36 -11.52
CA CYS A 107 -11.14 1.12 -12.95
C CYS A 107 -9.95 0.19 -13.12
N PRO A 108 -10.24 -1.00 -13.72
CA PRO A 108 -9.20 -2.00 -13.95
C PRO A 108 -8.29 -1.59 -15.12
N THR A 109 -8.93 -1.42 -16.28
CA THR A 109 -8.20 -1.03 -17.47
C THR A 109 -9.10 -0.22 -18.41
N THR A 110 -9.99 -0.93 -19.08
CA THR A 110 -10.91 -0.29 -20.00
C THR A 110 -10.21 0.82 -20.77
N THR A 111 -9.17 0.44 -21.49
CA THR A 111 -8.40 1.39 -22.28
C THR A 111 -9.27 1.98 -23.40
N PRO A 112 -9.97 1.06 -24.12
CA PRO A 112 -10.84 1.48 -25.21
C PRO A 112 -12.12 2.10 -24.69
N PRO A 113 -12.74 2.95 -25.55
CA PRO A 113 -13.98 3.62 -25.18
C PRO A 113 -15.16 2.65 -25.22
N PRO A 114 -15.73 2.38 -24.02
CA PRO A 114 -16.86 1.47 -23.91
C PRO A 114 -18.15 2.14 -24.41
N PRO A 115 -18.67 1.61 -25.54
CA PRO A 115 -19.89 2.13 -26.12
C PRO A 115 -21.12 1.73 -25.31
N PRO A 116 -22.21 2.52 -25.45
CA PRO A 116 -23.44 2.25 -24.74
C PRO A 116 -24.19 1.07 -25.37
N PRO A 117 -25.06 0.43 -24.54
CA PRO A 117 -25.84 -0.70 -25.00
C PRO A 117 -26.98 -0.26 -25.91
N PRO A 118 -27.42 -1.20 -26.78
CA PRO A 118 -28.51 -0.92 -27.71
C PRO A 118 -29.86 -0.90 -27.00
N SER A 119 -30.13 -1.99 -26.30
CA SER A 119 -31.38 -2.13 -25.57
C SER A 119 -32.56 -2.10 -26.54
N PRO A 120 -33.66 -2.79 -26.13
CA PRO A 120 -34.86 -2.86 -26.94
C PRO A 120 -35.62 -1.54 -26.90
N GLU A 121 -36.01 -1.16 -25.69
CA GLU A 121 -36.76 0.08 -25.50
C GLU A 121 -37.77 0.27 -26.63
N ALA A 122 -38.70 -0.67 -26.71
CA ALA A 122 -39.72 -0.61 -27.73
C ALA A 122 -40.87 0.29 -27.25
N HIS A 123 -41.85 0.44 -28.12
CA HIS A 123 -43.00 1.27 -27.80
C HIS A 123 -42.58 2.75 -27.70
N VAL A 124 -43.57 3.60 -27.52
CA VAL A 124 -43.30 5.03 -27.41
C VAL A 124 -42.23 5.43 -28.42
N PRO A 125 -42.59 5.28 -29.73
CA PRO A 125 -41.68 5.61 -30.80
C PRO A 125 -41.56 7.13 -30.97
N PRO A 126 -40.44 7.56 -31.61
CA PRO A 126 -40.21 8.98 -31.84
C PRO A 126 -41.10 9.51 -32.97
N PRO A 127 -42.04 10.41 -32.58
CA PRO A 127 -42.96 11.00 -33.54
C PRO A 127 -42.25 12.05 -34.40
N TYR A 128 -41.02 12.35 -34.02
CA TYR A 128 -40.23 13.33 -34.75
C TYR A 128 -38.76 13.27 -34.33
N VAL A 129 -37.92 13.93 -35.10
CA VAL A 129 -36.50 13.97 -34.82
C VAL A 129 -36.01 15.41 -34.83
N GLU A 130 -36.25 16.10 -33.72
CA GLU A 130 -35.85 17.48 -33.58
C GLU A 130 -36.41 18.32 -34.74
N PRO A 131 -36.49 19.65 -34.51
CA PRO A 131 -36.99 20.57 -35.52
C PRO A 131 -35.97 20.78 -36.62
N THR A 132 -35.58 19.69 -37.26
CA THR A 132 -34.61 19.74 -38.34
C THR A 132 -33.49 20.73 -37.98
N THR A 133 -32.77 21.13 -39.02
CA THR A 133 -31.67 22.07 -38.84
C THR A 133 -32.15 23.34 -38.13
N THR A 134 -31.46 23.69 -37.06
CA THR A 134 -31.81 24.87 -36.29
C THR A 134 -31.58 26.13 -37.12
N GLN A 135 -32.37 27.16 -36.81
CA GLN A 135 -32.27 28.41 -37.53
C GLN A 135 -32.71 28.25 -38.98
N CYS A 136 -33.59 29.15 -39.40
CA CYS A 136 -34.09 29.11 -40.77
C CYS A 136 -33.03 29.72 -41.69
N PHE A 137 -31.91 29.02 -41.80
CA PHE A 137 -30.83 29.49 -42.63
C PHE A 137 -30.34 28.37 -43.57
N HIS A 1 -10.48 -18.17 -0.57
CA HIS A 1 -9.40 -18.00 0.40
C HIS A 1 -9.07 -19.35 1.03
N MET A 2 -8.22 -20.10 0.34
CA MET A 2 -7.82 -21.41 0.82
C MET A 2 -8.99 -22.38 0.83
N GLY A 3 -9.94 -22.11 1.72
CA GLY A 3 -11.12 -22.96 1.85
C GLY A 3 -11.28 -23.45 3.28
N GLN A 4 -11.83 -22.58 4.13
CA GLN A 4 -12.05 -22.93 5.51
C GLN A 4 -13.36 -22.32 6.01
N ILE A 5 -14.44 -22.70 5.32
CA ILE A 5 -15.76 -22.20 5.68
C ILE A 5 -15.68 -20.70 5.94
N HIS A 6 -16.75 -20.17 6.52
CA HIS A 6 -16.82 -18.75 6.83
C HIS A 6 -17.62 -18.54 8.11
N GLY A 7 -16.92 -18.06 9.14
CA GLY A 7 -17.54 -17.82 10.42
C GLY A 7 -16.52 -17.90 11.56
N LEU A 8 -16.88 -18.66 12.58
CA LEU A 8 -16.01 -18.83 13.74
C LEU A 8 -15.82 -17.48 14.43
N SER A 9 -15.69 -17.54 15.74
CA SER A 9 -15.50 -16.34 16.53
C SER A 9 -16.62 -15.34 16.24
N PRO A 10 -17.73 -15.47 17.02
CA PRO A 10 -18.87 -14.59 16.86
C PRO A 10 -18.59 -13.21 17.44
N THR A 11 -17.85 -12.42 16.67
CA THR A 11 -17.50 -11.08 17.11
C THR A 11 -17.64 -10.09 15.94
N PRO A 12 -17.80 -8.78 16.31
CA PRO A 12 -17.94 -7.74 15.31
C PRO A 12 -16.60 -7.43 14.64
N ILE A 13 -16.01 -8.48 14.08
CA ILE A 13 -14.72 -8.33 13.40
C ILE A 13 -14.93 -7.62 12.06
N PRO A 14 -15.88 -8.17 11.26
CA PRO A 14 -16.19 -7.60 9.97
C PRO A 14 -17.00 -6.31 10.11
N LYS A 15 -16.41 -5.36 10.82
CA LYS A 15 -17.06 -4.08 11.03
C LYS A 15 -17.78 -3.65 9.74
N ALA A 16 -17.05 -3.76 8.64
CA ALA A 16 -17.59 -3.39 7.35
C ALA A 16 -16.45 -3.25 6.34
N PRO A 17 -15.46 -2.41 6.69
CA PRO A 17 -14.30 -2.19 5.83
C PRO A 17 -13.35 -3.39 5.88
N ARG A 18 -13.11 -3.86 7.09
CA ARG A 18 -12.22 -4.99 7.29
C ARG A 18 -10.86 -4.71 6.64
N GLY A 19 -10.10 -3.86 7.31
CA GLY A 19 -8.77 -3.50 6.81
C GLY A 19 -7.82 -4.69 6.90
N LEU A 20 -7.24 -4.85 8.08
CA LEU A 20 -6.31 -5.95 8.31
C LEU A 20 -6.97 -7.27 7.89
N SER A 21 -6.74 -7.63 6.64
CA SER A 21 -7.30 -8.86 6.11
C SER A 21 -6.20 -9.69 5.42
N THR A 22 -5.93 -9.31 4.18
CA THR A 22 -4.91 -10.00 3.40
C THR A 22 -4.61 -9.24 2.11
N HIS A 23 -5.68 -8.74 1.51
CA HIS A 23 -5.54 -7.98 0.27
C HIS A 23 -4.70 -6.72 0.52
N HIS A 24 -4.52 -6.42 1.80
CA HIS A 24 -3.75 -5.26 2.18
C HIS A 24 -2.35 -5.69 2.63
N TRP A 25 -2.31 -6.81 3.34
CA TRP A 25 -1.05 -7.34 3.83
C TRP A 25 -0.28 -7.92 2.65
N LEU A 26 -1.01 -8.64 1.80
CA LEU A 26 -0.42 -9.25 0.64
C LEU A 26 0.33 -8.19 -0.17
N ASN A 27 -0.17 -6.96 -0.07
CA ASN A 27 0.43 -5.84 -0.78
C ASN A 27 1.81 -5.55 -0.19
N PHE A 28 2.00 -6.01 1.04
CA PHE A 28 3.27 -5.81 1.72
C PHE A 28 4.12 -7.07 1.67
N LEU A 29 3.46 -8.21 1.74
CA LEU A 29 4.14 -9.49 1.72
C LEU A 29 4.71 -9.71 0.31
N GLN A 30 4.01 -9.16 -0.67
CA GLN A 30 4.45 -9.29 -2.06
C GLN A 30 5.82 -8.65 -2.25
N ALA A 31 5.94 -7.43 -1.75
CA ALA A 31 7.19 -6.70 -1.88
C ALA A 31 8.29 -7.44 -1.11
N ALA A 32 7.93 -7.87 0.10
CA ALA A 32 8.87 -8.59 0.94
C ALA A 32 9.38 -9.82 0.19
N TYR A 33 8.48 -10.45 -0.54
CA TYR A 33 8.82 -11.64 -1.31
C TYR A 33 9.66 -11.27 -2.53
N ARG A 34 9.59 -10.01 -2.90
CA ARG A 34 10.34 -9.51 -4.05
C ARG A 34 11.80 -9.26 -3.65
N LEU A 35 12.00 -9.06 -2.36
CA LEU A 35 13.34 -8.81 -1.84
C LEU A 35 14.07 -10.14 -1.64
N GLN A 36 15.09 -10.09 -0.81
CA GLN A 36 15.87 -11.28 -0.50
C GLN A 36 17.23 -10.90 0.07
N PRO A 37 17.93 -9.98 -0.65
CA PRO A 37 19.23 -9.52 -0.21
C PRO A 37 19.11 -8.55 0.97
N GLY A 38 19.19 -9.11 2.16
CA GLY A 38 19.09 -8.31 3.37
C GLY A 38 17.89 -8.74 4.21
N PRO A 39 17.45 -7.81 5.10
CA PRO A 39 16.31 -8.08 5.97
C PRO A 39 14.99 -8.02 5.19
N SER A 40 14.18 -9.04 5.40
CA SER A 40 12.89 -9.12 4.73
C SER A 40 12.39 -10.57 4.71
N ASP A 41 13.27 -11.46 4.29
CA ASP A 41 12.93 -12.88 4.23
C ASP A 41 13.54 -13.60 5.44
N PHE A 42 12.78 -14.54 5.97
CA PHE A 42 13.22 -15.30 7.13
C PHE A 42 13.19 -14.44 8.40
N ASP A 43 12.42 -13.38 8.34
CA ASP A 43 12.28 -12.48 9.46
C ASP A 43 10.81 -12.33 9.82
N PHE A 44 10.15 -11.41 9.13
CA PHE A 44 8.74 -11.15 9.35
C PHE A 44 8.51 -10.56 10.74
N GLN A 45 9.61 -10.39 11.47
CA GLN A 45 9.54 -9.82 12.81
C GLN A 45 9.56 -8.30 12.75
N GLN A 46 10.63 -7.77 12.17
CA GLN A 46 10.79 -6.33 12.05
C GLN A 46 9.59 -5.73 11.29
N LEU A 47 8.86 -6.61 10.61
CA LEU A 47 7.70 -6.19 9.86
C LEU A 47 6.49 -6.05 10.79
N ARG A 48 6.23 -7.14 11.51
CA ARG A 48 5.12 -7.17 12.45
C ARG A 48 5.20 -5.97 13.39
N ARG A 49 6.40 -5.41 13.49
CA ARG A 49 6.62 -4.27 14.36
C ARG A 49 5.94 -3.03 13.79
N PHE A 50 6.19 -2.80 12.50
CA PHE A 50 5.60 -1.65 11.82
C PHE A 50 4.08 -1.80 11.72
N LEU A 51 3.65 -3.02 11.51
CA LEU A 51 2.22 -3.30 11.39
C LEU A 51 1.56 -3.13 12.75
N LYS A 52 2.04 -3.91 13.72
CA LYS A 52 1.50 -3.85 15.06
C LYS A 52 1.58 -2.40 15.58
N LEU A 53 2.53 -1.66 15.03
CA LEU A 53 2.72 -0.28 15.42
C LEU A 53 1.54 0.55 14.91
N ALA A 54 1.31 0.48 13.61
CA ALA A 54 0.22 1.21 13.00
C ALA A 54 -1.09 0.85 13.70
N LEU A 55 -1.14 -0.39 14.16
CA LEU A 55 -2.34 -0.88 14.85
C LEU A 55 -2.56 -0.06 16.11
N LYS A 56 -1.53 0.69 16.50
CA LYS A 56 -1.61 1.52 17.68
C LYS A 56 -2.56 2.69 17.42
N THR A 57 -2.99 2.79 16.18
CA THR A 57 -3.90 3.86 15.79
C THR A 57 -4.80 3.40 14.63
N PRO A 58 -6.02 2.96 14.99
CA PRO A 58 -6.97 2.49 14.00
C PRO A 58 -7.59 3.67 13.24
N ILE A 59 -6.75 4.31 12.44
CA ILE A 59 -7.19 5.45 11.65
C ILE A 59 -7.01 5.14 10.17
N TRP A 60 -6.13 4.18 9.90
CA TRP A 60 -5.85 3.79 8.53
C TRP A 60 -6.73 2.57 8.21
N LEU A 61 -7.14 1.88 9.26
CA LEU A 61 -7.98 0.71 9.10
C LEU A 61 -9.36 1.14 8.61
N ASN A 62 -9.99 2.02 9.37
CA ASN A 62 -11.31 2.51 9.01
C ASN A 62 -11.34 2.85 7.53
N PRO A 63 -10.45 3.80 7.13
CA PRO A 63 -10.37 4.22 5.75
C PRO A 63 -9.68 3.16 4.89
N ILE A 64 -9.04 2.22 5.58
CA ILE A 64 -8.33 1.14 4.89
C ILE A 64 -7.65 1.71 3.65
N ASP A 65 -6.43 2.16 3.84
CA ASP A 65 -5.65 2.72 2.74
C ASP A 65 -4.17 2.71 3.11
N TYR A 66 -3.40 1.95 2.34
CA TYR A 66 -1.97 1.84 2.58
C TYR A 66 -1.29 3.19 2.41
N SER A 67 -2.04 4.15 1.87
CA SER A 67 -1.51 5.49 1.66
C SER A 67 -1.17 6.13 3.00
N LEU A 68 -1.85 5.67 4.04
CA LEU A 68 -1.63 6.19 5.38
C LEU A 68 -0.53 5.36 6.07
N LEU A 69 -0.31 4.17 5.53
CA LEU A 69 0.70 3.28 6.08
C LEU A 69 2.09 3.89 5.85
N ALA A 70 2.43 4.05 4.58
CA ALA A 70 3.72 4.62 4.22
C ALA A 70 3.91 5.94 4.96
N SER A 71 2.80 6.52 5.40
CA SER A 71 2.83 7.78 6.12
C SER A 71 3.37 7.56 7.53
N LEU A 72 3.19 6.34 8.02
CA LEU A 72 3.66 5.99 9.35
C LEU A 72 5.18 5.83 9.34
N ILE A 73 5.74 6.03 8.16
CA ILE A 73 7.19 5.93 8.00
C ILE A 73 7.74 7.29 7.56
N PRO A 74 7.91 8.19 8.57
CA PRO A 74 8.42 9.51 8.31
C PRO A 74 9.94 9.48 8.07
N LYS A 75 10.30 9.50 6.80
CA LYS A 75 11.70 9.46 6.43
C LYS A 75 12.23 8.04 6.58
N GLY A 76 13.24 7.72 5.77
CA GLY A 76 13.84 6.40 5.81
C GLY A 76 13.86 5.84 7.23
N TYR A 77 13.13 4.74 7.41
CA TYR A 77 13.06 4.09 8.71
C TYR A 77 14.12 3.00 8.84
N PRO A 78 14.10 2.31 10.02
CA PRO A 78 15.03 1.24 10.28
C PRO A 78 14.66 -0.02 9.50
N GLY A 79 15.47 -1.05 9.68
CA GLY A 79 15.24 -2.31 9.00
C GLY A 79 14.90 -2.10 7.53
N ARG A 80 14.49 -3.17 6.88
CA ARG A 80 14.13 -3.11 5.47
C ARG A 80 12.61 -3.07 5.31
N VAL A 81 11.94 -2.67 6.37
CA VAL A 81 10.49 -2.58 6.37
C VAL A 81 10.06 -1.62 5.25
N VAL A 82 10.74 -0.50 5.17
CA VAL A 82 10.44 0.50 4.16
C VAL A 82 10.77 -0.07 2.78
N GLU A 83 11.88 -0.79 2.72
CA GLU A 83 12.32 -1.38 1.47
C GLU A 83 11.21 -2.25 0.88
N ILE A 84 10.38 -2.79 1.77
CA ILE A 84 9.28 -3.63 1.35
C ILE A 84 8.11 -2.76 0.89
N ILE A 85 8.17 -1.50 1.30
CA ILE A 85 7.13 -0.56 0.94
C ILE A 85 7.57 0.25 -0.28
N ASN A 86 8.86 0.57 -0.30
CA ASN A 86 9.42 1.33 -1.40
C ASN A 86 9.12 0.62 -2.71
N ILE A 87 8.99 -0.69 -2.63
CA ILE A 87 8.70 -1.49 -3.80
C ILE A 87 7.29 -1.18 -4.30
N LEU A 88 6.39 -0.97 -3.35
CA LEU A 88 5.01 -0.67 -3.66
C LEU A 88 4.94 0.70 -4.34
N VAL A 89 5.70 1.64 -3.80
CA VAL A 89 5.75 2.98 -4.34
C VAL A 89 6.41 2.95 -5.71
N LYS A 90 7.55 2.29 -5.76
CA LYS A 90 8.30 2.19 -7.01
C LYS A 90 7.61 1.17 -7.93
N ASN A 91 6.55 0.57 -7.40
CA ASN A 91 5.80 -0.42 -8.15
C ASN A 91 5.30 0.21 -9.45
N GLN A 92 4.88 1.47 -9.35
CA GLN A 92 4.37 2.19 -10.49
C GLN A 92 3.67 3.48 -10.05
N VAL A 93 4.47 4.44 -9.63
CA VAL A 93 3.94 5.72 -9.19
C VAL A 93 4.51 6.84 -10.05
N SER A 94 5.80 6.73 -10.34
CA SER A 94 6.47 7.73 -11.16
C SER A 94 5.56 8.17 -12.30
N PRO A 95 5.06 7.15 -13.06
CA PRO A 95 4.18 7.41 -14.18
C PRO A 95 2.78 7.80 -13.71
N SER A 96 2.04 6.78 -13.27
CA SER A 96 0.68 6.99 -12.78
C SER A 96 0.43 6.11 -11.56
N ALA A 97 -0.19 6.72 -10.56
CA ALA A 97 -0.51 6.01 -9.33
C ALA A 97 -1.98 6.25 -8.97
N PRO A 98 -2.86 5.41 -9.56
CA PRO A 98 -4.29 5.52 -9.30
C PRO A 98 -4.65 4.98 -7.92
N ALA A 99 -4.75 3.65 -7.85
CA ALA A 99 -5.08 3.00 -6.59
C ALA A 99 -5.00 1.48 -6.78
N ALA A 100 -3.78 0.98 -6.69
CA ALA A 100 -3.56 -0.46 -6.85
C ALA A 100 -4.62 -1.22 -6.06
N PRO A 101 -4.73 -0.88 -4.74
CA PRO A 101 -5.69 -1.52 -3.88
C PRO A 101 -7.11 -1.01 -4.16
N VAL A 102 -8.04 -1.96 -4.26
CA VAL A 102 -9.42 -1.62 -4.52
C VAL A 102 -10.32 -2.38 -3.54
N PRO A 103 -11.54 -1.80 -3.31
CA PRO A 103 -12.49 -2.41 -2.40
C PRO A 103 -13.16 -3.63 -3.03
N THR A 104 -14.03 -4.26 -2.26
CA THR A 104 -14.72 -5.45 -2.73
C THR A 104 -15.11 -5.28 -4.20
N PRO A 105 -15.26 -6.45 -4.88
CA PRO A 105 -15.63 -6.45 -6.29
C PRO A 105 -17.11 -6.11 -6.48
N ILE A 106 -17.49 -4.96 -5.93
CA ILE A 106 -18.87 -4.51 -6.03
C ILE A 106 -19.76 -5.44 -5.21
N CYS A 107 -19.97 -6.64 -5.74
CA CYS A 107 -20.80 -7.62 -5.07
C CYS A 107 -19.97 -8.89 -4.88
N PRO A 108 -20.44 -9.75 -3.93
CA PRO A 108 -19.76 -11.00 -3.65
C PRO A 108 -20.02 -12.03 -4.74
N THR A 109 -19.41 -13.19 -4.58
CA THR A 109 -19.57 -14.27 -5.55
C THR A 109 -19.27 -15.61 -4.90
N THR A 110 -18.04 -15.75 -4.43
CA THR A 110 -17.61 -16.98 -3.79
C THR A 110 -18.73 -17.53 -2.90
N THR A 111 -18.91 -18.84 -2.96
CA THR A 111 -19.92 -19.51 -2.17
C THR A 111 -21.20 -18.66 -2.13
N PRO A 112 -21.81 -18.48 -3.33
CA PRO A 112 -23.03 -17.71 -3.45
C PRO A 112 -24.23 -18.48 -2.91
N PRO A 113 -25.31 -17.72 -2.59
CA PRO A 113 -26.53 -18.32 -2.07
C PRO A 113 -27.31 -19.03 -3.17
N PRO A 114 -27.38 -20.38 -3.04
CA PRO A 114 -28.09 -21.19 -4.02
C PRO A 114 -29.60 -21.06 -3.84
N PRO A 115 -30.34 -21.43 -4.92
CA PRO A 115 -31.80 -21.37 -4.89
C PRO A 115 -32.38 -22.50 -4.05
N PRO A 116 -33.01 -22.10 -2.91
CA PRO A 116 -33.61 -23.07 -2.01
C PRO A 116 -34.93 -23.60 -2.60
N PRO A 117 -35.32 -24.81 -2.10
CA PRO A 117 -36.55 -25.44 -2.55
C PRO A 117 -37.77 -24.75 -1.95
N PRO A 118 -38.93 -24.90 -2.66
CA PRO A 118 -40.17 -24.30 -2.21
C PRO A 118 -40.76 -25.08 -1.04
N SER A 119 -41.83 -24.54 -0.47
CA SER A 119 -42.48 -25.17 0.65
C SER A 119 -43.81 -24.47 0.96
N PRO A 120 -44.76 -25.24 1.53
CA PRO A 120 -46.07 -24.70 1.87
C PRO A 120 -45.98 -23.82 3.12
N GLU A 121 -47.14 -23.29 3.51
CA GLU A 121 -47.21 -22.44 4.67
C GLU A 121 -46.41 -23.04 5.83
N ALA A 122 -46.80 -24.24 6.22
CA ALA A 122 -46.13 -24.93 7.31
C ALA A 122 -46.44 -24.22 8.62
N HIS A 123 -45.95 -22.99 8.73
CA HIS A 123 -46.16 -22.19 9.93
C HIS A 123 -45.34 -22.79 11.08
N VAL A 124 -45.66 -24.02 11.42
CA VAL A 124 -44.97 -24.71 12.50
C VAL A 124 -44.76 -23.73 13.66
N PRO A 125 -45.86 -23.44 14.38
CA PRO A 125 -45.80 -22.53 15.52
C PRO A 125 -45.14 -23.20 16.72
N PRO A 126 -43.93 -22.67 17.08
CA PRO A 126 -43.19 -23.19 18.21
C PRO A 126 -43.82 -22.75 19.53
N PRO A 127 -43.39 -23.44 20.63
CA PRO A 127 -43.90 -23.13 21.95
C PRO A 127 -43.30 -21.84 22.48
N TYR A 128 -43.90 -20.72 22.07
CA TYR A 128 -43.44 -19.41 22.50
C TYR A 128 -44.60 -18.42 22.55
N VAL A 129 -45.40 -18.43 21.50
CA VAL A 129 -46.54 -17.54 21.41
C VAL A 129 -47.82 -18.36 21.38
N GLU A 130 -47.97 -19.22 22.39
CA GLU A 130 -49.14 -20.07 22.49
C GLU A 130 -49.08 -20.90 23.77
N PRO A 131 -49.35 -20.22 24.92
CA PRO A 131 -49.33 -20.89 26.21
C PRO A 131 -50.57 -21.76 26.39
N THR A 132 -50.76 -22.67 25.45
CA THR A 132 -51.90 -23.57 25.50
C THR A 132 -53.07 -22.91 26.22
N THR A 133 -53.20 -23.22 27.50
CA THR A 133 -54.27 -22.66 28.31
C THR A 133 -53.72 -21.60 29.27
N THR A 134 -52.89 -22.07 30.20
CA THR A 134 -52.29 -21.17 31.17
C THR A 134 -50.82 -21.52 31.39
N GLN A 135 -50.03 -20.48 31.62
CA GLN A 135 -48.60 -20.67 31.83
C GLN A 135 -47.94 -19.34 32.20
N CYS A 136 -48.21 -18.34 31.36
CA CYS A 136 -47.65 -17.01 31.58
C CYS A 136 -46.16 -17.05 31.21
N PHE A 137 -45.60 -15.87 31.02
CA PHE A 137 -44.20 -15.75 30.67
C PHE A 137 -43.54 -14.61 31.44
N HIS A 1 -30.63 -8.11 8.28
CA HIS A 1 -30.39 -9.03 7.19
C HIS A 1 -29.09 -8.65 6.46
N MET A 2 -28.19 -9.60 6.38
CA MET A 2 -26.92 -9.38 5.71
C MET A 2 -26.06 -10.65 5.71
N GLY A 3 -25.82 -11.16 6.92
CA GLY A 3 -25.03 -12.36 7.07
C GLY A 3 -23.86 -12.38 6.06
N GLN A 4 -22.86 -11.57 6.35
CA GLN A 4 -21.69 -11.48 5.49
C GLN A 4 -20.95 -12.82 5.46
N ILE A 5 -21.36 -13.65 4.52
CA ILE A 5 -20.75 -14.97 4.38
C ILE A 5 -20.50 -15.57 5.76
N HIS A 6 -19.59 -16.52 5.81
CA HIS A 6 -19.25 -17.18 7.06
C HIS A 6 -19.04 -16.14 8.15
N GLY A 7 -20.01 -16.06 9.04
CA GLY A 7 -19.95 -15.11 10.14
C GLY A 7 -20.67 -15.66 11.38
N LEU A 8 -20.09 -16.71 11.93
CA LEU A 8 -20.66 -17.34 13.12
C LEU A 8 -20.85 -16.28 14.20
N SER A 9 -22.09 -16.14 14.65
CA SER A 9 -22.42 -15.18 15.69
C SER A 9 -22.05 -13.77 15.22
N PRO A 10 -22.71 -12.76 15.85
CA PRO A 10 -22.45 -11.37 15.51
C PRO A 10 -21.10 -10.91 16.08
N THR A 11 -20.06 -11.11 15.29
CA THR A 11 -18.73 -10.72 15.69
C THR A 11 -18.56 -9.19 15.58
N PRO A 12 -18.91 -8.67 14.37
CA PRO A 12 -18.81 -7.24 14.13
C PRO A 12 -19.93 -6.48 14.83
N ILE A 13 -19.55 -5.78 15.90
CA ILE A 13 -20.51 -5.01 16.66
C ILE A 13 -20.86 -3.74 15.90
N PRO A 14 -19.79 -3.00 15.49
CA PRO A 14 -19.97 -1.76 14.75
C PRO A 14 -20.37 -2.05 13.30
N LYS A 15 -19.51 -2.79 12.62
CA LYS A 15 -19.77 -3.14 11.23
C LYS A 15 -18.65 -4.05 10.72
N ALA A 16 -17.44 -3.50 10.70
CA ALA A 16 -16.30 -4.26 10.24
C ALA A 16 -15.05 -3.38 10.36
N PRO A 17 -14.56 -3.25 11.62
CA PRO A 17 -13.37 -2.44 11.88
C PRO A 17 -12.11 -3.17 11.43
N ARG A 18 -12.07 -4.47 11.70
CA ARG A 18 -10.93 -5.28 11.32
C ARG A 18 -10.61 -5.11 9.83
N GLY A 19 -9.75 -4.14 9.57
CA GLY A 19 -9.35 -3.85 8.19
C GLY A 19 -7.93 -4.33 7.93
N LEU A 20 -7.72 -5.62 8.15
CA LEU A 20 -6.41 -6.22 7.93
C LEU A 20 -6.57 -7.70 7.60
N SER A 21 -6.66 -7.97 6.30
CA SER A 21 -6.82 -9.34 5.84
C SER A 21 -5.90 -9.60 4.65
N THR A 22 -6.47 -9.44 3.46
CA THR A 22 -5.72 -9.66 2.24
C THR A 22 -5.95 -8.49 1.26
N HIS A 23 -5.08 -8.43 0.26
CA HIS A 23 -5.18 -7.38 -0.74
C HIS A 23 -4.40 -6.14 -0.27
N HIS A 24 -4.08 -6.14 1.02
CA HIS A 24 -3.35 -5.04 1.60
C HIS A 24 -2.02 -5.55 2.18
N TRP A 25 -2.13 -6.58 3.00
CA TRP A 25 -0.96 -7.17 3.62
C TRP A 25 -0.16 -7.88 2.53
N LEU A 26 -0.88 -8.59 1.68
CA LEU A 26 -0.25 -9.33 0.59
C LEU A 26 0.66 -8.38 -0.20
N ASN A 27 0.21 -7.13 -0.31
CA ASN A 27 0.96 -6.12 -1.02
C ASN A 27 2.31 -5.91 -0.33
N PHE A 28 2.34 -6.21 0.96
CA PHE A 28 3.54 -6.06 1.74
C PHE A 28 4.32 -7.38 1.82
N LEU A 29 3.55 -8.46 1.87
CA LEU A 29 4.15 -9.79 1.94
C LEU A 29 4.66 -10.20 0.56
N GLN A 30 4.06 -9.60 -0.45
CA GLN A 30 4.44 -9.90 -1.82
C GLN A 30 5.82 -9.32 -2.13
N ALA A 31 5.93 -8.01 -1.97
CA ALA A 31 7.18 -7.33 -2.23
C ALA A 31 8.29 -7.96 -1.38
N ALA A 32 7.95 -8.21 -0.12
CA ALA A 32 8.90 -8.82 0.79
C ALA A 32 9.37 -10.16 0.23
N TYR A 33 8.47 -10.82 -0.48
CA TYR A 33 8.78 -12.10 -1.08
C TYR A 33 9.48 -11.92 -2.42
N ARG A 34 9.36 -10.72 -2.97
CA ARG A 34 9.98 -10.41 -4.24
C ARG A 34 11.42 -9.91 -4.03
N LEU A 35 11.68 -9.49 -2.81
CA LEU A 35 13.01 -9.00 -2.46
C LEU A 35 13.99 -10.17 -2.43
N GLN A 36 14.79 -10.22 -1.38
CA GLN A 36 15.78 -11.27 -1.23
C GLN A 36 15.21 -12.60 -1.71
N PRO A 37 15.64 -12.99 -2.95
CA PRO A 37 15.19 -14.24 -3.53
C PRO A 37 15.87 -15.44 -2.88
N GLY A 38 15.28 -15.88 -1.78
CA GLY A 38 15.82 -17.02 -1.05
C GLY A 38 15.14 -17.16 0.32
N PRO A 39 15.76 -18.01 1.18
CA PRO A 39 15.22 -18.24 2.51
C PRO A 39 15.49 -17.05 3.43
N SER A 40 16.65 -17.11 4.09
CA SER A 40 17.03 -16.04 5.00
C SER A 40 15.81 -15.54 5.78
N ASP A 41 15.53 -16.22 6.88
CA ASP A 41 14.40 -15.86 7.71
C ASP A 41 14.76 -14.63 8.55
N PHE A 42 13.87 -14.30 9.49
CA PHE A 42 14.09 -13.16 10.36
C PHE A 42 13.94 -11.85 9.58
N ASP A 43 12.80 -11.72 8.93
CA ASP A 43 12.52 -10.52 8.15
C ASP A 43 11.05 -10.13 8.34
N PHE A 44 10.44 -10.72 9.36
CA PHE A 44 9.05 -10.43 9.66
C PHE A 44 8.90 -9.72 11.00
N GLN A 45 9.90 -9.94 11.85
CA GLN A 45 9.90 -9.31 13.17
C GLN A 45 9.83 -7.78 13.04
N GLN A 46 10.60 -7.28 12.10
CA GLN A 46 10.64 -5.84 11.86
C GLN A 46 9.34 -5.37 11.22
N LEU A 47 8.65 -6.32 10.57
CA LEU A 47 7.40 -6.01 9.92
C LEU A 47 6.27 -6.04 10.95
N ARG A 48 6.15 -7.17 11.63
CA ARG A 48 5.13 -7.34 12.64
C ARG A 48 5.19 -6.20 13.65
N ARG A 49 6.33 -5.53 13.69
CA ARG A 49 6.54 -4.43 14.60
C ARG A 49 5.95 -3.15 14.02
N PHE A 50 6.09 -3.01 12.70
CA PHE A 50 5.57 -1.84 12.01
C PHE A 50 4.04 -1.88 11.92
N LEU A 51 3.54 -3.07 11.64
CA LEU A 51 2.09 -3.26 11.52
C LEU A 51 1.45 -3.10 12.90
N LYS A 52 1.96 -3.85 13.85
CA LYS A 52 1.45 -3.80 15.21
C LYS A 52 1.51 -2.36 15.72
N LEU A 53 2.42 -1.60 15.13
CA LEU A 53 2.59 -0.21 15.51
C LEU A 53 1.40 0.61 15.00
N ALA A 54 1.22 0.58 13.69
CA ALA A 54 0.13 1.30 13.06
C ALA A 54 -1.19 0.90 13.73
N LEU A 55 -1.22 -0.33 14.20
CA LEU A 55 -2.40 -0.85 14.86
C LEU A 55 -2.67 -0.05 16.13
N LYS A 56 -1.68 0.75 16.51
CA LYS A 56 -1.79 1.57 17.71
C LYS A 56 -2.67 2.78 17.41
N THR A 57 -3.14 2.85 16.17
CA THR A 57 -3.99 3.94 15.75
C THR A 57 -4.89 3.49 14.60
N PRO A 58 -6.14 3.09 14.97
CA PRO A 58 -7.11 2.64 13.98
C PRO A 58 -7.69 3.82 13.21
N ILE A 59 -6.84 4.44 12.41
CA ILE A 59 -7.25 5.59 11.62
C ILE A 59 -7.04 5.27 10.13
N TRP A 60 -6.15 4.32 9.88
CA TRP A 60 -5.86 3.91 8.52
C TRP A 60 -6.71 2.69 8.19
N LEU A 61 -7.16 2.02 9.24
CA LEU A 61 -7.99 0.84 9.08
C LEU A 61 -9.37 1.26 8.58
N ASN A 62 -9.98 2.18 9.31
CA ASN A 62 -11.30 2.67 8.95
C ASN A 62 -11.33 2.99 7.46
N PRO A 63 -10.43 3.93 7.05
CA PRO A 63 -10.35 4.32 5.66
C PRO A 63 -9.66 3.25 4.81
N ILE A 64 -9.09 2.28 5.51
CA ILE A 64 -8.40 1.18 4.84
C ILE A 64 -7.68 1.72 3.60
N ASP A 65 -6.43 2.14 3.82
CA ASP A 65 -5.64 2.67 2.74
C ASP A 65 -4.17 2.74 3.19
N TYR A 66 -3.35 1.95 2.53
CA TYR A 66 -1.93 1.91 2.85
C TYR A 66 -1.29 3.29 2.67
N SER A 67 -2.01 4.16 1.98
CA SER A 67 -1.54 5.51 1.74
C SER A 67 -1.20 6.19 3.06
N LEU A 68 -1.83 5.71 4.12
CA LEU A 68 -1.62 6.26 5.45
C LEU A 68 -0.52 5.47 6.15
N LEU A 69 -0.28 4.27 5.64
CA LEU A 69 0.74 3.40 6.21
C LEU A 69 2.12 3.99 5.93
N ALA A 70 2.43 4.08 4.64
CA ALA A 70 3.72 4.62 4.21
C ALA A 70 3.92 5.99 4.86
N SER A 71 2.82 6.59 5.28
CA SER A 71 2.86 7.89 5.91
C SER A 71 3.49 7.79 7.29
N LEU A 72 3.13 6.72 7.99
CA LEU A 72 3.65 6.48 9.33
C LEU A 72 5.17 6.43 9.28
N ILE A 73 5.68 5.78 8.24
CA ILE A 73 7.11 5.64 8.07
C ILE A 73 7.75 7.03 8.07
N PRO A 74 8.62 7.27 9.10
CA PRO A 74 9.29 8.55 9.23
C PRO A 74 10.42 8.68 8.21
N LYS A 75 10.10 8.33 6.97
CA LYS A 75 11.08 8.40 5.90
C LYS A 75 12.48 8.19 6.47
N GLY A 76 12.88 6.93 6.51
CA GLY A 76 14.19 6.57 7.03
C GLY A 76 14.09 5.42 8.03
N TYR A 77 12.85 5.00 8.28
CA TYR A 77 12.60 3.91 9.21
C TYR A 77 13.71 2.84 9.11
N PRO A 78 13.87 2.08 10.23
CA PRO A 78 14.87 1.04 10.28
C PRO A 78 14.43 -0.18 9.46
N GLY A 79 15.17 -1.27 9.64
CA GLY A 79 14.88 -2.51 8.93
C GLY A 79 14.68 -2.24 7.43
N ARG A 80 14.30 -3.30 6.73
CA ARG A 80 14.08 -3.20 5.30
C ARG A 80 12.57 -3.11 4.99
N VAL A 81 11.83 -2.72 6.01
CA VAL A 81 10.39 -2.58 5.86
C VAL A 81 10.07 -1.58 4.75
N VAL A 82 10.78 -0.45 4.81
CA VAL A 82 10.60 0.60 3.82
C VAL A 82 11.10 0.10 2.46
N GLU A 83 12.20 -0.62 2.50
CA GLU A 83 12.80 -1.15 1.28
C GLU A 83 11.78 -2.00 0.53
N ILE A 84 10.81 -2.50 1.27
CA ILE A 84 9.76 -3.32 0.68
C ILE A 84 8.58 -2.44 0.28
N ILE A 85 8.16 -1.60 1.21
CA ILE A 85 7.05 -0.70 0.97
C ILE A 85 7.39 0.21 -0.21
N ASN A 86 8.62 0.71 -0.19
CA ASN A 86 9.07 1.59 -1.25
C ASN A 86 8.81 0.95 -2.61
N ILE A 87 8.97 -0.37 -2.64
CA ILE A 87 8.76 -1.12 -3.86
C ILE A 87 7.28 -1.08 -4.23
N LEU A 88 6.46 -0.88 -3.20
CA LEU A 88 5.02 -0.82 -3.40
C LEU A 88 4.65 0.52 -4.04
N VAL A 89 5.24 1.58 -3.52
CA VAL A 89 4.98 2.92 -4.03
C VAL A 89 5.49 3.00 -5.47
N LYS A 90 6.72 2.57 -5.66
CA LYS A 90 7.33 2.60 -6.98
C LYS A 90 6.44 1.83 -7.96
N ASN A 91 5.59 0.99 -7.40
CA ASN A 91 4.69 0.19 -8.22
C ASN A 91 3.29 0.81 -8.16
N GLN A 92 3.26 2.12 -7.93
CA GLN A 92 2.00 2.83 -7.85
C GLN A 92 1.71 3.54 -9.18
N VAL A 93 2.78 3.89 -9.87
CA VAL A 93 2.66 4.56 -11.15
C VAL A 93 2.13 3.58 -12.19
N SER A 94 2.86 2.49 -12.37
CA SER A 94 2.48 1.47 -13.33
C SER A 94 2.40 2.08 -14.74
N PRO A 95 3.54 1.96 -15.47
CA PRO A 95 3.60 2.49 -16.83
C PRO A 95 2.84 1.59 -17.81
N SER A 96 1.56 1.39 -17.49
CA SER A 96 0.71 0.56 -18.33
C SER A 96 1.27 -0.86 -18.39
N ALA A 97 0.36 -1.82 -18.48
CA ALA A 97 0.74 -3.23 -18.56
C ALA A 97 1.59 -3.58 -17.33
N PRO A 98 1.65 -4.91 -17.04
CA PRO A 98 2.41 -5.39 -15.91
C PRO A 98 3.92 -5.34 -16.19
N ALA A 99 4.25 -5.39 -17.47
CA ALA A 99 5.64 -5.35 -17.89
C ALA A 99 5.84 -4.17 -18.84
N ALA A 100 7.03 -3.59 -18.76
CA ALA A 100 7.37 -2.46 -19.62
C ALA A 100 8.86 -2.13 -19.46
N PRO A 101 9.70 -3.03 -20.04
CA PRO A 101 11.15 -2.85 -19.97
C PRO A 101 11.61 -1.76 -20.93
N VAL A 102 12.92 -1.60 -21.01
CA VAL A 102 13.50 -0.59 -21.88
C VAL A 102 15.01 -0.75 -21.90
N PRO A 103 15.62 -0.46 -23.08
CA PRO A 103 17.06 -0.57 -23.25
C PRO A 103 17.78 0.59 -22.56
N THR A 104 18.71 0.24 -21.68
CA THR A 104 19.47 1.24 -20.96
C THR A 104 20.96 1.11 -21.28
N PRO A 105 21.34 1.67 -22.46
CA PRO A 105 22.72 1.63 -22.89
C PRO A 105 23.58 2.62 -22.10
N ILE A 106 24.51 2.06 -21.34
CA ILE A 106 25.40 2.89 -20.53
C ILE A 106 26.80 2.89 -21.16
N CYS A 107 27.67 3.71 -20.58
CA CYS A 107 29.03 3.81 -21.07
C CYS A 107 28.98 4.31 -22.52
N PRO A 108 30.07 5.04 -22.91
CA PRO A 108 30.17 5.58 -24.25
C PRO A 108 30.50 4.47 -25.26
N THR A 109 31.28 3.51 -24.80
CA THR A 109 31.68 2.40 -25.65
C THR A 109 32.47 1.36 -24.84
N THR A 110 31.73 0.58 -24.08
CA THR A 110 32.34 -0.45 -23.25
C THR A 110 31.37 -1.61 -23.03
N THR A 111 31.63 -2.71 -23.71
CA THR A 111 30.79 -3.90 -23.59
C THR A 111 29.36 -3.56 -24.01
N PRO A 112 29.12 -3.68 -25.35
CA PRO A 112 27.80 -3.41 -25.89
C PRO A 112 26.83 -4.54 -25.59
N PRO A 113 25.52 -4.26 -25.82
CA PRO A 113 24.49 -5.24 -25.57
C PRO A 113 24.48 -6.32 -26.66
N PRO A 114 23.94 -7.52 -26.27
CA PRO A 114 23.88 -8.63 -27.20
C PRO A 114 22.77 -8.42 -28.23
N PRO A 115 22.94 -9.08 -29.41
CA PRO A 115 21.96 -8.97 -30.47
C PRO A 115 20.70 -9.80 -30.16
N PRO A 116 19.57 -9.06 -29.96
CA PRO A 116 18.31 -9.72 -29.65
C PRO A 116 17.71 -10.36 -30.90
N PRO A 117 17.65 -11.72 -30.87
CA PRO A 117 17.10 -12.48 -31.97
C PRO A 117 15.57 -12.38 -32.01
N PRO A 118 15.06 -11.70 -33.08
CA PRO A 118 13.63 -11.53 -33.23
C PRO A 118 12.98 -12.83 -33.69
N SER A 119 13.03 -13.06 -35.00
CA SER A 119 12.45 -14.26 -35.57
C SER A 119 12.92 -15.50 -34.80
N PRO A 120 14.27 -15.60 -34.65
CA PRO A 120 14.85 -16.72 -33.93
C PRO A 120 14.66 -16.58 -32.42
N GLU A 121 14.34 -17.70 -31.79
CA GLU A 121 14.13 -17.71 -30.35
C GLU A 121 13.51 -16.39 -29.90
N ALA A 122 12.59 -15.89 -30.71
CA ALA A 122 11.91 -14.65 -30.40
C ALA A 122 11.61 -14.58 -28.91
N HIS A 123 10.66 -15.39 -28.49
CA HIS A 123 10.27 -15.44 -27.09
C HIS A 123 10.07 -16.89 -26.66
N VAL A 124 11.08 -17.40 -25.96
CA VAL A 124 11.02 -18.78 -25.49
C VAL A 124 9.61 -19.10 -25.00
N PRO A 125 8.84 -19.79 -25.89
CA PRO A 125 7.47 -20.16 -25.57
C PRO A 125 7.43 -21.32 -24.58
N PRO A 126 6.31 -21.40 -23.82
CA PRO A 126 6.14 -22.46 -22.84
C PRO A 126 5.83 -23.80 -23.52
N PRO A 127 5.96 -24.89 -22.73
CA PRO A 127 5.70 -26.22 -23.24
C PRO A 127 4.20 -26.47 -23.37
N TYR A 128 3.50 -26.31 -22.27
CA TYR A 128 2.06 -26.51 -22.26
C TYR A 128 1.47 -26.15 -20.89
N VAL A 129 0.14 -26.04 -20.86
CA VAL A 129 -0.56 -25.71 -19.64
C VAL A 129 0.09 -26.46 -18.47
N GLU A 130 0.70 -25.68 -17.59
CA GLU A 130 1.35 -26.26 -16.41
C GLU A 130 0.32 -26.61 -15.35
N PRO A 131 -0.49 -25.58 -14.97
CA PRO A 131 -1.52 -25.78 -13.97
C PRO A 131 -2.71 -26.55 -14.53
N THR A 132 -3.76 -26.63 -13.73
CA THR A 132 -4.96 -27.34 -14.13
C THR A 132 -4.59 -28.64 -14.86
N THR A 133 -5.57 -29.16 -15.60
CA THR A 133 -5.36 -30.39 -16.34
C THR A 133 -5.00 -31.54 -15.39
N THR A 134 -5.40 -32.73 -15.78
CA THR A 134 -5.12 -33.91 -14.99
C THR A 134 -3.62 -34.08 -14.78
N GLN A 135 -2.86 -33.70 -15.80
CA GLN A 135 -1.42 -33.81 -15.74
C GLN A 135 -0.99 -35.27 -15.67
N CYS A 136 -1.22 -35.86 -14.51
CA CYS A 136 -0.86 -37.25 -14.29
C CYS A 136 -2.12 -38.02 -13.90
N PHE A 137 -2.77 -37.54 -12.86
CA PHE A 137 -3.98 -38.17 -12.37
C PHE A 137 -4.85 -38.66 -13.54
N HIS A 1 -31.03 5.43 1.37
CA HIS A 1 -29.82 4.76 1.81
C HIS A 1 -30.03 4.20 3.21
N MET A 2 -29.13 3.32 3.61
CA MET A 2 -29.20 2.70 4.91
C MET A 2 -30.63 2.30 5.25
N GLY A 3 -30.85 1.99 6.52
CA GLY A 3 -32.17 1.58 6.98
C GLY A 3 -32.78 2.64 7.90
N GLN A 4 -33.56 2.17 8.86
CA GLN A 4 -34.21 3.06 9.80
C GLN A 4 -34.26 2.41 11.19
N ILE A 5 -34.69 1.15 11.21
CA ILE A 5 -34.79 0.42 12.45
C ILE A 5 -34.17 -0.97 12.27
N HIS A 6 -33.33 -1.34 13.22
CA HIS A 6 -32.67 -2.64 13.18
C HIS A 6 -31.67 -2.66 12.03
N GLY A 7 -30.75 -3.61 12.11
CA GLY A 7 -29.73 -3.76 11.08
C GLY A 7 -28.56 -2.81 11.35
N LEU A 8 -27.92 -3.01 12.49
CA LEU A 8 -26.79 -2.18 12.86
C LEU A 8 -25.77 -3.03 13.63
N SER A 9 -26.29 -3.75 14.62
CA SER A 9 -25.45 -4.61 15.44
C SER A 9 -24.46 -5.38 14.55
N PRO A 10 -25.04 -6.07 13.53
CA PRO A 10 -24.23 -6.85 12.61
C PRO A 10 -23.49 -5.94 11.63
N THR A 11 -22.62 -5.10 12.18
CA THR A 11 -21.85 -4.17 11.38
C THR A 11 -20.63 -4.89 10.78
N PRO A 12 -19.86 -5.56 11.68
CA PRO A 12 -18.67 -6.27 11.26
C PRO A 12 -19.04 -7.58 10.55
N ILE A 13 -20.02 -8.27 11.12
CA ILE A 13 -20.48 -9.53 10.56
C ILE A 13 -20.41 -9.45 9.03
N PRO A 14 -21.15 -8.45 8.47
CA PRO A 14 -21.18 -8.25 7.04
C PRO A 14 -19.88 -7.63 6.54
N LYS A 15 -18.79 -8.34 6.78
CA LYS A 15 -17.48 -7.87 6.35
C LYS A 15 -16.49 -9.04 6.37
N ALA A 16 -15.88 -9.27 5.22
CA ALA A 16 -14.91 -10.35 5.09
C ALA A 16 -13.59 -9.93 5.75
N PRO A 17 -13.08 -8.74 5.31
CA PRO A 17 -11.83 -8.23 5.87
C PRO A 17 -12.04 -7.66 7.26
N ARG A 18 -12.37 -6.38 7.31
CA ARG A 18 -12.60 -5.71 8.58
C ARG A 18 -11.40 -5.88 9.50
N GLY A 19 -10.40 -5.05 9.28
CA GLY A 19 -9.18 -5.10 10.08
C GLY A 19 -7.95 -4.79 9.23
N LEU A 20 -7.67 -5.69 8.29
CA LEU A 20 -6.53 -5.52 7.41
C LEU A 20 -6.72 -6.39 6.16
N SER A 21 -7.35 -5.79 5.16
CA SER A 21 -7.60 -6.49 3.91
C SER A 21 -6.39 -7.36 3.54
N THR A 22 -6.68 -8.48 2.90
CA THR A 22 -5.63 -9.41 2.49
C THR A 22 -4.76 -8.77 1.40
N HIS A 23 -5.39 -8.58 0.24
CA HIS A 23 -4.69 -8.00 -0.89
C HIS A 23 -3.81 -6.84 -0.41
N HIS A 24 -4.30 -6.13 0.59
CA HIS A 24 -3.57 -5.01 1.16
C HIS A 24 -2.27 -5.51 1.79
N TRP A 25 -2.42 -6.53 2.63
CA TRP A 25 -1.27 -7.10 3.30
C TRP A 25 -0.43 -7.84 2.26
N LEU A 26 -1.12 -8.58 1.41
CA LEU A 26 -0.44 -9.34 0.36
C LEU A 26 0.45 -8.40 -0.45
N ASN A 27 0.07 -7.14 -0.47
CA ASN A 27 0.83 -6.13 -1.20
C ASN A 27 2.14 -5.86 -0.47
N PHE A 28 2.16 -6.25 0.80
CA PHE A 28 3.33 -6.04 1.62
C PHE A 28 4.14 -7.34 1.74
N LEU A 29 3.42 -8.45 1.77
CA LEU A 29 4.05 -9.75 1.89
C LEU A 29 4.71 -10.12 0.54
N GLN A 30 4.22 -9.48 -0.50
CA GLN A 30 4.75 -9.72 -1.84
C GLN A 30 6.12 -9.06 -2.00
N ALA A 31 6.13 -7.75 -1.80
CA ALA A 31 7.36 -6.98 -1.92
C ALA A 31 8.42 -7.59 -1.00
N ALA A 32 7.96 -8.07 0.15
CA ALA A 32 8.86 -8.68 1.12
C ALA A 32 9.34 -10.02 0.59
N TYR A 33 8.55 -10.58 -0.32
CA TYR A 33 8.89 -11.87 -0.92
C TYR A 33 9.83 -11.69 -2.11
N ARG A 34 9.80 -10.49 -2.68
CA ARG A 34 10.64 -10.18 -3.83
C ARG A 34 12.05 -9.81 -3.36
N LEU A 35 12.19 -9.68 -2.05
CA LEU A 35 13.48 -9.33 -1.47
C LEU A 35 14.20 -10.62 -1.03
N GLN A 36 14.24 -10.80 0.29
CA GLN A 36 14.89 -11.98 0.84
C GLN A 36 13.94 -12.69 1.80
N PRO A 37 13.17 -13.67 1.24
CA PRO A 37 12.23 -14.43 2.04
C PRO A 37 12.95 -15.46 2.91
N GLY A 38 12.46 -15.61 4.13
CA GLY A 38 13.05 -16.55 5.07
C GLY A 38 13.11 -15.96 6.47
N PRO A 39 12.79 -16.83 7.48
CA PRO A 39 12.80 -16.41 8.87
C PRO A 39 14.23 -16.26 9.39
N SER A 40 14.34 -16.18 10.70
CA SER A 40 15.64 -16.05 11.34
C SER A 40 16.05 -14.58 11.38
N ASP A 41 16.38 -14.06 10.20
CA ASP A 41 16.80 -12.66 10.09
C ASP A 41 15.76 -11.78 10.77
N PHE A 42 14.77 -11.37 10.00
CA PHE A 42 13.71 -10.52 10.52
C PHE A 42 12.94 -9.85 9.37
N ASP A 43 12.54 -10.67 8.41
CA ASP A 43 11.80 -10.17 7.26
C ASP A 43 10.37 -9.84 7.70
N PHE A 44 9.71 -10.84 8.26
CA PHE A 44 8.34 -10.67 8.72
C PHE A 44 8.31 -10.21 10.17
N GLN A 45 9.47 -10.27 10.80
CA GLN A 45 9.59 -9.88 12.20
C GLN A 45 9.64 -8.35 12.31
N GLN A 46 10.70 -7.78 11.75
CA GLN A 46 10.88 -6.34 11.79
C GLN A 46 9.74 -5.65 11.02
N LEU A 47 9.00 -6.44 10.28
CA LEU A 47 7.88 -5.93 9.51
C LEU A 47 6.62 -5.91 10.37
N ARG A 48 6.46 -6.99 11.14
CA ARG A 48 5.31 -7.11 12.01
C ARG A 48 5.32 -6.01 13.07
N ARG A 49 6.50 -5.46 13.29
CA ARG A 49 6.66 -4.39 14.27
C ARG A 49 6.02 -3.10 13.75
N PHE A 50 6.13 -2.92 12.44
CA PHE A 50 5.58 -1.73 11.80
C PHE A 50 4.05 -1.80 11.74
N LEU A 51 3.55 -3.01 11.57
CA LEU A 51 2.11 -3.23 11.49
C LEU A 51 1.50 -3.01 12.88
N LYS A 52 2.00 -3.79 13.83
CA LYS A 52 1.50 -3.70 15.19
C LYS A 52 1.61 -2.26 15.68
N LEU A 53 2.55 -1.54 15.08
CA LEU A 53 2.77 -0.15 15.44
C LEU A 53 1.58 0.69 14.97
N ALA A 54 1.31 0.61 13.68
CA ALA A 54 0.20 1.35 13.09
C ALA A 54 -1.09 1.01 13.85
N LEU A 55 -1.13 -0.21 14.36
CA LEU A 55 -2.29 -0.67 15.11
C LEU A 55 -2.47 0.21 16.36
N LYS A 56 -1.43 0.96 16.66
CA LYS A 56 -1.46 1.84 17.81
C LYS A 56 -2.32 3.06 17.51
N THR A 57 -2.82 3.10 16.28
CA THR A 57 -3.67 4.20 15.85
C THR A 57 -4.65 3.72 14.78
N PRO A 58 -5.87 3.36 15.23
CA PRO A 58 -6.90 2.89 14.32
C PRO A 58 -7.51 4.05 13.52
N ILE A 59 -6.67 4.62 12.66
CA ILE A 59 -7.11 5.75 11.83
C ILE A 59 -7.00 5.36 10.36
N TRP A 60 -6.15 4.37 10.10
CA TRP A 60 -5.94 3.90 8.74
C TRP A 60 -6.86 2.70 8.50
N LEU A 61 -7.25 2.07 9.61
CA LEU A 61 -8.13 0.92 9.54
C LEU A 61 -9.51 1.36 9.05
N ASN A 62 -10.08 2.31 9.77
CA ASN A 62 -11.39 2.83 9.43
C ASN A 62 -11.46 3.10 7.93
N PRO A 63 -10.55 4.00 7.46
CA PRO A 63 -10.49 4.35 6.06
C PRO A 63 -9.84 3.22 5.24
N ILE A 64 -9.25 2.28 5.95
CA ILE A 64 -8.59 1.16 5.30
C ILE A 64 -7.90 1.64 4.04
N ASP A 65 -6.65 2.05 4.19
CA ASP A 65 -5.86 2.52 3.06
C ASP A 65 -4.38 2.42 3.39
N TYR A 66 -3.68 1.59 2.61
CA TYR A 66 -2.27 1.40 2.81
C TYR A 66 -1.48 2.68 2.52
N SER A 67 -2.20 3.67 2.00
CA SER A 67 -1.59 4.94 1.67
C SER A 67 -1.24 5.70 2.95
N LEU A 68 -1.98 5.40 4.00
CA LEU A 68 -1.76 6.04 5.30
C LEU A 68 -0.63 5.30 6.03
N LEU A 69 -0.37 4.08 5.58
CA LEU A 69 0.67 3.27 6.19
C LEU A 69 2.04 3.88 5.87
N ALA A 70 2.35 3.92 4.59
CA ALA A 70 3.61 4.47 4.13
C ALA A 70 3.79 5.87 4.72
N SER A 71 2.67 6.46 5.11
CA SER A 71 2.69 7.80 5.70
C SER A 71 3.36 7.76 7.07
N LEU A 72 3.09 6.70 7.80
CA LEU A 72 3.66 6.53 9.13
C LEU A 72 5.19 6.52 9.02
N ILE A 73 5.68 5.79 8.03
CA ILE A 73 7.11 5.68 7.82
C ILE A 73 7.72 7.08 7.78
N PRO A 74 8.54 7.38 8.82
CA PRO A 74 9.19 8.67 8.92
C PRO A 74 10.34 8.79 7.92
N LYS A 75 10.06 8.41 6.69
CA LYS A 75 11.06 8.47 5.64
C LYS A 75 12.45 8.25 6.25
N GLY A 76 12.83 6.98 6.33
CA GLY A 76 14.13 6.64 6.88
C GLY A 76 14.00 5.53 7.94
N TYR A 77 12.75 5.14 8.17
CA TYR A 77 12.47 4.10 9.15
C TYR A 77 13.55 3.01 9.11
N PRO A 78 13.71 2.32 10.28
CA PRO A 78 14.69 1.26 10.39
C PRO A 78 14.23 0.00 9.67
N GLY A 79 14.94 -1.09 9.92
CA GLY A 79 14.60 -2.37 9.30
C GLY A 79 14.44 -2.21 7.79
N ARG A 80 14.00 -3.30 7.16
CA ARG A 80 13.81 -3.30 5.73
C ARG A 80 12.33 -3.05 5.38
N VAL A 81 11.63 -2.49 6.36
CA VAL A 81 10.21 -2.20 6.18
C VAL A 81 10.04 -1.24 4.99
N VAL A 82 10.90 -0.24 4.95
CA VAL A 82 10.85 0.75 3.88
C VAL A 82 11.35 0.11 2.59
N GLU A 83 12.40 -0.70 2.72
CA GLU A 83 12.98 -1.37 1.58
C GLU A 83 11.92 -2.22 0.86
N ILE A 84 10.94 -2.67 1.64
CA ILE A 84 9.87 -3.48 1.10
C ILE A 84 8.75 -2.57 0.58
N ILE A 85 8.20 -1.79 1.50
CA ILE A 85 7.13 -0.87 1.15
C ILE A 85 7.59 0.04 0.02
N ASN A 86 8.91 0.19 -0.09
CA ASN A 86 9.50 1.03 -1.12
C ASN A 86 9.22 0.40 -2.49
N ILE A 87 9.06 -0.91 -2.49
CA ILE A 87 8.79 -1.64 -3.71
C ILE A 87 7.36 -1.38 -4.15
N LEU A 88 6.54 -1.00 -3.19
CA LEU A 88 5.14 -0.71 -3.46
C LEU A 88 5.01 0.69 -4.05
N VAL A 89 5.68 1.64 -3.39
CA VAL A 89 5.64 3.02 -3.84
C VAL A 89 6.29 3.11 -5.23
N LYS A 90 7.47 2.52 -5.34
CA LYS A 90 8.19 2.54 -6.60
C LYS A 90 7.32 1.92 -7.70
N ASN A 91 6.31 1.19 -7.25
CA ASN A 91 5.39 0.54 -8.18
C ASN A 91 4.44 1.59 -8.76
N GLN A 92 3.65 2.18 -7.88
CA GLN A 92 2.69 3.19 -8.29
C GLN A 92 2.81 4.43 -7.40
N VAL A 93 2.16 4.34 -6.24
CA VAL A 93 2.17 5.43 -5.28
C VAL A 93 1.06 6.43 -5.63
N SER A 94 0.06 5.92 -6.34
CA SER A 94 -1.06 6.76 -6.74
C SER A 94 -1.86 6.06 -7.85
N PRO A 95 -1.13 5.72 -8.96
CA PRO A 95 -1.76 5.06 -10.09
C PRO A 95 -2.03 3.59 -9.77
N SER A 96 -1.71 3.21 -8.54
CA SER A 96 -1.91 1.83 -8.11
C SER A 96 -3.30 1.35 -8.54
N ALA A 97 -4.31 2.09 -8.11
CA ALA A 97 -5.68 1.75 -8.44
C ALA A 97 -6.62 2.83 -7.91
N PRO A 98 -6.89 3.83 -8.79
CA PRO A 98 -7.77 4.94 -8.41
C PRO A 98 -9.23 4.48 -8.41
N ALA A 99 -10.00 5.14 -7.55
CA ALA A 99 -11.42 4.82 -7.44
C ALA A 99 -11.58 3.36 -6.98
N ALA A 100 -12.82 2.99 -6.72
CA ALA A 100 -13.12 1.64 -6.28
C ALA A 100 -14.56 1.58 -5.76
N PRO A 101 -14.86 2.49 -4.79
CA PRO A 101 -16.19 2.55 -4.21
C PRO A 101 -17.18 3.20 -5.18
N VAL A 102 -16.82 4.40 -5.62
CA VAL A 102 -17.68 5.13 -6.54
C VAL A 102 -17.98 4.27 -7.75
N PRO A 103 -19.10 4.61 -8.44
CA PRO A 103 -19.51 3.86 -9.62
C PRO A 103 -18.63 4.21 -10.83
N THR A 104 -18.11 3.17 -11.45
CA THR A 104 -17.25 3.34 -12.61
C THR A 104 -18.00 4.09 -13.71
N PRO A 105 -17.20 4.77 -14.60
CA PRO A 105 -17.77 5.52 -15.70
C PRO A 105 -18.27 4.59 -16.81
N ILE A 106 -17.40 3.66 -17.19
CA ILE A 106 -17.73 2.71 -18.23
C ILE A 106 -18.21 3.46 -19.46
N CYS A 107 -18.38 2.71 -20.56
CA CYS A 107 -18.82 3.29 -21.80
C CYS A 107 -17.86 4.41 -22.19
N PRO A 108 -17.97 4.86 -23.46
CA PRO A 108 -17.12 5.93 -23.96
C PRO A 108 -17.54 7.29 -23.39
N THR A 109 -16.54 8.08 -23.04
CA THR A 109 -16.79 9.40 -22.49
C THR A 109 -18.00 9.36 -21.54
N THR A 110 -18.62 10.52 -21.40
CA THR A 110 -19.80 10.63 -20.53
C THR A 110 -20.72 11.75 -21.03
N THR A 111 -22.00 11.56 -20.80
CA THR A 111 -22.99 12.55 -21.20
C THR A 111 -22.43 13.96 -21.02
N PRO A 112 -21.92 14.53 -22.14
CA PRO A 112 -21.37 15.87 -22.13
C PRO A 112 -22.48 16.93 -22.06
N PRO A 113 -22.52 17.64 -20.90
CA PRO A 113 -23.51 18.68 -20.70
C PRO A 113 -23.18 19.93 -21.51
N PRO A 114 -24.17 20.86 -21.57
CA PRO A 114 -23.99 22.10 -22.30
C PRO A 114 -23.09 23.06 -21.54
N PRO A 115 -21.89 23.33 -22.12
CA PRO A 115 -20.94 24.23 -21.50
C PRO A 115 -21.37 25.68 -21.67
N PRO A 116 -20.81 26.55 -20.78
CA PRO A 116 -21.13 27.96 -20.82
C PRO A 116 -20.43 28.66 -22.00
N PRO A 117 -21.27 29.12 -22.97
CA PRO A 117 -20.75 29.80 -24.15
C PRO A 117 -20.29 31.22 -23.81
N PRO A 118 -19.43 31.77 -24.69
CA PRO A 118 -18.90 33.11 -24.50
C PRO A 118 -19.96 34.17 -24.83
N SER A 119 -19.69 35.39 -24.40
CA SER A 119 -20.61 36.49 -24.65
C SER A 119 -20.09 37.35 -25.80
N PRO A 120 -21.06 38.01 -26.51
CA PRO A 120 -20.71 38.86 -27.63
C PRO A 120 -20.12 40.19 -27.15
N GLU A 121 -19.83 41.05 -28.11
CA GLU A 121 -19.25 42.35 -27.80
C GLU A 121 -20.28 43.21 -27.04
N ALA A 122 -20.25 43.07 -25.73
CA ALA A 122 -21.17 43.83 -24.88
C ALA A 122 -21.18 45.29 -25.33
N HIS A 123 -20.05 45.95 -25.13
CA HIS A 123 -19.92 47.34 -25.50
C HIS A 123 -18.54 47.59 -26.11
N VAL A 124 -17.53 47.54 -25.24
CA VAL A 124 -16.17 47.75 -25.67
C VAL A 124 -15.29 48.07 -24.45
N PRO A 125 -15.76 49.05 -23.65
CA PRO A 125 -15.03 49.45 -22.45
C PRO A 125 -15.20 48.43 -21.34
N PRO A 126 -14.22 48.41 -20.42
CA PRO A 126 -14.24 47.48 -19.30
C PRO A 126 -15.27 47.93 -18.25
N PRO A 127 -16.34 47.10 -18.09
CA PRO A 127 -17.39 47.40 -17.13
C PRO A 127 -16.92 47.11 -15.71
N TYR A 128 -17.22 48.05 -14.82
CA TYR A 128 -16.83 47.90 -13.42
C TYR A 128 -15.42 47.32 -13.30
N VAL A 129 -14.57 47.72 -14.23
CA VAL A 129 -13.19 47.25 -14.24
C VAL A 129 -13.17 45.74 -14.01
N GLU A 130 -11.97 45.23 -13.80
CA GLU A 130 -11.80 43.79 -13.57
C GLU A 130 -10.42 43.51 -12.97
N PRO A 131 -10.37 43.55 -11.61
CA PRO A 131 -9.13 43.31 -10.89
C PRO A 131 -8.78 41.83 -10.90
N THR A 132 -7.48 41.56 -11.03
CA THR A 132 -7.01 40.19 -11.05
C THR A 132 -7.34 39.49 -9.73
N THR A 133 -8.16 38.46 -9.84
CA THR A 133 -8.57 37.69 -8.66
C THR A 133 -8.62 36.20 -8.98
N THR A 134 -9.41 35.86 -9.99
CA THR A 134 -9.55 34.48 -10.41
C THR A 134 -9.62 33.56 -9.19
N GLN A 135 -9.38 32.28 -9.44
CA GLN A 135 -9.40 31.30 -8.37
C GLN A 135 -8.87 29.96 -8.89
N CYS A 136 -9.28 29.62 -10.10
CA CYS A 136 -8.86 28.37 -10.71
C CYS A 136 -7.45 28.57 -11.29
N PHE A 137 -6.47 28.39 -10.43
CA PHE A 137 -5.07 28.55 -10.84
C PHE A 137 -4.17 27.54 -10.12
N HIS A 1 -25.41 -27.97 -0.68
CA HIS A 1 -25.00 -26.73 -1.32
C HIS A 1 -26.23 -25.89 -1.65
N MET A 2 -26.92 -25.48 -0.61
CA MET A 2 -28.12 -24.67 -0.77
C MET A 2 -27.86 -23.50 -1.72
N GLY A 3 -28.52 -23.54 -2.87
CA GLY A 3 -28.35 -22.49 -3.86
C GLY A 3 -28.28 -21.12 -3.19
N GLN A 4 -29.25 -20.86 -2.32
CA GLN A 4 -29.29 -19.60 -1.61
C GLN A 4 -28.09 -19.45 -0.67
N ILE A 5 -27.84 -18.22 -0.26
CA ILE A 5 -26.73 -17.94 0.63
C ILE A 5 -25.41 -18.22 -0.11
N HIS A 6 -25.12 -19.50 -0.24
CA HIS A 6 -23.90 -19.92 -0.92
C HIS A 6 -24.02 -21.38 -1.36
N GLY A 7 -24.48 -21.55 -2.59
CA GLY A 7 -24.66 -22.88 -3.14
C GLY A 7 -23.32 -23.46 -3.63
N LEU A 8 -22.37 -23.48 -2.71
CA LEU A 8 -21.04 -23.99 -3.03
C LEU A 8 -20.18 -23.99 -1.76
N SER A 9 -19.90 -22.79 -1.27
CA SER A 9 -19.10 -22.65 -0.08
C SER A 9 -17.68 -23.14 -0.34
N PRO A 10 -16.87 -22.25 -0.98
CA PRO A 10 -15.49 -22.57 -1.30
C PRO A 10 -14.61 -22.51 -0.05
N THR A 11 -13.91 -23.62 0.19
CA THR A 11 -13.03 -23.70 1.35
C THR A 11 -12.35 -22.35 1.60
N PRO A 12 -12.94 -21.58 2.55
CA PRO A 12 -12.41 -20.28 2.91
C PRO A 12 -11.14 -20.42 3.75
N ILE A 13 -11.25 -21.21 4.80
CA ILE A 13 -10.13 -21.44 5.70
C ILE A 13 -9.27 -20.17 5.76
N PRO A 14 -9.88 -19.08 6.27
CA PRO A 14 -9.20 -17.81 6.40
C PRO A 14 -8.19 -17.84 7.55
N LYS A 15 -8.59 -18.50 8.62
CA LYS A 15 -7.74 -18.61 9.79
C LYS A 15 -7.64 -17.25 10.47
N ALA A 16 -7.06 -16.30 9.74
CA ALA A 16 -6.89 -14.95 10.26
C ALA A 16 -8.14 -14.55 11.05
N PRO A 17 -8.03 -14.67 12.40
CA PRO A 17 -9.14 -14.33 13.28
C PRO A 17 -9.30 -12.81 13.38
N ARG A 18 -9.46 -12.18 12.23
CA ARG A 18 -9.64 -10.74 12.17
C ARG A 18 -8.39 -10.04 12.71
N GLY A 19 -7.64 -9.45 11.79
CA GLY A 19 -6.42 -8.75 12.14
C GLY A 19 -6.20 -7.53 11.25
N LEU A 20 -5.80 -7.81 10.00
CA LEU A 20 -5.55 -6.76 9.04
C LEU A 20 -6.10 -7.19 7.69
N SER A 21 -7.34 -7.64 7.70
CA SER A 21 -8.00 -8.08 6.47
C SER A 21 -7.00 -8.81 5.59
N THR A 22 -7.24 -8.73 4.29
CA THR A 22 -6.37 -9.39 3.32
C THR A 22 -6.22 -8.53 2.06
N HIS A 23 -5.34 -8.98 1.18
CA HIS A 23 -5.09 -8.26 -0.05
C HIS A 23 -4.11 -7.11 0.20
N HIS A 24 -4.45 -6.29 1.19
CA HIS A 24 -3.61 -5.16 1.55
C HIS A 24 -2.26 -5.67 2.06
N TRP A 25 -2.33 -6.61 3.00
CA TRP A 25 -1.12 -7.18 3.57
C TRP A 25 -0.43 -8.01 2.49
N LEU A 26 -1.24 -8.78 1.77
CA LEU A 26 -0.71 -9.62 0.71
C LEU A 26 0.13 -8.77 -0.25
N ASN A 27 -0.24 -7.50 -0.33
CA ASN A 27 0.46 -6.57 -1.21
C ASN A 27 1.86 -6.31 -0.64
N PHE A 28 1.99 -6.54 0.67
CA PHE A 28 3.26 -6.34 1.33
C PHE A 28 4.08 -7.62 1.35
N LEU A 29 3.39 -8.74 1.53
CA LEU A 29 4.05 -10.03 1.56
C LEU A 29 4.61 -10.35 0.18
N GLN A 30 3.93 -9.84 -0.84
CA GLN A 30 4.36 -10.06 -2.22
C GLN A 30 5.67 -9.34 -2.49
N ALA A 31 5.69 -8.06 -2.15
CA ALA A 31 6.87 -7.25 -2.35
C ALA A 31 8.04 -7.85 -1.56
N ALA A 32 7.75 -8.21 -0.33
CA ALA A 32 8.76 -8.80 0.54
C ALA A 32 9.23 -10.13 -0.06
N TYR A 33 8.46 -10.61 -1.02
CA TYR A 33 8.79 -11.86 -1.68
C TYR A 33 9.55 -11.61 -2.98
N ARG A 34 9.42 -10.40 -3.49
CA ARG A 34 10.09 -10.02 -4.72
C ARG A 34 11.53 -9.59 -4.43
N LEU A 35 11.74 -9.09 -3.22
CA LEU A 35 13.05 -8.64 -2.81
C LEU A 35 13.92 -9.86 -2.49
N GLN A 36 14.97 -9.61 -1.72
CA GLN A 36 15.88 -10.68 -1.33
C GLN A 36 15.13 -11.75 -0.54
N PRO A 37 15.48 -13.03 -0.85
CA PRO A 37 14.86 -14.15 -0.18
C PRO A 37 15.39 -14.32 1.24
N GLY A 38 15.07 -15.45 1.84
CA GLY A 38 15.51 -15.74 3.20
C GLY A 38 14.97 -17.09 3.68
N PRO A 39 15.48 -17.52 4.86
CA PRO A 39 15.05 -18.79 5.44
C PRO A 39 13.65 -18.68 6.04
N SER A 40 13.33 -19.64 6.89
CA SER A 40 12.03 -19.66 7.54
C SER A 40 11.61 -18.23 7.92
N ASP A 41 12.37 -17.66 8.85
CA ASP A 41 12.09 -16.30 9.30
C ASP A 41 12.67 -15.31 8.30
N PHE A 42 11.83 -14.36 7.90
CA PHE A 42 12.24 -13.34 6.94
C PHE A 42 12.32 -11.97 7.62
N ASP A 43 12.55 -12.00 8.92
CA ASP A 43 12.64 -10.76 9.68
C ASP A 43 11.27 -10.11 9.76
N PHE A 44 10.25 -10.95 9.86
CA PHE A 44 8.88 -10.47 9.95
C PHE A 44 8.64 -9.75 11.27
N GLN A 45 9.64 -9.82 12.14
CA GLN A 45 9.54 -9.18 13.45
C GLN A 45 9.54 -7.66 13.28
N GLN A 46 10.56 -7.16 12.61
CA GLN A 46 10.68 -5.73 12.38
C GLN A 46 9.47 -5.22 11.61
N LEU A 47 8.77 -6.14 10.97
CA LEU A 47 7.60 -5.80 10.20
C LEU A 47 6.38 -5.73 11.13
N ARG A 48 6.14 -6.83 11.83
CA ARG A 48 5.02 -6.91 12.75
C ARG A 48 5.10 -5.77 13.76
N ARG A 49 6.31 -5.27 13.96
CA ARG A 49 6.54 -4.19 14.91
C ARG A 49 6.06 -2.87 14.31
N PHE A 50 6.21 -2.76 13.00
CA PHE A 50 5.80 -1.55 12.30
C PHE A 50 4.29 -1.52 12.08
N LEU A 51 3.74 -2.69 11.79
CA LEU A 51 2.31 -2.82 11.56
C LEU A 51 1.56 -2.54 12.86
N LYS A 52 2.04 -3.17 13.92
CA LYS A 52 1.43 -3.01 15.24
C LYS A 52 1.50 -1.53 15.64
N LEU A 53 2.54 -0.87 15.16
CA LEU A 53 2.73 0.55 15.46
C LEU A 53 1.58 1.35 14.86
N ALA A 54 1.34 1.12 13.57
CA ALA A 54 0.28 1.81 12.87
C ALA A 54 -1.06 1.48 13.52
N LEU A 55 -1.13 0.29 14.09
CA LEU A 55 -2.34 -0.17 14.76
C LEU A 55 -2.77 0.88 15.79
N LYS A 56 -1.80 1.67 16.23
CA LYS A 56 -2.05 2.70 17.21
C LYS A 56 -2.77 3.87 16.54
N THR A 57 -2.90 3.77 15.22
CA THR A 57 -3.55 4.81 14.46
C THR A 57 -4.64 4.21 13.56
N PRO A 58 -5.86 4.07 14.16
CA PRO A 58 -6.98 3.51 13.43
C PRO A 58 -7.55 4.54 12.44
N ILE A 59 -6.66 5.05 11.60
CA ILE A 59 -7.07 6.03 10.61
C ILE A 59 -6.81 5.47 9.21
N TRP A 60 -5.92 4.50 9.15
CA TRP A 60 -5.57 3.87 7.89
C TRP A 60 -6.43 2.60 7.76
N LEU A 61 -6.90 2.11 8.89
CA LEU A 61 -7.72 0.92 8.91
C LEU A 61 -9.08 1.23 8.29
N ASN A 62 -9.70 2.27 8.81
CA ASN A 62 -11.01 2.69 8.33
C ASN A 62 -10.99 2.74 6.80
N PRO A 63 -10.08 3.60 6.26
CA PRO A 63 -9.94 3.74 4.83
C PRO A 63 -9.22 2.54 4.21
N ILE A 64 -8.77 1.65 5.09
CA ILE A 64 -8.07 0.45 4.66
C ILE A 64 -7.22 0.79 3.43
N ASP A 65 -5.98 1.21 3.71
CA ASP A 65 -5.06 1.56 2.65
C ASP A 65 -3.65 1.69 3.23
N TYR A 66 -2.78 0.79 2.80
CA TYR A 66 -1.40 0.78 3.27
C TYR A 66 -0.67 2.05 2.81
N SER A 67 -1.33 2.80 1.96
CA SER A 67 -0.77 4.03 1.45
C SER A 67 -0.52 5.02 2.59
N LEU A 68 -1.23 4.78 3.69
CA LEU A 68 -1.10 5.64 4.86
C LEU A 68 -0.07 5.04 5.81
N LEU A 69 0.22 3.76 5.59
CA LEU A 69 1.19 3.07 6.43
C LEU A 69 2.58 3.68 6.20
N ALA A 70 3.03 3.61 4.96
CA ALA A 70 4.34 4.14 4.61
C ALA A 70 4.44 5.58 5.12
N SER A 71 3.28 6.19 5.33
CA SER A 71 3.24 7.55 5.83
C SER A 71 3.57 7.59 7.32
N LEU A 72 2.98 6.65 8.05
CA LEU A 72 3.21 6.57 9.47
C LEU A 72 4.72 6.47 9.74
N ILE A 73 5.38 5.66 8.94
CA ILE A 73 6.82 5.48 9.08
C ILE A 73 7.47 6.81 9.47
N PRO A 74 7.71 6.97 10.79
CA PRO A 74 8.31 8.18 11.30
C PRO A 74 9.81 8.21 11.00
N LYS A 75 10.15 8.95 9.94
CA LYS A 75 11.54 9.07 9.54
C LYS A 75 12.03 7.72 8.99
N GLY A 76 12.70 7.80 7.86
CA GLY A 76 13.23 6.61 7.22
C GLY A 76 13.70 5.59 8.26
N TYR A 77 13.10 4.41 8.19
CA TYR A 77 13.45 3.34 9.13
C TYR A 77 14.62 2.52 8.60
N PRO A 78 15.18 1.67 9.51
CA PRO A 78 16.31 0.82 9.15
C PRO A 78 15.85 -0.35 8.27
N GLY A 79 16.75 -1.31 8.12
CA GLY A 79 16.46 -2.49 7.31
C GLY A 79 15.84 -2.09 5.97
N ARG A 80 15.36 -3.10 5.25
CA ARG A 80 14.74 -2.87 3.96
C ARG A 80 13.23 -3.00 4.08
N VAL A 81 12.74 -2.87 5.31
CA VAL A 81 11.32 -2.97 5.57
C VAL A 81 10.58 -1.91 4.75
N VAL A 82 11.10 -0.69 4.82
CA VAL A 82 10.50 0.42 4.10
C VAL A 82 10.55 0.13 2.59
N GLU A 83 11.66 -0.47 2.18
CA GLU A 83 11.84 -0.81 0.77
C GLU A 83 10.69 -1.71 0.29
N ILE A 84 10.23 -2.56 1.20
CA ILE A 84 9.15 -3.47 0.87
C ILE A 84 7.84 -2.69 0.73
N ILE A 85 7.89 -1.45 1.19
CA ILE A 85 6.73 -0.57 1.12
C ILE A 85 6.89 0.39 -0.06
N ASN A 86 8.10 0.90 -0.22
CA ASN A 86 8.39 1.82 -1.30
C ASN A 86 7.98 1.18 -2.63
N ILE A 87 7.96 -0.14 -2.64
CA ILE A 87 7.58 -0.87 -3.83
C ILE A 87 6.07 -0.77 -4.04
N LEU A 88 5.35 -0.80 -2.93
CA LEU A 88 3.90 -0.72 -2.98
C LEU A 88 3.49 0.71 -3.36
N VAL A 89 4.18 1.66 -2.75
CA VAL A 89 3.90 3.07 -3.00
C VAL A 89 4.16 3.37 -4.48
N LYS A 90 5.33 2.95 -4.94
CA LYS A 90 5.72 3.17 -6.32
C LYS A 90 4.73 2.45 -7.24
N ASN A 91 3.96 1.56 -6.64
CA ASN A 91 2.97 0.80 -7.39
C ASN A 91 1.57 1.15 -6.88
N GLN A 92 1.40 2.41 -6.52
CA GLN A 92 0.12 2.88 -6.01
C GLN A 92 -0.85 3.12 -7.18
N VAL A 93 -0.50 4.08 -8.01
CA VAL A 93 -1.33 4.41 -9.15
C VAL A 93 -0.84 5.72 -9.78
N SER A 94 0.30 5.63 -10.45
CA SER A 94 0.88 6.79 -11.10
C SER A 94 2.34 6.52 -11.45
N PRO A 95 3.12 6.11 -10.40
CA PRO A 95 4.53 5.80 -10.60
C PRO A 95 4.71 4.47 -11.31
N SER A 96 3.59 3.79 -11.54
CA SER A 96 3.62 2.50 -12.21
C SER A 96 4.64 2.53 -13.35
N ALA A 97 4.64 3.63 -14.08
CA ALA A 97 5.57 3.78 -15.20
C ALA A 97 5.15 4.99 -16.04
N PRO A 98 3.87 4.96 -16.48
CA PRO A 98 3.33 6.05 -17.29
C PRO A 98 3.05 7.28 -16.43
N ALA A 99 4.03 8.16 -16.38
CA ALA A 99 3.91 9.39 -15.61
C ALA A 99 4.84 10.46 -16.20
N ALA A 100 6.13 10.15 -16.18
CA ALA A 100 7.12 11.07 -16.70
C ALA A 100 7.83 10.41 -17.89
N PRO A 101 8.36 11.29 -18.79
CA PRO A 101 9.07 10.82 -19.97
C PRO A 101 10.46 10.29 -19.60
N VAL A 102 11.01 9.49 -20.49
CA VAL A 102 12.33 8.91 -20.28
C VAL A 102 13.39 9.99 -20.51
N PRO A 103 13.29 10.65 -21.69
CA PRO A 103 14.23 11.70 -22.05
C PRO A 103 13.93 12.98 -21.28
N THR A 104 14.73 14.01 -21.57
CA THR A 104 14.57 15.29 -20.91
C THR A 104 14.75 16.43 -21.91
N PRO A 105 14.18 17.61 -21.54
CA PRO A 105 14.27 18.78 -22.40
C PRO A 105 15.67 19.40 -22.34
N ILE A 106 15.88 20.42 -23.14
CA ILE A 106 17.15 21.10 -23.19
C ILE A 106 16.92 22.62 -23.17
N CYS A 107 16.00 23.05 -24.02
CA CYS A 107 15.68 24.46 -24.11
C CYS A 107 14.16 24.61 -23.99
N PRO A 108 13.74 25.83 -23.56
CA PRO A 108 12.32 26.12 -23.40
C PRO A 108 11.64 26.33 -24.75
N THR A 109 10.71 25.43 -25.06
CA THR A 109 9.98 25.51 -26.31
C THR A 109 9.20 26.82 -26.40
N THR A 110 8.82 27.16 -27.62
CA THR A 110 8.07 28.38 -27.85
C THR A 110 8.68 29.55 -27.07
N THR A 111 7.93 30.64 -27.01
CA THR A 111 8.39 31.82 -26.29
C THR A 111 9.89 32.04 -26.51
N PRO A 112 10.23 32.41 -27.78
CA PRO A 112 11.61 32.66 -28.14
C PRO A 112 12.10 34.00 -27.58
N PRO A 113 13.44 34.09 -27.39
CA PRO A 113 14.04 35.30 -26.87
C PRO A 113 14.08 36.40 -27.93
N PRO A 114 13.29 37.47 -27.68
CA PRO A 114 13.23 38.59 -28.61
C PRO A 114 14.49 39.45 -28.51
N PRO A 115 15.28 39.44 -29.62
CA PRO A 115 16.51 40.21 -29.67
C PRO A 115 16.22 41.70 -29.85
N PRO A 116 16.55 42.49 -28.80
CA PRO A 116 16.33 43.92 -28.83
C PRO A 116 17.37 44.62 -29.72
N PRO A 117 17.12 45.93 -29.97
CA PRO A 117 18.01 46.71 -30.80
C PRO A 117 19.30 47.07 -30.04
N PRO A 118 20.38 47.31 -30.82
CA PRO A 118 21.66 47.66 -30.23
C PRO A 118 21.67 49.10 -29.73
N SER A 119 22.82 49.53 -29.25
CA SER A 119 22.97 50.88 -28.73
C SER A 119 24.22 50.98 -27.86
N PRO A 120 24.31 50.04 -26.88
CA PRO A 120 25.45 50.02 -25.98
C PRO A 120 26.69 49.45 -26.67
N GLU A 121 26.46 48.39 -27.44
CA GLU A 121 27.55 47.74 -28.15
C GLU A 121 28.30 48.77 -29.02
N ALA A 122 29.20 48.26 -29.84
CA ALA A 122 29.98 49.12 -30.72
C ALA A 122 30.95 49.95 -29.87
N HIS A 123 30.38 50.89 -29.13
CA HIS A 123 31.18 51.75 -28.27
C HIS A 123 31.62 50.97 -27.03
N VAL A 124 30.65 50.73 -26.15
CA VAL A 124 30.93 50.00 -24.92
C VAL A 124 31.91 48.87 -25.21
N PRO A 125 33.21 49.12 -24.89
CA PRO A 125 34.24 48.14 -25.11
C PRO A 125 34.17 47.02 -24.07
N PRO A 126 34.99 45.96 -24.30
CA PRO A 126 35.02 44.83 -23.39
C PRO A 126 35.78 45.17 -22.11
N PRO A 127 35.50 44.38 -21.04
CA PRO A 127 36.15 44.60 -19.75
C PRO A 127 37.59 44.10 -19.78
N TYR A 128 38.48 45.01 -20.16
CA TYR A 128 39.90 44.67 -20.22
C TYR A 128 40.10 43.23 -20.70
N VAL A 129 40.14 42.32 -19.73
CA VAL A 129 40.32 40.92 -20.03
C VAL A 129 41.73 40.70 -20.59
N GLU A 130 41.98 41.29 -21.74
CA GLU A 130 43.29 41.17 -22.38
C GLU A 130 44.39 41.22 -21.33
N PRO A 131 44.39 42.32 -20.54
CA PRO A 131 45.39 42.49 -19.49
C PRO A 131 45.11 41.58 -18.30
N THR A 132 45.81 40.45 -18.28
CA THR A 132 45.64 39.49 -17.20
C THR A 132 46.84 38.54 -17.14
N THR A 133 46.79 37.64 -16.18
CA THR A 133 47.85 36.67 -16.00
C THR A 133 49.21 37.32 -16.27
N THR A 134 50.17 36.48 -16.64
CA THR A 134 51.51 36.96 -16.92
C THR A 134 52.15 37.56 -15.67
N GLN A 135 51.73 38.77 -15.35
CA GLN A 135 52.25 39.46 -14.17
C GLN A 135 53.74 39.18 -14.01
N CYS A 136 54.04 38.21 -13.16
CA CYS A 136 55.42 37.84 -12.90
C CYS A 136 55.97 37.15 -14.16
N PHE A 137 57.16 37.58 -14.56
CA PHE A 137 57.81 37.01 -15.73
C PHE A 137 59.21 37.58 -15.91
N HIS A 1 -9.67 9.27 4.58
CA HIS A 1 -10.62 10.05 5.36
C HIS A 1 -11.18 11.18 4.49
N MET A 2 -12.18 10.82 3.69
CA MET A 2 -12.81 11.79 2.80
C MET A 2 -13.91 11.13 1.97
N GLY A 3 -13.65 9.89 1.58
CA GLY A 3 -14.60 9.13 0.78
C GLY A 3 -13.99 7.82 0.29
N GLN A 4 -14.84 7.01 -0.31
CA GLN A 4 -14.40 5.71 -0.83
C GLN A 4 -15.45 5.13 -1.78
N ILE A 5 -15.79 5.92 -2.79
CA ILE A 5 -16.77 5.51 -3.76
C ILE A 5 -17.92 4.78 -3.06
N HIS A 6 -18.64 3.97 -3.82
CA HIS A 6 -19.75 3.22 -3.28
C HIS A 6 -19.24 2.16 -2.31
N GLY A 7 -19.79 2.17 -1.11
CA GLY A 7 -19.40 1.21 -0.09
C GLY A 7 -17.89 0.94 -0.15
N LEU A 8 -17.55 -0.23 -0.65
CA LEU A 8 -16.16 -0.63 -0.76
C LEU A 8 -16.04 -1.78 -1.77
N SER A 9 -16.49 -2.95 -1.35
CA SER A 9 -16.44 -4.12 -2.19
C SER A 9 -16.72 -5.38 -1.36
N PRO A 10 -15.92 -5.54 -0.28
CA PRO A 10 -16.07 -6.69 0.60
C PRO A 10 -17.31 -6.54 1.48
N THR A 11 -17.41 -7.43 2.46
CA THR A 11 -18.53 -7.41 3.38
C THR A 11 -18.23 -8.28 4.60
N PRO A 12 -17.25 -7.82 5.41
CA PRO A 12 -16.86 -8.55 6.61
C PRO A 12 -17.91 -8.37 7.71
N ILE A 13 -18.79 -9.36 7.82
CA ILE A 13 -19.83 -9.32 8.83
C ILE A 13 -19.20 -9.46 10.22
N PRO A 14 -18.35 -10.51 10.37
CA PRO A 14 -17.69 -10.75 11.64
C PRO A 14 -16.53 -9.75 11.85
N LYS A 15 -16.42 -9.29 13.09
CA LYS A 15 -15.39 -8.33 13.43
C LYS A 15 -15.44 -7.15 12.46
N ALA A 16 -16.26 -6.17 12.82
CA ALA A 16 -16.41 -4.99 12.00
C ALA A 16 -15.08 -4.25 11.93
N PRO A 17 -14.53 -3.93 13.14
CA PRO A 17 -13.27 -3.22 13.23
C PRO A 17 -12.09 -4.14 12.90
N ARG A 18 -12.16 -4.74 11.71
CA ARG A 18 -11.11 -5.65 11.27
C ARG A 18 -9.74 -5.04 11.52
N GLY A 19 -8.73 -5.89 11.53
CA GLY A 19 -7.36 -5.45 11.75
C GLY A 19 -6.58 -5.41 10.43
N LEU A 20 -5.74 -6.42 10.25
CA LEU A 20 -4.92 -6.49 9.05
C LEU A 20 -5.61 -7.41 8.04
N SER A 21 -5.90 -6.86 6.88
CA SER A 21 -6.55 -7.61 5.82
C SER A 21 -5.52 -8.46 5.07
N THR A 22 -5.91 -8.86 3.86
CA THR A 22 -5.03 -9.67 3.03
C THR A 22 -4.77 -8.97 1.69
N HIS A 23 -5.85 -8.46 1.12
CA HIS A 23 -5.75 -7.77 -0.16
C HIS A 23 -4.85 -6.54 -0.01
N HIS A 24 -4.59 -6.18 1.24
CA HIS A 24 -3.74 -5.03 1.52
C HIS A 24 -2.39 -5.52 2.08
N TRP A 25 -2.47 -6.58 2.87
CA TRP A 25 -1.27 -7.15 3.47
C TRP A 25 -0.45 -7.80 2.36
N LEU A 26 -1.15 -8.54 1.50
CA LEU A 26 -0.51 -9.22 0.39
C LEU A 26 0.32 -8.22 -0.40
N ASN A 27 -0.11 -6.97 -0.37
CA ASN A 27 0.59 -5.91 -1.08
C ASN A 27 1.92 -5.62 -0.38
N PHE A 28 1.99 -6.04 0.87
CA PHE A 28 3.19 -5.83 1.66
C PHE A 28 4.04 -7.11 1.71
N LEU A 29 3.36 -8.23 1.70
CA LEU A 29 4.03 -9.52 1.75
C LEU A 29 4.63 -9.83 0.37
N GLN A 30 3.94 -9.34 -0.65
CA GLN A 30 4.41 -9.54 -2.03
C GLN A 30 5.77 -8.89 -2.23
N ALA A 31 5.88 -7.65 -1.79
CA ALA A 31 7.12 -6.91 -1.91
C ALA A 31 8.22 -7.63 -1.15
N ALA A 32 7.89 -8.02 0.08
CA ALA A 32 8.84 -8.73 0.93
C ALA A 32 9.32 -9.99 0.22
N TYR A 33 8.38 -10.62 -0.49
CA TYR A 33 8.69 -11.84 -1.22
C TYR A 33 9.46 -11.52 -2.50
N ARG A 34 9.49 -10.24 -2.84
CA ARG A 34 10.19 -9.80 -4.03
C ARG A 34 11.62 -9.40 -3.69
N LEU A 35 11.88 -9.30 -2.40
CA LEU A 35 13.20 -8.92 -1.93
C LEU A 35 14.06 -10.18 -1.74
N GLN A 36 13.45 -11.16 -1.09
CA GLN A 36 14.14 -12.42 -0.84
C GLN A 36 15.47 -12.17 -0.13
N PRO A 37 15.37 -11.80 1.17
CA PRO A 37 16.56 -11.53 1.97
C PRO A 37 17.27 -12.82 2.35
N GLY A 38 17.80 -13.49 1.34
CA GLY A 38 18.51 -14.74 1.56
C GLY A 38 17.55 -15.93 1.54
N PRO A 39 17.91 -16.97 2.33
CA PRO A 39 17.08 -18.17 2.41
C PRO A 39 15.82 -17.91 3.24
N SER A 40 16.02 -17.83 4.55
CA SER A 40 14.91 -17.59 5.46
C SER A 40 15.44 -17.42 6.89
N ASP A 41 14.83 -16.48 7.60
CA ASP A 41 15.23 -16.21 8.96
C ASP A 41 14.01 -15.68 9.74
N PHE A 42 13.77 -14.38 9.59
CA PHE A 42 12.65 -13.75 10.27
C PHE A 42 12.60 -12.26 9.96
N ASP A 43 12.36 -11.95 8.70
CA ASP A 43 12.28 -10.56 8.27
C ASP A 43 10.90 -10.00 8.60
N PHE A 44 10.07 -10.86 9.20
CA PHE A 44 8.73 -10.46 9.58
C PHE A 44 8.74 -9.71 10.91
N GLN A 45 9.87 -9.80 11.60
CA GLN A 45 10.02 -9.13 12.89
C GLN A 45 10.02 -7.61 12.69
N GLN A 46 10.90 -7.15 11.82
CA GLN A 46 11.01 -5.74 11.54
C GLN A 46 9.71 -5.21 10.93
N LEU A 47 8.97 -6.12 10.32
CA LEU A 47 7.70 -5.77 9.70
C LEU A 47 6.62 -5.69 10.77
N ARG A 48 6.46 -6.80 11.48
CA ARG A 48 5.46 -6.87 12.54
C ARG A 48 5.66 -5.73 13.53
N ARG A 49 6.87 -5.18 13.52
CA ARG A 49 7.20 -4.08 14.42
C ARG A 49 6.64 -2.77 13.87
N PHE A 50 6.73 -2.62 12.56
CA PHE A 50 6.25 -1.42 11.90
C PHE A 50 4.73 -1.45 11.76
N LEU A 51 4.20 -2.65 11.56
CA LEU A 51 2.77 -2.84 11.41
C LEU A 51 2.08 -2.57 12.74
N LYS A 52 2.56 -3.26 13.76
CA LYS A 52 2.00 -3.10 15.10
C LYS A 52 2.02 -1.63 15.49
N LEU A 53 2.99 -0.92 14.93
CA LEU A 53 3.13 0.50 15.21
C LEU A 53 1.91 1.25 14.67
N ALA A 54 1.61 1.00 13.40
CA ALA A 54 0.49 1.64 12.75
C ALA A 54 -0.81 1.22 13.47
N LEU A 55 -0.79 0.01 14.00
CA LEU A 55 -1.95 -0.52 14.70
C LEU A 55 -2.36 0.46 15.79
N LYS A 56 -1.38 1.17 16.32
CA LYS A 56 -1.63 2.14 17.37
C LYS A 56 -2.39 3.33 16.77
N THR A 57 -2.50 3.33 15.46
CA THR A 57 -3.20 4.39 14.75
C THR A 57 -4.35 3.82 13.92
N PRO A 58 -5.50 3.61 14.60
CA PRO A 58 -6.67 3.06 13.93
C PRO A 58 -7.35 4.13 13.06
N ILE A 59 -6.55 4.73 12.20
CA ILE A 59 -7.05 5.76 11.31
C ILE A 59 -6.90 5.29 9.85
N TRP A 60 -6.00 4.34 9.66
CA TRP A 60 -5.75 3.80 8.33
C TRP A 60 -6.57 2.52 8.19
N LEU A 61 -6.89 1.92 9.33
CA LEU A 61 -7.66 0.69 9.34
C LEU A 61 -9.08 0.98 8.86
N ASN A 62 -9.72 1.94 9.52
CA ASN A 62 -11.07 2.33 9.16
C ASN A 62 -11.17 2.51 7.64
N PRO A 63 -10.35 3.46 7.13
CA PRO A 63 -10.33 3.74 5.70
C PRO A 63 -9.59 2.65 4.94
N ILE A 64 -8.95 1.77 5.69
CA ILE A 64 -8.20 0.67 5.10
C ILE A 64 -7.53 1.16 3.82
N ASP A 65 -6.33 1.70 3.98
CA ASP A 65 -5.58 2.20 2.85
C ASP A 65 -4.08 2.24 3.22
N TYR A 66 -3.31 1.45 2.49
CA TYR A 66 -1.87 1.39 2.73
C TYR A 66 -1.21 2.73 2.40
N SER A 67 -1.94 3.55 1.66
CA SER A 67 -1.44 4.86 1.28
C SER A 67 -1.15 5.70 2.52
N LEU A 68 -1.82 5.35 3.61
CA LEU A 68 -1.65 6.06 4.85
C LEU A 68 -0.54 5.39 5.67
N LEU A 69 -0.26 4.15 5.31
CA LEU A 69 0.77 3.38 6.00
C LEU A 69 2.13 4.02 5.73
N ALA A 70 2.48 4.07 4.45
CA ALA A 70 3.76 4.64 4.05
C ALA A 70 3.93 6.02 4.70
N SER A 71 2.79 6.60 5.09
CA SER A 71 2.80 7.89 5.72
C SER A 71 3.28 7.78 7.17
N LEU A 72 2.78 6.76 7.84
CA LEU A 72 3.16 6.51 9.22
C LEU A 72 4.68 6.39 9.32
N ILE A 73 5.26 5.73 8.33
CA ILE A 73 6.70 5.54 8.28
C ILE A 73 7.39 6.80 8.79
N PRO A 74 7.87 6.73 10.06
CA PRO A 74 8.55 7.86 10.67
C PRO A 74 9.97 8.01 10.11
N LYS A 75 10.22 9.18 9.55
CA LYS A 75 11.52 9.48 8.97
C LYS A 75 12.12 8.19 8.42
N GLY A 76 11.31 7.45 7.68
CA GLY A 76 11.75 6.20 7.10
C GLY A 76 12.24 5.23 8.18
N TYR A 77 11.60 4.07 8.22
CA TYR A 77 11.97 3.05 9.19
C TYR A 77 13.21 2.28 8.74
N PRO A 78 13.58 1.26 9.56
CA PRO A 78 14.74 0.44 9.26
C PRO A 78 14.45 -0.53 8.12
N GLY A 79 15.50 -1.18 7.65
CA GLY A 79 15.36 -2.14 6.57
C GLY A 79 14.37 -3.25 6.94
N ARG A 80 14.01 -4.04 5.94
CA ARG A 80 13.08 -5.13 6.14
C ARG A 80 11.67 -4.59 6.34
N VAL A 81 11.53 -3.28 6.15
CA VAL A 81 10.24 -2.63 6.31
C VAL A 81 10.00 -1.70 5.11
N VAL A 82 10.57 -0.52 5.19
CA VAL A 82 10.42 0.47 4.13
C VAL A 82 10.94 -0.13 2.81
N GLU A 83 12.04 -0.86 2.93
CA GLU A 83 12.65 -1.49 1.77
C GLU A 83 11.62 -2.35 1.04
N ILE A 84 10.60 -2.75 1.77
CA ILE A 84 9.54 -3.58 1.21
C ILE A 84 8.42 -2.68 0.68
N ILE A 85 8.20 -1.58 1.39
CA ILE A 85 7.17 -0.63 1.00
C ILE A 85 7.64 0.16 -0.22
N ASN A 86 8.93 0.44 -0.24
CA ASN A 86 9.51 1.19 -1.34
C ASN A 86 9.18 0.49 -2.67
N ILE A 87 9.05 -0.82 -2.59
CA ILE A 87 8.73 -1.62 -3.77
C ILE A 87 7.32 -1.26 -4.24
N LEU A 88 6.46 -0.98 -3.28
CA LEU A 88 5.08 -0.61 -3.59
C LEU A 88 5.04 0.80 -4.16
N VAL A 89 5.82 1.68 -3.55
CA VAL A 89 5.88 3.07 -3.98
C VAL A 89 6.49 3.12 -5.39
N LYS A 90 7.64 2.47 -5.53
CA LYS A 90 8.33 2.44 -6.80
C LYS A 90 7.45 1.73 -7.84
N ASN A 91 6.43 1.06 -7.33
CA ASN A 91 5.51 0.34 -8.19
C ASN A 91 4.52 1.32 -8.82
N GLN A 92 3.69 1.90 -7.95
CA GLN A 92 2.70 2.87 -8.41
C GLN A 92 1.66 3.10 -7.31
N VAL A 93 2.15 3.61 -6.18
CA VAL A 93 1.28 3.89 -5.05
C VAL A 93 1.92 4.97 -4.18
N SER A 94 2.20 6.11 -4.80
CA SER A 94 2.80 7.21 -4.08
C SER A 94 3.27 8.29 -5.08
N PRO A 95 4.09 7.84 -6.06
CA PRO A 95 4.61 8.75 -7.07
C PRO A 95 3.52 9.10 -8.10
N SER A 96 2.66 10.02 -7.70
CA SER A 96 1.57 10.46 -8.57
C SER A 96 0.74 9.26 -8.99
N ALA A 97 -0.45 9.56 -9.51
CA ALA A 97 -1.36 8.52 -9.96
C ALA A 97 -1.33 7.36 -8.96
N PRO A 98 -1.80 7.67 -7.71
CA PRO A 98 -1.83 6.67 -6.66
C PRO A 98 -2.98 5.69 -6.88
N ALA A 99 -2.93 5.00 -8.02
CA ALA A 99 -3.95 4.03 -8.36
C ALA A 99 -3.51 3.25 -9.60
N ALA A 100 -2.28 2.76 -9.55
CA ALA A 100 -1.72 2.01 -10.66
C ALA A 100 -2.12 2.68 -11.98
N PRO A 101 -1.23 3.61 -12.44
CA PRO A 101 -1.47 4.33 -13.68
C PRO A 101 -1.21 3.42 -14.89
N VAL A 102 -1.38 4.01 -16.06
CA VAL A 102 -1.17 3.27 -17.30
C VAL A 102 0.33 3.01 -17.48
N PRO A 103 0.63 1.93 -18.26
CA PRO A 103 2.01 1.55 -18.51
C PRO A 103 2.65 2.50 -19.53
N THR A 104 3.68 3.20 -19.06
CA THR A 104 4.38 4.14 -19.91
C THR A 104 3.39 5.09 -20.60
N PRO A 105 3.07 6.20 -19.89
CA PRO A 105 2.14 7.19 -20.42
C PRO A 105 2.81 8.04 -21.51
N ILE A 106 2.73 7.54 -22.74
CA ILE A 106 3.31 8.24 -23.87
C ILE A 106 2.64 9.60 -24.02
N CYS A 107 3.43 10.56 -24.48
CA CYS A 107 2.92 11.90 -24.69
C CYS A 107 4.01 12.74 -25.36
N PRO A 108 3.92 12.81 -26.72
CA PRO A 108 4.90 13.57 -27.48
C PRO A 108 4.65 15.07 -27.35
N THR A 109 5.73 15.79 -27.03
CA THR A 109 5.64 17.23 -26.88
C THR A 109 4.66 17.58 -25.75
N THR A 110 5.00 18.66 -25.04
CA THR A 110 4.16 19.12 -23.94
C THR A 110 4.45 20.58 -23.63
N THR A 111 5.73 20.91 -23.61
CA THR A 111 6.13 22.28 -23.33
C THR A 111 5.26 22.90 -22.25
N PRO A 112 5.38 22.34 -21.02
CA PRO A 112 4.60 22.82 -19.89
C PRO A 112 5.15 24.15 -19.37
N PRO A 113 4.26 24.90 -18.67
CA PRO A 113 4.64 26.20 -18.12
C PRO A 113 5.52 26.02 -16.88
N PRO A 114 6.80 26.45 -17.03
CA PRO A 114 7.75 26.34 -15.93
C PRO A 114 7.48 27.41 -14.86
N PRO A 115 8.10 27.20 -13.67
CA PRO A 115 7.93 28.13 -12.57
C PRO A 115 8.73 29.42 -12.81
N PRO A 116 8.44 30.44 -11.96
CA PRO A 116 9.12 31.72 -12.07
C PRO A 116 10.55 31.63 -11.52
N PRO A 117 11.53 31.78 -12.45
CA PRO A 117 12.93 31.71 -12.07
C PRO A 117 13.36 33.00 -11.35
N PRO A 118 14.61 32.96 -10.79
CA PRO A 118 15.14 34.10 -10.08
C PRO A 118 15.58 35.19 -11.05
N SER A 119 16.21 34.77 -12.14
CA SER A 119 16.67 35.71 -13.15
C SER A 119 15.66 36.84 -13.31
N PRO A 120 14.42 36.45 -13.69
CA PRO A 120 13.35 37.42 -13.88
C PRO A 120 12.84 37.95 -12.54
N GLU A 121 12.19 37.06 -11.80
CA GLU A 121 11.65 37.43 -10.50
C GLU A 121 10.44 38.37 -10.68
N ALA A 122 9.51 38.25 -9.74
CA ALA A 122 8.32 39.08 -9.78
C ALA A 122 7.45 38.76 -8.56
N HIS A 123 7.12 39.81 -7.83
CA HIS A 123 6.29 39.66 -6.64
C HIS A 123 5.19 38.63 -6.90
N VAL A 124 4.24 39.03 -7.73
CA VAL A 124 3.13 38.16 -8.08
C VAL A 124 2.01 38.98 -8.72
N PRO A 125 1.62 40.06 -8.01
CA PRO A 125 0.56 40.94 -8.50
C PRO A 125 1.08 41.83 -9.64
N PRO A 126 0.12 42.28 -10.50
CA PRO A 126 0.47 43.13 -11.62
C PRO A 126 0.76 44.56 -11.15
N PRO A 127 1.57 45.28 -11.98
CA PRO A 127 1.95 46.64 -11.66
C PRO A 127 0.77 47.60 -11.92
N TYR A 128 -0.29 47.41 -11.15
CA TYR A 128 -1.47 48.24 -11.28
C TYR A 128 -1.77 48.52 -12.75
N VAL A 129 -2.60 49.55 -12.96
CA VAL A 129 -2.98 49.93 -14.31
C VAL A 129 -4.03 51.05 -14.24
N GLU A 130 -4.88 50.95 -13.23
CA GLU A 130 -5.93 51.94 -13.05
C GLU A 130 -5.40 53.34 -13.36
N PRO A 131 -4.29 53.71 -12.65
CA PRO A 131 -3.68 55.01 -12.84
C PRO A 131 -2.89 55.05 -14.15
N THR A 132 -3.62 55.27 -15.24
CA THR A 132 -3.01 55.35 -16.55
C THR A 132 -2.22 56.66 -16.71
N THR A 133 -1.20 56.60 -17.54
CA THR A 133 -0.37 57.76 -17.79
C THR A 133 -1.24 59.02 -17.88
N THR A 134 -2.35 58.88 -18.57
CA THR A 134 -3.28 60.00 -18.74
C THR A 134 -3.60 60.63 -17.40
N GLN A 135 -4.28 61.77 -17.46
CA GLN A 135 -4.66 62.49 -16.25
C GLN A 135 -3.41 63.02 -15.54
N CYS A 136 -3.14 64.29 -15.77
CA CYS A 136 -1.99 64.94 -15.17
C CYS A 136 -2.32 66.41 -14.92
N PHE A 137 -2.58 67.11 -16.02
CA PHE A 137 -2.92 68.52 -15.94
C PHE A 137 -3.79 68.94 -17.12
N HIS A 1 -9.73 -24.10 34.56
CA HIS A 1 -9.74 -24.07 33.11
C HIS A 1 -8.70 -23.05 32.62
N MET A 2 -7.44 -23.37 32.88
CA MET A 2 -6.35 -22.52 32.47
C MET A 2 -6.58 -21.97 31.06
N GLY A 3 -6.13 -20.74 30.85
CA GLY A 3 -6.29 -20.10 29.55
C GLY A 3 -7.77 -19.87 29.22
N GLN A 4 -8.16 -18.61 29.24
CA GLN A 4 -9.54 -18.25 28.94
C GLN A 4 -10.01 -18.97 27.68
N ILE A 5 -11.33 -19.06 27.55
CA ILE A 5 -11.92 -19.72 26.39
C ILE A 5 -13.06 -18.86 25.86
N HIS A 6 -12.76 -17.59 25.63
CA HIS A 6 -13.75 -16.66 25.11
C HIS A 6 -13.36 -16.24 23.69
N GLY A 7 -14.25 -15.47 23.08
CA GLY A 7 -14.02 -15.01 21.73
C GLY A 7 -14.46 -13.55 21.57
N LEU A 8 -15.75 -13.37 21.32
CA LEU A 8 -16.30 -12.03 21.16
C LEU A 8 -17.81 -12.14 20.98
N SER A 9 -18.21 -12.68 19.84
CA SER A 9 -19.62 -12.84 19.52
C SER A 9 -19.79 -13.78 18.32
N PRO A 10 -19.35 -15.05 18.52
CA PRO A 10 -19.45 -16.05 17.47
C PRO A 10 -20.90 -16.53 17.31
N THR A 11 -21.75 -15.61 16.90
CA THR A 11 -23.16 -15.92 16.69
C THR A 11 -23.86 -14.78 15.97
N PRO A 12 -23.90 -13.60 16.64
CA PRO A 12 -24.53 -12.42 16.08
C PRO A 12 -23.66 -11.81 14.98
N ILE A 13 -22.36 -11.82 15.22
CA ILE A 13 -21.41 -11.26 14.27
C ILE A 13 -20.00 -11.76 14.61
N PRO A 14 -19.64 -12.92 14.02
CA PRO A 14 -18.33 -13.51 14.26
C PRO A 14 -17.25 -12.75 13.49
N LYS A 15 -16.50 -11.92 14.23
CA LYS A 15 -15.44 -11.14 13.64
C LYS A 15 -16.04 -10.10 12.70
N ALA A 16 -15.17 -9.25 12.17
CA ALA A 16 -15.61 -8.20 11.26
C ALA A 16 -14.53 -7.98 10.19
N PRO A 17 -14.96 -7.31 9.08
CA PRO A 17 -14.04 -7.03 7.99
C PRO A 17 -13.07 -5.90 8.35
N ARG A 18 -12.03 -6.28 9.08
CA ARG A 18 -11.02 -5.31 9.49
C ARG A 18 -10.57 -4.48 8.29
N GLY A 19 -10.02 -3.31 8.60
CA GLY A 19 -9.53 -2.41 7.56
C GLY A 19 -8.50 -3.11 6.67
N LEU A 20 -7.41 -3.52 7.29
CA LEU A 20 -6.34 -4.19 6.57
C LEU A 20 -6.65 -5.70 6.51
N SER A 21 -6.91 -6.16 5.29
CA SER A 21 -7.22 -7.56 5.08
C SER A 21 -5.99 -8.29 4.53
N THR A 22 -6.21 -9.53 4.13
CA THR A 22 -5.14 -10.35 3.58
C THR A 22 -4.53 -9.68 2.34
N HIS A 23 -5.42 -9.10 1.53
CA HIS A 23 -5.01 -8.44 0.32
C HIS A 23 -4.07 -7.28 0.66
N HIS A 24 -4.46 -6.53 1.68
CA HIS A 24 -3.67 -5.39 2.12
C HIS A 24 -2.28 -5.86 2.56
N TRP A 25 -2.26 -7.00 3.25
CA TRP A 25 -1.01 -7.56 3.73
C TRP A 25 -0.28 -8.17 2.53
N LEU A 26 -1.05 -8.86 1.70
CA LEU A 26 -0.50 -9.49 0.52
C LEU A 26 0.27 -8.45 -0.30
N ASN A 27 -0.17 -7.20 -0.18
CA ASN A 27 0.46 -6.11 -0.89
C ASN A 27 1.83 -5.83 -0.29
N PHE A 28 1.99 -6.24 0.97
CA PHE A 28 3.25 -6.04 1.67
C PHE A 28 4.09 -7.32 1.65
N LEU A 29 3.41 -8.45 1.71
CA LEU A 29 4.09 -9.74 1.71
C LEU A 29 4.71 -9.96 0.33
N GLN A 30 4.11 -9.34 -0.67
CA GLN A 30 4.59 -9.48 -2.04
C GLN A 30 5.96 -8.80 -2.18
N ALA A 31 6.00 -7.54 -1.79
CA ALA A 31 7.23 -6.77 -1.87
C ALA A 31 8.33 -7.48 -1.07
N ALA A 32 7.92 -8.02 0.07
CA ALA A 32 8.85 -8.73 0.93
C ALA A 32 9.30 -10.02 0.24
N TYR A 33 8.46 -10.50 -0.66
CA TYR A 33 8.76 -11.71 -1.40
C TYR A 33 9.63 -11.41 -2.63
N ARG A 34 9.71 -10.13 -2.95
CA ARG A 34 10.50 -9.69 -4.09
C ARG A 34 11.92 -9.33 -3.65
N LEU A 35 12.10 -9.27 -2.33
CA LEU A 35 13.40 -8.94 -1.76
C LEU A 35 14.17 -10.23 -1.47
N GLN A 36 13.63 -11.01 -0.56
CA GLN A 36 14.26 -12.27 -0.18
C GLN A 36 13.18 -13.34 0.07
N PRO A 37 12.96 -14.18 -0.97
CA PRO A 37 11.97 -15.24 -0.87
C PRO A 37 12.50 -16.40 -0.02
N GLY A 38 12.10 -16.37 1.25
CA GLY A 38 12.52 -17.41 2.18
C GLY A 38 12.08 -17.08 3.61
N PRO A 39 10.96 -17.72 4.03
CA PRO A 39 10.42 -17.50 5.36
C PRO A 39 11.27 -18.22 6.41
N SER A 40 11.84 -17.42 7.29
CA SER A 40 12.68 -17.96 8.35
C SER A 40 12.93 -16.89 9.42
N ASP A 41 11.85 -16.27 9.86
CA ASP A 41 11.93 -15.23 10.87
C ASP A 41 13.04 -14.24 10.49
N PHE A 42 13.31 -13.32 11.39
CA PHE A 42 14.33 -12.31 11.16
C PHE A 42 14.01 -11.49 9.91
N ASP A 43 12.74 -11.54 9.52
CA ASP A 43 12.29 -10.80 8.37
C ASP A 43 10.90 -10.22 8.63
N PHE A 44 10.03 -11.07 9.15
CA PHE A 44 8.67 -10.65 9.47
C PHE A 44 8.63 -9.90 10.79
N GLN A 45 9.71 -9.99 11.54
CA GLN A 45 9.81 -9.32 12.82
C GLN A 45 9.86 -7.80 12.62
N GLN A 46 10.81 -7.37 11.82
CA GLN A 46 10.97 -5.96 11.54
C GLN A 46 9.70 -5.39 10.88
N LEU A 47 8.89 -6.31 10.39
CA LEU A 47 7.65 -5.92 9.73
C LEU A 47 6.55 -5.78 10.79
N ARG A 48 6.35 -6.84 11.54
CA ARG A 48 5.33 -6.85 12.58
C ARG A 48 5.55 -5.66 13.53
N ARG A 49 6.75 -5.13 13.50
CA ARG A 49 7.09 -4.00 14.35
C ARG A 49 6.49 -2.71 13.79
N PHE A 50 6.27 -2.72 12.48
CA PHE A 50 5.69 -1.56 11.81
C PHE A 50 4.17 -1.71 11.67
N LEU A 51 3.76 -2.94 11.41
CA LEU A 51 2.34 -3.23 11.25
C LEU A 51 1.65 -3.12 12.61
N LYS A 52 2.12 -3.93 13.55
CA LYS A 52 1.55 -3.94 14.88
C LYS A 52 1.59 -2.52 15.46
N LEU A 53 2.51 -1.73 14.93
CA LEU A 53 2.65 -0.36 15.38
C LEU A 53 1.46 0.46 14.89
N ALA A 54 1.26 0.43 13.59
CA ALA A 54 0.15 1.16 12.98
C ALA A 54 -1.16 0.74 13.64
N LEU A 55 -1.20 -0.52 14.05
CA LEU A 55 -2.39 -1.06 14.69
C LEU A 55 -2.63 -0.31 16.01
N LYS A 56 -1.63 0.44 16.42
CA LYS A 56 -1.72 1.21 17.65
C LYS A 56 -2.62 2.42 17.42
N THR A 57 -3.07 2.57 16.17
CA THR A 57 -3.93 3.68 15.81
C THR A 57 -4.84 3.28 14.64
N PRO A 58 -6.08 2.85 15.00
CA PRO A 58 -7.05 2.44 13.99
C PRO A 58 -7.63 3.65 13.26
N ILE A 59 -6.77 4.31 12.48
CA ILE A 59 -7.19 5.47 11.73
C ILE A 59 -7.01 5.21 10.24
N TRP A 60 -6.12 4.26 9.94
CA TRP A 60 -5.85 3.91 8.56
C TRP A 60 -6.73 2.71 8.20
N LEU A 61 -7.13 1.98 9.22
CA LEU A 61 -7.97 0.81 9.02
C LEU A 61 -9.35 1.27 8.55
N ASN A 62 -9.96 2.13 9.34
CA ASN A 62 -11.28 2.65 9.02
C ASN A 62 -11.32 3.02 7.54
N PRO A 63 -10.43 3.98 7.16
CA PRO A 63 -10.37 4.44 5.78
C PRO A 63 -9.68 3.41 4.89
N ILE A 64 -9.05 2.43 5.55
CA ILE A 64 -8.35 1.38 4.83
C ILE A 64 -7.66 1.98 3.61
N ASP A 65 -6.43 2.41 3.82
CA ASP A 65 -5.64 3.00 2.74
C ASP A 65 -4.15 2.91 3.10
N TYR A 66 -3.43 2.19 2.25
CA TYR A 66 -2.00 2.02 2.46
C TYR A 66 -1.26 3.36 2.33
N SER A 67 -2.00 4.35 1.88
CA SER A 67 -1.43 5.68 1.71
C SER A 67 -1.08 6.29 3.07
N LEU A 68 -1.83 5.87 4.08
CA LEU A 68 -1.61 6.36 5.42
C LEU A 68 -0.54 5.51 6.10
N LEU A 69 -0.31 4.34 5.53
CA LEU A 69 0.68 3.42 6.07
C LEU A 69 2.08 3.99 5.80
N ALA A 70 2.39 4.13 4.52
CA ALA A 70 3.69 4.65 4.12
C ALA A 70 3.92 6.01 4.78
N SER A 71 2.82 6.60 5.24
CA SER A 71 2.88 7.89 5.89
C SER A 71 3.50 7.74 7.29
N LEU A 72 3.16 6.63 7.93
CA LEU A 72 3.67 6.35 9.26
C LEU A 72 5.20 6.31 9.22
N ILE A 73 5.72 5.67 8.19
CA ILE A 73 7.16 5.56 8.02
C ILE A 73 7.77 6.96 7.99
N PRO A 74 8.62 7.24 9.02
CA PRO A 74 9.27 8.53 9.12
C PRO A 74 10.42 8.64 8.11
N LYS A 75 10.11 8.29 6.88
CA LYS A 75 11.10 8.35 5.81
C LYS A 75 12.50 8.15 6.41
N GLY A 76 12.91 6.90 6.48
CA GLY A 76 14.22 6.57 7.03
C GLY A 76 14.11 5.44 8.07
N TYR A 77 12.88 5.02 8.30
CA TYR A 77 12.63 3.96 9.27
C TYR A 77 13.71 2.87 9.17
N PRO A 78 13.88 2.14 10.32
CA PRO A 78 14.87 1.09 10.37
C PRO A 78 14.39 -0.16 9.61
N GLY A 79 15.12 -1.24 9.81
CA GLY A 79 14.77 -2.50 9.15
C GLY A 79 14.56 -2.29 7.65
N ARG A 80 14.10 -3.35 7.00
CA ARG A 80 13.86 -3.29 5.57
C ARG A 80 12.36 -3.14 5.30
N VAL A 81 11.65 -2.64 6.30
CA VAL A 81 10.22 -2.44 6.20
C VAL A 81 9.94 -1.49 5.04
N VAL A 82 10.74 -0.43 4.97
CA VAL A 82 10.57 0.56 3.92
C VAL A 82 10.99 -0.05 2.58
N GLU A 83 12.06 -0.83 2.62
CA GLU A 83 12.58 -1.47 1.43
C GLU A 83 11.47 -2.31 0.77
N ILE A 84 10.52 -2.74 1.60
CA ILE A 84 9.41 -3.54 1.10
C ILE A 84 8.32 -2.61 0.57
N ILE A 85 7.88 -1.71 1.43
CA ILE A 85 6.84 -0.75 1.05
C ILE A 85 7.31 0.05 -0.16
N ASN A 86 8.62 0.23 -0.25
CA ASN A 86 9.21 0.98 -1.35
C ASN A 86 8.84 0.30 -2.67
N ILE A 87 8.77 -1.01 -2.63
CA ILE A 87 8.43 -1.79 -3.81
C ILE A 87 7.00 -1.43 -4.25
N LEU A 88 6.18 -1.07 -3.27
CA LEU A 88 4.81 -0.71 -3.54
C LEU A 88 4.76 0.71 -4.14
N VAL A 89 5.51 1.60 -3.50
CA VAL A 89 5.56 2.97 -3.96
C VAL A 89 6.18 3.04 -5.36
N LYS A 90 7.32 2.37 -5.48
CA LYS A 90 8.02 2.33 -6.76
C LYS A 90 7.07 1.79 -7.85
N ASN A 91 6.03 1.11 -7.39
CA ASN A 91 5.05 0.54 -8.30
C ASN A 91 3.93 1.55 -8.53
N GLN A 92 4.23 2.81 -8.21
CA GLN A 92 3.25 3.88 -8.38
C GLN A 92 3.97 5.18 -8.77
N VAL A 93 4.75 5.70 -7.84
CA VAL A 93 5.48 6.94 -8.07
C VAL A 93 4.52 8.00 -8.59
N SER A 94 3.24 7.82 -8.26
CA SER A 94 2.22 8.76 -8.68
C SER A 94 0.86 8.33 -8.13
N PRO A 95 -0.05 9.33 -8.01
CA PRO A 95 -1.39 9.07 -7.51
C PRO A 95 -2.25 8.36 -8.55
N SER A 96 -3.07 7.44 -8.07
CA SER A 96 -3.95 6.69 -8.95
C SER A 96 -5.40 7.10 -8.72
N ALA A 97 -5.67 8.37 -8.98
CA ALA A 97 -7.01 8.90 -8.80
C ALA A 97 -7.19 10.14 -9.69
N PRO A 98 -7.40 9.87 -11.01
CA PRO A 98 -7.57 10.93 -11.97
C PRO A 98 -8.97 11.55 -11.84
N ALA A 99 -9.97 10.69 -12.00
CA ALA A 99 -11.36 11.13 -11.91
C ALA A 99 -12.06 10.38 -10.77
N ALA A 100 -12.39 9.13 -11.05
CA ALA A 100 -13.05 8.30 -10.06
C ALA A 100 -13.57 7.03 -10.74
N PRO A 101 -14.37 7.25 -11.82
CA PRO A 101 -14.94 6.13 -12.57
C PRO A 101 -13.87 5.45 -13.43
N VAL A 102 -12.80 5.04 -12.79
CA VAL A 102 -11.71 4.38 -13.49
C VAL A 102 -12.29 3.45 -14.56
N PRO A 103 -12.29 3.96 -15.82
CA PRO A 103 -12.80 3.18 -16.94
C PRO A 103 -11.82 2.07 -17.33
N THR A 104 -11.54 1.20 -16.38
CA THR A 104 -10.63 0.10 -16.62
C THR A 104 -10.97 -0.60 -17.93
N PRO A 105 -12.28 -0.97 -18.07
CA PRO A 105 -12.74 -1.64 -19.26
C PRO A 105 -12.86 -0.66 -20.44
N ILE A 106 -13.07 -1.23 -21.62
CA ILE A 106 -13.19 -0.42 -22.81
C ILE A 106 -13.54 -1.33 -24.00
N CYS A 107 -14.61 -0.98 -24.69
CA CYS A 107 -15.05 -1.75 -25.84
C CYS A 107 -15.65 -0.77 -26.87
N PRO A 108 -15.52 -1.18 -28.17
CA PRO A 108 -16.04 -0.35 -29.25
C PRO A 108 -17.56 -0.44 -29.32
N THR A 109 -18.12 0.27 -30.30
CA THR A 109 -19.56 0.27 -30.49
C THR A 109 -20.00 -0.95 -31.27
N THR A 110 -19.92 -2.10 -30.62
CA THR A 110 -20.30 -3.36 -31.23
C THR A 110 -21.81 -3.37 -31.51
N THR A 111 -22.19 -4.21 -32.46
CA THR A 111 -23.60 -4.33 -32.82
C THR A 111 -24.27 -2.95 -32.83
N PRO A 112 -24.18 -2.27 -34.00
CA PRO A 112 -24.77 -0.96 -34.15
C PRO A 112 -26.29 -1.05 -34.27
N PRO A 113 -26.99 -0.51 -33.24
CA PRO A 113 -28.44 -0.53 -33.22
C PRO A 113 -29.01 0.52 -34.19
N PRO A 114 -29.68 0.00 -35.26
CA PRO A 114 -30.28 0.87 -36.26
C PRO A 114 -31.55 1.52 -35.73
N PRO A 115 -32.01 2.57 -36.47
CA PRO A 115 -33.21 3.28 -36.07
C PRO A 115 -34.47 2.47 -36.39
N PRO A 116 -35.17 2.04 -35.30
CA PRO A 116 -36.38 1.25 -35.45
C PRO A 116 -37.55 2.12 -35.91
N PRO A 117 -38.54 1.47 -36.57
CA PRO A 117 -39.71 2.17 -37.07
C PRO A 117 -40.66 2.51 -35.92
N PRO A 118 -41.49 3.56 -36.17
CA PRO A 118 -42.45 4.01 -35.17
C PRO A 118 -43.64 3.05 -35.09
N SER A 119 -43.41 1.93 -34.42
CA SER A 119 -44.44 0.92 -34.26
C SER A 119 -45.37 1.31 -33.10
N PRO A 120 -46.64 0.80 -33.19
CA PRO A 120 -47.63 1.09 -32.17
C PRO A 120 -47.34 0.27 -30.90
N GLU A 121 -46.17 0.49 -30.33
CA GLU A 121 -45.77 -0.22 -29.12
C GLU A 121 -45.72 -1.72 -29.40
N ALA A 122 -44.57 -2.30 -29.07
CA ALA A 122 -44.37 -3.73 -29.27
C ALA A 122 -44.41 -4.04 -30.76
N HIS A 123 -43.30 -4.61 -31.24
CA HIS A 123 -43.19 -4.97 -32.65
C HIS A 123 -41.97 -5.86 -32.86
N VAL A 124 -40.82 -5.35 -32.41
CA VAL A 124 -39.58 -6.09 -32.54
C VAL A 124 -38.48 -5.36 -31.76
N PRO A 125 -38.52 -5.54 -30.41
CA PRO A 125 -37.53 -4.92 -29.54
C PRO A 125 -36.19 -5.63 -29.63
N PRO A 126 -35.18 -4.90 -30.18
CA PRO A 126 -33.85 -5.46 -30.33
C PRO A 126 -33.12 -5.50 -28.99
N PRO A 127 -32.86 -6.75 -28.52
CA PRO A 127 -32.17 -6.95 -27.25
C PRO A 127 -30.68 -6.65 -27.39
N TYR A 128 -30.15 -5.97 -26.37
CA TYR A 128 -28.75 -5.62 -26.37
C TYR A 128 -27.86 -6.86 -26.24
N VAL A 129 -26.57 -6.65 -26.37
CA VAL A 129 -25.61 -7.74 -26.27
C VAL A 129 -24.84 -7.62 -24.96
N GLU A 130 -24.73 -8.74 -24.25
CA GLU A 130 -24.02 -8.77 -22.99
C GLU A 130 -24.25 -10.10 -22.28
N PRO A 131 -25.55 -10.44 -22.08
CA PRO A 131 -25.91 -11.68 -21.42
C PRO A 131 -25.72 -12.88 -22.36
N THR A 132 -25.87 -14.06 -21.79
CA THR A 132 -25.72 -15.28 -22.56
C THR A 132 -27.08 -15.96 -22.78
N THR A 133 -27.76 -16.21 -21.67
CA THR A 133 -29.07 -16.84 -21.71
C THR A 133 -30.06 -16.10 -20.82
N THR A 134 -29.66 -15.91 -19.58
CA THR A 134 -30.51 -15.22 -18.62
C THR A 134 -31.97 -15.60 -18.82
N GLN A 135 -32.18 -16.86 -19.18
CA GLN A 135 -33.53 -17.36 -19.41
C GLN A 135 -34.37 -16.30 -20.11
N CYS A 136 -33.80 -15.74 -21.17
CA CYS A 136 -34.49 -14.72 -21.94
C CYS A 136 -33.88 -14.67 -23.34
N PHE A 137 -32.60 -14.34 -23.38
CA PHE A 137 -31.88 -14.26 -24.64
C PHE A 137 -30.37 -14.12 -24.41
N HIS A 1 -18.49 22.11 2.81
CA HIS A 1 -18.79 23.30 2.04
C HIS A 1 -19.60 24.28 2.89
N MET A 2 -18.93 24.88 3.86
CA MET A 2 -19.57 25.83 4.74
C MET A 2 -20.43 25.11 5.78
N GLY A 3 -21.34 24.29 5.28
CA GLY A 3 -22.24 23.54 6.15
C GLY A 3 -22.49 22.14 5.59
N GLN A 4 -21.46 21.30 5.69
CA GLN A 4 -21.56 19.94 5.21
C GLN A 4 -21.79 18.97 6.37
N ILE A 5 -22.08 17.73 6.02
CA ILE A 5 -22.32 16.71 7.02
C ILE A 5 -21.60 15.43 6.63
N HIS A 6 -21.82 14.38 7.42
CA HIS A 6 -21.20 13.10 7.15
C HIS A 6 -19.70 13.19 7.42
N GLY A 7 -19.02 13.96 6.57
CA GLY A 7 -17.59 14.14 6.71
C GLY A 7 -16.83 13.34 5.65
N LEU A 8 -16.14 12.31 6.12
CA LEU A 8 -15.37 11.46 5.23
C LEU A 8 -15.71 9.99 5.53
N SER A 9 -16.97 9.65 5.28
CA SER A 9 -17.43 8.30 5.51
C SER A 9 -17.13 7.43 4.29
N PRO A 10 -16.27 6.40 4.51
CA PRO A 10 -15.89 5.50 3.43
C PRO A 10 -17.02 4.52 3.12
N THR A 11 -17.68 4.06 4.18
CA THR A 11 -18.78 3.13 4.04
C THR A 11 -19.93 3.77 3.24
N PRO A 12 -20.77 2.88 2.65
CA PRO A 12 -21.91 3.35 1.86
C PRO A 12 -23.02 3.86 2.78
N ILE A 13 -22.83 3.65 4.07
CA ILE A 13 -23.82 4.09 5.05
C ILE A 13 -23.55 3.38 6.38
N PRO A 14 -23.46 2.03 6.31
CA PRO A 14 -23.21 1.23 7.49
C PRO A 14 -21.74 1.34 7.93
N LYS A 15 -21.40 0.56 8.94
CA LYS A 15 -20.05 0.55 9.46
C LYS A 15 -19.34 -0.73 9.03
N ALA A 16 -18.03 -0.63 8.90
CA ALA A 16 -17.22 -1.78 8.49
C ALA A 16 -15.77 -1.54 8.89
N PRO A 17 -15.50 -1.72 10.21
CA PRO A 17 -14.16 -1.53 10.74
C PRO A 17 -13.25 -2.70 10.36
N ARG A 18 -12.05 -2.68 10.92
CA ARG A 18 -11.08 -3.74 10.65
C ARG A 18 -10.58 -3.64 9.21
N GLY A 19 -9.68 -4.56 8.87
CA GLY A 19 -9.11 -4.59 7.53
C GLY A 19 -7.65 -5.03 7.57
N LEU A 20 -7.42 -6.15 8.24
CA LEU A 20 -6.09 -6.70 8.36
C LEU A 20 -6.16 -8.23 8.44
N SER A 21 -5.74 -8.88 7.36
CA SER A 21 -5.75 -10.32 7.30
C SER A 21 -4.80 -10.81 6.20
N THR A 22 -5.28 -10.76 4.97
CA THR A 22 -4.49 -11.19 3.83
C THR A 22 -4.87 -10.39 2.58
N HIS A 23 -5.44 -9.21 2.82
CA HIS A 23 -5.85 -8.35 1.73
C HIS A 23 -4.93 -7.13 1.66
N HIS A 24 -4.39 -6.77 2.82
CA HIS A 24 -3.49 -5.64 2.92
C HIS A 24 -2.07 -6.12 3.18
N TRP A 25 -1.97 -7.22 3.91
CA TRP A 25 -0.68 -7.80 4.25
C TRP A 25 -0.12 -8.47 2.98
N LEU A 26 -1.00 -9.17 2.29
CA LEU A 26 -0.61 -9.85 1.06
C LEU A 26 0.06 -8.86 0.12
N ASN A 27 -0.29 -7.60 0.30
CA ASN A 27 0.28 -6.54 -0.53
C ASN A 27 1.73 -6.29 -0.10
N PHE A 28 2.00 -6.58 1.16
CA PHE A 28 3.33 -6.39 1.70
C PHE A 28 4.17 -7.67 1.57
N LEU A 29 3.50 -8.79 1.79
CA LEU A 29 4.16 -10.09 1.70
C LEU A 29 4.62 -10.32 0.26
N GLN A 30 4.08 -9.51 -0.64
CA GLN A 30 4.43 -9.63 -2.05
C GLN A 30 5.72 -8.87 -2.33
N ALA A 31 5.70 -7.58 -2.00
CA ALA A 31 6.86 -6.73 -2.22
C ALA A 31 8.07 -7.33 -1.48
N ALA A 32 7.79 -7.84 -0.29
CA ALA A 32 8.84 -8.43 0.52
C ALA A 32 9.41 -9.65 -0.20
N TYR A 33 8.55 -10.30 -0.97
CA TYR A 33 8.96 -11.49 -1.71
C TYR A 33 9.74 -11.09 -2.97
N ARG A 34 9.68 -9.81 -3.29
CA ARG A 34 10.38 -9.31 -4.46
C ARG A 34 11.78 -8.81 -4.06
N LEU A 35 11.97 -8.67 -2.76
CA LEU A 35 13.26 -8.22 -2.25
C LEU A 35 14.06 -9.42 -1.74
N GLN A 36 15.05 -9.12 -0.91
CA GLN A 36 15.90 -10.15 -0.35
C GLN A 36 15.06 -11.37 0.05
N PRO A 37 15.08 -12.40 -0.84
CA PRO A 37 14.33 -13.62 -0.58
C PRO A 37 15.01 -14.47 0.49
N GLY A 38 14.32 -14.61 1.61
CA GLY A 38 14.84 -15.40 2.72
C GLY A 38 14.11 -16.74 2.83
N PRO A 39 14.66 -17.62 3.71
CA PRO A 39 14.07 -18.93 3.92
C PRO A 39 12.81 -18.83 4.77
N SER A 40 11.69 -19.17 4.14
CA SER A 40 10.41 -19.12 4.83
C SER A 40 10.23 -17.77 5.51
N ASP A 41 10.62 -17.71 6.77
CA ASP A 41 10.50 -16.49 7.54
C ASP A 41 11.84 -16.19 8.21
N PHE A 42 12.26 -14.93 8.08
CA PHE A 42 13.52 -14.50 8.67
C PHE A 42 13.65 -12.97 8.62
N ASP A 43 12.50 -12.31 8.70
CA ASP A 43 12.47 -10.86 8.66
C ASP A 43 11.02 -10.38 8.67
N PHE A 44 10.23 -11.00 9.52
CA PHE A 44 8.82 -10.66 9.62
C PHE A 44 8.50 -10.06 11.00
N GLN A 45 9.30 -10.46 11.98
CA GLN A 45 9.12 -9.99 13.34
C GLN A 45 9.34 -8.48 13.40
N GLN A 46 10.45 -8.04 12.83
CA GLN A 46 10.78 -6.63 12.81
C GLN A 46 9.88 -5.88 11.82
N LEU A 47 9.12 -6.66 11.07
CA LEU A 47 8.21 -6.09 10.08
C LEU A 47 6.81 -5.97 10.70
N ARG A 48 6.45 -6.97 11.47
CA ARG A 48 5.15 -6.99 12.12
C ARG A 48 5.10 -5.94 13.23
N ARG A 49 6.27 -5.62 13.76
CA ARG A 49 6.38 -4.64 14.82
C ARG A 49 5.94 -3.26 14.32
N PHE A 50 6.19 -3.03 13.04
CA PHE A 50 5.82 -1.76 12.43
C PHE A 50 4.32 -1.70 12.15
N LEU A 51 3.75 -2.86 11.88
CA LEU A 51 2.32 -2.96 11.60
C LEU A 51 1.54 -2.72 12.89
N LYS A 52 1.94 -3.44 13.93
CA LYS A 52 1.28 -3.32 15.21
C LYS A 52 1.31 -1.85 15.67
N LEU A 53 2.33 -1.15 15.19
CA LEU A 53 2.49 0.25 15.53
C LEU A 53 1.34 1.06 14.91
N ALA A 54 1.19 0.91 13.60
CA ALA A 54 0.15 1.61 12.88
C ALA A 54 -1.22 1.25 13.48
N LEU A 55 -1.29 0.05 14.01
CA LEU A 55 -2.52 -0.43 14.61
C LEU A 55 -2.87 0.46 15.81
N LYS A 56 -1.89 1.26 16.23
CA LYS A 56 -2.08 2.15 17.34
C LYS A 56 -2.98 3.31 16.92
N THR A 57 -3.31 3.32 15.64
CA THR A 57 -4.17 4.37 15.10
C THR A 57 -5.00 3.82 13.93
N PRO A 58 -6.25 3.41 14.26
CA PRO A 58 -7.16 2.88 13.26
C PRO A 58 -7.72 3.99 12.38
N ILE A 59 -6.83 4.58 11.59
CA ILE A 59 -7.22 5.66 10.69
C ILE A 59 -6.91 5.25 9.25
N TRP A 60 -5.98 4.32 9.12
CA TRP A 60 -5.57 3.83 7.81
C TRP A 60 -6.38 2.58 7.49
N LEU A 61 -6.89 1.96 8.55
CA LEU A 61 -7.68 0.76 8.41
C LEU A 61 -9.04 1.11 7.79
N ASN A 62 -9.69 2.10 8.41
CA ASN A 62 -10.98 2.55 7.94
C ASN A 62 -10.94 2.74 6.43
N PRO A 63 -10.02 3.66 6.00
CA PRO A 63 -9.86 3.94 4.58
C PRO A 63 -9.13 2.81 3.87
N ILE A 64 -8.72 1.82 4.66
CA ILE A 64 -8.02 0.68 4.11
C ILE A 64 -7.12 1.14 2.95
N ASP A 65 -5.89 1.52 3.31
CA ASP A 65 -4.93 1.98 2.33
C ASP A 65 -3.57 2.13 2.98
N TYR A 66 -2.65 1.26 2.57
CA TYR A 66 -1.30 1.28 3.12
C TYR A 66 -0.59 2.59 2.77
N SER A 67 -1.22 3.35 1.89
CA SER A 67 -0.67 4.63 1.48
C SER A 67 -0.50 5.55 2.69
N LEU A 68 -1.19 5.20 3.75
CA LEU A 68 -1.13 5.98 4.99
C LEU A 68 -0.07 5.38 5.90
N LEU A 69 0.27 4.13 5.62
CA LEU A 69 1.28 3.44 6.42
C LEU A 69 2.65 4.08 6.18
N ALA A 70 3.08 4.04 4.93
CA ALA A 70 4.36 4.61 4.56
C ALA A 70 4.46 6.03 5.12
N SER A 71 3.31 6.62 5.37
CA SER A 71 3.24 7.97 5.91
C SER A 71 3.66 7.96 7.38
N LEU A 72 3.29 6.89 8.06
CA LEU A 72 3.62 6.76 9.47
C LEU A 72 5.14 6.74 9.64
N ILE A 73 5.78 5.87 8.87
CA ILE A 73 7.22 5.74 8.93
C ILE A 73 7.85 7.13 9.07
N PRO A 74 8.21 7.48 10.33
CA PRO A 74 8.82 8.77 10.61
C PRO A 74 10.27 8.81 10.14
N LYS A 75 10.44 9.14 8.87
CA LYS A 75 11.76 9.21 8.29
C LYS A 75 12.28 7.79 8.00
N GLY A 76 13.09 7.70 6.95
CA GLY A 76 13.65 6.41 6.57
C GLY A 76 13.99 5.56 7.81
N TYR A 77 13.35 4.41 7.88
CA TYR A 77 13.56 3.50 8.99
C TYR A 77 14.66 2.48 8.66
N PRO A 78 14.98 1.63 9.67
CA PRO A 78 16.00 0.62 9.51
C PRO A 78 15.49 -0.55 8.64
N GLY A 79 16.33 -1.56 8.52
CA GLY A 79 15.98 -2.73 7.72
C GLY A 79 15.37 -2.32 6.39
N ARG A 80 14.86 -3.30 5.67
CA ARG A 80 14.25 -3.07 4.38
C ARG A 80 12.72 -3.08 4.50
N VAL A 81 12.26 -2.86 5.72
CA VAL A 81 10.83 -2.85 5.98
C VAL A 81 10.16 -1.77 5.13
N VAL A 82 10.81 -0.61 5.08
CA VAL A 82 10.31 0.51 4.31
C VAL A 82 10.44 0.19 2.82
N GLU A 83 11.54 -0.45 2.48
CA GLU A 83 11.81 -0.82 1.09
C GLU A 83 10.69 -1.72 0.57
N ILE A 84 10.04 -2.40 1.49
CA ILE A 84 8.95 -3.30 1.14
C ILE A 84 7.64 -2.51 1.07
N ILE A 85 7.78 -1.19 1.06
CA ILE A 85 6.63 -0.32 0.99
C ILE A 85 6.71 0.54 -0.27
N ASN A 86 7.88 1.14 -0.46
CA ASN A 86 8.10 2.00 -1.62
C ASN A 86 7.76 1.22 -2.88
N ILE A 87 7.76 -0.10 -2.75
CA ILE A 87 7.45 -0.96 -3.88
C ILE A 87 5.94 -0.94 -4.13
N LEU A 88 5.19 -0.83 -3.04
CA LEU A 88 3.74 -0.80 -3.13
C LEU A 88 3.30 0.55 -3.69
N VAL A 89 3.92 1.61 -3.19
CA VAL A 89 3.59 2.95 -3.64
C VAL A 89 3.92 3.07 -5.13
N LYS A 90 5.13 2.66 -5.47
CA LYS A 90 5.57 2.72 -6.85
C LYS A 90 4.64 1.88 -7.73
N ASN A 91 3.86 1.03 -7.07
CA ASN A 91 2.93 0.16 -7.76
C ASN A 91 1.71 0.98 -8.19
N GLN A 92 1.11 1.64 -7.20
CA GLN A 92 -0.07 2.45 -7.47
C GLN A 92 0.25 3.53 -8.52
N VAL A 93 1.50 3.97 -8.50
CA VAL A 93 1.94 4.99 -9.44
C VAL A 93 2.45 4.31 -10.71
N SER A 94 3.08 3.16 -10.51
CA SER A 94 3.63 2.41 -11.63
C SER A 94 4.34 3.35 -12.61
N PRO A 95 5.67 3.50 -12.40
CA PRO A 95 6.46 4.38 -13.26
C PRO A 95 6.71 3.73 -14.62
N SER A 96 7.23 2.51 -14.57
CA SER A 96 7.52 1.77 -15.79
C SER A 96 7.08 0.31 -15.63
N ALA A 97 7.69 -0.36 -14.67
CA ALA A 97 7.37 -1.75 -14.41
C ALA A 97 7.74 -2.10 -12.96
N PRO A 98 7.12 -3.21 -12.46
CA PRO A 98 7.38 -3.65 -11.11
C PRO A 98 8.75 -4.32 -10.99
N ALA A 99 9.32 -4.23 -9.80
CA ALA A 99 10.62 -4.82 -9.54
C ALA A 99 10.65 -6.25 -10.10
N ALA A 100 11.66 -6.50 -10.92
CA ALA A 100 11.81 -7.81 -11.52
C ALA A 100 12.86 -7.74 -12.63
N PRO A 101 12.64 -6.80 -13.58
CA PRO A 101 13.56 -6.62 -14.68
C PRO A 101 14.83 -5.90 -14.23
N VAL A 102 15.96 -6.56 -14.48
CA VAL A 102 17.25 -6.00 -14.10
C VAL A 102 17.62 -4.89 -15.07
N PRO A 103 17.55 -5.22 -16.39
CA PRO A 103 17.88 -4.25 -17.43
C PRO A 103 16.75 -3.23 -17.59
N THR A 104 17.12 -1.96 -17.45
CA THR A 104 16.16 -0.88 -17.58
C THR A 104 16.77 0.44 -17.08
N PRO A 105 17.27 0.39 -15.81
CA PRO A 105 17.88 1.56 -15.21
C PRO A 105 19.27 1.82 -15.79
N ILE A 106 20.02 2.66 -15.10
CA ILE A 106 21.36 3.01 -15.54
C ILE A 106 21.36 3.19 -17.05
N CYS A 107 21.82 2.15 -17.74
CA CYS A 107 21.88 2.17 -19.19
C CYS A 107 20.46 2.11 -19.74
N PRO A 108 20.07 3.19 -20.46
CA PRO A 108 18.74 3.26 -21.05
C PRO A 108 18.61 2.34 -22.27
N THR A 109 18.42 1.07 -21.99
CA THR A 109 18.28 0.08 -23.04
C THR A 109 19.28 0.37 -24.18
N THR A 110 20.54 0.27 -23.84
CA THR A 110 21.60 0.52 -24.80
C THR A 110 21.53 -0.50 -25.95
N THR A 111 21.15 -1.72 -25.58
CA THR A 111 21.04 -2.79 -26.56
C THR A 111 20.51 -2.25 -27.89
N PRO A 112 21.46 -1.98 -28.81
CA PRO A 112 21.11 -1.46 -30.13
C PRO A 112 20.51 -2.57 -31.01
N PRO A 113 20.00 -2.14 -32.19
CA PRO A 113 19.40 -3.08 -33.13
C PRO A 113 20.47 -3.90 -33.84
N PRO A 114 20.46 -5.23 -33.54
CA PRO A 114 21.42 -6.14 -34.14
C PRO A 114 21.07 -6.43 -35.61
N PRO A 115 22.11 -6.81 -36.38
CA PRO A 115 21.92 -7.12 -37.79
C PRO A 115 21.24 -8.48 -37.97
N PRO A 116 19.99 -8.44 -38.49
CA PRO A 116 19.23 -9.66 -38.72
C PRO A 116 19.76 -10.41 -39.94
N PRO A 117 20.33 -11.61 -39.66
CA PRO A 117 20.87 -12.45 -40.73
C PRO A 117 19.75 -13.11 -41.52
N PRO A 118 19.63 -12.71 -42.81
CA PRO A 118 18.60 -13.26 -43.68
C PRO A 118 18.98 -14.68 -44.13
N SER A 119 19.99 -14.75 -44.99
CA SER A 119 20.45 -16.02 -45.50
C SER A 119 21.55 -15.80 -46.54
N PRO A 120 21.20 -15.01 -47.59
CA PRO A 120 22.15 -14.71 -48.65
C PRO A 120 23.20 -13.70 -48.19
N GLU A 121 22.75 -12.79 -47.33
CA GLU A 121 23.64 -11.76 -46.80
C GLU A 121 23.77 -10.62 -47.80
N ALA A 122 24.32 -10.94 -48.96
CA ALA A 122 24.51 -9.95 -50.00
C ALA A 122 25.47 -8.87 -49.51
N HIS A 123 24.88 -7.76 -49.06
CA HIS A 123 25.67 -6.64 -48.56
C HIS A 123 26.31 -7.03 -47.22
N VAL A 124 27.61 -7.25 -47.27
CA VAL A 124 28.34 -7.61 -46.07
C VAL A 124 27.81 -6.81 -44.88
N PRO A 125 26.94 -7.49 -44.08
CA PRO A 125 26.35 -6.85 -42.92
C PRO A 125 27.36 -6.75 -41.78
N PRO A 126 27.74 -5.48 -41.45
CA PRO A 126 28.69 -5.23 -40.39
C PRO A 126 28.05 -5.43 -39.01
N PRO A 127 28.55 -6.49 -38.30
CA PRO A 127 28.03 -6.80 -36.98
C PRO A 127 28.55 -5.81 -35.94
N TYR A 128 27.96 -5.86 -34.75
CA TYR A 128 28.34 -4.98 -33.67
C TYR A 128 27.97 -3.53 -33.98
N VAL A 129 28.61 -3.00 -35.02
CA VAL A 129 28.35 -1.63 -35.43
C VAL A 129 26.86 -1.46 -35.72
N GLU A 130 26.46 -1.90 -36.90
CA GLU A 130 25.07 -1.79 -37.30
C GLU A 130 24.90 -2.25 -38.76
N PRO A 131 23.66 -2.72 -39.07
CA PRO A 131 23.36 -3.19 -40.41
C PRO A 131 23.20 -2.01 -41.38
N THR A 132 23.22 -2.34 -42.67
CA THR A 132 23.09 -1.33 -43.69
C THR A 132 23.84 -0.06 -43.30
N THR A 133 23.08 0.92 -42.85
CA THR A 133 23.66 2.19 -42.43
C THR A 133 24.79 2.59 -43.38
N THR A 134 24.45 2.68 -44.65
CA THR A 134 25.42 3.05 -45.66
C THR A 134 26.77 2.41 -45.37
N GLN A 135 26.91 1.17 -45.82
CA GLN A 135 28.16 0.44 -45.61
C GLN A 135 29.36 1.38 -45.77
N CYS A 136 30.24 1.31 -44.78
CA CYS A 136 31.43 2.15 -44.80
C CYS A 136 32.66 1.23 -44.81
N PHE A 137 32.79 0.47 -45.89
CA PHE A 137 33.90 -0.44 -46.03
C PHE A 137 33.92 -1.47 -44.89
N HIS A 1 -4.46 -27.99 10.72
CA HIS A 1 -4.93 -28.06 9.35
C HIS A 1 -4.61 -26.74 8.63
N MET A 2 -4.45 -26.84 7.32
CA MET A 2 -4.14 -25.67 6.51
C MET A 2 -4.02 -26.04 5.04
N GLY A 3 -5.06 -25.72 4.28
CA GLY A 3 -5.09 -26.01 2.86
C GLY A 3 -4.80 -24.75 2.05
N GLN A 4 -3.54 -24.58 1.70
CA GLN A 4 -3.12 -23.43 0.91
C GLN A 4 -4.16 -23.11 -0.16
N ILE A 5 -4.62 -24.17 -0.83
CA ILE A 5 -5.62 -24.02 -1.87
C ILE A 5 -6.67 -23.00 -1.42
N HIS A 6 -7.11 -23.16 -0.19
CA HIS A 6 -8.12 -22.27 0.37
C HIS A 6 -7.72 -20.81 0.10
N GLY A 7 -8.63 -19.92 0.42
CA GLY A 7 -8.39 -18.50 0.21
C GLY A 7 -9.66 -17.78 -0.25
N LEU A 8 -9.92 -17.89 -1.54
CA LEU A 8 -11.09 -17.26 -2.14
C LEU A 8 -12.28 -17.47 -1.20
N SER A 9 -12.66 -18.73 -1.04
CA SER A 9 -13.78 -19.07 -0.19
C SER A 9 -15.06 -18.42 -0.72
N PRO A 10 -15.55 -18.97 -1.86
CA PRO A 10 -16.76 -18.45 -2.50
C PRO A 10 -18.00 -18.90 -1.72
N THR A 11 -18.25 -20.20 -1.75
CA THR A 11 -19.39 -20.75 -1.06
C THR A 11 -19.54 -20.13 0.33
N PRO A 12 -18.42 -20.14 1.09
CA PRO A 12 -18.41 -19.57 2.43
C PRO A 12 -18.40 -18.04 2.37
N ILE A 13 -19.09 -17.45 3.34
CA ILE A 13 -19.17 -15.99 3.41
C ILE A 13 -18.84 -15.55 4.84
N PRO A 14 -17.54 -15.66 5.20
CA PRO A 14 -17.09 -15.28 6.53
C PRO A 14 -17.02 -13.76 6.66
N LYS A 15 -16.21 -13.15 5.79
CA LYS A 15 -16.04 -11.71 5.80
C LYS A 15 -15.52 -11.27 7.16
N ALA A 16 -15.13 -10.01 7.23
CA ALA A 16 -14.62 -9.45 8.47
C ALA A 16 -13.33 -10.20 8.87
N PRO A 17 -12.18 -9.65 8.40
CA PRO A 17 -10.89 -10.25 8.70
C PRO A 17 -10.48 -9.97 10.14
N ARG A 18 -9.79 -8.86 10.33
CA ARG A 18 -9.32 -8.48 11.64
C ARG A 18 -8.63 -7.12 11.59
N GLY A 19 -9.32 -6.16 11.00
CA GLY A 19 -8.80 -4.81 10.87
C GLY A 19 -7.55 -4.79 9.97
N LEU A 20 -7.33 -5.92 9.32
CA LEU A 20 -6.19 -6.05 8.42
C LEU A 20 -6.50 -7.08 7.34
N SER A 21 -6.92 -6.58 6.19
CA SER A 21 -7.26 -7.44 5.08
C SER A 21 -6.01 -8.18 4.58
N THR A 22 -6.23 -9.35 4.02
CA THR A 22 -5.14 -10.16 3.51
C THR A 22 -4.49 -9.48 2.30
N HIS A 23 -5.29 -9.29 1.26
CA HIS A 23 -4.82 -8.65 0.05
C HIS A 23 -3.93 -7.46 0.42
N HIS A 24 -4.36 -6.73 1.44
CA HIS A 24 -3.62 -5.56 1.89
C HIS A 24 -2.24 -6.00 2.39
N TRP A 25 -2.25 -7.05 3.20
CA TRP A 25 -1.00 -7.57 3.75
C TRP A 25 -0.21 -8.20 2.61
N LEU A 26 -0.92 -8.95 1.77
CA LEU A 26 -0.28 -9.60 0.64
C LEU A 26 0.52 -8.58 -0.17
N ASN A 27 0.01 -7.36 -0.19
CA ASN A 27 0.68 -6.29 -0.91
C ASN A 27 2.03 -6.01 -0.26
N PHE A 28 2.12 -6.32 1.02
CA PHE A 28 3.35 -6.12 1.77
C PHE A 28 4.24 -7.37 1.73
N LEU A 29 3.57 -8.52 1.70
CA LEU A 29 4.28 -9.79 1.66
C LEU A 29 4.77 -10.05 0.23
N GLN A 30 4.15 -9.37 -0.71
CA GLN A 30 4.51 -9.51 -2.11
C GLN A 30 5.86 -8.84 -2.38
N ALA A 31 5.91 -7.55 -2.11
CA ALA A 31 7.13 -6.78 -2.31
C ALA A 31 8.28 -7.44 -1.55
N ALA A 32 7.93 -8.01 -0.40
CA ALA A 32 8.92 -8.67 0.44
C ALA A 32 9.33 -9.98 -0.22
N TYR A 33 8.52 -10.42 -1.17
CA TYR A 33 8.79 -11.65 -1.89
C TYR A 33 9.52 -11.38 -3.20
N ARG A 34 9.47 -10.13 -3.62
CA ARG A 34 10.12 -9.72 -4.85
C ARG A 34 11.54 -9.25 -4.57
N LEU A 35 11.78 -8.89 -3.32
CA LEU A 35 13.10 -8.42 -2.91
C LEU A 35 14.12 -9.53 -3.12
N GLN A 36 13.93 -10.62 -2.40
CA GLN A 36 14.82 -11.77 -2.50
C GLN A 36 14.49 -12.80 -1.43
N PRO A 37 13.62 -13.77 -1.82
CA PRO A 37 13.22 -14.83 -0.90
C PRO A 37 14.33 -15.86 -0.71
N GLY A 38 15.49 -15.35 -0.32
CA GLY A 38 16.64 -16.21 -0.10
C GLY A 38 17.22 -16.01 1.31
N PRO A 39 18.50 -16.45 1.47
CA PRO A 39 19.17 -16.33 2.76
C PRO A 39 19.60 -14.88 3.01
N SER A 40 19.26 -14.02 2.07
CA SER A 40 19.59 -12.61 2.18
C SER A 40 18.47 -11.84 2.88
N ASP A 41 17.78 -12.56 3.76
CA ASP A 41 16.68 -11.97 4.50
C ASP A 41 15.88 -13.08 5.19
N PHE A 42 15.38 -12.76 6.37
CA PHE A 42 14.60 -13.72 7.14
C PHE A 42 14.29 -13.18 8.53
N ASP A 43 13.47 -12.13 8.57
CA ASP A 43 13.08 -11.52 9.82
C ASP A 43 11.56 -11.57 9.96
N PHE A 44 10.92 -10.58 9.35
CA PHE A 44 9.46 -10.50 9.40
C PHE A 44 8.98 -10.02 10.77
N GLN A 45 9.93 -9.94 11.70
CA GLN A 45 9.63 -9.50 13.05
C GLN A 45 9.55 -7.97 13.09
N GLN A 46 10.62 -7.34 12.62
CA GLN A 46 10.69 -5.89 12.60
C GLN A 46 9.63 -5.32 11.65
N LEU A 47 9.02 -6.21 10.89
CA LEU A 47 8.01 -5.81 9.95
C LEU A 47 6.63 -5.85 10.63
N ARG A 48 6.44 -6.87 11.43
CA ARG A 48 5.19 -7.05 12.15
C ARG A 48 5.03 -5.93 13.20
N ARG A 49 6.17 -5.42 13.64
CA ARG A 49 6.17 -4.37 14.65
C ARG A 49 5.56 -3.09 14.06
N PHE A 50 5.98 -2.77 12.84
CA PHE A 50 5.49 -1.58 12.17
C PHE A 50 3.97 -1.64 12.00
N LEU A 51 3.46 -2.85 11.80
CA LEU A 51 2.04 -3.05 11.63
C LEU A 51 1.33 -2.85 12.97
N LYS A 52 1.79 -3.62 13.95
CA LYS A 52 1.22 -3.54 15.29
C LYS A 52 1.31 -2.11 15.79
N LEU A 53 2.30 -1.40 15.29
CA LEU A 53 2.52 -0.01 15.69
C LEU A 53 1.36 0.85 15.17
N ALA A 54 1.15 0.76 13.86
CA ALA A 54 0.08 1.52 13.23
C ALA A 54 -1.24 1.20 13.92
N LEU A 55 -1.31 0.00 14.46
CA LEU A 55 -2.52 -0.45 15.15
C LEU A 55 -2.74 0.43 16.38
N LYS A 56 -1.72 1.20 16.71
CA LYS A 56 -1.80 2.09 17.86
C LYS A 56 -2.66 3.30 17.52
N THR A 57 -3.10 3.33 16.27
CA THR A 57 -3.94 4.42 15.79
C THR A 57 -4.87 3.94 14.68
N PRO A 58 -6.12 3.61 15.08
CA PRO A 58 -7.11 3.14 14.13
C PRO A 58 -7.65 4.29 13.28
N ILE A 59 -6.78 4.82 12.44
CA ILE A 59 -7.16 5.93 11.57
C ILE A 59 -6.99 5.50 10.11
N TRP A 60 -6.14 4.50 9.91
CA TRP A 60 -5.88 4.00 8.58
C TRP A 60 -6.80 2.80 8.34
N LEU A 61 -7.20 2.18 9.44
CA LEU A 61 -8.07 1.01 9.38
C LEU A 61 -9.46 1.45 8.89
N ASN A 62 -10.02 2.43 9.58
CA ASN A 62 -11.33 2.93 9.24
C ASN A 62 -11.40 3.15 7.73
N PRO A 63 -10.49 4.05 7.23
CA PRO A 63 -10.45 4.35 5.81
C PRO A 63 -9.80 3.20 5.03
N ILE A 64 -9.23 2.28 5.76
CA ILE A 64 -8.59 1.12 5.15
C ILE A 64 -7.87 1.56 3.87
N ASP A 65 -6.60 1.94 4.04
CA ASP A 65 -5.80 2.38 2.92
C ASP A 65 -4.32 2.35 3.32
N TYR A 66 -3.58 1.47 2.64
CA TYR A 66 -2.16 1.32 2.92
C TYR A 66 -1.40 2.61 2.57
N SER A 67 -2.11 3.52 1.93
CA SER A 67 -1.52 4.79 1.54
C SER A 67 -1.18 5.61 2.78
N LEU A 68 -1.85 5.28 3.87
CA LEU A 68 -1.62 5.98 5.13
C LEU A 68 -0.52 5.27 5.90
N LEU A 69 -0.26 4.03 5.50
CA LEU A 69 0.77 3.23 6.15
C LEU A 69 2.14 3.84 5.85
N ALA A 70 2.47 3.87 4.57
CA ALA A 70 3.75 4.43 4.14
C ALA A 70 3.93 5.81 4.76
N SER A 71 2.82 6.41 5.13
CA SER A 71 2.84 7.74 5.74
C SER A 71 3.46 7.66 7.14
N LEU A 72 3.11 6.61 7.86
CA LEU A 72 3.62 6.41 9.20
C LEU A 72 5.15 6.37 9.15
N ILE A 73 5.66 5.70 8.13
CA ILE A 73 7.10 5.57 7.95
C ILE A 73 7.74 6.96 8.02
N PRO A 74 8.59 7.15 9.07
CA PRO A 74 9.26 8.42 9.26
C PRO A 74 10.41 8.59 8.25
N LYS A 75 10.10 8.30 7.00
CA LYS A 75 11.09 8.42 5.94
C LYS A 75 12.48 8.15 6.51
N GLY A 76 12.85 6.88 6.51
CA GLY A 76 14.14 6.48 7.03
C GLY A 76 14.01 5.34 8.04
N TYR A 77 12.76 4.95 8.28
CA TYR A 77 12.47 3.87 9.21
C TYR A 77 13.55 2.79 9.14
N PRO A 78 13.72 2.06 10.28
CA PRO A 78 14.70 1.00 10.35
C PRO A 78 14.22 -0.25 9.60
N GLY A 79 14.94 -1.35 9.82
CA GLY A 79 14.60 -2.59 9.17
C GLY A 79 14.46 -2.40 7.65
N ARG A 80 14.01 -3.46 6.99
CA ARG A 80 13.83 -3.43 5.55
C ARG A 80 12.35 -3.26 5.21
N VAL A 81 11.60 -2.78 6.18
CA VAL A 81 10.17 -2.57 5.99
C VAL A 81 9.96 -1.59 4.84
N VAL A 82 10.70 -0.50 4.88
CA VAL A 82 10.61 0.52 3.85
C VAL A 82 11.13 -0.05 2.52
N GLU A 83 12.20 -0.81 2.63
CA GLU A 83 12.80 -1.42 1.45
C GLU A 83 11.76 -2.24 0.69
N ILE A 84 10.77 -2.71 1.43
CA ILE A 84 9.71 -3.52 0.83
C ILE A 84 8.59 -2.58 0.34
N ILE A 85 8.15 -1.73 1.24
CA ILE A 85 7.08 -0.79 0.92
C ILE A 85 7.56 0.14 -0.20
N ASN A 86 8.87 0.29 -0.29
CA ASN A 86 9.46 1.14 -1.30
C ASN A 86 9.14 0.56 -2.69
N ILE A 87 9.09 -0.76 -2.75
CA ILE A 87 8.81 -1.44 -4.00
C ILE A 87 7.41 -1.06 -4.48
N LEU A 88 6.51 -0.86 -3.52
CA LEU A 88 5.15 -0.49 -3.84
C LEU A 88 5.13 0.92 -4.42
N VAL A 89 5.92 1.79 -3.79
CA VAL A 89 6.00 3.17 -4.25
C VAL A 89 6.63 3.22 -5.64
N LYS A 90 7.77 2.54 -5.77
CA LYS A 90 8.47 2.49 -7.03
C LYS A 90 7.63 1.71 -8.05
N ASN A 91 6.68 0.95 -7.53
CA ASN A 91 5.80 0.16 -8.38
C ASN A 91 4.70 1.05 -8.93
N GLN A 92 3.98 1.69 -8.02
CA GLN A 92 2.89 2.58 -8.40
C GLN A 92 3.44 3.81 -9.13
N VAL A 93 4.39 4.47 -8.47
CA VAL A 93 5.00 5.65 -9.04
C VAL A 93 3.90 6.67 -9.40
N SER A 94 2.74 6.48 -8.79
CA SER A 94 1.61 7.35 -9.04
C SER A 94 2.09 8.79 -9.15
N PRO A 95 1.34 9.59 -9.97
CA PRO A 95 1.67 10.98 -10.17
C PRO A 95 1.30 11.83 -8.95
N SER A 96 2.06 12.90 -8.75
CA SER A 96 1.82 13.78 -7.63
C SER A 96 1.44 15.18 -8.13
N ALA A 97 0.41 15.73 -7.54
CA ALA A 97 -0.05 17.06 -7.92
C ALA A 97 -1.45 17.30 -7.33
N PRO A 98 -2.37 16.34 -7.62
CA PRO A 98 -3.74 16.43 -7.13
C PRO A 98 -3.81 16.09 -5.64
N ALA A 99 -3.21 16.96 -4.84
CA ALA A 99 -3.20 16.76 -3.40
C ALA A 99 -4.53 17.23 -2.80
N ALA A 100 -4.84 16.72 -1.63
CA ALA A 100 -6.08 17.07 -0.95
C ALA A 100 -6.31 16.10 0.22
N PRO A 101 -6.30 14.79 -0.11
CA PRO A 101 -6.51 13.76 0.90
C PRO A 101 -5.26 13.59 1.77
N VAL A 102 -4.36 12.75 1.28
CA VAL A 102 -3.12 12.50 2.00
C VAL A 102 -2.21 11.61 1.14
N PRO A 103 -1.78 12.18 -0.02
CA PRO A 103 -0.91 11.48 -0.93
C PRO A 103 0.52 11.41 -0.40
N THR A 104 0.86 12.41 0.40
CA THR A 104 2.19 12.48 0.98
C THR A 104 2.45 13.86 1.59
N PRO A 105 2.23 14.91 0.74
CA PRO A 105 2.43 16.28 1.18
C PRO A 105 1.28 16.74 2.08
N ILE A 106 1.53 16.70 3.38
CA ILE A 106 0.53 17.10 4.36
C ILE A 106 -0.18 18.36 3.86
N CYS A 107 -1.49 18.28 3.81
CA CYS A 107 -2.30 19.41 3.37
C CYS A 107 -1.74 20.69 3.99
N PRO A 108 -1.89 21.81 3.25
CA PRO A 108 -1.40 23.10 3.72
C PRO A 108 -2.31 23.65 4.83
N THR A 109 -3.57 23.88 4.46
CA THR A 109 -4.54 24.40 5.40
C THR A 109 -4.40 23.70 6.75
N THR A 110 -5.08 22.56 6.88
CA THR A 110 -5.04 21.80 8.11
C THR A 110 -5.03 22.73 9.32
N THR A 111 -6.22 23.19 9.68
CA THR A 111 -6.36 24.09 10.81
C THR A 111 -5.58 25.39 10.57
N PRO A 112 -6.14 26.50 11.12
CA PRO A 112 -5.51 27.79 10.97
C PRO A 112 -4.28 27.92 11.87
N PRO A 113 -3.52 29.03 11.68
CA PRO A 113 -2.33 29.27 12.47
C PRO A 113 -2.69 29.73 13.88
N PRO A 114 -1.65 29.78 14.75
CA PRO A 114 -1.85 30.20 16.13
C PRO A 114 -2.04 31.72 16.22
N PRO A 115 -3.27 32.12 16.62
CA PRO A 115 -3.59 33.53 16.75
C PRO A 115 -2.95 34.12 18.01
N PRO A 116 -2.76 35.47 17.97
CA PRO A 116 -2.16 36.17 19.10
C PRO A 116 -3.16 36.32 20.25
N PRO A 117 -2.83 35.62 21.37
CA PRO A 117 -3.69 35.66 22.55
C PRO A 117 -3.54 36.99 23.28
N PRO A 118 -4.62 37.36 24.03
CA PRO A 118 -4.62 38.60 24.78
C PRO A 118 -3.74 38.47 26.04
N SER A 119 -3.69 39.57 26.80
CA SER A 119 -2.91 39.59 28.01
C SER A 119 -2.77 41.03 28.52
N PRO A 120 -2.28 41.91 27.61
CA PRO A 120 -2.10 43.31 27.94
C PRO A 120 -3.44 44.05 27.98
N GLU A 121 -4.25 43.80 26.96
CA GLU A 121 -5.56 44.44 26.87
C GLU A 121 -5.47 45.91 27.28
N ALA A 122 -6.63 46.48 27.55
CA ALA A 122 -6.70 47.87 27.94
C ALA A 122 -6.46 48.76 26.73
N HIS A 123 -5.18 48.96 26.42
CA HIS A 123 -4.80 49.78 25.28
C HIS A 123 -3.28 49.76 25.11
N VAL A 124 -2.74 48.55 25.12
CA VAL A 124 -1.30 48.37 24.97
C VAL A 124 -0.57 49.45 25.79
N PRO A 125 -0.62 49.27 27.14
CA PRO A 125 0.03 50.21 28.04
C PRO A 125 1.56 50.02 28.02
N PRO A 126 2.27 51.12 28.39
CA PRO A 126 3.72 51.09 28.42
C PRO A 126 4.23 50.32 29.63
N PRO A 127 5.51 49.88 29.55
CA PRO A 127 6.13 49.13 30.62
C PRO A 127 6.48 50.04 31.80
N TYR A 128 6.72 49.41 32.94
CA TYR A 128 7.06 50.16 34.14
C TYR A 128 8.47 49.78 34.63
N VAL A 129 9.45 50.19 33.84
CA VAL A 129 10.84 49.92 34.17
C VAL A 129 11.65 51.20 34.03
N GLU A 130 11.22 52.23 34.75
CA GLU A 130 11.91 53.51 34.71
C GLU A 130 11.22 54.51 35.65
N PRO A 131 12.02 55.47 36.16
CA PRO A 131 11.50 56.49 37.06
C PRO A 131 10.69 57.53 36.29
N THR A 132 11.31 58.08 35.26
CA THR A 132 10.65 59.09 34.44
C THR A 132 11.05 58.91 32.97
N THR A 133 12.35 58.94 32.73
CA THR A 133 12.86 58.79 31.37
C THR A 133 12.08 57.70 30.63
N THR A 134 11.43 58.13 29.55
CA THR A 134 10.64 57.19 28.75
C THR A 134 11.41 56.82 27.47
N GLN A 135 12.25 57.74 27.03
CA GLN A 135 13.04 57.52 25.84
C GLN A 135 14.53 57.70 26.15
N CYS A 136 15.36 57.13 25.29
CA CYS A 136 16.79 57.20 25.45
C CYS A 136 17.44 57.12 24.08
N PHE A 137 18.52 57.87 23.90
CA PHE A 137 19.24 57.88 22.64
C PHE A 137 18.27 57.78 21.46
N HIS A 1 -7.79 18.61 35.53
CA HIS A 1 -7.49 17.39 36.27
C HIS A 1 -7.73 16.17 35.38
N MET A 2 -8.97 16.02 34.97
CA MET A 2 -9.36 14.90 34.12
C MET A 2 -8.77 13.59 34.63
N GLY A 3 -9.17 13.24 35.86
CA GLY A 3 -8.70 12.02 36.48
C GLY A 3 -9.57 10.83 36.09
N GLN A 4 -9.13 9.65 36.49
CA GLN A 4 -9.86 8.43 36.19
C GLN A 4 -9.73 7.44 37.35
N ILE A 5 -10.52 6.38 37.27
CA ILE A 5 -10.51 5.35 38.30
C ILE A 5 -11.40 4.19 37.86
N HIS A 6 -10.98 2.99 38.25
CA HIS A 6 -11.74 1.79 37.91
C HIS A 6 -11.98 1.76 36.40
N GLY A 7 -12.59 0.67 35.96
CA GLY A 7 -12.89 0.50 34.55
C GLY A 7 -11.69 -0.07 33.80
N LEU A 8 -11.95 -0.51 32.57
CA LEU A 8 -10.90 -1.08 31.74
C LEU A 8 -11.42 -1.24 30.31
N SER A 9 -12.43 -2.10 30.17
CA SER A 9 -13.02 -2.36 28.87
C SER A 9 -14.54 -2.41 29.00
N PRO A 10 -15.19 -1.24 28.76
CA PRO A 10 -16.63 -1.15 28.84
C PRO A 10 -17.29 -1.79 27.63
N THR A 11 -17.00 -3.07 27.44
CA THR A 11 -17.56 -3.81 26.32
C THR A 11 -17.12 -3.19 25.00
N PRO A 12 -15.92 -3.62 24.52
CA PRO A 12 -15.37 -3.11 23.28
C PRO A 12 -16.10 -3.71 22.08
N ILE A 13 -17.15 -3.02 21.65
CA ILE A 13 -17.93 -3.48 20.51
C ILE A 13 -16.99 -3.86 19.36
N PRO A 14 -17.43 -4.87 18.57
CA PRO A 14 -16.65 -5.34 17.44
C PRO A 14 -16.72 -4.35 16.29
N LYS A 15 -16.04 -4.70 15.20
CA LYS A 15 -16.02 -3.86 14.02
C LYS A 15 -15.29 -4.59 12.89
N ALA A 16 -15.85 -5.73 12.51
CA ALA A 16 -15.27 -6.53 11.45
C ALA A 16 -14.76 -5.61 10.34
N PRO A 17 -13.42 -5.38 10.37
CA PRO A 17 -12.79 -4.52 9.37
C PRO A 17 -12.68 -5.23 8.03
N ARG A 18 -11.99 -6.36 8.05
CA ARG A 18 -11.80 -7.14 6.83
C ARG A 18 -10.97 -6.35 5.82
N GLY A 19 -9.65 -6.50 5.93
CA GLY A 19 -8.74 -5.81 5.03
C GLY A 19 -7.28 -6.13 5.38
N LEU A 20 -6.88 -5.68 6.56
CA LEU A 20 -5.53 -5.91 7.02
C LEU A 20 -5.40 -7.35 7.52
N SER A 21 -5.35 -8.28 6.58
CA SER A 21 -5.24 -9.69 6.91
C SER A 21 -4.43 -10.41 5.82
N THR A 22 -5.13 -10.72 4.74
CA THR A 22 -4.49 -11.42 3.62
C THR A 22 -4.83 -10.72 2.31
N HIS A 23 -5.29 -9.48 2.43
CA HIS A 23 -5.65 -8.70 1.26
C HIS A 23 -4.61 -7.59 1.05
N HIS A 24 -4.58 -6.67 2.00
CA HIS A 24 -3.64 -5.56 1.93
C HIS A 24 -2.27 -6.00 2.46
N TRP A 25 -2.31 -7.05 3.28
CA TRP A 25 -1.08 -7.58 3.85
C TRP A 25 -0.30 -8.28 2.74
N LEU A 26 -1.03 -9.04 1.94
CA LEU A 26 -0.42 -9.76 0.84
C LEU A 26 0.41 -8.79 0.00
N ASN A 27 -0.03 -7.55 -0.04
CA ASN A 27 0.66 -6.53 -0.80
C ASN A 27 2.01 -6.24 -0.14
N PHE A 28 2.08 -6.51 1.16
CA PHE A 28 3.30 -6.28 1.90
C PHE A 28 4.17 -7.54 1.93
N LEU A 29 3.50 -8.69 1.96
CA LEU A 29 4.19 -9.96 1.98
C LEU A 29 4.71 -10.28 0.58
N GLN A 30 4.19 -9.55 -0.39
CA GLN A 30 4.59 -9.75 -1.77
C GLN A 30 5.91 -9.03 -2.04
N ALA A 31 5.88 -7.70 -1.92
CA ALA A 31 7.06 -6.90 -2.15
C ALA A 31 8.22 -7.44 -1.31
N ALA A 32 7.85 -8.06 -0.20
CA ALA A 32 8.85 -8.63 0.69
C ALA A 32 9.36 -9.95 0.11
N TYR A 33 8.50 -10.58 -0.68
CA TYR A 33 8.85 -11.84 -1.30
C TYR A 33 9.62 -11.62 -2.61
N ARG A 34 9.69 -10.36 -3.01
CA ARG A 34 10.38 -9.99 -4.23
C ARG A 34 11.78 -9.48 -3.91
N LEU A 35 12.02 -9.25 -2.62
CA LEU A 35 13.32 -8.76 -2.17
C LEU A 35 14.24 -9.93 -1.91
N GLN A 36 14.51 -10.17 -0.64
CA GLN A 36 15.39 -11.26 -0.23
C GLN A 36 14.58 -12.33 0.51
N PRO A 37 15.11 -13.58 0.47
CA PRO A 37 14.47 -14.69 1.13
C PRO A 37 14.67 -14.63 2.65
N GLY A 38 13.60 -14.95 3.37
CA GLY A 38 13.65 -14.93 4.82
C GLY A 38 15.02 -15.39 5.33
N PRO A 39 15.88 -14.39 5.64
CA PRO A 39 17.22 -14.68 6.14
C PRO A 39 17.17 -15.14 7.60
N SER A 40 16.60 -16.32 7.79
CA SER A 40 16.48 -16.89 9.13
C SER A 40 15.73 -15.91 10.05
N ASP A 41 14.45 -15.74 9.75
CA ASP A 41 13.61 -14.85 10.53
C ASP A 41 12.44 -14.37 9.67
N PHE A 42 12.66 -14.38 8.37
CA PHE A 42 11.63 -13.95 7.43
C PHE A 42 11.51 -12.43 7.42
N ASP A 43 12.33 -11.80 8.24
CA ASP A 43 12.32 -10.35 8.33
C ASP A 43 10.89 -9.87 8.61
N PHE A 44 10.09 -10.77 9.15
CA PHE A 44 8.71 -10.46 9.47
C PHE A 44 8.61 -9.77 10.83
N GLN A 45 9.70 -9.82 11.58
CA GLN A 45 9.75 -9.20 12.89
C GLN A 45 9.72 -7.67 12.76
N GLN A 46 10.69 -7.17 12.02
CA GLN A 46 10.80 -5.73 11.81
C GLN A 46 9.51 -5.19 11.17
N LEU A 47 8.74 -6.11 10.60
CA LEU A 47 7.50 -5.74 9.95
C LEU A 47 6.38 -5.71 10.99
N ARG A 48 6.19 -6.85 11.65
CA ARG A 48 5.16 -6.96 12.67
C ARG A 48 5.32 -5.85 13.71
N ARG A 49 6.52 -5.29 13.75
CA ARG A 49 6.82 -4.22 14.69
C ARG A 49 6.30 -2.88 14.15
N PHE A 50 6.32 -2.78 12.83
CA PHE A 50 5.86 -1.55 12.18
C PHE A 50 4.33 -1.53 12.08
N LEU A 51 3.77 -2.72 11.90
CA LEU A 51 2.32 -2.83 11.78
C LEU A 51 1.68 -2.56 13.14
N LYS A 52 2.21 -3.22 14.16
CA LYS A 52 1.70 -3.06 15.51
C LYS A 52 1.74 -1.58 15.88
N LEU A 53 2.64 -0.86 15.23
CA LEU A 53 2.79 0.57 15.49
C LEU A 53 1.57 1.32 14.91
N ALA A 54 1.39 1.17 13.61
CA ALA A 54 0.28 1.81 12.93
C ALA A 54 -1.03 1.41 13.60
N LEU A 55 -1.02 0.21 14.18
CA LEU A 55 -2.20 -0.30 14.85
C LEU A 55 -2.52 0.59 16.06
N LYS A 56 -1.56 1.44 16.39
CA LYS A 56 -1.74 2.34 17.52
C LYS A 56 -2.71 3.46 17.13
N THR A 57 -3.12 3.42 15.87
CA THR A 57 -4.05 4.41 15.37
C THR A 57 -4.91 3.83 14.25
N PRO A 58 -6.12 3.34 14.64
CA PRO A 58 -7.03 2.75 13.68
C PRO A 58 -7.70 3.82 12.82
N ILE A 59 -6.89 4.48 12.01
CA ILE A 59 -7.39 5.53 11.14
C ILE A 59 -7.12 5.15 9.68
N TRP A 60 -6.16 4.26 9.50
CA TRP A 60 -5.81 3.80 8.17
C TRP A 60 -6.56 2.51 7.88
N LEU A 61 -6.95 1.85 8.96
CA LEU A 61 -7.69 0.59 8.84
C LEU A 61 -9.08 0.88 8.26
N ASN A 62 -9.81 1.77 8.94
CA ASN A 62 -11.14 2.14 8.51
C ASN A 62 -11.13 2.38 7.00
N PRO A 63 -10.30 3.37 6.58
CA PRO A 63 -10.19 3.72 5.17
C PRO A 63 -9.37 2.67 4.42
N ILE A 64 -8.73 1.80 5.18
CA ILE A 64 -7.91 0.75 4.60
C ILE A 64 -7.18 1.31 3.38
N ASP A 65 -6.01 1.87 3.62
CA ASP A 65 -5.21 2.44 2.55
C ASP A 65 -3.74 2.39 2.94
N TYR A 66 -2.96 1.71 2.11
CA TYR A 66 -1.53 1.58 2.36
C TYR A 66 -0.81 2.92 2.16
N SER A 67 -1.59 3.92 1.77
CA SER A 67 -1.05 5.24 1.55
C SER A 67 -0.79 5.94 2.89
N LEU A 68 -1.72 5.74 3.80
CA LEU A 68 -1.61 6.34 5.13
C LEU A 68 -0.55 5.58 5.94
N LEU A 69 -0.30 4.35 5.52
CA LEU A 69 0.68 3.52 6.19
C LEU A 69 2.09 4.07 5.92
N ALA A 70 2.45 4.07 4.65
CA ALA A 70 3.75 4.57 4.25
C ALA A 70 3.96 5.97 4.82
N SER A 71 2.85 6.61 5.15
CA SER A 71 2.89 7.95 5.72
C SER A 71 3.35 7.89 7.17
N LEU A 72 3.03 6.79 7.81
CA LEU A 72 3.42 6.60 9.21
C LEU A 72 4.95 6.55 9.32
N ILE A 73 5.53 5.65 8.55
CA ILE A 73 6.98 5.49 8.55
C ILE A 73 7.63 6.87 8.57
N PRO A 74 8.09 7.27 9.78
CA PRO A 74 8.73 8.56 9.95
C PRO A 74 10.16 8.54 9.39
N LYS A 75 10.27 8.07 8.16
CA LYS A 75 11.56 7.99 7.49
C LYS A 75 12.64 7.65 8.53
N GLY A 76 12.31 6.68 9.37
CA GLY A 76 13.23 6.25 10.41
C GLY A 76 13.35 4.72 10.45
N TYR A 77 12.66 4.09 9.50
CA TYR A 77 12.68 2.65 9.42
C TYR A 77 13.64 2.17 8.33
N PRO A 78 14.62 1.32 8.74
CA PRO A 78 15.60 0.79 7.82
C PRO A 78 14.99 -0.29 6.93
N GLY A 79 15.82 -0.83 6.05
CA GLY A 79 15.38 -1.88 5.15
C GLY A 79 14.58 -2.95 5.89
N ARG A 80 14.02 -3.87 5.12
CA ARG A 80 13.23 -4.95 5.69
C ARG A 80 11.80 -4.47 5.97
N VAL A 81 11.61 -3.17 5.80
CA VAL A 81 10.31 -2.57 6.04
C VAL A 81 9.97 -1.61 4.88
N VAL A 82 10.54 -0.43 4.97
CA VAL A 82 10.32 0.58 3.94
C VAL A 82 10.82 0.06 2.60
N GLU A 83 11.95 -0.65 2.65
CA GLU A 83 12.54 -1.21 1.45
C GLU A 83 11.54 -2.13 0.75
N ILE A 84 10.49 -2.49 1.48
CA ILE A 84 9.47 -3.36 0.93
C ILE A 84 8.26 -2.52 0.50
N ILE A 85 7.98 -1.50 1.31
CA ILE A 85 6.87 -0.61 1.03
C ILE A 85 7.25 0.32 -0.11
N ASN A 86 8.49 0.79 -0.07
CA ASN A 86 8.98 1.70 -1.09
C ASN A 86 8.73 1.09 -2.47
N ILE A 87 8.67 -0.24 -2.50
CA ILE A 87 8.44 -0.96 -3.74
C ILE A 87 7.00 -0.73 -4.19
N LEU A 88 6.11 -0.65 -3.22
CA LEU A 88 4.70 -0.43 -3.50
C LEU A 88 4.50 1.00 -4.00
N VAL A 89 5.16 1.93 -3.34
CA VAL A 89 5.06 3.33 -3.70
C VAL A 89 5.65 3.52 -5.10
N LYS A 90 6.85 3.01 -5.29
CA LYS A 90 7.52 3.12 -6.57
C LYS A 90 6.74 2.34 -7.62
N ASN A 91 5.87 1.46 -7.14
CA ASN A 91 5.05 0.64 -8.02
C ASN A 91 4.28 1.55 -8.97
N GLN A 92 3.96 2.73 -8.49
CA GLN A 92 3.22 3.70 -9.28
C GLN A 92 4.07 4.95 -9.53
N VAL A 93 4.75 5.38 -8.47
CA VAL A 93 5.60 6.55 -8.55
C VAL A 93 6.67 6.33 -9.62
N SER A 94 6.85 5.06 -9.98
CA SER A 94 7.83 4.69 -10.99
C SER A 94 7.49 5.34 -12.33
N PRO A 95 8.55 5.63 -13.12
CA PRO A 95 8.36 6.25 -14.42
C PRO A 95 7.83 5.23 -15.44
N SER A 96 6.89 5.70 -16.24
CA SER A 96 6.29 4.85 -17.26
C SER A 96 5.91 3.50 -16.66
N ALA A 97 4.66 3.39 -16.25
CA ALA A 97 4.16 2.16 -15.65
C ALA A 97 2.93 1.69 -16.43
N PRO A 98 2.63 0.37 -16.28
CA PRO A 98 1.48 -0.22 -16.96
C PRO A 98 0.18 0.19 -16.27
N ALA A 99 -0.03 1.50 -16.20
CA ALA A 99 -1.23 2.02 -15.56
C ALA A 99 -2.24 2.40 -16.65
N ALA A 100 -2.67 1.40 -17.39
CA ALA A 100 -3.64 1.60 -18.46
C ALA A 100 -4.00 0.25 -19.08
N PRO A 101 -4.89 -0.50 -18.36
CA PRO A 101 -5.32 -1.80 -18.83
C PRO A 101 -6.32 -1.66 -19.98
N VAL A 102 -6.35 -2.68 -20.82
CA VAL A 102 -7.25 -2.68 -21.97
C VAL A 102 -6.88 -1.53 -22.90
N PRO A 103 -6.89 -1.83 -24.23
CA PRO A 103 -6.56 -0.84 -25.23
C PRO A 103 -7.72 0.14 -25.43
N THR A 104 -7.87 1.03 -24.46
CA THR A 104 -8.92 2.02 -24.52
C THR A 104 -10.29 1.36 -24.41
N PRO A 105 -10.73 1.15 -23.14
CA PRO A 105 -12.02 0.52 -22.89
C PRO A 105 -13.16 1.49 -23.17
N ILE A 106 -12.80 2.69 -23.58
CA ILE A 106 -13.78 3.71 -23.89
C ILE A 106 -14.91 3.10 -24.71
N CYS A 107 -14.69 3.05 -26.02
CA CYS A 107 -15.68 2.49 -26.93
C CYS A 107 -16.06 1.11 -26.42
N PRO A 108 -15.02 0.26 -26.22
CA PRO A 108 -15.24 -1.10 -25.74
C PRO A 108 -15.58 -1.10 -24.24
N THR A 109 -16.86 -0.98 -23.95
CA THR A 109 -17.32 -0.98 -22.58
C THR A 109 -17.67 -2.39 -22.12
N THR A 110 -16.65 -3.24 -22.12
CA THR A 110 -16.83 -4.63 -21.71
C THR A 110 -17.30 -4.69 -20.25
N THR A 111 -17.51 -5.91 -19.79
CA THR A 111 -17.96 -6.13 -18.42
C THR A 111 -17.93 -7.63 -18.08
N PRO A 112 -16.69 -8.15 -17.95
CA PRO A 112 -16.52 -9.56 -17.63
C PRO A 112 -16.83 -9.83 -16.15
N PRO A 113 -17.92 -10.61 -15.92
CA PRO A 113 -18.34 -10.94 -14.58
C PRO A 113 -17.43 -12.01 -13.97
N PRO A 114 -16.67 -11.58 -12.92
CA PRO A 114 -15.76 -12.49 -12.24
C PRO A 114 -16.51 -13.46 -11.35
N PRO A 115 -16.45 -14.77 -11.75
CA PRO A 115 -17.13 -15.81 -10.99
C PRO A 115 -16.37 -16.13 -9.70
N PRO A 116 -17.03 -15.81 -8.55
CA PRO A 116 -16.42 -16.05 -7.24
C PRO A 116 -16.47 -17.53 -6.89
N PRO A 117 -15.27 -18.15 -6.82
CA PRO A 117 -15.16 -19.57 -6.50
C PRO A 117 -15.40 -19.80 -5.01
N PRO A 118 -15.65 -21.10 -4.66
CA PRO A 118 -15.90 -21.47 -3.28
C PRO A 118 -14.60 -21.46 -2.47
N SER A 119 -13.55 -21.98 -3.09
CA SER A 119 -12.25 -22.03 -2.44
C SER A 119 -12.31 -22.99 -1.24
N PRO A 120 -11.11 -23.44 -0.82
CA PRO A 120 -11.01 -24.35 0.31
C PRO A 120 -11.24 -23.62 1.63
N GLU A 121 -10.48 -22.55 1.82
CA GLU A 121 -10.59 -21.76 3.03
C GLU A 121 -9.84 -20.44 2.87
N ALA A 122 -9.81 -19.95 1.64
CA ALA A 122 -9.13 -18.70 1.34
C ALA A 122 -9.41 -17.69 2.46
N HIS A 123 -10.69 -17.42 2.67
CA HIS A 123 -11.09 -16.48 3.70
C HIS A 123 -11.84 -17.23 4.80
N VAL A 124 -11.16 -18.21 5.38
CA VAL A 124 -11.76 -19.01 6.44
C VAL A 124 -13.07 -19.61 5.95
N PRO A 125 -13.50 -20.69 6.66
CA PRO A 125 -14.74 -21.37 6.30
C PRO A 125 -15.96 -20.56 6.73
N PRO A 126 -16.72 -20.06 5.71
CA PRO A 126 -17.90 -19.27 5.98
C PRO A 126 -19.05 -20.15 6.46
N PRO A 127 -19.43 -19.94 7.75
CA PRO A 127 -20.52 -20.70 8.34
C PRO A 127 -21.89 -20.23 7.82
N TYR A 128 -22.78 -21.19 7.63
CA TYR A 128 -24.11 -20.88 7.14
C TYR A 128 -25.06 -22.06 7.35
N VAL A 129 -24.54 -23.25 7.07
CA VAL A 129 -25.33 -24.47 7.22
C VAL A 129 -24.43 -25.68 6.96
N GLU A 130 -25.08 -26.82 6.79
CA GLU A 130 -24.35 -28.06 6.53
C GLU A 130 -25.31 -29.26 6.61
N PRO A 131 -26.01 -29.36 7.76
CA PRO A 131 -26.96 -30.44 7.96
C PRO A 131 -28.25 -30.22 7.16
N THR A 132 -29.18 -29.53 7.79
CA THR A 132 -30.45 -29.23 7.16
C THR A 132 -30.35 -27.96 6.32
N THR A 133 -30.40 -28.13 5.01
CA THR A 133 -30.31 -27.00 4.10
C THR A 133 -31.71 -26.61 3.60
N THR A 134 -32.58 -27.60 3.57
CA THR A 134 -33.95 -27.37 3.12
C THR A 134 -34.71 -26.52 4.13
N GLN A 135 -34.73 -25.22 3.86
CA GLN A 135 -35.42 -24.28 4.72
C GLN A 135 -35.64 -22.95 4.00
N CYS A 136 -36.40 -23.02 2.92
CA CYS A 136 -36.70 -21.84 2.13
C CYS A 136 -37.33 -20.80 3.04
N PHE A 137 -37.99 -21.29 4.08
CA PHE A 137 -38.65 -20.42 5.04
C PHE A 137 -39.48 -19.35 4.33
N HIS A 1 -27.44 -33.67 16.77
CA HIS A 1 -27.44 -32.60 15.78
C HIS A 1 -26.18 -32.70 14.92
N MET A 2 -26.17 -33.70 14.05
CA MET A 2 -25.04 -33.91 13.17
C MET A 2 -23.72 -33.75 13.93
N GLY A 3 -22.65 -33.65 13.16
CA GLY A 3 -21.32 -33.50 13.75
C GLY A 3 -20.55 -32.37 13.06
N GLN A 4 -20.21 -31.36 13.85
CA GLN A 4 -19.47 -30.22 13.33
C GLN A 4 -18.00 -30.61 13.11
N ILE A 5 -17.80 -31.60 12.26
CA ILE A 5 -16.45 -32.07 11.96
C ILE A 5 -15.63 -32.09 13.25
N HIS A 6 -14.31 -32.06 13.07
CA HIS A 6 -13.40 -32.07 14.20
C HIS A 6 -13.18 -30.66 14.70
N GLY A 7 -12.58 -29.84 13.84
CA GLY A 7 -12.31 -28.46 14.19
C GLY A 7 -12.97 -27.50 13.19
N LEU A 8 -12.13 -26.84 12.41
CA LEU A 8 -12.62 -25.89 11.42
C LEU A 8 -13.16 -24.65 12.12
N SER A 9 -13.28 -23.58 11.35
CA SER A 9 -13.78 -22.33 11.89
C SER A 9 -13.80 -21.26 10.80
N PRO A 10 -14.72 -20.27 10.97
CA PRO A 10 -14.84 -19.19 10.01
C PRO A 10 -13.70 -18.19 10.14
N THR A 11 -13.00 -17.99 9.04
CA THR A 11 -11.87 -17.07 9.02
C THR A 11 -12.36 -15.63 9.23
N PRO A 12 -11.50 -14.83 9.92
CA PRO A 12 -11.83 -13.45 10.21
C PRO A 12 -11.69 -12.58 8.95
N ILE A 13 -10.48 -12.08 8.75
CA ILE A 13 -10.19 -11.24 7.60
C ILE A 13 -11.46 -10.46 7.22
N PRO A 14 -11.63 -9.28 7.87
CA PRO A 14 -12.78 -8.44 7.61
C PRO A 14 -12.64 -7.71 6.27
N LYS A 15 -13.77 -7.22 5.79
CA LYS A 15 -13.78 -6.50 4.52
C LYS A 15 -14.77 -5.33 4.61
N ALA A 16 -14.53 -4.48 5.60
CA ALA A 16 -15.39 -3.33 5.80
C ALA A 16 -15.08 -2.71 7.17
N PRO A 17 -15.16 -3.57 8.22
CA PRO A 17 -14.89 -3.12 9.57
C PRO A 17 -13.39 -2.92 9.81
N ARG A 18 -13.08 -1.94 10.63
CA ARG A 18 -11.69 -1.64 10.95
C ARG A 18 -10.97 -2.90 11.42
N GLY A 19 -10.02 -3.34 10.61
CA GLY A 19 -9.25 -4.54 10.94
C GLY A 19 -8.38 -4.97 9.76
N LEU A 20 -7.13 -5.26 10.08
CA LEU A 20 -6.19 -5.68 9.05
C LEU A 20 -6.86 -6.73 8.15
N SER A 21 -6.20 -7.01 7.03
CA SER A 21 -6.71 -7.97 6.08
C SER A 21 -5.56 -8.68 5.37
N THR A 22 -5.83 -9.91 4.95
CA THR A 22 -4.82 -10.70 4.26
C THR A 22 -4.29 -9.93 3.05
N HIS A 23 -5.20 -9.34 2.30
CA HIS A 23 -4.84 -8.57 1.12
C HIS A 23 -3.93 -7.41 1.53
N HIS A 24 -4.28 -6.78 2.63
CA HIS A 24 -3.52 -5.65 3.14
C HIS A 24 -2.10 -6.11 3.46
N TRP A 25 -2.01 -7.25 4.11
CA TRP A 25 -0.72 -7.82 4.48
C TRP A 25 -0.03 -8.31 3.21
N LEU A 26 -0.82 -8.96 2.37
CA LEU A 26 -0.30 -9.50 1.12
C LEU A 26 0.38 -8.38 0.34
N ASN A 27 -0.13 -7.16 0.53
CA ASN A 27 0.42 -6.00 -0.15
C ASN A 27 1.83 -5.72 0.39
N PHE A 28 2.14 -6.37 1.50
CA PHE A 28 3.44 -6.20 2.13
C PHE A 28 4.29 -7.46 1.97
N LEU A 29 3.61 -8.60 2.01
CA LEU A 29 4.29 -9.87 1.86
C LEU A 29 4.76 -10.05 0.41
N GLN A 30 4.09 -9.33 -0.47
CA GLN A 30 4.43 -9.40 -1.89
C GLN A 30 5.76 -8.71 -2.15
N ALA A 31 5.82 -7.44 -1.79
CA ALA A 31 7.04 -6.66 -1.99
C ALA A 31 8.20 -7.37 -1.30
N ALA A 32 7.89 -7.99 -0.17
CA ALA A 32 8.90 -8.71 0.60
C ALA A 32 9.32 -9.96 -0.17
N TYR A 33 8.41 -10.44 -1.00
CA TYR A 33 8.67 -11.62 -1.80
C TYR A 33 9.41 -11.27 -3.08
N ARG A 34 9.37 -9.99 -3.42
CA ARG A 34 10.03 -9.51 -4.63
C ARG A 34 11.46 -9.06 -4.30
N LEU A 35 11.74 -8.97 -3.01
CA LEU A 35 13.06 -8.56 -2.55
C LEU A 35 14.00 -9.76 -2.59
N GLN A 36 14.33 -10.24 -1.41
CA GLN A 36 15.22 -11.39 -1.29
C GLN A 36 15.47 -11.73 0.19
N PRO A 37 15.61 -13.06 0.45
CA PRO A 37 15.83 -13.52 1.80
C PRO A 37 17.26 -13.25 2.25
N GLY A 38 17.61 -13.81 3.40
CA GLY A 38 18.95 -13.61 3.95
C GLY A 38 19.06 -14.25 5.34
N PRO A 39 18.73 -13.43 6.38
CA PRO A 39 18.80 -13.90 7.75
C PRO A 39 17.62 -14.83 8.07
N SER A 40 17.79 -15.59 9.14
CA SER A 40 16.76 -16.52 9.56
C SER A 40 15.58 -15.76 10.17
N ASP A 41 14.74 -15.23 9.28
CA ASP A 41 13.57 -14.48 9.71
C ASP A 41 12.82 -13.97 8.49
N PHE A 42 13.58 -13.59 7.47
CA PHE A 42 13.00 -13.09 6.24
C PHE A 42 12.47 -11.67 6.42
N ASP A 43 12.85 -11.07 7.55
CA ASP A 43 12.42 -9.72 7.86
C ASP A 43 10.91 -9.69 8.09
N PHE A 44 10.47 -10.61 8.95
CA PHE A 44 9.04 -10.71 9.25
C PHE A 44 8.76 -10.19 10.66
N GLN A 45 9.67 -10.51 11.57
CA GLN A 45 9.53 -10.09 12.96
C GLN A 45 9.67 -8.57 13.07
N GLN A 46 10.77 -8.07 12.52
CA GLN A 46 11.04 -6.64 12.55
C GLN A 46 10.04 -5.90 11.65
N LEU A 47 9.25 -6.68 10.93
CA LEU A 47 8.26 -6.12 10.03
C LEU A 47 6.91 -6.03 10.76
N ARG A 48 6.62 -7.08 11.51
CA ARG A 48 5.37 -7.14 12.26
C ARG A 48 5.32 -6.01 13.30
N ARG A 49 6.49 -5.49 13.63
CA ARG A 49 6.59 -4.42 14.60
C ARG A 49 6.06 -3.11 13.99
N PHE A 50 6.34 -2.93 12.71
CA PHE A 50 5.90 -1.74 12.00
C PHE A 50 4.38 -1.71 11.88
N LEU A 51 3.81 -2.90 11.70
CA LEU A 51 2.37 -3.02 11.56
C LEU A 51 1.70 -2.73 12.91
N LYS A 52 2.18 -3.43 13.93
CA LYS A 52 1.64 -3.27 15.27
C LYS A 52 1.70 -1.79 15.66
N LEU A 53 2.63 -1.08 15.04
CA LEU A 53 2.80 0.34 15.30
C LEU A 53 1.60 1.10 14.73
N ALA A 54 1.38 0.92 13.44
CA ALA A 54 0.27 1.59 12.77
C ALA A 54 -1.04 1.20 13.45
N LEU A 55 -1.07 -0.03 13.95
CA LEU A 55 -2.26 -0.53 14.62
C LEU A 55 -2.53 0.31 15.87
N LYS A 56 -1.53 1.10 16.24
CA LYS A 56 -1.65 1.97 17.40
C LYS A 56 -2.59 3.13 17.08
N THR A 57 -3.01 3.17 15.82
CA THR A 57 -3.91 4.22 15.38
C THR A 57 -4.79 3.72 14.23
N PRO A 58 -6.02 3.28 14.59
CA PRO A 58 -6.96 2.77 13.60
C PRO A 58 -7.57 3.91 12.79
N ILE A 59 -6.73 4.53 11.97
CA ILE A 59 -7.18 5.64 11.15
C ILE A 59 -6.95 5.28 9.67
N TRP A 60 -6.04 4.35 9.45
CA TRP A 60 -5.72 3.92 8.10
C TRP A 60 -6.57 2.67 7.79
N LEU A 61 -6.97 2.00 8.86
CA LEU A 61 -7.78 0.80 8.71
C LEU A 61 -9.16 1.18 8.16
N ASN A 62 -9.81 2.10 8.87
CA ASN A 62 -11.14 2.55 8.47
C ASN A 62 -11.13 2.84 6.96
N PRO A 63 -10.25 3.80 6.56
CA PRO A 63 -10.14 4.18 5.17
C PRO A 63 -9.39 3.11 4.37
N ILE A 64 -8.79 2.18 5.11
CA ILE A 64 -8.04 1.11 4.48
C ILE A 64 -7.30 1.65 3.26
N ASP A 65 -6.09 2.13 3.51
CA ASP A 65 -5.25 2.68 2.44
C ASP A 65 -3.79 2.63 2.86
N TYR A 66 -3.01 1.88 2.10
CA TYR A 66 -1.59 1.74 2.37
C TYR A 66 -0.86 3.08 2.21
N SER A 67 -1.59 4.04 1.67
CA SER A 67 -1.04 5.37 1.45
C SER A 67 -0.74 6.04 2.79
N LEU A 68 -1.59 5.74 3.77
CA LEU A 68 -1.42 6.31 5.09
C LEU A 68 -0.33 5.55 5.85
N LEU A 69 -0.04 4.34 5.34
CA LEU A 69 0.97 3.51 5.95
C LEU A 69 2.35 4.14 5.73
N ALA A 70 2.72 4.25 4.46
CA ALA A 70 3.99 4.83 4.10
C ALA A 70 4.15 6.20 4.77
N SER A 71 3.00 6.76 5.15
CA SER A 71 2.99 8.06 5.80
C SER A 71 3.49 7.92 7.25
N LEU A 72 3.05 6.85 7.89
CA LEU A 72 3.43 6.59 9.27
C LEU A 72 4.96 6.49 9.36
N ILE A 73 5.54 5.82 8.37
CA ILE A 73 6.98 5.65 8.33
C ILE A 73 7.65 6.97 8.69
N PRO A 74 8.14 7.05 9.96
CA PRO A 74 8.80 8.25 10.42
C PRO A 74 10.22 8.37 9.85
N LYS A 75 10.40 9.39 9.02
CA LYS A 75 11.70 9.61 8.40
C LYS A 75 12.33 8.27 8.04
N GLY A 76 11.54 7.44 7.37
CA GLY A 76 12.01 6.12 6.96
C GLY A 76 12.43 5.29 8.18
N TYR A 77 11.81 4.13 8.30
CA TYR A 77 12.10 3.23 9.40
C TYR A 77 13.33 2.37 9.10
N PRO A 78 13.76 1.61 10.14
CA PRO A 78 14.93 0.75 10.00
C PRO A 78 14.58 -0.51 9.18
N GLY A 79 15.50 -1.45 9.19
CA GLY A 79 15.31 -2.69 8.45
C GLY A 79 14.85 -2.41 7.03
N ARG A 80 14.48 -3.49 6.34
CA ARG A 80 14.01 -3.38 4.97
C ARG A 80 12.49 -3.25 4.93
N VAL A 81 11.93 -2.87 6.08
CA VAL A 81 10.50 -2.71 6.19
C VAL A 81 10.00 -1.72 5.13
N VAL A 82 10.78 -0.66 4.95
CA VAL A 82 10.44 0.37 3.99
C VAL A 82 10.70 -0.17 2.57
N GLU A 83 11.80 -0.90 2.45
CA GLU A 83 12.16 -1.48 1.16
C GLU A 83 11.03 -2.35 0.63
N ILE A 84 10.26 -2.90 1.57
CA ILE A 84 9.15 -3.76 1.20
C ILE A 84 7.93 -2.89 0.86
N ILE A 85 8.04 -1.61 1.20
CA ILE A 85 6.96 -0.68 0.94
C ILE A 85 7.31 0.17 -0.28
N ASN A 86 8.59 0.47 -0.40
CA ASN A 86 9.07 1.28 -1.52
C ASN A 86 8.74 0.57 -2.83
N ILE A 87 8.60 -0.75 -2.73
CA ILE A 87 8.27 -1.55 -3.90
C ILE A 87 6.82 -1.31 -4.29
N LEU A 88 5.99 -1.13 -3.27
CA LEU A 88 4.57 -0.89 -3.50
C LEU A 88 4.39 0.44 -4.23
N VAL A 89 5.15 1.44 -3.78
CA VAL A 89 5.08 2.76 -4.37
C VAL A 89 5.66 2.70 -5.79
N LYS A 90 6.85 2.11 -5.89
CA LYS A 90 7.52 1.99 -7.17
C LYS A 90 6.87 0.87 -7.98
N ASN A 91 5.89 0.22 -7.36
CA ASN A 91 5.18 -0.86 -8.00
C ASN A 91 4.61 -0.38 -9.34
N GLN A 92 4.50 0.93 -9.46
CA GLN A 92 3.98 1.55 -10.67
C GLN A 92 2.45 1.59 -10.62
N VAL A 93 1.94 2.39 -9.69
CA VAL A 93 0.51 2.54 -9.53
C VAL A 93 0.21 3.88 -8.88
N SER A 94 0.96 4.18 -7.82
CA SER A 94 0.78 5.44 -7.11
C SER A 94 0.51 6.57 -8.10
N PRO A 95 1.43 6.69 -9.10
CA PRO A 95 1.31 7.73 -10.11
C PRO A 95 0.21 7.38 -11.12
N SER A 96 -0.07 8.34 -12.00
CA SER A 96 -1.10 8.15 -13.01
C SER A 96 -1.07 9.32 -13.99
N ALA A 97 -1.82 9.15 -15.07
CA ALA A 97 -1.90 10.18 -16.09
C ALA A 97 -2.97 9.80 -17.11
N PRO A 98 -4.24 10.14 -16.76
CA PRO A 98 -5.36 9.84 -17.64
C PRO A 98 -5.40 10.79 -18.84
N ALA A 99 -4.29 10.82 -19.56
CA ALA A 99 -4.18 11.68 -20.73
C ALA A 99 -4.46 13.13 -20.32
N ALA A 100 -4.17 14.03 -21.24
CA ALA A 100 -4.38 15.44 -20.99
C ALA A 100 -5.68 15.64 -20.21
N PRO A 101 -5.53 15.82 -18.87
CA PRO A 101 -6.68 16.01 -18.00
C PRO A 101 -7.26 17.42 -18.17
N VAL A 102 -6.40 18.41 -17.96
CA VAL A 102 -6.82 19.79 -18.08
C VAL A 102 -8.21 19.96 -17.48
N PRO A 103 -8.29 19.71 -16.14
CA PRO A 103 -9.56 19.84 -15.43
C PRO A 103 -9.92 21.30 -15.21
N THR A 104 -8.96 22.17 -15.51
CA THR A 104 -9.17 23.60 -15.35
C THR A 104 -10.14 24.12 -16.42
N PRO A 105 -9.72 23.94 -17.70
CA PRO A 105 -10.53 24.39 -18.82
C PRO A 105 -11.72 23.45 -19.04
N ILE A 106 -11.40 22.18 -19.23
CA ILE A 106 -12.43 21.17 -19.46
C ILE A 106 -13.37 21.64 -20.57
N CYS A 107 -12.78 22.34 -21.54
CA CYS A 107 -13.54 22.86 -22.66
C CYS A 107 -13.92 21.68 -23.57
N PRO A 108 -12.87 20.90 -23.97
CA PRO A 108 -13.07 19.75 -24.82
C PRO A 108 -13.67 18.58 -24.04
N THR A 109 -13.91 17.50 -24.75
CA THR A 109 -14.48 16.31 -24.14
C THR A 109 -13.85 16.07 -22.77
N THR A 110 -12.53 16.00 -22.76
CA THR A 110 -11.79 15.77 -21.54
C THR A 110 -12.13 14.39 -20.96
N THR A 111 -13.28 14.31 -20.32
CA THR A 111 -13.73 13.07 -19.73
C THR A 111 -13.68 11.94 -20.75
N PRO A 112 -13.64 10.69 -20.23
CA PRO A 112 -13.59 9.52 -21.09
C PRO A 112 -14.95 9.25 -21.74
N PRO A 113 -14.99 9.41 -23.08
CA PRO A 113 -16.21 9.18 -23.83
C PRO A 113 -16.51 7.69 -23.97
N PRO A 114 -17.62 7.26 -23.31
CA PRO A 114 -18.02 5.87 -23.36
C PRO A 114 -18.64 5.51 -24.71
N PRO A 115 -17.92 4.64 -25.46
CA PRO A 115 -18.39 4.21 -26.77
C PRO A 115 -19.55 3.22 -26.64
N PRO A 116 -20.14 2.87 -27.82
CA PRO A 116 -21.25 1.94 -27.85
C PRO A 116 -20.76 0.50 -27.63
N PRO A 117 -21.17 -0.08 -26.48
CA PRO A 117 -20.79 -1.44 -26.14
C PRO A 117 -21.57 -2.46 -26.97
N PRO A 118 -20.83 -3.17 -27.86
CA PRO A 118 -21.44 -4.17 -28.72
C PRO A 118 -21.78 -5.43 -27.92
N SER A 119 -22.91 -6.04 -28.28
CA SER A 119 -23.36 -7.25 -27.61
C SER A 119 -22.17 -8.17 -27.36
N PRO A 120 -22.28 -8.97 -26.25
CA PRO A 120 -21.23 -9.89 -25.89
C PRO A 120 -21.22 -11.11 -26.81
N GLU A 121 -20.02 -11.53 -27.18
CA GLU A 121 -19.86 -12.68 -28.05
C GLU A 121 -19.84 -13.96 -27.23
N ALA A 122 -21.00 -14.32 -26.70
CA ALA A 122 -21.13 -15.53 -25.91
C ALA A 122 -22.58 -16.00 -25.95
N HIS A 123 -22.76 -17.18 -26.55
CA HIS A 123 -24.09 -17.76 -26.65
C HIS A 123 -25.01 -16.81 -27.44
N VAL A 124 -24.58 -16.52 -28.66
CA VAL A 124 -25.34 -15.63 -29.52
C VAL A 124 -25.58 -16.33 -30.87
N PRO A 125 -26.49 -17.34 -30.84
CA PRO A 125 -26.81 -18.08 -32.06
C PRO A 125 -27.71 -17.26 -32.98
N PRO A 126 -27.13 -16.89 -34.16
CA PRO A 126 -27.87 -16.11 -35.14
C PRO A 126 -28.90 -16.96 -35.86
N PRO A 127 -30.20 -16.63 -35.62
CA PRO A 127 -31.29 -17.36 -36.24
C PRO A 127 -31.44 -16.98 -37.71
N TYR A 128 -31.56 -15.68 -37.94
CA TYR A 128 -31.70 -15.16 -39.30
C TYR A 128 -31.00 -13.81 -39.45
N VAL A 129 -31.44 -12.86 -38.64
CA VAL A 129 -30.88 -11.53 -38.68
C VAL A 129 -30.80 -10.97 -37.26
N GLU A 130 -29.59 -10.63 -36.84
CA GLU A 130 -29.37 -10.09 -35.52
C GLU A 130 -29.87 -8.65 -35.44
N PRO A 131 -29.40 -7.82 -36.42
CA PRO A 131 -29.80 -6.42 -36.46
C PRO A 131 -31.23 -6.28 -36.99
N THR A 132 -32.01 -5.47 -36.28
CA THR A 132 -33.40 -5.24 -36.66
C THR A 132 -33.46 -4.52 -38.00
N THR A 133 -32.63 -3.50 -38.13
CA THR A 133 -32.59 -2.72 -39.36
C THR A 133 -32.73 -3.64 -40.58
N THR A 134 -31.79 -4.57 -40.69
CA THR A 134 -31.80 -5.51 -41.79
C THR A 134 -31.59 -4.78 -43.12
N GLN A 135 -32.66 -4.15 -43.59
CA GLN A 135 -32.62 -3.41 -44.83
C GLN A 135 -32.56 -1.91 -44.56
N CYS A 136 -33.52 -1.44 -43.78
CA CYS A 136 -33.60 -0.03 -43.44
C CYS A 136 -33.28 0.79 -44.69
N PHE A 137 -33.80 0.30 -45.82
CA PHE A 137 -33.58 0.97 -47.08
C PHE A 137 -34.51 2.18 -47.23
N HIS A 1 -14.19 -4.46 30.17
CA HIS A 1 -13.41 -4.56 28.95
C HIS A 1 -12.77 -3.20 28.65
N MET A 2 -12.06 -2.68 29.64
CA MET A 2 -11.40 -1.39 29.49
C MET A 2 -12.42 -0.27 29.24
N GLY A 3 -12.37 0.73 30.10
CA GLY A 3 -13.28 1.86 29.98
C GLY A 3 -12.50 3.17 29.80
N GLN A 4 -12.98 3.99 28.88
CA GLN A 4 -12.35 5.26 28.61
C GLN A 4 -13.40 6.31 28.26
N ILE A 5 -14.02 6.12 27.10
CA ILE A 5 -15.06 7.04 26.65
C ILE A 5 -16.10 6.27 25.85
N HIS A 6 -15.62 5.54 24.85
CA HIS A 6 -16.51 4.75 24.00
C HIS A 6 -17.59 4.10 24.86
N GLY A 7 -18.81 4.57 24.67
CA GLY A 7 -19.94 4.03 25.41
C GLY A 7 -19.55 3.77 26.87
N LEU A 8 -20.17 2.73 27.43
CA LEU A 8 -19.91 2.36 28.82
C LEU A 8 -20.15 0.86 28.98
N SER A 9 -21.38 0.53 29.30
CA SER A 9 -21.76 -0.87 29.49
C SER A 9 -21.93 -1.56 28.14
N PRO A 10 -22.76 -0.93 27.26
CA PRO A 10 -23.00 -1.47 25.95
C PRO A 10 -21.80 -1.24 25.02
N THR A 11 -20.68 -1.82 25.41
CA THR A 11 -19.45 -1.69 24.63
C THR A 11 -19.78 -1.74 23.14
N PRO A 12 -18.91 -1.04 22.35
CA PRO A 12 -19.10 -1.00 20.90
C PRO A 12 -18.67 -2.32 20.26
N ILE A 13 -19.64 -3.02 19.71
CA ILE A 13 -19.39 -4.29 19.06
C ILE A 13 -18.09 -4.19 18.25
N PRO A 14 -17.37 -5.34 18.17
CA PRO A 14 -16.12 -5.39 17.43
C PRO A 14 -16.38 -5.40 15.92
N LYS A 15 -15.30 -5.40 15.17
CA LYS A 15 -15.39 -5.41 13.72
C LYS A 15 -13.98 -5.43 13.11
N ALA A 16 -13.44 -6.63 12.99
CA ALA A 16 -12.10 -6.78 12.44
C ALA A 16 -12.09 -8.00 11.50
N PRO A 17 -11.13 -7.95 10.53
CA PRO A 17 -10.99 -9.03 9.57
C PRO A 17 -10.35 -10.27 10.20
N ARG A 18 -9.03 -10.24 10.26
CA ARG A 18 -8.28 -11.34 10.84
C ARG A 18 -6.79 -11.19 10.53
N GLY A 19 -6.27 -10.02 10.84
CA GLY A 19 -4.86 -9.74 10.60
C GLY A 19 -4.66 -9.01 9.27
N LEU A 20 -4.95 -7.72 9.30
CA LEU A 20 -4.81 -6.90 8.09
C LEU A 20 -5.32 -7.68 6.88
N SER A 21 -6.51 -8.22 7.04
CA SER A 21 -7.12 -8.99 5.97
C SER A 21 -6.06 -9.82 5.25
N THR A 22 -6.31 -10.05 3.96
CA THR A 22 -5.38 -10.82 3.15
C THR A 22 -5.35 -10.28 1.72
N HIS A 23 -5.64 -8.99 1.60
CA HIS A 23 -5.65 -8.35 0.30
C HIS A 23 -4.69 -7.16 0.31
N HIS A 24 -4.75 -6.39 1.38
CA HIS A 24 -3.88 -5.23 1.53
C HIS A 24 -2.53 -5.67 2.10
N TRP A 25 -2.58 -6.72 2.89
CA TRP A 25 -1.36 -7.24 3.51
C TRP A 25 -0.58 -7.99 2.44
N LEU A 26 -1.30 -8.78 1.66
CA LEU A 26 -0.68 -9.55 0.59
C LEU A 26 0.16 -8.62 -0.27
N ASN A 27 -0.24 -7.36 -0.32
CA ASN A 27 0.46 -6.37 -1.11
C ASN A 27 1.85 -6.15 -0.51
N PHE A 28 1.92 -6.26 0.81
CA PHE A 28 3.18 -6.08 1.50
C PHE A 28 3.98 -7.39 1.55
N LEU A 29 3.26 -8.48 1.78
CA LEU A 29 3.87 -9.79 1.85
C LEU A 29 4.46 -10.15 0.48
N GLN A 30 4.07 -9.36 -0.52
CA GLN A 30 4.55 -9.59 -1.87
C GLN A 30 5.90 -8.92 -2.08
N ALA A 31 5.92 -7.61 -1.84
CA ALA A 31 7.14 -6.83 -2.00
C ALA A 31 8.23 -7.41 -1.09
N ALA A 32 7.82 -7.73 0.13
CA ALA A 32 8.75 -8.28 1.11
C ALA A 32 9.37 -9.56 0.54
N TYR A 33 8.56 -10.31 -0.19
CA TYR A 33 9.02 -11.54 -0.80
C TYR A 33 9.94 -11.27 -1.98
N ARG A 34 9.87 -10.04 -2.47
CA ARG A 34 10.69 -9.63 -3.60
C ARG A 34 12.06 -9.15 -3.12
N LEU A 35 12.16 -9.00 -1.80
CA LEU A 35 13.40 -8.55 -1.20
C LEU A 35 14.02 -9.69 -0.38
N GLN A 36 14.97 -9.32 0.47
CA GLN A 36 15.63 -10.29 1.32
C GLN A 36 15.91 -11.58 0.52
N PRO A 37 17.11 -11.62 -0.11
CA PRO A 37 17.50 -12.78 -0.90
C PRO A 37 17.90 -13.94 0.01
N GLY A 38 16.97 -14.33 0.87
CA GLY A 38 17.21 -15.42 1.80
C GLY A 38 15.90 -16.10 2.20
N PRO A 39 15.68 -17.32 1.64
CA PRO A 39 14.49 -18.08 1.94
C PRO A 39 14.55 -18.69 3.34
N SER A 40 13.38 -19.10 3.83
CA SER A 40 13.30 -19.71 5.14
C SER A 40 13.16 -18.62 6.21
N ASP A 41 14.01 -17.62 6.10
CA ASP A 41 14.00 -16.51 7.04
C ASP A 41 13.51 -15.25 6.33
N PHE A 42 12.29 -14.85 6.66
CA PHE A 42 11.69 -13.67 6.05
C PHE A 42 11.93 -12.43 6.92
N ASP A 43 12.04 -12.68 8.22
CA ASP A 43 12.27 -11.60 9.16
C ASP A 43 10.95 -10.86 9.42
N PHE A 44 9.87 -11.62 9.38
CA PHE A 44 8.55 -11.06 9.59
C PHE A 44 8.45 -10.43 10.99
N GLN A 45 9.41 -10.79 11.83
CA GLN A 45 9.44 -10.28 13.19
C GLN A 45 9.70 -8.77 13.19
N GLN A 46 10.78 -8.40 12.51
CA GLN A 46 11.17 -7.00 12.42
C GLN A 46 10.17 -6.23 11.54
N LEU A 47 9.29 -6.99 10.91
CA LEU A 47 8.29 -6.40 10.03
C LEU A 47 7.00 -6.16 10.83
N ARG A 48 6.67 -7.13 11.67
CA ARG A 48 5.49 -7.04 12.49
C ARG A 48 5.54 -5.80 13.38
N ARG A 49 6.76 -5.36 13.65
CA ARG A 49 6.97 -4.19 14.49
C ARG A 49 6.33 -2.96 13.84
N PHE A 50 6.49 -2.86 12.54
CA PHE A 50 5.93 -1.75 11.78
C PHE A 50 4.40 -1.82 11.77
N LEU A 51 3.90 -2.97 11.37
CA LEU A 51 2.46 -3.18 11.30
C LEU A 51 1.86 -3.01 12.70
N LYS A 52 2.58 -3.53 13.68
CA LYS A 52 2.13 -3.43 15.06
C LYS A 52 2.15 -1.98 15.51
N LEU A 53 3.05 -1.22 14.90
CA LEU A 53 3.19 0.19 15.23
C LEU A 53 1.96 0.96 14.71
N ALA A 54 1.74 0.83 13.41
CA ALA A 54 0.61 1.50 12.79
C ALA A 54 -0.68 1.09 13.50
N LEU A 55 -0.67 -0.13 14.01
CA LEU A 55 -1.82 -0.65 14.72
C LEU A 55 -2.09 0.19 15.96
N LYS A 56 -1.11 1.02 16.30
CA LYS A 56 -1.22 1.88 17.46
C LYS A 56 -2.15 3.05 17.14
N THR A 57 -2.63 3.06 15.90
CA THR A 57 -3.52 4.10 15.45
C THR A 57 -4.43 3.60 14.32
N PRO A 58 -5.66 3.18 14.71
CA PRO A 58 -6.61 2.66 13.74
C PRO A 58 -7.23 3.80 12.94
N ILE A 59 -6.40 4.41 12.11
CA ILE A 59 -6.84 5.51 11.27
C ILE A 59 -6.65 5.14 9.80
N TRP A 60 -5.77 4.19 9.57
CA TRP A 60 -5.48 3.74 8.22
C TRP A 60 -6.34 2.49 7.95
N LEU A 61 -6.73 1.84 9.04
CA LEU A 61 -7.54 0.65 8.93
C LEU A 61 -8.93 1.02 8.39
N ASN A 62 -9.57 1.95 9.08
CA ASN A 62 -10.90 2.40 8.68
C ASN A 62 -10.90 2.68 7.18
N PRO A 63 -10.02 3.63 6.76
CA PRO A 63 -9.92 3.99 5.36
C PRO A 63 -9.18 2.91 4.56
N ILE A 64 -8.57 1.99 5.30
CA ILE A 64 -7.84 0.91 4.68
C ILE A 64 -7.12 1.43 3.44
N ASP A 65 -5.91 1.92 3.65
CA ASP A 65 -5.11 2.45 2.56
C ASP A 65 -3.63 2.43 2.95
N TYR A 66 -2.86 1.68 2.20
CA TYR A 66 -1.43 1.56 2.46
C TYR A 66 -0.73 2.91 2.24
N SER A 67 -1.49 3.84 1.70
CA SER A 67 -0.94 5.17 1.43
C SER A 67 -0.66 5.89 2.75
N LEU A 68 -1.33 5.44 3.80
CA LEU A 68 -1.15 6.03 5.12
C LEU A 68 -0.06 5.26 5.87
N LEU A 69 0.23 4.08 5.35
CA LEU A 69 1.26 3.24 5.96
C LEU A 69 2.62 3.93 5.86
N ALA A 70 3.04 4.14 4.62
CA ALA A 70 4.31 4.79 4.37
C ALA A 70 4.38 6.11 5.13
N SER A 71 3.19 6.68 5.37
CA SER A 71 3.11 7.93 6.10
C SER A 71 3.61 7.75 7.53
N LEU A 72 3.31 6.58 8.08
CA LEU A 72 3.72 6.27 9.44
C LEU A 72 5.23 6.04 9.47
N ILE A 73 5.84 6.09 8.29
CA ILE A 73 7.26 5.89 8.17
C ILE A 73 7.87 7.04 7.35
N PRO A 74 7.78 8.27 7.94
CA PRO A 74 8.30 9.46 7.28
C PRO A 74 9.83 9.49 7.37
N LYS A 75 10.45 8.45 6.84
CA LYS A 75 11.90 8.35 6.85
C LYS A 75 12.37 7.99 8.26
N GLY A 76 11.74 6.96 8.81
CA GLY A 76 12.08 6.49 10.14
C GLY A 76 12.66 5.08 10.09
N TYR A 77 11.87 4.14 10.60
CA TYR A 77 12.29 2.74 10.63
C TYR A 77 13.21 2.43 9.45
N PRO A 78 14.22 1.56 9.73
CA PRO A 78 15.17 1.16 8.70
C PRO A 78 14.54 0.18 7.72
N GLY A 79 15.35 -0.25 6.76
CA GLY A 79 14.89 -1.18 5.75
C GLY A 79 14.12 -2.34 6.39
N ARG A 80 13.58 -3.20 5.53
CA ARG A 80 12.82 -4.35 5.99
C ARG A 80 11.34 -3.99 6.14
N VAL A 81 11.06 -2.69 6.02
CA VAL A 81 9.71 -2.21 6.13
C VAL A 81 9.40 -1.26 4.96
N VAL A 82 9.82 -0.01 5.14
CA VAL A 82 9.60 1.00 4.12
C VAL A 82 10.22 0.53 2.80
N GLU A 83 11.40 -0.08 2.92
CA GLU A 83 12.10 -0.58 1.75
C GLU A 83 11.20 -1.53 0.94
N ILE A 84 10.18 -2.04 1.63
CA ILE A 84 9.24 -2.96 1.01
C ILE A 84 7.99 -2.19 0.59
N ILE A 85 7.74 -1.09 1.30
CA ILE A 85 6.58 -0.27 1.03
C ILE A 85 6.87 0.60 -0.20
N ASN A 86 8.01 1.28 -0.15
CA ASN A 86 8.41 2.14 -1.24
C ASN A 86 8.38 1.35 -2.56
N ILE A 87 8.44 0.04 -2.42
CA ILE A 87 8.43 -0.84 -3.57
C ILE A 87 6.99 -1.01 -4.07
N LEU A 88 6.07 -1.00 -3.12
CA LEU A 88 4.66 -1.13 -3.45
C LEU A 88 4.23 0.00 -4.39
N VAL A 89 4.71 1.19 -4.06
CA VAL A 89 4.40 2.37 -4.86
C VAL A 89 5.04 2.22 -6.25
N LYS A 90 6.34 1.97 -6.23
CA LYS A 90 7.08 1.81 -7.47
C LYS A 90 6.43 0.70 -8.31
N ASN A 91 5.68 -0.14 -7.62
CA ASN A 91 5.01 -1.24 -8.28
C ASN A 91 3.63 -0.79 -8.76
N GLN A 92 3.14 0.26 -8.12
CA GLN A 92 1.84 0.82 -8.47
C GLN A 92 1.90 1.52 -9.82
N VAL A 93 2.79 2.50 -9.90
CA VAL A 93 2.96 3.26 -11.13
C VAL A 93 4.15 4.22 -10.97
N SER A 94 5.33 3.64 -10.81
CA SER A 94 6.53 4.43 -10.64
C SER A 94 6.48 5.66 -11.56
N PRO A 95 6.10 6.81 -10.95
CA PRO A 95 6.02 8.05 -11.69
C PRO A 95 7.41 8.62 -11.98
N SER A 96 8.05 9.10 -10.92
CA SER A 96 9.38 9.67 -11.05
C SER A 96 10.06 9.73 -9.68
N ALA A 97 9.28 10.16 -8.70
CA ALA A 97 9.80 10.27 -7.34
C ALA A 97 10.68 9.06 -7.03
N PRO A 98 10.09 7.85 -7.23
CA PRO A 98 10.81 6.62 -6.98
C PRO A 98 11.83 6.34 -8.09
N ALA A 99 12.33 5.12 -8.10
CA ALA A 99 13.31 4.71 -9.09
C ALA A 99 14.65 5.35 -8.77
N ALA A 100 14.65 6.68 -8.75
CA ALA A 100 15.86 7.43 -8.45
C ALA A 100 15.59 8.40 -7.30
N PRO A 101 15.51 7.81 -6.07
CA PRO A 101 15.26 8.60 -4.88
C PRO A 101 16.51 9.38 -4.47
N VAL A 102 16.30 10.34 -3.58
CA VAL A 102 17.40 11.16 -3.09
C VAL A 102 17.35 11.23 -1.56
N PRO A 103 17.60 10.06 -0.92
CA PRO A 103 17.59 9.98 0.53
C PRO A 103 18.84 10.62 1.14
N THR A 104 19.63 11.22 0.25
CA THR A 104 20.85 11.88 0.70
C THR A 104 20.66 12.50 2.07
N PRO A 105 19.61 13.35 2.19
CA PRO A 105 19.31 14.02 3.44
C PRO A 105 18.67 13.05 4.43
N ILE A 106 19.11 13.15 5.67
CA ILE A 106 18.59 12.29 6.73
C ILE A 106 17.90 13.15 7.79
N CYS A 107 18.51 14.29 8.06
CA CYS A 107 17.97 15.21 9.05
C CYS A 107 18.85 16.46 9.09
N PRO A 108 18.69 17.31 8.04
CA PRO A 108 19.46 18.53 7.95
C PRO A 108 18.94 19.59 8.93
N THR A 109 17.64 19.54 9.17
CA THR A 109 17.01 20.48 10.09
C THR A 109 17.56 20.29 11.50
N THR A 110 18.76 20.79 11.71
CA THR A 110 19.40 20.69 13.01
C THR A 110 19.47 19.22 13.46
N THR A 111 20.28 18.99 14.48
CA THR A 111 20.44 17.65 15.01
C THR A 111 20.48 17.68 16.54
N PRO A 112 19.93 16.59 17.15
CA PRO A 112 19.90 16.48 18.60
C PRO A 112 21.28 16.15 19.15
N PRO A 113 21.49 16.52 20.44
CA PRO A 113 22.75 16.27 21.11
C PRO A 113 22.89 14.79 21.48
N PRO A 114 24.11 14.42 21.95
CA PRO A 114 24.38 13.06 22.34
C PRO A 114 23.72 12.73 23.69
N PRO A 115 23.47 11.41 23.90
CA PRO A 115 22.86 10.96 25.14
C PRO A 115 23.86 10.99 26.29
N PRO A 116 23.30 11.09 27.53
CA PRO A 116 24.14 11.14 28.73
C PRO A 116 24.69 9.74 29.05
N PRO A 117 25.65 9.72 30.02
CA PRO A 117 26.26 8.47 30.44
C PRO A 117 25.31 7.65 31.31
N PRO A 118 25.54 6.32 31.32
CA PRO A 118 24.71 5.41 32.10
C PRO A 118 25.04 5.52 33.60
N SER A 119 26.03 6.36 33.89
CA SER A 119 26.45 6.56 35.27
C SER A 119 27.06 7.95 35.43
N PRO A 120 26.92 8.50 36.66
CA PRO A 120 27.46 9.81 36.97
C PRO A 120 28.98 9.77 37.11
N GLU A 121 29.54 10.94 37.40
CA GLU A 121 30.98 11.05 37.57
C GLU A 121 31.51 9.90 38.43
N ALA A 122 30.71 9.51 39.40
CA ALA A 122 31.07 8.42 40.29
C ALA A 122 29.82 7.65 40.69
N HIS A 123 29.09 8.22 41.64
CA HIS A 123 27.87 7.59 42.12
C HIS A 123 27.16 8.53 43.10
N VAL A 124 25.94 8.91 42.74
CA VAL A 124 25.15 9.80 43.57
C VAL A 124 26.04 10.92 44.10
N PRO A 125 26.55 11.74 43.15
CA PRO A 125 27.41 12.86 43.52
C PRO A 125 26.61 14.00 44.14
N PRO A 126 27.32 14.82 44.95
CA PRO A 126 26.69 15.95 45.60
C PRO A 126 26.43 17.10 44.62
N PRO A 127 25.55 18.04 45.05
CA PRO A 127 25.20 19.17 44.21
C PRO A 127 26.34 20.20 44.19
N TYR A 128 27.46 19.76 43.64
CA TYR A 128 28.62 20.63 43.54
C TYR A 128 28.21 22.07 43.20
N VAL A 129 28.49 22.96 44.15
CA VAL A 129 28.15 24.36 43.96
C VAL A 129 29.34 25.08 43.32
N GLU A 130 29.27 25.18 41.99
CA GLU A 130 30.33 25.85 41.25
C GLU A 130 30.29 27.35 41.49
N PRO A 131 31.42 28.02 41.14
CA PRO A 131 31.52 29.46 41.32
C PRO A 131 30.72 30.21 40.25
N THR A 132 29.43 29.89 40.21
CA THR A 132 28.54 30.53 39.24
C THR A 132 29.01 30.24 37.82
N THR A 133 28.16 29.54 37.08
CA THR A 133 28.47 29.19 35.70
C THR A 133 27.27 28.52 35.04
N THR A 134 26.60 27.67 35.81
CA THR A 134 25.43 26.97 35.31
C THR A 134 24.32 26.95 36.35
N GLN A 135 23.12 26.60 35.91
CA GLN A 135 21.97 26.54 36.80
C GLN A 135 20.83 25.78 36.13
N CYS A 136 21.00 24.47 36.04
CA CYS A 136 20.00 23.61 35.43
C CYS A 136 19.93 23.94 33.93
N PHE A 137 19.30 23.05 33.20
CA PHE A 137 19.15 23.24 31.76
C PHE A 137 18.29 22.13 31.15
N HIS A 1 -2.32 2.88 36.19
CA HIS A 1 -2.10 1.76 35.30
C HIS A 1 -3.43 1.35 34.65
N MET A 2 -3.32 0.56 33.60
CA MET A 2 -4.50 0.09 32.88
C MET A 2 -5.34 1.27 32.39
N GLY A 3 -4.72 2.10 31.57
CA GLY A 3 -5.39 3.27 31.03
C GLY A 3 -6.82 2.92 30.59
N GLN A 4 -7.75 3.77 31.01
CA GLN A 4 -9.16 3.57 30.67
C GLN A 4 -9.40 3.92 29.21
N ILE A 5 -9.17 2.93 28.35
CA ILE A 5 -9.36 3.12 26.92
C ILE A 5 -9.25 1.76 26.21
N HIS A 6 -8.27 0.98 26.65
CA HIS A 6 -8.06 -0.33 26.07
C HIS A 6 -9.39 -1.07 25.95
N GLY A 7 -10.00 -1.31 27.10
CA GLY A 7 -11.27 -2.01 27.15
C GLY A 7 -11.19 -3.36 26.43
N LEU A 8 -11.62 -3.35 25.18
CA LEU A 8 -11.59 -4.56 24.37
C LEU A 8 -11.90 -4.20 22.91
N SER A 9 -11.76 -5.20 22.05
CA SER A 9 -12.01 -5.00 20.64
C SER A 9 -13.25 -5.80 20.20
N PRO A 10 -14.42 -5.12 20.23
CA PRO A 10 -15.66 -5.75 19.84
C PRO A 10 -15.75 -5.92 18.32
N THR A 11 -16.21 -7.09 17.92
CA THR A 11 -16.33 -7.39 16.50
C THR A 11 -17.02 -6.23 15.77
N PRO A 12 -18.19 -5.80 16.33
CA PRO A 12 -18.94 -4.71 15.74
C PRO A 12 -18.27 -3.37 16.04
N ILE A 13 -17.32 -3.01 15.18
CA ILE A 13 -16.60 -1.76 15.34
C ILE A 13 -16.25 -1.20 13.95
N PRO A 14 -16.43 0.14 13.81
CA PRO A 14 -16.14 0.79 12.55
C PRO A 14 -14.63 0.95 12.35
N LYS A 15 -13.95 -0.19 12.36
CA LYS A 15 -12.51 -0.19 12.18
C LYS A 15 -12.07 -1.57 11.69
N ALA A 16 -12.84 -2.11 10.75
CA ALA A 16 -12.54 -3.42 10.19
C ALA A 16 -12.55 -4.46 11.30
N PRO A 17 -12.84 -5.73 10.91
CA PRO A 17 -12.88 -6.82 11.87
C PRO A 17 -11.47 -7.24 12.29
N ARG A 18 -10.71 -6.25 12.74
CA ARG A 18 -9.34 -6.51 13.17
C ARG A 18 -8.60 -7.32 12.13
N GLY A 19 -7.34 -7.64 12.45
CA GLY A 19 -6.52 -8.41 11.54
C GLY A 19 -6.33 -7.69 10.20
N LEU A 20 -5.11 -7.77 9.68
CA LEU A 20 -4.79 -7.13 8.42
C LEU A 20 -5.30 -8.00 7.26
N SER A 21 -6.58 -7.87 6.98
CA SER A 21 -7.19 -8.64 5.91
C SER A 21 -6.22 -8.76 4.73
N THR A 22 -6.40 -9.82 3.96
CA THR A 22 -5.55 -10.07 2.81
C THR A 22 -5.90 -9.10 1.67
N HIS A 23 -5.82 -7.82 1.99
CA HIS A 23 -6.12 -6.78 1.01
C HIS A 23 -5.02 -5.73 1.01
N HIS A 24 -4.64 -5.33 2.21
CA HIS A 24 -3.59 -4.32 2.37
C HIS A 24 -2.27 -5.01 2.73
N TRP A 25 -2.39 -6.06 3.53
CA TRP A 25 -1.22 -6.81 3.95
C TRP A 25 -0.75 -7.67 2.77
N LEU A 26 -1.72 -8.33 2.14
CA LEU A 26 -1.42 -9.19 1.00
C LEU A 26 -0.63 -8.39 -0.03
N ASN A 27 -0.72 -7.07 0.09
CA ASN A 27 -0.02 -6.19 -0.83
C ASN A 27 1.47 -6.15 -0.46
N PHE A 28 1.72 -6.31 0.83
CA PHE A 28 3.09 -6.29 1.33
C PHE A 28 3.73 -7.68 1.22
N LEU A 29 2.97 -8.68 1.62
CA LEU A 29 3.45 -10.05 1.58
C LEU A 29 3.94 -10.36 0.16
N GLN A 30 3.51 -9.54 -0.78
CA GLN A 30 3.88 -9.72 -2.17
C GLN A 30 5.24 -9.07 -2.43
N ALA A 31 5.30 -7.77 -2.20
CA ALA A 31 6.54 -7.03 -2.41
C ALA A 31 7.64 -7.63 -1.54
N ALA A 32 7.27 -7.97 -0.30
CA ALA A 32 8.22 -8.55 0.63
C ALA A 32 8.73 -9.88 0.06
N TYR A 33 7.96 -10.43 -0.86
CA TYR A 33 8.32 -11.70 -1.49
C TYR A 33 9.19 -11.46 -2.72
N ARG A 34 8.99 -10.31 -3.34
CA ARG A 34 9.75 -9.95 -4.53
C ARG A 34 11.19 -9.62 -4.15
N LEU A 35 11.38 -9.24 -2.90
CA LEU A 35 12.70 -8.89 -2.40
C LEU A 35 13.44 -10.16 -2.00
N GLN A 36 14.44 -9.98 -1.16
CA GLN A 36 15.24 -11.10 -0.68
C GLN A 36 15.10 -11.25 0.84
N PRO A 37 13.97 -11.88 1.24
CA PRO A 37 13.69 -12.09 2.66
C PRO A 37 14.57 -13.21 3.22
N GLY A 38 15.87 -13.04 3.05
CA GLY A 38 16.83 -14.03 3.54
C GLY A 38 16.52 -15.41 2.97
N PRO A 39 16.95 -16.46 3.73
CA PRO A 39 16.72 -17.83 3.31
C PRO A 39 15.26 -18.24 3.51
N SER A 40 14.87 -18.30 4.77
CA SER A 40 13.51 -18.66 5.12
C SER A 40 12.94 -17.68 6.14
N ASP A 41 13.70 -16.62 6.39
CA ASP A 41 13.29 -15.60 7.33
C ASP A 41 14.46 -14.67 7.63
N PHE A 42 14.29 -13.42 7.24
CA PHE A 42 15.32 -12.43 7.46
C PHE A 42 15.16 -11.75 8.82
N ASP A 43 14.06 -11.03 8.95
CA ASP A 43 13.76 -10.33 10.19
C ASP A 43 12.31 -9.85 10.18
N PHE A 44 11.42 -10.82 10.13
CA PHE A 44 9.98 -10.52 10.12
C PHE A 44 9.55 -9.89 11.44
N GLN A 45 10.46 -9.89 12.40
CA GLN A 45 10.19 -9.32 13.71
C GLN A 45 10.01 -7.81 13.59
N GLN A 46 11.04 -7.16 13.07
CA GLN A 46 11.02 -5.71 12.91
C GLN A 46 9.92 -5.31 11.92
N LEU A 47 9.38 -6.32 11.24
CA LEU A 47 8.33 -6.08 10.27
C LEU A 47 6.97 -6.13 10.97
N ARG A 48 6.85 -7.10 11.87
CA ARG A 48 5.61 -7.27 12.61
C ARG A 48 5.36 -6.06 13.52
N ARG A 49 6.44 -5.57 14.10
CA ARG A 49 6.36 -4.43 14.98
C ARG A 49 5.90 -3.18 14.21
N PHE A 50 6.35 -3.11 12.97
CA PHE A 50 6.00 -1.99 12.11
C PHE A 50 4.49 -1.94 11.86
N LEU A 51 3.94 -3.11 11.58
CA LEU A 51 2.51 -3.22 11.31
C LEU A 51 1.73 -2.94 12.61
N LYS A 52 2.16 -3.61 13.67
CA LYS A 52 1.51 -3.45 14.96
C LYS A 52 1.58 -1.98 15.38
N LEU A 53 2.61 -1.30 14.88
CA LEU A 53 2.82 0.10 15.20
C LEU A 53 1.68 0.91 14.59
N ALA A 54 1.48 0.72 13.29
CA ALA A 54 0.43 1.43 12.58
C ALA A 54 -0.92 1.10 13.20
N LEU A 55 -1.02 -0.12 13.72
CA LEU A 55 -2.25 -0.56 14.35
C LEU A 55 -2.67 0.45 15.41
N LYS A 56 -1.68 1.11 15.99
CA LYS A 56 -1.93 2.10 17.01
C LYS A 56 -2.67 3.30 16.39
N THR A 57 -2.72 3.29 15.07
CA THR A 57 -3.38 4.36 14.34
C THR A 57 -4.45 3.79 13.39
N PRO A 58 -5.66 3.58 13.97
CA PRO A 58 -6.77 3.03 13.19
C PRO A 58 -7.35 4.09 12.26
N ILE A 59 -6.47 4.69 11.46
CA ILE A 59 -6.89 5.71 10.52
C ILE A 59 -6.64 5.22 9.10
N TRP A 60 -5.76 4.24 8.98
CA TRP A 60 -5.44 3.67 7.69
C TRP A 60 -6.28 2.40 7.50
N LEU A 61 -6.74 1.87 8.62
CA LEU A 61 -7.56 0.67 8.59
C LEU A 61 -8.94 1.01 8.03
N ASN A 62 -9.55 2.02 8.62
CA ASN A 62 -10.87 2.46 8.20
C ASN A 62 -10.89 2.61 6.67
N PRO A 63 -9.99 3.50 6.17
CA PRO A 63 -9.89 3.75 4.74
C PRO A 63 -9.19 2.59 4.03
N ILE A 64 -8.70 1.65 4.83
CA ILE A 64 -8.01 0.50 4.30
C ILE A 64 -7.16 0.93 3.09
N ASP A 65 -5.93 1.32 3.39
CA ASP A 65 -5.02 1.76 2.35
C ASP A 65 -3.60 1.75 2.89
N TYR A 66 -2.78 0.87 2.31
CA TYR A 66 -1.39 0.76 2.72
C TYR A 66 -0.59 1.99 2.32
N SER A 67 -1.26 2.89 1.61
CA SER A 67 -0.63 4.12 1.16
C SER A 67 -0.42 5.07 2.34
N LEU A 68 -1.14 4.77 3.42
CA LEU A 68 -1.04 5.59 4.62
C LEU A 68 0.04 5.01 5.54
N LEU A 69 0.39 3.76 5.28
CA LEU A 69 1.40 3.09 6.08
C LEU A 69 2.73 3.82 5.93
N ALA A 70 3.20 3.89 4.69
CA ALA A 70 4.45 4.56 4.40
C ALA A 70 4.45 5.94 5.03
N SER A 71 3.25 6.44 5.29
CA SER A 71 3.08 7.75 5.90
C SER A 71 3.46 7.69 7.38
N LEU A 72 2.95 6.67 8.04
CA LEU A 72 3.21 6.48 9.46
C LEU A 72 4.73 6.44 9.69
N ILE A 73 5.40 5.75 8.79
CA ILE A 73 6.85 5.62 8.89
C ILE A 73 7.44 6.96 9.34
N PRO A 74 7.74 7.03 10.67
CA PRO A 74 8.31 8.23 11.24
C PRO A 74 9.78 8.38 10.86
N LYS A 75 10.02 9.08 9.76
CA LYS A 75 11.37 9.30 9.28
C LYS A 75 11.96 7.97 8.81
N GLY A 76 12.85 8.06 7.82
CA GLY A 76 13.48 6.89 7.28
C GLY A 76 13.72 5.83 8.37
N TYR A 77 13.08 4.69 8.19
CA TYR A 77 13.23 3.60 9.15
C TYR A 77 14.32 2.62 8.72
N PRO A 78 14.80 1.83 9.71
CA PRO A 78 15.85 0.86 9.44
C PRO A 78 15.29 -0.36 8.70
N GLY A 79 16.09 -1.42 8.66
CA GLY A 79 15.69 -2.64 7.99
C GLY A 79 15.21 -2.35 6.57
N ARG A 80 14.73 -3.40 5.91
CA ARG A 80 14.25 -3.28 4.55
C ARG A 80 12.71 -3.31 4.53
N VAL A 81 12.13 -3.03 5.69
CA VAL A 81 10.69 -3.01 5.82
C VAL A 81 10.11 -1.96 4.88
N VAL A 82 10.70 -0.78 4.92
CA VAL A 82 10.25 0.32 4.09
C VAL A 82 10.49 -0.03 2.62
N GLU A 83 11.62 -0.68 2.37
CA GLU A 83 11.98 -1.08 1.03
C GLU A 83 10.89 -1.97 0.42
N ILE A 84 10.04 -2.48 1.30
CA ILE A 84 8.95 -3.34 0.86
C ILE A 84 7.70 -2.48 0.60
N ILE A 85 7.73 -1.28 1.15
CA ILE A 85 6.61 -0.37 0.98
C ILE A 85 6.90 0.57 -0.19
N ASN A 86 8.09 1.14 -0.18
CA ASN A 86 8.50 2.06 -1.24
C ASN A 86 8.22 1.42 -2.59
N ILE A 87 8.16 0.10 -2.59
CA ILE A 87 7.90 -0.65 -3.80
C ILE A 87 6.43 -0.55 -4.15
N LEU A 88 5.61 -0.64 -3.12
CA LEU A 88 4.16 -0.56 -3.29
C LEU A 88 3.79 0.82 -3.85
N VAL A 89 4.46 1.83 -3.30
CA VAL A 89 4.22 3.20 -3.73
C VAL A 89 4.71 3.38 -5.16
N LYS A 90 5.94 2.94 -5.40
CA LYS A 90 6.55 3.04 -6.71
C LYS A 90 5.96 1.96 -7.62
N ASN A 91 5.11 1.14 -7.04
CA ASN A 91 4.48 0.06 -7.78
C ASN A 91 3.80 0.63 -9.03
N GLN A 92 3.49 1.92 -8.95
CA GLN A 92 2.84 2.61 -10.06
C GLN A 92 2.58 4.07 -9.71
N VAL A 93 3.68 4.79 -9.49
CA VAL A 93 3.58 6.20 -9.14
C VAL A 93 4.75 6.95 -9.77
N SER A 94 5.95 6.54 -9.42
CA SER A 94 7.15 7.16 -9.95
C SER A 94 7.01 8.68 -9.90
N PRO A 95 7.43 9.26 -8.74
CA PRO A 95 7.35 10.70 -8.56
C PRO A 95 8.45 11.42 -9.35
N SER A 96 8.35 12.74 -9.38
CA SER A 96 9.32 13.54 -10.09
C SER A 96 9.55 14.87 -9.36
N ALA A 97 8.44 15.50 -8.99
CA ALA A 97 8.50 16.76 -8.28
C ALA A 97 9.61 16.71 -7.23
N PRO A 98 9.51 15.67 -6.35
CA PRO A 98 10.50 15.49 -5.29
C PRO A 98 11.81 14.94 -5.86
N ALA A 99 11.68 14.06 -6.85
CA ALA A 99 12.83 13.46 -7.48
C ALA A 99 13.78 12.93 -6.40
N ALA A 100 13.26 11.99 -5.62
CA ALA A 100 14.04 11.40 -4.54
C ALA A 100 15.09 10.45 -5.14
N PRO A 101 16.10 10.11 -4.31
CA PRO A 101 17.17 9.22 -4.74
C PRO A 101 16.68 7.77 -4.82
N VAL A 102 15.82 7.52 -5.78
CA VAL A 102 15.27 6.19 -5.97
C VAL A 102 16.33 5.30 -6.64
N PRO A 103 17.00 5.89 -7.66
CA PRO A 103 18.03 5.16 -8.39
C PRO A 103 19.31 5.04 -7.56
N THR A 104 20.04 6.14 -7.52
CA THR A 104 21.29 6.18 -6.77
C THR A 104 21.16 5.35 -5.49
N PRO A 105 21.66 4.09 -5.57
CA PRO A 105 21.62 3.19 -4.43
C PRO A 105 22.66 3.57 -3.38
N ILE A 106 23.90 3.21 -3.67
CA ILE A 106 25.00 3.51 -2.76
C ILE A 106 26.11 4.21 -3.53
N CYS A 107 25.71 4.97 -4.54
CA CYS A 107 26.66 5.70 -5.36
C CYS A 107 27.67 6.38 -4.44
N PRO A 108 28.91 6.56 -4.96
CA PRO A 108 29.96 7.20 -4.20
C PRO A 108 29.75 8.71 -4.12
N THR A 109 30.07 9.27 -2.96
CA THR A 109 29.93 10.69 -2.74
C THR A 109 28.65 11.20 -3.41
N THR A 110 28.65 12.48 -3.73
CA THR A 110 27.50 13.10 -4.36
C THR A 110 26.20 12.61 -3.71
N THR A 111 25.10 12.84 -4.41
CA THR A 111 23.79 12.42 -3.91
C THR A 111 23.69 12.70 -2.41
N PRO A 112 23.62 14.02 -2.07
CA PRO A 112 23.52 14.42 -0.68
C PRO A 112 22.12 14.17 -0.13
N PRO A 113 21.97 14.35 1.21
CA PRO A 113 20.69 14.14 1.86
C PRO A 113 19.73 15.31 1.57
N PRO A 114 18.65 14.99 0.82
CA PRO A 114 17.66 15.98 0.46
C PRO A 114 16.77 16.32 1.66
N PRO A 115 16.90 17.59 2.14
CA PRO A 115 16.13 18.05 3.28
C PRO A 115 14.68 18.33 2.87
N PRO A 116 13.81 18.46 3.90
CA PRO A 116 12.40 18.72 3.67
C PRO A 116 12.17 20.17 3.25
N PRO A 117 11.03 20.40 2.53
CA PRO A 117 10.69 21.72 2.07
C PRO A 117 10.19 22.60 3.21
N PRO A 118 10.34 23.94 3.03
CA PRO A 118 9.90 24.89 4.04
C PRO A 118 8.38 25.02 4.04
N SER A 119 7.81 24.86 5.23
CA SER A 119 6.37 24.96 5.38
C SER A 119 5.92 26.41 5.15
N PRO A 120 4.61 26.56 4.81
CA PRO A 120 4.05 27.88 4.55
C PRO A 120 3.82 28.63 5.87
N GLU A 121 4.93 28.93 6.55
CA GLU A 121 4.85 29.63 7.81
C GLU A 121 4.13 28.79 8.86
N ALA A 122 2.81 28.72 8.72
CA ALA A 122 2.01 27.95 9.65
C ALA A 122 0.55 27.97 9.18
N HIS A 123 0.01 29.18 9.09
CA HIS A 123 -1.37 29.36 8.66
C HIS A 123 -2.31 28.85 9.75
N VAL A 124 -2.22 27.56 10.02
CA VAL A 124 -3.06 26.95 11.04
C VAL A 124 -2.17 26.39 12.15
N PRO A 125 -1.87 27.27 13.14
CA PRO A 125 -1.03 26.88 14.27
C PRO A 125 -1.81 26.01 15.25
N PRO A 126 -1.05 25.18 16.01
CA PRO A 126 -1.66 24.30 16.99
C PRO A 126 -2.13 25.07 18.23
N PRO A 127 -3.11 24.47 18.94
CA PRO A 127 -3.65 25.10 20.14
C PRO A 127 -2.67 24.96 21.32
N TYR A 128 -1.46 25.44 21.09
CA TYR A 128 -0.43 25.38 22.11
C TYR A 128 -0.71 26.38 23.24
N VAL A 129 0.10 26.28 24.28
CA VAL A 129 -0.06 27.16 25.42
C VAL A 129 -1.42 26.91 26.08
N GLU A 130 -2.45 27.46 25.48
CA GLU A 130 -3.80 27.31 26.00
C GLU A 130 -4.65 26.50 25.01
N PRO A 131 -4.67 25.16 25.23
CA PRO A 131 -5.44 24.27 24.37
C PRO A 131 -6.93 24.38 24.67
N THR A 132 -7.73 24.01 23.69
CA THR A 132 -9.18 24.05 23.83
C THR A 132 -9.60 25.35 24.51
N THR A 133 -10.86 25.39 24.92
CA THR A 133 -11.40 26.56 25.59
C THR A 133 -12.81 26.28 26.11
N THR A 134 -13.07 26.77 27.31
CA THR A 134 -14.35 26.58 27.95
C THR A 134 -14.88 25.16 27.66
N GLN A 135 -16.20 25.05 27.69
CA GLN A 135 -16.84 23.76 27.43
C GLN A 135 -16.48 22.77 28.54
N CYS A 136 -17.32 21.76 28.67
CA CYS A 136 -17.10 20.73 29.68
C CYS A 136 -15.83 19.96 29.31
N PHE A 137 -15.36 19.17 30.27
CA PHE A 137 -14.15 18.39 30.07
C PHE A 137 -13.01 19.26 29.56
N HIS A 1 -28.27 -4.00 12.44
CA HIS A 1 -26.83 -4.01 12.24
C HIS A 1 -26.14 -4.80 13.35
N MET A 2 -25.06 -5.46 12.98
CA MET A 2 -24.31 -6.26 13.93
C MET A 2 -23.12 -6.94 13.26
N GLY A 3 -22.00 -6.96 13.98
CA GLY A 3 -20.78 -7.56 13.46
C GLY A 3 -20.04 -6.60 12.53
N GLN A 4 -20.73 -6.25 11.45
CA GLN A 4 -20.15 -5.35 10.47
C GLN A 4 -19.97 -3.95 11.07
N ILE A 5 -18.83 -3.35 10.76
CA ILE A 5 -18.53 -2.02 11.26
C ILE A 5 -18.30 -1.07 10.08
N HIS A 6 -19.39 -0.73 9.42
CA HIS A 6 -19.31 0.16 8.27
C HIS A 6 -20.72 0.42 7.74
N GLY A 7 -21.36 -0.65 7.31
CA GLY A 7 -22.71 -0.57 6.77
C GLY A 7 -22.69 0.02 5.36
N LEU A 8 -22.09 -0.74 4.45
CA LEU A 8 -21.99 -0.31 3.06
C LEU A 8 -22.73 -1.30 2.17
N SER A 9 -22.48 -2.58 2.44
CA SER A 9 -23.12 -3.64 1.67
C SER A 9 -24.00 -4.49 2.58
N PRO A 10 -25.08 -5.06 1.98
CA PRO A 10 -26.00 -5.89 2.73
C PRO A 10 -25.40 -7.27 3.01
N THR A 11 -26.16 -8.08 3.71
CA THR A 11 -25.72 -9.43 4.04
C THR A 11 -24.42 -9.37 4.85
N PRO A 12 -24.28 -10.34 5.80
CA PRO A 12 -23.10 -10.40 6.64
C PRO A 12 -21.91 -10.95 5.85
N ILE A 13 -20.94 -10.07 5.61
CA ILE A 13 -19.75 -10.46 4.88
C ILE A 13 -18.57 -9.59 5.34
N PRO A 14 -18.07 -9.91 6.57
CA PRO A 14 -16.96 -9.17 7.13
C PRO A 14 -15.64 -9.57 6.44
N LYS A 15 -15.76 -10.48 5.49
CA LYS A 15 -14.59 -10.94 4.76
C LYS A 15 -14.42 -10.10 3.50
N ALA A 16 -15.47 -9.39 3.15
CA ALA A 16 -15.46 -8.54 1.96
C ALA A 16 -14.44 -7.42 2.17
N PRO A 17 -14.63 -6.67 3.29
CA PRO A 17 -13.73 -5.57 3.63
C PRO A 17 -12.39 -6.08 4.14
N ARG A 18 -12.42 -6.65 5.33
CA ARG A 18 -11.23 -7.19 5.95
C ARG A 18 -10.16 -6.10 6.05
N GLY A 19 -10.13 -5.44 7.20
CA GLY A 19 -9.17 -4.38 7.44
C GLY A 19 -7.76 -4.81 7.03
N LEU A 20 -7.02 -5.30 8.02
CA LEU A 20 -5.67 -5.76 7.78
C LEU A 20 -5.64 -7.30 7.77
N SER A 21 -5.51 -7.83 6.56
CA SER A 21 -5.47 -9.28 6.39
C SER A 21 -5.76 -9.64 4.94
N THR A 22 -4.75 -10.23 4.30
CA THR A 22 -4.88 -10.62 2.90
C THR A 22 -5.23 -9.42 2.03
N HIS A 23 -4.98 -9.56 0.74
CA HIS A 23 -5.26 -8.50 -0.20
C HIS A 23 -4.31 -7.33 0.04
N HIS A 24 -4.48 -6.70 1.18
CA HIS A 24 -3.64 -5.56 1.55
C HIS A 24 -2.28 -6.06 2.03
N TRP A 25 -2.34 -7.10 2.86
CA TRP A 25 -1.12 -7.68 3.40
C TRP A 25 -0.39 -8.41 2.26
N LEU A 26 -1.18 -9.13 1.47
CA LEU A 26 -0.63 -9.88 0.35
C LEU A 26 0.20 -8.93 -0.53
N ASN A 27 -0.17 -7.67 -0.48
CA ASN A 27 0.52 -6.65 -1.26
C ASN A 27 1.89 -6.39 -0.65
N PHE A 28 1.99 -6.69 0.64
CA PHE A 28 3.24 -6.49 1.36
C PHE A 28 4.06 -7.77 1.40
N LEU A 29 3.36 -8.88 1.60
CA LEU A 29 4.02 -10.18 1.66
C LEU A 29 4.69 -10.47 0.32
N GLN A 30 4.08 -9.94 -0.73
CA GLN A 30 4.60 -10.14 -2.07
C GLN A 30 5.90 -9.34 -2.27
N ALA A 31 5.82 -8.06 -1.94
CA ALA A 31 6.97 -7.20 -2.07
C ALA A 31 8.12 -7.72 -1.20
N ALA A 32 7.76 -8.11 0.02
CA ALA A 32 8.74 -8.63 0.95
C ALA A 32 9.38 -9.89 0.35
N TYR A 33 8.64 -10.52 -0.53
CA TYR A 33 9.12 -11.74 -1.18
C TYR A 33 10.01 -11.39 -2.38
N ARG A 34 9.79 -10.20 -2.91
CA ARG A 34 10.56 -9.75 -4.06
C ARG A 34 11.94 -9.26 -3.61
N LEU A 35 12.09 -9.11 -2.30
CA LEU A 35 13.34 -8.66 -1.74
C LEU A 35 14.12 -9.85 -1.19
N GLN A 36 15.06 -9.56 -0.32
CA GLN A 36 15.87 -10.60 0.29
C GLN A 36 17.06 -9.98 1.04
N PRO A 37 17.83 -9.14 0.31
CA PRO A 37 18.99 -8.49 0.90
C PRO A 37 18.56 -7.34 1.82
N GLY A 38 18.98 -7.43 3.07
CA GLY A 38 18.65 -6.41 4.04
C GLY A 38 18.67 -6.99 5.46
N PRO A 39 18.95 -6.09 6.44
CA PRO A 39 18.99 -6.51 7.83
C PRO A 39 17.57 -6.72 8.39
N SER A 40 17.02 -5.63 8.93
CA SER A 40 15.68 -5.69 9.49
C SER A 40 15.68 -6.54 10.76
N ASP A 41 15.99 -7.82 10.59
CA ASP A 41 16.02 -8.74 11.70
C ASP A 41 15.89 -10.17 11.18
N PHE A 42 14.68 -10.51 10.76
CA PHE A 42 14.41 -11.84 10.24
C PHE A 42 13.46 -11.78 9.04
N ASP A 43 13.30 -10.57 8.51
CA ASP A 43 12.43 -10.36 7.38
C ASP A 43 10.99 -10.66 7.79
N PHE A 44 10.58 -10.04 8.89
CA PHE A 44 9.23 -10.24 9.40
C PHE A 44 9.08 -9.61 10.79
N GLN A 45 10.17 -9.62 11.53
CA GLN A 45 10.17 -9.05 12.88
C GLN A 45 9.95 -7.55 12.81
N GLN A 46 10.79 -6.88 12.03
CA GLN A 46 10.70 -5.44 11.88
C GLN A 46 9.33 -5.06 11.32
N LEU A 47 8.69 -6.03 10.69
CA LEU A 47 7.37 -5.81 10.11
C LEU A 47 6.31 -5.93 11.20
N ARG A 48 6.31 -7.08 11.86
CA ARG A 48 5.35 -7.35 12.92
C ARG A 48 5.44 -6.25 14.00
N ARG A 49 6.57 -5.57 14.02
CA ARG A 49 6.80 -4.51 14.97
C ARG A 49 6.46 -3.15 14.35
N PHE A 50 5.94 -3.20 13.13
CA PHE A 50 5.57 -1.99 12.43
C PHE A 50 4.07 -1.97 12.14
N LEU A 51 3.54 -3.13 11.81
CA LEU A 51 2.11 -3.26 11.52
C LEU A 51 1.31 -3.04 12.80
N LYS A 52 1.65 -3.83 13.81
CA LYS A 52 0.98 -3.73 15.09
C LYS A 52 1.05 -2.29 15.60
N LEU A 53 2.10 -1.60 15.19
CA LEU A 53 2.30 -0.23 15.59
C LEU A 53 1.20 0.64 15.00
N ALA A 54 1.02 0.52 13.70
CA ALA A 54 0.00 1.28 13.00
C ALA A 54 -1.37 0.98 13.62
N LEU A 55 -1.50 -0.23 14.14
CA LEU A 55 -2.74 -0.66 14.76
C LEU A 55 -3.00 0.20 16.00
N LYS A 56 -1.98 0.94 16.40
CA LYS A 56 -2.08 1.80 17.56
C LYS A 56 -2.89 3.05 17.20
N THR A 57 -3.26 3.12 15.94
CA THR A 57 -4.04 4.24 15.45
C THR A 57 -4.94 3.82 14.29
N PRO A 58 -6.22 3.50 14.64
CA PRO A 58 -7.19 3.07 13.65
C PRO A 58 -7.68 4.25 12.82
N ILE A 59 -6.76 4.80 12.03
CA ILE A 59 -7.08 5.93 11.18
C ILE A 59 -6.84 5.55 9.72
N TRP A 60 -6.01 4.54 9.53
CA TRP A 60 -5.69 4.07 8.19
C TRP A 60 -6.60 2.89 7.88
N LEU A 61 -7.10 2.26 8.94
CA LEU A 61 -7.98 1.12 8.79
C LEU A 61 -9.34 1.59 8.26
N ASN A 62 -9.89 2.59 8.94
CA ASN A 62 -11.17 3.14 8.53
C ASN A 62 -11.17 3.40 7.03
N PRO A 63 -10.21 4.26 6.59
CA PRO A 63 -10.09 4.60 5.19
C PRO A 63 -9.46 3.45 4.40
N ILE A 64 -9.08 2.42 5.13
CA ILE A 64 -8.47 1.25 4.51
C ILE A 64 -7.58 1.70 3.34
N ASP A 65 -6.32 1.99 3.67
CA ASP A 65 -5.38 2.44 2.66
C ASP A 65 -3.97 2.44 3.26
N TYR A 66 -3.15 1.53 2.75
CA TYR A 66 -1.78 1.41 3.22
C TYR A 66 -0.97 2.67 2.91
N SER A 67 -1.59 3.53 2.11
CA SER A 67 -0.94 4.78 1.72
C SER A 67 -0.65 5.62 2.96
N LEU A 68 -1.34 5.29 4.04
CA LEU A 68 -1.16 6.00 5.30
C LEU A 68 -0.10 5.29 6.14
N LEU A 69 0.14 4.04 5.78
CA LEU A 69 1.12 3.24 6.50
C LEU A 69 2.52 3.78 6.21
N ALA A 70 2.89 3.74 4.93
CA ALA A 70 4.20 4.21 4.51
C ALA A 70 4.42 5.61 5.07
N SER A 71 3.32 6.28 5.39
CA SER A 71 3.38 7.63 5.93
C SER A 71 3.84 7.58 7.39
N LEU A 72 3.39 6.54 8.09
CA LEU A 72 3.74 6.38 9.48
C LEU A 72 5.27 6.34 9.62
N ILE A 73 5.90 5.64 8.70
CA ILE A 73 7.35 5.53 8.70
C ILE A 73 7.97 6.90 8.43
N PRO A 74 8.87 7.31 9.37
CA PRO A 74 9.54 8.60 9.24
C PRO A 74 10.61 8.55 8.16
N LYS A 75 10.23 8.02 7.01
CA LYS A 75 11.15 7.92 5.89
C LYS A 75 12.59 7.94 6.41
N GLY A 76 13.12 6.75 6.64
CA GLY A 76 14.47 6.62 7.13
C GLY A 76 14.57 5.51 8.18
N TYR A 77 13.41 4.99 8.56
CA TYR A 77 13.35 3.94 9.55
C TYR A 77 14.43 2.88 9.28
N PRO A 78 14.64 2.02 10.31
CA PRO A 78 15.64 0.95 10.20
C PRO A 78 15.13 -0.18 9.31
N GLY A 79 15.90 -1.26 9.27
CA GLY A 79 15.54 -2.41 8.47
C GLY A 79 15.13 -1.99 7.07
N ARG A 80 14.68 -2.97 6.29
CA ARG A 80 14.24 -2.71 4.92
C ARG A 80 12.73 -2.80 4.82
N VAL A 81 12.07 -2.60 5.96
CA VAL A 81 10.62 -2.66 6.00
C VAL A 81 10.04 -1.64 5.01
N VAL A 82 10.61 -0.44 5.05
CA VAL A 82 10.17 0.62 4.17
C VAL A 82 10.42 0.21 2.71
N GLU A 83 11.57 -0.42 2.50
CA GLU A 83 11.94 -0.86 1.17
C GLU A 83 10.86 -1.77 0.59
N ILE A 84 10.14 -2.43 1.49
CA ILE A 84 9.07 -3.33 1.07
C ILE A 84 7.84 -2.51 0.68
N ILE A 85 7.72 -1.35 1.29
CA ILE A 85 6.60 -0.46 1.01
C ILE A 85 6.92 0.38 -0.22
N ASN A 86 8.18 0.79 -0.31
CA ASN A 86 8.63 1.60 -1.42
C ASN A 86 8.25 0.91 -2.74
N ILE A 87 8.14 -0.40 -2.67
CA ILE A 87 7.78 -1.19 -3.83
C ILE A 87 6.28 -1.03 -4.11
N LEU A 88 5.52 -0.95 -3.03
CA LEU A 88 4.08 -0.80 -3.15
C LEU A 88 3.75 0.65 -3.54
N VAL A 89 4.44 1.58 -2.90
CA VAL A 89 4.24 2.99 -3.18
C VAL A 89 4.53 3.26 -4.66
N LYS A 90 5.66 2.73 -5.11
CA LYS A 90 6.06 2.91 -6.50
C LYS A 90 4.99 2.33 -7.42
N ASN A 91 4.15 1.49 -6.83
CA ASN A 91 3.08 0.86 -7.58
C ASN A 91 1.78 1.66 -7.41
N GLN A 92 1.80 2.55 -6.42
CA GLN A 92 0.65 3.38 -6.14
C GLN A 92 1.06 4.85 -6.05
N VAL A 93 1.94 5.25 -6.96
CA VAL A 93 2.42 6.62 -6.99
C VAL A 93 1.73 7.37 -8.13
N SER A 94 1.56 6.68 -9.24
CA SER A 94 0.92 7.26 -10.40
C SER A 94 -0.46 7.79 -10.02
N PRO A 95 -1.29 6.90 -9.43
CA PRO A 95 -2.63 7.26 -9.02
C PRO A 95 -2.60 8.12 -7.75
N SER A 96 -3.77 8.23 -7.12
CA SER A 96 -3.88 9.01 -5.90
C SER A 96 -3.73 10.50 -6.22
N ALA A 97 -2.57 10.84 -6.75
CA ALA A 97 -2.28 12.22 -7.11
C ALA A 97 -3.51 12.84 -7.77
N PRO A 98 -3.99 12.15 -8.84
CA PRO A 98 -5.16 12.62 -9.58
C PRO A 98 -6.44 12.35 -8.79
N ALA A 99 -7.51 13.02 -9.22
CA ALA A 99 -8.80 12.86 -8.57
C ALA A 99 -9.54 11.69 -9.21
N ALA A 100 -9.41 10.53 -8.59
CA ALA A 100 -10.07 9.34 -9.09
C ALA A 100 -10.78 8.63 -7.93
N PRO A 101 -11.87 9.28 -7.45
CA PRO A 101 -12.64 8.72 -6.35
C PRO A 101 -13.51 7.55 -6.82
N VAL A 102 -14.22 7.79 -7.92
CA VAL A 102 -15.08 6.77 -8.49
C VAL A 102 -14.23 5.74 -9.23
N PRO A 103 -13.29 6.27 -10.07
CA PRO A 103 -12.41 5.40 -10.84
C PRO A 103 -11.33 4.79 -9.95
N THR A 104 -10.67 3.79 -10.51
CA THR A 104 -9.61 3.11 -9.78
C THR A 104 -8.65 2.41 -10.75
N PRO A 105 -7.39 2.21 -10.29
CA PRO A 105 -6.39 1.56 -11.10
C PRO A 105 -6.63 0.05 -11.17
N ILE A 106 -5.72 -0.63 -11.86
CA ILE A 106 -5.83 -2.08 -12.01
C ILE A 106 -5.97 -2.71 -10.63
N CYS A 107 -5.24 -2.15 -9.67
CA CYS A 107 -5.28 -2.66 -8.31
C CYS A 107 -6.75 -2.91 -7.94
N PRO A 108 -7.05 -4.20 -7.63
CA PRO A 108 -8.40 -4.59 -7.26
C PRO A 108 -8.71 -4.14 -5.83
N THR A 109 -8.56 -2.85 -5.59
CA THR A 109 -8.83 -2.28 -4.28
C THR A 109 -10.08 -2.93 -3.67
N THR A 110 -11.15 -2.91 -4.46
CA THR A 110 -12.41 -3.48 -4.01
C THR A 110 -13.10 -4.21 -5.16
N THR A 111 -13.48 -5.45 -4.89
CA THR A 111 -14.14 -6.26 -5.89
C THR A 111 -13.22 -6.50 -7.09
N PRO A 112 -13.37 -7.71 -7.70
CA PRO A 112 -12.57 -8.07 -8.85
C PRO A 112 -13.04 -7.34 -10.11
N PRO A 113 -12.16 -6.44 -10.61
CA PRO A 113 -12.47 -5.67 -11.80
C PRO A 113 -12.36 -6.53 -13.06
N PRO A 114 -12.80 -5.95 -14.20
CA PRO A 114 -12.75 -6.64 -15.47
C PRO A 114 -11.32 -6.71 -16.02
N PRO A 115 -10.78 -7.96 -16.07
CA PRO A 115 -9.43 -8.17 -16.55
C PRO A 115 -9.38 -8.05 -18.08
N PRO A 116 -8.66 -6.99 -18.54
CA PRO A 116 -8.52 -6.74 -19.97
C PRO A 116 -7.53 -7.73 -20.59
N PRO A 117 -7.71 -7.94 -21.93
CA PRO A 117 -6.83 -8.85 -22.66
C PRO A 117 -5.46 -8.23 -22.89
N PRO A 118 -4.49 -9.10 -23.29
CA PRO A 118 -3.13 -8.64 -23.56
C PRO A 118 -3.06 -7.89 -24.89
N SER A 119 -3.85 -6.83 -24.98
CA SER A 119 -3.88 -6.03 -26.19
C SER A 119 -2.66 -5.11 -26.25
N PRO A 120 -2.49 -4.32 -25.14
CA PRO A 120 -1.37 -3.40 -25.06
C PRO A 120 -0.07 -4.15 -24.77
N GLU A 121 0.35 -4.94 -25.74
CA GLU A 121 1.58 -5.71 -25.62
C GLU A 121 2.47 -5.51 -26.84
N ALA A 122 3.01 -4.30 -26.94
CA ALA A 122 3.88 -3.95 -28.05
C ALA A 122 3.08 -4.03 -29.36
N HIS A 123 3.41 -3.13 -30.27
CA HIS A 123 2.74 -3.07 -31.55
C HIS A 123 3.38 -2.00 -32.43
N VAL A 124 3.25 -0.76 -31.97
CA VAL A 124 3.80 0.38 -32.69
C VAL A 124 3.56 0.18 -34.19
N PRO A 125 2.37 0.64 -34.64
CA PRO A 125 2.00 0.52 -36.05
C PRO A 125 2.75 1.55 -36.89
N PRO A 126 2.69 1.33 -38.24
CA PRO A 126 3.36 2.22 -39.16
C PRO A 126 2.60 3.54 -39.31
N PRO A 127 3.34 4.60 -39.72
CA PRO A 127 2.75 5.91 -39.90
C PRO A 127 1.91 5.96 -41.18
N TYR A 128 2.42 5.31 -42.21
CA TYR A 128 1.74 5.27 -43.50
C TYR A 128 0.83 4.04 -43.59
N VAL A 129 -0.15 4.15 -44.48
CA VAL A 129 -1.09 3.06 -44.67
C VAL A 129 -1.47 2.98 -46.16
N GLU A 130 -0.72 2.17 -46.89
CA GLU A 130 -0.97 2.00 -48.30
C GLU A 130 -2.17 1.07 -48.53
N PRO A 131 -2.12 -0.12 -47.88
CA PRO A 131 -3.19 -1.09 -48.00
C PRO A 131 -4.41 -0.66 -47.18
N THR A 132 -4.89 0.54 -47.48
CA THR A 132 -6.04 1.08 -46.78
C THR A 132 -6.00 0.70 -45.30
N THR A 133 -4.85 0.94 -44.70
CA THR A 133 -4.67 0.63 -43.29
C THR A 133 -5.10 -0.81 -43.00
N THR A 134 -6.30 -0.93 -42.43
CA THR A 134 -6.84 -2.24 -42.09
C THR A 134 -6.66 -3.20 -43.28
N GLN A 135 -6.08 -4.35 -42.98
CA GLN A 135 -5.85 -5.36 -44.00
C GLN A 135 -5.43 -4.70 -45.31
N CYS A 136 -5.65 -5.44 -46.39
CA CYS A 136 -5.29 -4.94 -47.71
C CYS A 136 -6.55 -4.93 -48.58
N PHE A 137 -6.49 -4.16 -49.65
CA PHE A 137 -7.62 -4.05 -50.56
C PHE A 137 -8.90 -3.67 -49.82
N HIS A 1 -24.66 -13.36 11.45
CA HIS A 1 -25.99 -13.39 10.87
C HIS A 1 -25.87 -13.41 9.34
N MET A 2 -25.29 -12.34 8.82
CA MET A 2 -25.10 -12.22 7.37
C MET A 2 -23.63 -12.35 6.99
N GLY A 3 -23.03 -13.46 7.41
CA GLY A 3 -21.63 -13.72 7.13
C GLY A 3 -20.95 -14.39 8.32
N GLN A 4 -21.53 -15.50 8.76
CA GLN A 4 -20.99 -16.23 9.88
C GLN A 4 -20.02 -17.32 9.39
N ILE A 5 -19.13 -17.72 10.28
CA ILE A 5 -18.15 -18.74 9.95
C ILE A 5 -17.92 -19.63 11.17
N HIS A 6 -17.21 -19.07 12.14
CA HIS A 6 -16.90 -19.80 13.36
C HIS A 6 -17.25 -18.93 14.57
N GLY A 7 -16.65 -17.76 14.60
CA GLY A 7 -16.88 -16.83 15.70
C GLY A 7 -16.71 -15.38 15.23
N LEU A 8 -17.62 -14.96 14.36
CA LEU A 8 -17.57 -13.60 13.84
C LEU A 8 -18.99 -13.19 13.39
N SER A 9 -19.09 -11.95 12.95
CA SER A 9 -20.36 -11.42 12.49
C SER A 9 -20.27 -9.91 12.31
N PRO A 10 -19.85 -9.23 13.41
CA PRO A 10 -19.71 -7.78 13.39
C PRO A 10 -18.47 -7.36 12.61
N THR A 11 -18.27 -6.05 12.54
CA THR A 11 -17.13 -5.50 11.83
C THR A 11 -16.13 -4.88 12.81
N PRO A 12 -14.84 -4.84 12.37
CA PRO A 12 -13.79 -4.28 13.21
C PRO A 12 -13.87 -2.75 13.22
N ILE A 13 -13.85 -2.17 12.03
CA ILE A 13 -13.92 -0.72 11.91
C ILE A 13 -14.84 -0.36 10.75
N PRO A 14 -15.42 0.87 10.83
CA PRO A 14 -16.32 1.34 9.80
C PRO A 14 -15.55 1.76 8.54
N LYS A 15 -16.29 1.95 7.46
CA LYS A 15 -15.70 2.36 6.20
C LYS A 15 -14.80 1.23 5.69
N ALA A 16 -15.37 0.40 4.83
CA ALA A 16 -14.65 -0.71 4.26
C ALA A 16 -13.77 -1.35 5.34
N PRO A 17 -14.38 -2.33 6.06
CA PRO A 17 -13.67 -3.02 7.13
C PRO A 17 -12.66 -4.03 6.55
N ARG A 18 -12.86 -4.36 5.28
CA ARG A 18 -11.99 -5.31 4.60
C ARG A 18 -10.57 -4.73 4.51
N GLY A 19 -9.86 -4.80 5.63
CA GLY A 19 -8.49 -4.30 5.69
C GLY A 19 -7.59 -5.27 6.43
N LEU A 20 -6.31 -5.22 6.08
CA LEU A 20 -5.32 -6.10 6.70
C LEU A 20 -5.79 -7.55 6.58
N SER A 21 -5.09 -8.42 7.30
CA SER A 21 -5.41 -9.84 7.28
C SER A 21 -4.57 -10.56 6.23
N THR A 22 -4.82 -10.21 4.97
CA THR A 22 -4.10 -10.81 3.86
C THR A 22 -4.27 -9.97 2.60
N HIS A 23 -5.51 -9.60 2.33
CA HIS A 23 -5.81 -8.80 1.15
C HIS A 23 -4.96 -7.53 1.16
N HIS A 24 -4.42 -7.23 2.33
CA HIS A 24 -3.58 -6.05 2.48
C HIS A 24 -2.15 -6.48 2.82
N TRP A 25 -2.06 -7.47 3.69
CA TRP A 25 -0.76 -7.98 4.10
C TRP A 25 -0.08 -8.59 2.88
N LEU A 26 -0.87 -9.33 2.12
CA LEU A 26 -0.36 -9.98 0.91
C LEU A 26 0.33 -8.94 0.04
N ASN A 27 -0.21 -7.72 0.06
CA ASN A 27 0.34 -6.64 -0.71
C ASN A 27 1.75 -6.31 -0.20
N PHE A 28 2.01 -6.74 1.02
CA PHE A 28 3.31 -6.50 1.63
C PHE A 28 4.17 -7.78 1.62
N LEU A 29 3.52 -8.89 1.88
CA LEU A 29 4.20 -10.17 1.90
C LEU A 29 4.78 -10.45 0.51
N GLN A 30 4.14 -9.87 -0.50
CA GLN A 30 4.58 -10.06 -1.87
C GLN A 30 5.86 -9.24 -2.13
N ALA A 31 5.76 -7.95 -1.86
CA ALA A 31 6.89 -7.06 -2.05
C ALA A 31 8.10 -7.58 -1.26
N ALA A 32 7.81 -8.04 -0.05
CA ALA A 32 8.85 -8.58 0.81
C ALA A 32 9.48 -9.81 0.15
N TYR A 33 8.64 -10.56 -0.53
CA TYR A 33 9.09 -11.77 -1.21
C TYR A 33 9.85 -11.42 -2.50
N ARG A 34 9.62 -10.20 -2.97
CA ARG A 34 10.26 -9.73 -4.18
C ARG A 34 11.64 -9.14 -3.85
N LEU A 35 11.93 -9.07 -2.56
CA LEU A 35 13.20 -8.53 -2.11
C LEU A 35 14.14 -9.69 -1.76
N GLN A 36 14.37 -9.87 -0.48
CA GLN A 36 15.24 -10.94 -0.01
C GLN A 36 16.47 -11.05 -0.92
N PRO A 37 17.41 -10.09 -0.72
CA PRO A 37 18.63 -10.06 -1.51
C PRO A 37 19.60 -11.15 -1.07
N GLY A 38 19.11 -12.38 -1.06
CA GLY A 38 19.91 -13.51 -0.65
C GLY A 38 19.44 -14.07 0.70
N PRO A 39 19.97 -13.46 1.79
CA PRO A 39 19.61 -13.88 3.13
C PRO A 39 18.20 -13.40 3.50
N SER A 40 17.37 -14.34 3.92
CA SER A 40 16.01 -14.02 4.31
C SER A 40 15.84 -14.22 5.81
N ASP A 41 15.82 -15.48 6.22
CA ASP A 41 15.65 -15.82 7.62
C ASP A 41 14.20 -15.59 8.03
N PHE A 42 13.81 -14.32 8.06
CA PHE A 42 12.46 -13.95 8.43
C PHE A 42 12.07 -12.59 7.84
N ASP A 43 12.61 -11.54 8.46
CA ASP A 43 12.34 -10.19 8.01
C ASP A 43 10.87 -9.85 8.29
N PHE A 44 10.36 -10.44 9.36
CA PHE A 44 8.98 -10.20 9.75
C PHE A 44 8.89 -9.52 11.11
N GLN A 45 10.01 -9.56 11.83
CA GLN A 45 10.07 -8.94 13.14
C GLN A 45 10.01 -7.42 13.01
N GLN A 46 10.89 -6.88 12.19
CA GLN A 46 10.94 -5.45 11.98
C GLN A 46 9.64 -4.97 11.33
N LEU A 47 8.84 -5.92 10.89
CA LEU A 47 7.58 -5.61 10.25
C LEU A 47 6.46 -5.65 11.29
N ARG A 48 6.36 -6.80 11.96
CA ARG A 48 5.34 -6.97 12.98
C ARG A 48 5.42 -5.87 14.02
N ARG A 49 6.59 -5.24 14.08
CA ARG A 49 6.81 -4.16 15.02
C ARG A 49 6.38 -2.82 14.42
N PHE A 50 6.21 -2.83 13.10
CA PHE A 50 5.79 -1.64 12.39
C PHE A 50 4.28 -1.66 12.12
N LEU A 51 3.78 -2.86 11.87
CA LEU A 51 2.36 -3.03 11.60
C LEU A 51 1.55 -2.75 12.87
N LYS A 52 1.94 -3.44 13.94
CA LYS A 52 1.27 -3.29 15.22
C LYS A 52 1.28 -1.81 15.62
N LEU A 53 2.30 -1.11 15.13
CA LEU A 53 2.45 0.30 15.43
C LEU A 53 1.30 1.08 14.78
N ALA A 54 1.12 0.85 13.49
CA ALA A 54 0.07 1.52 12.75
C ALA A 54 -1.29 1.14 13.35
N LEU A 55 -1.36 -0.08 13.85
CA LEU A 55 -2.59 -0.57 14.46
C LEU A 55 -2.92 0.26 15.70
N LYS A 56 -1.93 1.06 16.11
CA LYS A 56 -2.10 1.90 17.27
C LYS A 56 -2.95 3.13 16.88
N THR A 57 -3.27 3.20 15.61
CA THR A 57 -4.07 4.30 15.10
C THR A 57 -4.95 3.85 13.94
N PRO A 58 -6.21 3.49 14.28
CA PRO A 58 -7.16 3.02 13.29
C PRO A 58 -7.68 4.19 12.44
N ILE A 59 -6.77 4.77 11.67
CA ILE A 59 -7.13 5.89 10.82
C ILE A 59 -6.85 5.53 9.37
N TRP A 60 -5.97 4.57 9.19
CA TRP A 60 -5.59 4.11 7.86
C TRP A 60 -6.45 2.89 7.52
N LEU A 61 -6.97 2.26 8.56
CA LEU A 61 -7.81 1.09 8.38
C LEU A 61 -9.17 1.51 7.84
N ASN A 62 -9.75 2.50 8.50
CA ASN A 62 -11.05 3.01 8.09
C ASN A 62 -11.05 3.27 6.58
N PRO A 63 -10.10 4.16 6.16
CA PRO A 63 -9.98 4.51 4.76
C PRO A 63 -9.30 3.39 3.98
N ILE A 64 -8.92 2.35 4.70
CA ILE A 64 -8.27 1.21 4.08
C ILE A 64 -7.37 1.68 2.94
N ASP A 65 -6.14 1.99 3.29
CA ASP A 65 -5.17 2.47 2.31
C ASP A 65 -3.79 2.51 2.95
N TYR A 66 -2.92 1.62 2.48
CA TYR A 66 -1.57 1.55 3.00
C TYR A 66 -0.80 2.84 2.70
N SER A 67 -1.40 3.66 1.86
CA SER A 67 -0.79 4.93 1.50
C SER A 67 -0.54 5.77 2.75
N LEU A 68 -1.26 5.44 3.80
CA LEU A 68 -1.12 6.15 5.07
C LEU A 68 -0.11 5.42 5.95
N LEU A 69 0.14 4.17 5.60
CA LEU A 69 1.08 3.35 6.35
C LEU A 69 2.49 3.89 6.16
N ALA A 70 2.94 3.89 4.91
CA ALA A 70 4.26 4.38 4.57
C ALA A 70 4.47 5.75 5.22
N SER A 71 3.34 6.42 5.50
CA SER A 71 3.39 7.73 6.11
C SER A 71 3.66 7.60 7.61
N LEU A 72 3.04 6.59 8.21
CA LEU A 72 3.20 6.35 9.63
C LEU A 72 4.69 6.18 9.95
N ILE A 73 5.36 5.42 9.09
CA ILE A 73 6.78 5.17 9.27
C ILE A 73 7.46 6.45 9.79
N PRO A 74 7.66 6.47 11.14
CA PRO A 74 8.28 7.62 11.78
C PRO A 74 9.79 7.64 11.52
N LYS A 75 10.21 8.59 10.70
CA LYS A 75 11.62 8.72 10.38
C LYS A 75 12.05 7.53 9.50
N GLY A 76 12.49 7.85 8.30
CA GLY A 76 12.93 6.82 7.37
C GLY A 76 13.58 5.65 8.10
N TYR A 77 12.97 4.49 7.97
CA TYR A 77 13.47 3.29 8.61
C TYR A 77 14.45 2.56 7.70
N PRO A 78 15.13 1.54 8.30
CA PRO A 78 16.10 0.75 7.56
C PRO A 78 15.40 -0.22 6.61
N GLY A 79 16.20 -0.86 5.76
CA GLY A 79 15.68 -1.82 4.80
C GLY A 79 14.87 -2.92 5.51
N ARG A 80 14.22 -3.74 4.70
CA ARG A 80 13.42 -4.84 5.24
C ARG A 80 12.05 -4.31 5.68
N VAL A 81 11.85 -3.01 5.48
CA VAL A 81 10.59 -2.38 5.84
C VAL A 81 10.15 -1.44 4.74
N VAL A 82 10.70 -0.23 4.76
CA VAL A 82 10.38 0.76 3.76
C VAL A 82 10.69 0.21 2.37
N GLU A 83 11.81 -0.51 2.29
CA GLU A 83 12.23 -1.09 1.03
C GLU A 83 11.14 -1.99 0.47
N ILE A 84 10.25 -2.42 1.36
CA ILE A 84 9.15 -3.28 0.96
C ILE A 84 7.95 -2.41 0.55
N ILE A 85 7.78 -1.33 1.29
CA ILE A 85 6.69 -0.40 1.01
C ILE A 85 7.01 0.42 -0.24
N ASN A 86 8.30 0.70 -0.40
CA ASN A 86 8.75 1.48 -1.54
C ASN A 86 8.27 0.81 -2.84
N ILE A 87 8.27 -0.51 -2.81
CA ILE A 87 7.84 -1.28 -3.96
C ILE A 87 6.36 -1.01 -4.22
N LEU A 88 5.59 -1.05 -3.16
CA LEU A 88 4.16 -0.82 -3.25
C LEU A 88 3.91 0.61 -3.74
N VAL A 89 4.68 1.53 -3.18
CA VAL A 89 4.56 2.93 -3.55
C VAL A 89 4.97 3.10 -5.02
N LYS A 90 6.14 2.59 -5.34
CA LYS A 90 6.66 2.69 -6.69
C LYS A 90 5.80 1.82 -7.61
N ASN A 91 4.93 1.04 -6.99
CA ASN A 91 4.06 0.15 -7.75
C ASN A 91 3.23 0.98 -8.73
N GLN A 92 2.75 2.12 -8.23
CA GLN A 92 1.93 3.00 -9.05
C GLN A 92 1.38 4.14 -8.20
N VAL A 93 2.21 4.63 -7.30
CA VAL A 93 1.83 5.72 -6.42
C VAL A 93 0.48 5.39 -5.77
N SER A 94 0.19 4.09 -5.71
CA SER A 94 -1.04 3.63 -5.12
C SER A 94 -0.84 2.24 -4.51
N PRO A 95 -0.40 2.23 -3.23
CA PRO A 95 -0.16 0.98 -2.52
C PRO A 95 -1.48 0.34 -2.10
N SER A 96 -1.36 -0.66 -1.24
CA SER A 96 -2.53 -1.37 -0.75
C SER A 96 -2.94 -2.46 -1.74
N ALA A 97 -3.45 -2.02 -2.88
CA ALA A 97 -3.88 -2.95 -3.92
C ALA A 97 -3.87 -2.25 -5.27
N PRO A 98 -2.70 -2.38 -5.97
CA PRO A 98 -2.53 -1.75 -7.27
C PRO A 98 -3.30 -2.52 -8.35
N ALA A 99 -2.97 -3.80 -8.47
CA ALA A 99 -3.62 -4.66 -9.45
C ALA A 99 -3.66 -3.93 -10.80
N ALA A 100 -2.48 -3.51 -11.25
CA ALA A 100 -2.38 -2.81 -12.52
C ALA A 100 -2.49 -3.82 -13.67
N PRO A 101 -1.62 -4.86 -13.60
CA PRO A 101 -1.61 -5.89 -14.62
C PRO A 101 -2.80 -6.84 -14.46
N VAL A 102 -3.06 -7.20 -13.21
CA VAL A 102 -4.16 -8.09 -12.90
C VAL A 102 -5.20 -7.34 -12.07
N PRO A 103 -6.17 -6.72 -12.79
CA PRO A 103 -7.23 -5.97 -12.12
C PRO A 103 -8.26 -6.91 -11.48
N THR A 104 -8.81 -7.78 -12.31
CA THR A 104 -9.81 -8.73 -11.85
C THR A 104 -9.14 -10.09 -11.53
N PRO A 105 -9.81 -10.86 -10.64
CA PRO A 105 -9.29 -12.17 -10.25
C PRO A 105 -9.53 -13.19 -11.36
N ILE A 106 -8.71 -14.24 -11.34
CA ILE A 106 -8.82 -15.30 -12.33
C ILE A 106 -10.29 -15.56 -12.62
N CYS A 107 -10.56 -15.96 -13.85
CA CYS A 107 -11.92 -16.26 -14.27
C CYS A 107 -12.60 -17.06 -13.17
N PRO A 108 -13.88 -16.67 -12.87
CA PRO A 108 -14.64 -17.34 -11.84
C PRO A 108 -15.14 -18.72 -12.33
N THR A 109 -15.87 -19.38 -11.46
CA THR A 109 -16.40 -20.70 -11.78
C THR A 109 -15.38 -21.51 -12.58
N THR A 110 -15.89 -22.43 -13.38
CA THR A 110 -15.04 -23.28 -14.19
C THR A 110 -15.64 -23.45 -15.58
N THR A 111 -15.76 -22.33 -16.29
CA THR A 111 -16.32 -22.35 -17.63
C THR A 111 -15.78 -21.16 -18.43
N PRO A 112 -14.49 -21.27 -18.85
CA PRO A 112 -13.87 -20.22 -19.62
C PRO A 112 -14.36 -20.22 -21.06
N PRO A 113 -15.09 -19.13 -21.43
CA PRO A 113 -15.64 -19.01 -22.78
C PRO A 113 -14.53 -18.65 -23.77
N PRO A 114 -14.79 -18.99 -25.06
CA PRO A 114 -13.84 -18.71 -26.12
C PRO A 114 -13.84 -17.22 -26.48
N PRO A 115 -12.69 -16.76 -27.03
CA PRO A 115 -12.55 -15.37 -27.42
C PRO A 115 -13.33 -15.07 -28.71
N PRO A 116 -14.38 -14.23 -28.55
CA PRO A 116 -15.22 -13.86 -29.69
C PRO A 116 -14.49 -12.85 -30.60
N PRO A 117 -14.92 -12.84 -31.88
CA PRO A 117 -14.33 -11.93 -32.85
C PRO A 117 -14.82 -10.50 -32.64
N PRO A 118 -13.87 -9.62 -32.24
CA PRO A 118 -14.19 -8.22 -32.00
C PRO A 118 -14.37 -7.47 -33.31
N SER A 119 -14.61 -6.17 -33.18
CA SER A 119 -14.81 -5.33 -34.35
C SER A 119 -15.46 -4.01 -33.93
N PRO A 120 -16.61 -4.14 -33.20
CA PRO A 120 -17.33 -2.97 -32.74
C PRO A 120 -16.61 -2.30 -31.57
N GLU A 121 -16.13 -3.14 -30.66
CA GLU A 121 -15.42 -2.64 -29.49
C GLU A 121 -13.96 -2.36 -29.84
N ALA A 122 -13.28 -1.68 -28.92
CA ALA A 122 -11.88 -1.34 -29.12
C ALA A 122 -11.01 -2.48 -28.58
N HIS A 123 -11.15 -2.73 -27.29
CA HIS A 123 -10.38 -3.79 -26.65
C HIS A 123 -8.89 -3.42 -26.66
N VAL A 124 -8.30 -3.52 -27.84
CA VAL A 124 -6.89 -3.20 -27.99
C VAL A 124 -6.67 -2.53 -29.35
N PRO A 125 -5.57 -1.71 -29.41
CA PRO A 125 -5.25 -1.01 -30.63
C PRO A 125 -4.64 -1.96 -31.68
N PRO A 126 -4.66 -1.50 -32.95
CA PRO A 126 -4.12 -2.30 -34.04
C PRO A 126 -2.59 -2.30 -34.02
N PRO A 127 -2.00 -3.37 -34.62
CA PRO A 127 -0.55 -3.49 -34.67
C PRO A 127 0.04 -2.55 -35.72
N TYR A 128 -0.47 -2.67 -36.94
CA TYR A 128 0.00 -1.83 -38.03
C TYR A 128 -1.12 -1.57 -39.03
N VAL A 129 -1.04 -0.40 -39.66
CA VAL A 129 -2.04 -0.01 -40.64
C VAL A 129 -1.34 0.60 -41.86
N GLU A 130 -0.56 1.63 -41.58
CA GLU A 130 0.17 2.32 -42.65
C GLU A 130 0.70 1.31 -43.67
N PRO A 131 1.42 0.28 -43.14
CA PRO A 131 1.97 -0.76 -43.99
C PRO A 131 0.89 -1.72 -44.46
N THR A 132 0.43 -2.54 -43.54
CA THR A 132 -0.60 -3.52 -43.85
C THR A 132 -0.27 -4.26 -45.14
N THR A 133 -1.22 -5.06 -45.59
CA THR A 133 -1.04 -5.83 -46.82
C THR A 133 -1.41 -4.98 -48.03
N THR A 134 -0.37 -4.48 -48.70
CA THR A 134 -0.58 -3.64 -49.87
C THR A 134 -1.56 -2.52 -49.57
N GLN A 135 -1.02 -1.43 -49.03
CA GLN A 135 -1.84 -0.28 -48.69
C GLN A 135 -2.79 0.05 -49.84
N CYS A 136 -2.20 0.33 -51.00
CA CYS A 136 -2.98 0.66 -52.17
C CYS A 136 -2.01 0.98 -53.32
N PHE A 137 -2.54 0.91 -54.53
CA PHE A 137 -1.74 1.18 -55.72
C PHE A 137 -2.44 2.18 -56.63
#